data_7JGR
#
_entry.id   7JGR
#
_cell.length_a   1.00
_cell.length_b   1.00
_cell.length_c   1.00
_cell.angle_alpha   90.00
_cell.angle_beta   90.00
_cell.angle_gamma   90.00
#
_symmetry.space_group_name_H-M   'P 1'
#
loop_
_entity.id
_entity.type
_entity.pdbx_description
1 polymer 'Origin recognition complex subunit 2'
2 polymer AT22044p1
3 polymer 'Origin recognition complex subunit 4'
4 polymer 'Origin recognition complex subunit 5'
5 polymer 'Origin recognition complex subunit 6'
6 polymer 'Origin recognition complex subunit 1'
7 polymer 'Cell division control protein'
8 polymer 'DNA (34-MER)'
9 polymer 'DNA (34-MER)'
10 non-polymer "ADENOSINE-5'-TRIPHOSPHATE"
11 non-polymer 'MAGNESIUM ION'
#
loop_
_entity_poly.entity_id
_entity_poly.type
_entity_poly.pdbx_seq_one_letter_code
_entity_poly.pdbx_strand_id
1 'polypeptide(L)'
;MSASNKGGYKTPRKENLMSIENLTNSEEESEDLNTAMVGNAVESQPKVTSRRSTRRPSPTKKYQAYQKESNGKGQEERIV
VNYVEMSDERSSDAEDQEEEESIEESENAARPAAKDLHLIQSEYNVAGTSMFGFNTPKKRDAMALAALNATPCTPKTPKT
PRLGVKTPDTKRKKSMDQPKTPAHVRTRVKKQIAKIVADSDEDFSGDESDFRPSDEESSSSSSSSDAGNSSDNDAADDEP
KTPSRARRAIVVPVLPKTPSAARLRQSARAKKSNEFVPESDGYFHSHASSKILTSDHTLDRLKNPRLAADRVFSLLSEIK
TSAEHEGSINAIMEEYRSYFPKWMCILNEGFNILLYGLGSKHQLLQSFHREVLHKQTVLVVNGFFPSLTIKDMLDSITSD
ILDAGISPANPHEAVDMIEEEFALIPETHLFLIVHNLDGAMLRNVKAQAILSRLARIPNIHLLASIDHINTPLLWDQGKL
CSFNFSWWDCTTMLPYTNETAFENSLLVQNSGELALSSMRSVFSSLTTNSRGIYMLIVKYQLKNKGNATYQGMPFRDLYS
SCREAFLVSSDLALRAQLTEFLDHKLVKSKRSVDGSEQLTIPIDGALLQQFLEEQEKK
;
B
2 'polypeptide(L)'
;MDPTISVSKGCFVYKNGATRAGKKAASKRKRPAAESSSLLGKEVVQQPFYEEYRKAWNQINDHIADLQHRSYARTLEQLV
DFVVGQAERDTPDEVLPTAALLTGINQPDHLSQFTALTQRLHAQRAAMVCVLQSRDCATLKAAVETLVFGLVEDNAEVEQ
MEDEDEDEDGAERDRKRLRRSQCTMKQLKSWYTNNFDSEQKRRQLVVILPDFECFNASVLQDLILILSAHCGSLPFVLVL
GVATAMTAVHGTLPYHVSSKIRLRVFQTQAAPTGLNEVLDKVLLSPKYAFHLSGKTFKFLTHIFLYYDFSIHGFIQGFKY
CLMEHFFGGNAFALCTDYSKALGRIKQLTHEDMETIRRLPSFRPYVEQINDCKRIIAVLTDDDYLKKKLPQLLRDCLLHF
LLFRCSLEFLTELVGDLPRCPLGKLRRELYVNCLNRAIISTPEYKECLQMLSFLSKDEFVAKVNRALERTEQFLVEEIAP
LELGEACTAVLRPKLEAIRLAVDEVVKATMATITTTSPNETRQATDHLTPVASRQELKDQLLQRSKEDKMRHQLNTPTTQ
FGRALQKTLQLIETQIVQDHLRALQDAPPIHELFVFSDIATVRRNIIGAPRAALHTALNNPHFYMQCKCCELQDQSLLVG
TLPDLSVVYKLHLECGRMINLFDWLQAFRSVVSDSDHEEVAQEQIDPQIQARFTRAVAELQFLGYIKMSKRKTDHATRLT
W
;
C
3 'polypeptide(L)'
;SNAMPEADRELVSIRRFLKERLQRDYTTLRGYAKERSNVRLLLQRTAEMGESNSLLLLGPRGSGKTTLINSVLADLLPNK
SFGENTLIVHLDGNLHTDDRVALKSITVQMQLENAADGKVFGSFAENLAFLLQCLKAGGKHSKSVIFILEEFDLFCAHHN
QTLLYNLFDVSQSAQAPICVLGVTCRLDVIELLEKRVKSRFSHRQVFLFPSLRRFEDYVDLCRDLLSLPTGNSLLLAAEK
IYNLQNIQSGALYFSRNHFDPGEYGFSPRLRDAWNKQICKVLATQQARSTLQALHDFDISEAYLKNFLFRLVAHLRPQSP
HITAEKMAAVGSQFEGDDKIELLCGLSVLELCLIIAIKHHSQIYDRDSFNFEIIYARFSKFAKVSTTMQAVERSIVLKAF
EHLRIAELIMPLTGGAGGGVGKVQKEFEMHKLALTYSQIHHCMQRYQALPTEVAQWAQSSLI
;
D
4 'polypeptide(L)'
;MEAICSSLEPLFPCREAAIETLGELIGDSSETYPSAIYLFGHSGTGKTALTRAFLKECGKRQNVRTAHLNAIECYTTKIM
LEILLDSLAPDQGDALKVDNMLDFVEQLRRQAATRVEDQGFLIAVDNAERLRDMDANVLPVLLRLQELTNLNLCVILLSQ
LPFEKFYNKTGLSEIVCLHLAQYNKAETQRILGSDFQQVRNQLLEQFAQDKKRLEICQEAVTEDFYNNYLNLFLSVFYKA
CRDVPELQLTARKCLSTYLEPVLDGTVDATDISRLWRHIAGPLRSALTQIYMRIEKPAEEVEDFTAIEDQSVRKLAQSLE
LPYYAKFLLIAAFLASHNAAKQDKRLFVKHHGKQRKRMQTVNARAKTTEKMSTTLGPKSFSIDRLLAIFYAILEEKVGLT
CNLLSQISTLVHLNLLSFVSGEQNIMEGSARLQCTIGLEFVLQIGKVVGFNVRQYLCDFM
;
E
5 'polypeptide(L)'
;MTTLIEQLITKMGLREEPNVLEKTTELVRLLELRSTNVPLQINEYGKIVLCADLASCMIGIAFDKEQALKLSGLRKSQYL
NNKRMFEKLLDLNKLASVNDICVQLGLNEVARKAEELMTLFKGVAATEDMGTDTSHPQYATMAVFQACRLLKKKVSKSKL
MPFSNLRPSQFQLLEQQWERMIAKHHKESKVPSSTDMEGKLKENQNENIKGHEAKKAHKPPPEDYEIWKARMLAKAQAKL
KELEASQSHMDSQLLEA
;
F
6 'polypeptide(L)'
;SNAPRRSIHLSNIVEQRVFEDDEIISTPKRGRSKKTVQDNDEDYSPKKSVQKTPTRTRRSSTTTKTATTPSKGITTATAT
PMTPSQKMKKIRAGELSPSMQQRTDLPAKDSSKSELQLAREQLHVSVVPKSLPCREREFENIYAFLEGKIQDQCGGCMYV
SGVPGTGKTATVTGVIRTLQRMAKQNELPAFEYLEINGMRLTEPRQAYVQIYKQLTGKTVSWEQAHALLEKRFTTPAPRR
VTTVLLVDELDILCNRRQDVVYNLLDWPTKSAAKLVVVTIANTMDLPERLLMGKVTSRLGLTRLTFQPYSHKQLQEIVTA
RLGGSETFKGEAVQLVARKVAAVSGDARRALDICRRATEIADTAAVKCVTMLHVQQALAEMIASAKVQAIRNCSRMEQIF
LQAIAAEVTRTGVEETTFMGVYQQVETIAAFMGVTFPPPGRALRLCSKLGAERLIISEHSRNDLFQKILLNVSADDIHYA
LRVEEMVN
;
A
7 'polypeptide(L)'
;SNANNLPSPSRNKYQNARRVLNSAETQNLPGRESQLQELREFFSNHLESQTSGSLYVSGQPGTGKTACLSLLLRDPDFSK
RLQRVYINCTSIASVGAVYKKLCTELQLKVSGRTERDHLEAIQRHLKTAKRMLLLVLDEIDQLCTSRQEVLYTIFEWPAL
PGSRILLVGIANSLDLTDRALMRLNARCELKPRLMHFPPYSKQQIVEIFKSRLAEAEVLDVFPPVTLQLLAAKVSAISGD
VRRALDIGRRVVEIAEQQKRDGEKEFNMKALQLEGKDAVEAKEKQDTLKPVQVTQVAAVLNKVYGASQNLEEDIEASFPL
QQKLMLCTLVLMLRNERNKDISMGRLHEVYRRVCAKRNILALDQAEFTGTVDLVETRGILRIMRKKEPRLHKVLLQWDEE
EVHAALSDKQLIASILSDTACLSK
;
G
8 'polydeoxyribonucleotide'
;(DA)(DT)(DC)(DT)(DT)(DT)(DA)(DC)(DA)(DT)(DC)(DT)(DT)(DG)(DT)(DT)(DA)(DT)(DT)(DT)
(DT)(DA)(DC)(DA)(DG)(DA)(DT)(DT)(DT)(DT)(DA)(DT)(DG)(DT)(DT)(DT)(DA)(DG)(DA)(DT)
(DC)(DT)(DT)(DT)(DT)(DA)(DT)(DG)(DC)(DT)(DT)(DG)(DC)(DT)(DT)(DT)(DT)(DC)(DA)(DA)
(DA)(DA)(DG)(DG)(DC)(DC)(DT)(DG)(DC)(DA)(DG)(DG)(DC)(DA)(DA)(DG)(DT)(DG)(DC)(DA)
(DC)(DA)(DA)(DA)
;
H
9 'polydeoxyribonucleotide'
;(DT)(DT)(DT)(DG)(DT)(DG)(DC)(DA)(DC)(DT)(DT)(DG)(DC)(DC)(DT)(DG)(DC)(DA)(DG)(DG)
(DC)(DC)(DT)(DT)(DT)(DT)(DG)(DA)(DA)(DA)(DA)(DG)(DC)(DA)(DA)(DG)(DC)(DA)(DT)(DA)
(DA)(DA)(DA)(DG)(DA)(DT)(DC)(DT)(DA)(DA)(DA)(DC)(DA)(DT)(DA)(DA)(DA)(DA)(DT)(DC)
(DT)(DG)(DT)(DA)(DA)(DA)(DA)(DT)(DA)(DA)(DC)(DA)(DA)(DG)(DA)(DT)(DG)(DT)(DA)(DA)
(DA)(DG)(DA)(DT)
;
I
#
loop_
_chem_comp.id
_chem_comp.type
_chem_comp.name
_chem_comp.formula
ATP non-polymer ADENOSINE-5'-TRIPHOSPHATE 'C10 H16 N5 O13 P3'
DA DNA linking 2'-DEOXYADENOSINE-5'-MONOPHOSPHATE 'C10 H14 N5 O6 P'
DC DNA linking 2'-DEOXYCYTIDINE-5'-MONOPHOSPHATE 'C9 H14 N3 O7 P'
DG DNA linking 2'-DEOXYGUANOSINE-5'-MONOPHOSPHATE 'C10 H14 N5 O7 P'
DT DNA linking THYMIDINE-5'-MONOPHOSPHATE 'C10 H15 N2 O8 P'
MG non-polymer 'MAGNESIUM ION' 'Mg 2'
#
# COMPACT_ATOMS: atom_id res chain seq x y z
N PHE A 276 -12.81 -40.83 9.74
CA PHE A 276 -12.95 -39.64 10.57
C PHE A 276 -14.22 -38.86 10.22
N VAL A 277 -15.25 -39.01 11.05
CA VAL A 277 -16.54 -38.37 10.82
C VAL A 277 -16.96 -37.63 12.09
N PRO A 278 -16.42 -36.44 12.33
CA PRO A 278 -16.61 -35.75 13.62
C PRO A 278 -18.05 -35.35 13.90
N GLU A 279 -18.40 -35.39 15.18
CA GLU A 279 -19.70 -34.97 15.67
C GLU A 279 -19.66 -33.49 16.07
N SER A 280 -20.73 -32.77 15.72
CA SER A 280 -20.82 -31.34 16.00
C SER A 280 -21.20 -31.01 17.44
N ASP A 281 -21.62 -32.00 18.23
CA ASP A 281 -22.01 -31.75 19.61
C ASP A 281 -20.81 -31.37 20.49
N GLY A 282 -19.60 -31.75 20.08
CA GLY A 282 -18.44 -31.29 20.80
C GLY A 282 -18.08 -29.85 20.53
N TYR A 283 -18.63 -29.26 19.45
CA TYR A 283 -18.55 -27.82 19.26
C TYR A 283 -19.71 -27.10 19.92
N PHE A 284 -20.91 -27.66 19.84
CA PHE A 284 -22.08 -26.99 20.41
C PHE A 284 -22.16 -27.11 21.93
N HIS A 285 -21.39 -28.01 22.54
CA HIS A 285 -21.30 -28.10 23.99
C HIS A 285 -20.01 -27.48 24.53
N SER A 286 -19.23 -26.83 23.69
CA SER A 286 -17.98 -26.21 24.11
C SER A 286 -18.20 -24.74 24.45
N ALA A 323 13.91 -49.45 22.48
CA ALA A 323 13.10 -50.62 22.82
C ALA A 323 12.52 -51.25 21.56
N GLU A 324 11.26 -51.71 21.66
CA GLU A 324 10.54 -52.19 20.49
C GLU A 324 10.25 -51.07 19.50
N HIS A 325 10.11 -49.84 20.01
CA HIS A 325 9.71 -48.70 19.18
C HIS A 325 10.76 -48.37 18.12
N GLU A 326 12.04 -48.55 18.44
CA GLU A 326 13.08 -48.25 17.45
C GLU A 326 13.07 -49.25 16.30
N GLY A 327 12.84 -50.53 16.60
CA GLY A 327 12.77 -51.51 15.53
C GLY A 327 11.51 -51.37 14.69
N SER A 328 10.40 -50.99 15.33
CA SER A 328 9.17 -50.78 14.59
C SER A 328 9.26 -49.55 13.67
N ILE A 329 9.83 -48.46 14.18
CA ILE A 329 10.05 -47.26 13.37
C ILE A 329 11.04 -47.53 12.24
N ASN A 330 12.04 -48.38 12.49
CA ASN A 330 12.96 -48.72 11.41
C ASN A 330 12.32 -49.59 10.33
N ALA A 331 11.40 -50.49 10.72
CA ALA A 331 10.65 -51.24 9.72
C ALA A 331 9.73 -50.35 8.91
N ILE A 332 9.12 -49.36 9.58
CA ILE A 332 8.24 -48.39 8.89
C ILE A 332 9.05 -47.55 7.90
N MET A 333 10.22 -47.08 8.32
CA MET A 333 11.08 -46.30 7.44
C MET A 333 11.63 -47.13 6.29
N GLU A 334 11.90 -48.43 6.51
CA GLU A 334 12.35 -49.26 5.41
C GLU A 334 11.24 -49.53 4.41
N GLU A 335 9.98 -49.59 4.86
CA GLU A 335 8.87 -49.74 3.91
C GLU A 335 8.69 -48.46 3.08
N TYR A 336 8.77 -47.29 3.73
CA TYR A 336 8.66 -46.05 2.97
C TYR A 336 9.86 -45.84 2.06
N ARG A 337 11.02 -46.35 2.43
CA ARG A 337 12.16 -46.36 1.50
C ARG A 337 11.94 -47.33 0.35
N SER A 338 11.18 -48.41 0.56
CA SER A 338 10.86 -49.32 -0.52
C SER A 338 9.84 -48.74 -1.49
N TYR A 339 9.09 -47.72 -1.07
CA TYR A 339 8.11 -47.10 -1.97
C TYR A 339 8.72 -46.28 -3.11
N PHE A 340 10.02 -45.97 -3.07
CA PHE A 340 10.60 -44.92 -3.93
C PHE A 340 10.49 -45.11 -5.45
N PRO A 341 10.78 -46.29 -6.06
CA PRO A 341 10.60 -46.40 -7.53
C PRO A 341 9.19 -46.14 -8.03
N LYS A 342 8.18 -46.49 -7.24
CA LYS A 342 6.80 -46.15 -7.58
C LYS A 342 6.62 -44.63 -7.59
N TRP A 343 7.28 -43.92 -6.67
CA TRP A 343 7.23 -42.46 -6.69
C TRP A 343 7.93 -41.89 -7.90
N MET A 344 9.00 -42.55 -8.37
CA MET A 344 9.66 -42.06 -9.58
C MET A 344 8.79 -42.22 -10.81
N CYS A 345 8.08 -43.35 -10.93
CA CYS A 345 7.15 -43.51 -12.04
C CYS A 345 5.96 -42.56 -11.95
N ILE A 346 5.45 -42.33 -10.73
CA ILE A 346 4.31 -41.43 -10.54
C ILE A 346 4.71 -39.99 -10.85
N LEU A 347 5.91 -39.58 -10.44
CA LEU A 347 6.42 -38.27 -10.80
C LEU A 347 6.70 -38.17 -12.30
N ASN A 348 7.08 -39.28 -12.93
CA ASN A 348 7.25 -39.26 -14.38
C ASN A 348 5.93 -39.06 -15.12
N GLU A 349 4.82 -39.54 -14.56
CA GLU A 349 3.54 -39.37 -15.24
C GLU A 349 2.91 -38.02 -15.02
N GLY A 350 3.53 -37.14 -14.24
CA GLY A 350 3.05 -35.79 -14.05
C GLY A 350 2.37 -35.53 -12.72
N PHE A 351 2.11 -36.55 -11.93
CA PHE A 351 1.58 -36.34 -10.60
C PHE A 351 2.69 -35.85 -9.67
N ASN A 352 2.30 -35.09 -8.66
CA ASN A 352 3.20 -34.60 -7.63
C ASN A 352 2.93 -35.35 -6.33
N ILE A 353 3.97 -35.54 -5.54
CA ILE A 353 3.85 -36.37 -4.34
C ILE A 353 3.56 -35.49 -3.14
N LEU A 354 2.61 -35.94 -2.30
CA LEU A 354 2.27 -35.26 -1.07
C LEU A 354 2.22 -36.27 0.07
N LEU A 355 2.94 -35.99 1.15
CA LEU A 355 2.97 -36.89 2.30
C LEU A 355 2.22 -36.27 3.47
N TYR A 356 1.43 -37.08 4.17
CA TYR A 356 0.52 -36.52 5.18
C TYR A 356 0.53 -37.35 6.46
N GLY A 357 1.68 -37.87 6.85
CA GLY A 357 1.76 -38.71 8.03
C GLY A 357 1.77 -37.92 9.33
N LEU A 358 1.89 -38.66 10.43
CA LEU A 358 1.89 -38.05 11.75
C LEU A 358 3.23 -37.39 12.07
N GLY A 359 4.31 -38.15 12.03
CA GLY A 359 5.60 -37.68 12.51
C GLY A 359 6.36 -36.90 11.46
N SER A 360 7.61 -36.57 11.81
CA SER A 360 8.46 -35.82 10.91
C SER A 360 8.83 -36.65 9.68
N LYS A 361 8.73 -36.01 8.51
CA LYS A 361 9.07 -36.63 7.24
C LYS A 361 10.28 -35.98 6.61
N HIS A 362 11.09 -35.26 7.41
CA HIS A 362 12.29 -34.62 6.89
C HIS A 362 13.31 -35.66 6.44
N GLN A 363 13.55 -36.69 7.26
CA GLN A 363 14.55 -37.70 6.90
C GLN A 363 14.11 -38.54 5.72
N LEU A 364 12.81 -38.71 5.52
CA LEU A 364 12.33 -39.51 4.39
C LEU A 364 12.55 -38.78 3.06
N LEU A 365 12.19 -37.50 3.01
CA LEU A 365 12.46 -36.73 1.79
C LEU A 365 13.94 -36.49 1.58
N GLN A 366 14.73 -36.39 2.66
CA GLN A 366 16.18 -36.31 2.50
C GLN A 366 16.75 -37.62 1.95
N SER A 367 16.20 -38.76 2.37
CA SER A 367 16.61 -40.04 1.81
C SER A 367 16.20 -40.18 0.35
N PHE A 368 15.05 -39.60 -0.03
CA PHE A 368 14.66 -39.61 -1.44
C PHE A 368 15.59 -38.74 -2.28
N HIS A 369 15.99 -37.58 -1.76
CA HIS A 369 16.95 -36.75 -2.46
C HIS A 369 18.33 -37.40 -2.52
N ARG A 370 18.69 -38.17 -1.50
CA ARG A 370 20.04 -38.72 -1.43
C ARG A 370 20.19 -39.98 -2.27
N GLU A 371 19.23 -40.89 -2.20
CA GLU A 371 19.38 -42.19 -2.82
C GLU A 371 18.90 -42.23 -4.27
N VAL A 372 17.95 -41.40 -4.64
CA VAL A 372 17.29 -41.48 -5.94
C VAL A 372 17.62 -40.27 -6.81
N LEU A 373 17.51 -39.06 -6.26
CA LEU A 373 17.79 -37.85 -7.02
C LEU A 373 19.22 -37.38 -6.81
N HIS A 374 20.18 -38.30 -6.84
CA HIS A 374 21.57 -37.95 -6.59
C HIS A 374 22.19 -37.14 -7.71
N LYS A 375 21.64 -37.16 -8.92
CA LYS A 375 22.21 -36.43 -10.04
C LYS A 375 21.25 -35.44 -10.70
N GLN A 376 19.94 -35.55 -10.50
CA GLN A 376 19.02 -34.57 -11.06
C GLN A 376 19.10 -33.25 -10.31
N THR A 377 18.76 -32.17 -11.01
CA THR A 377 18.68 -30.85 -10.40
C THR A 377 17.58 -30.82 -9.35
N VAL A 378 17.89 -30.27 -8.18
CA VAL A 378 17.02 -30.34 -7.02
C VAL A 378 17.09 -29.00 -6.28
N LEU A 379 15.94 -28.44 -5.95
CA LEU A 379 15.86 -27.27 -5.08
C LEU A 379 15.12 -27.68 -3.80
N VAL A 380 15.85 -28.04 -2.76
CA VAL A 380 15.24 -28.27 -1.46
C VAL A 380 14.76 -26.94 -0.90
N VAL A 381 13.56 -26.94 -0.32
CA VAL A 381 12.99 -25.75 0.31
C VAL A 381 12.52 -26.16 1.71
N ASN A 382 13.06 -25.50 2.72
CA ASN A 382 12.67 -25.74 4.11
C ASN A 382 11.48 -24.85 4.42
N GLY A 383 10.27 -25.41 4.38
CA GLY A 383 9.10 -24.60 4.65
C GLY A 383 8.88 -24.31 6.12
N PHE A 384 9.52 -25.06 7.01
CA PHE A 384 9.41 -24.79 8.44
C PHE A 384 10.29 -23.63 8.88
N PHE A 385 11.07 -23.07 7.96
CA PHE A 385 11.90 -21.91 8.24
C PHE A 385 11.00 -20.70 8.56
N PRO A 386 11.20 -20.05 9.70
CA PRO A 386 10.42 -18.84 10.01
C PRO A 386 10.61 -17.70 9.03
N SER A 387 11.78 -17.56 8.41
CA SER A 387 12.12 -16.33 7.71
C SER A 387 12.29 -16.50 6.21
N LEU A 388 11.86 -17.61 5.62
CA LEU A 388 11.94 -17.72 4.17
C LEU A 388 10.83 -16.90 3.53
N THR A 389 11.08 -16.44 2.31
CA THR A 389 10.09 -15.73 1.52
C THR A 389 9.93 -16.43 0.19
N ILE A 390 8.77 -16.23 -0.44
CA ILE A 390 8.56 -16.76 -1.78
C ILE A 390 9.43 -16.05 -2.79
N LYS A 391 9.83 -14.79 -2.51
CA LYS A 391 10.80 -14.10 -3.34
C LYS A 391 12.16 -14.78 -3.26
N ASP A 392 12.50 -15.35 -2.09
CA ASP A 392 13.77 -16.06 -1.95
C ASP A 392 13.79 -17.32 -2.80
N MET A 393 12.66 -18.04 -2.87
CA MET A 393 12.62 -19.26 -3.67
C MET A 393 12.60 -18.96 -5.16
N LEU A 394 11.82 -17.96 -5.58
CA LEU A 394 11.80 -17.60 -6.99
C LEU A 394 13.13 -17.00 -7.44
N ASP A 395 13.79 -16.22 -6.57
CA ASP A 395 15.12 -15.72 -6.84
C ASP A 395 16.13 -16.85 -6.90
N SER A 396 15.95 -17.89 -6.09
CA SER A 396 16.86 -19.03 -6.10
C SER A 396 16.75 -19.80 -7.42
N ILE A 397 15.52 -20.03 -7.88
CA ILE A 397 15.32 -20.71 -9.16
C ILE A 397 15.87 -19.88 -10.32
N THR A 398 15.48 -18.59 -10.36
CA THR A 398 15.82 -17.73 -11.48
C THR A 398 17.32 -17.44 -11.55
N SER A 399 17.98 -17.31 -10.40
CA SER A 399 19.41 -17.00 -10.40
C SER A 399 20.29 -18.23 -10.50
N ASP A 400 19.98 -19.31 -9.78
CA ASP A 400 20.90 -20.44 -9.74
C ASP A 400 20.56 -21.51 -10.76
N ILE A 401 19.28 -21.77 -11.03
CA ILE A 401 18.96 -22.85 -11.97
C ILE A 401 19.17 -22.36 -13.40
N LEU A 402 18.71 -21.15 -13.70
CA LEU A 402 18.66 -20.66 -15.07
C LEU A 402 19.71 -19.61 -15.40
N ASP A 403 20.47 -19.12 -14.41
CA ASP A 403 21.46 -18.04 -14.56
C ASP A 403 20.85 -16.79 -15.18
N ALA A 404 19.61 -16.49 -14.82
CA ALA A 404 18.86 -15.38 -15.41
C ALA A 404 18.88 -14.13 -14.56
N GLY A 405 19.73 -14.07 -13.53
CA GLY A 405 19.76 -12.91 -12.66
C GLY A 405 18.60 -12.89 -11.68
N ILE A 406 18.40 -11.72 -11.08
CA ILE A 406 17.35 -11.55 -10.08
C ILE A 406 15.98 -11.65 -10.75
N SER A 407 15.03 -12.25 -10.04
CA SER A 407 13.67 -12.33 -10.54
C SER A 407 12.98 -10.97 -10.42
N PRO A 408 11.99 -10.71 -11.28
CA PRO A 408 11.20 -9.47 -11.15
C PRO A 408 10.42 -9.42 -9.83
N ALA A 409 10.23 -8.19 -9.33
CA ALA A 409 9.68 -7.97 -8.00
C ALA A 409 8.24 -8.45 -7.86
N ASN A 410 7.49 -8.52 -8.96
CA ASN A 410 6.17 -9.15 -8.89
C ASN A 410 6.38 -10.66 -8.98
N PRO A 411 5.97 -11.43 -7.95
CA PRO A 411 6.17 -12.89 -7.97
C PRO A 411 5.50 -13.62 -9.12
N HIS A 412 4.31 -13.19 -9.55
CA HIS A 412 3.67 -13.85 -10.67
C HIS A 412 4.37 -13.54 -11.98
N GLU A 413 5.01 -12.37 -12.09
CA GLU A 413 5.89 -12.11 -13.22
C GLU A 413 7.10 -13.03 -13.20
N ALA A 414 7.59 -13.35 -12.00
CA ALA A 414 8.70 -14.31 -11.90
C ALA A 414 8.27 -15.71 -12.30
N VAL A 415 7.03 -16.09 -11.96
CA VAL A 415 6.56 -17.40 -12.40
C VAL A 415 6.33 -17.43 -13.90
N ASP A 416 5.88 -16.32 -14.51
CA ASP A 416 5.77 -16.25 -15.96
C ASP A 416 7.14 -16.37 -16.63
N MET A 417 8.16 -15.74 -16.04
CA MET A 417 9.51 -15.85 -16.56
C MET A 417 10.06 -17.25 -16.42
N ILE A 418 9.79 -17.91 -15.29
CA ILE A 418 10.25 -19.28 -15.07
C ILE A 418 9.55 -20.24 -16.02
N GLU A 419 8.27 -19.99 -16.32
CA GLU A 419 7.55 -20.83 -17.28
C GLU A 419 8.10 -20.66 -18.69
N GLU A 420 8.47 -19.43 -19.07
CA GLU A 420 9.07 -19.23 -20.40
C GLU A 420 10.44 -19.90 -20.50
N GLU A 421 11.32 -19.66 -19.52
CA GLU A 421 12.66 -20.24 -19.56
C GLU A 421 12.65 -21.75 -19.43
N PHE A 422 11.69 -22.33 -18.70
CA PHE A 422 11.60 -23.78 -18.66
C PHE A 422 10.88 -24.37 -19.86
N ALA A 423 10.08 -23.57 -20.56
CA ALA A 423 9.59 -24.00 -21.87
C ALA A 423 10.71 -24.06 -22.88
N LEU A 424 11.74 -23.21 -22.72
CA LEU A 424 12.86 -23.23 -23.66
C LEU A 424 13.76 -24.46 -23.49
N ILE A 425 13.71 -25.15 -22.36
CA ILE A 425 14.63 -26.27 -22.12
C ILE A 425 13.90 -27.55 -21.73
N PRO A 426 13.46 -28.35 -22.70
CA PRO A 426 13.00 -29.71 -22.40
C PRO A 426 14.15 -30.59 -21.92
N GLU A 427 13.76 -31.65 -21.19
CA GLU A 427 14.65 -32.65 -20.54
C GLU A 427 15.71 -31.99 -19.65
N THR A 428 15.33 -30.91 -18.98
CA THR A 428 16.10 -30.33 -17.88
C THR A 428 15.13 -30.20 -16.71
N HIS A 429 14.76 -31.35 -16.15
CA HIS A 429 13.77 -31.39 -15.08
C HIS A 429 14.32 -30.81 -13.79
N LEU A 430 13.47 -30.07 -13.08
CA LEU A 430 13.82 -29.46 -11.79
C LEU A 430 12.95 -30.11 -10.73
N PHE A 431 13.53 -30.96 -9.91
CA PHE A 431 12.82 -31.49 -8.76
C PHE A 431 12.72 -30.42 -7.68
N LEU A 432 11.63 -30.45 -6.93
CA LEU A 432 11.34 -29.41 -5.96
C LEU A 432 10.79 -30.08 -4.72
N ILE A 433 11.62 -30.17 -3.69
CA ILE A 433 11.27 -30.82 -2.43
C ILE A 433 10.94 -29.74 -1.42
N VAL A 434 9.71 -29.73 -0.93
CA VAL A 434 9.26 -28.75 0.04
C VAL A 434 8.83 -29.50 1.29
N HIS A 435 9.71 -29.58 2.28
CA HIS A 435 9.28 -30.00 3.60
C HIS A 435 8.33 -28.94 4.15
N ASN A 436 7.20 -29.40 4.69
CA ASN A 436 6.10 -28.56 5.18
C ASN A 436 5.57 -27.48 4.21
N LEU A 437 4.74 -27.96 3.28
CA LEU A 437 4.11 -27.04 2.34
C LEU A 437 3.16 -26.08 3.06
N ASP A 438 2.75 -26.45 4.27
CA ASP A 438 1.99 -25.60 5.18
C ASP A 438 2.90 -24.82 6.12
N GLY A 439 3.93 -24.20 5.57
CA GLY A 439 4.99 -23.64 6.40
C GLY A 439 4.60 -22.35 7.06
N ALA A 440 5.53 -21.84 7.88
CA ALA A 440 5.26 -20.66 8.69
C ALA A 440 5.09 -19.40 7.84
N MET A 441 5.75 -19.33 6.69
CA MET A 441 5.56 -18.21 5.78
C MET A 441 4.91 -18.62 4.47
N LEU A 442 4.46 -19.86 4.34
CA LEU A 442 3.74 -20.31 3.16
C LEU A 442 2.24 -20.45 3.41
N ARG A 443 1.75 -20.02 4.56
CA ARG A 443 0.35 -20.16 4.91
C ARG A 443 -0.55 -19.09 4.30
N ASN A 444 -0.01 -18.09 3.64
CA ASN A 444 -0.83 -17.18 2.86
C ASN A 444 -1.22 -17.82 1.53
N VAL A 445 -2.35 -17.35 0.98
CA VAL A 445 -2.90 -17.89 -0.26
C VAL A 445 -1.98 -17.61 -1.45
N LYS A 446 -1.24 -16.49 -1.41
CA LYS A 446 -0.44 -16.08 -2.56
C LYS A 446 0.74 -17.00 -2.80
N ALA A 447 1.43 -17.41 -1.73
CA ALA A 447 2.56 -18.33 -1.89
C ALA A 447 2.09 -19.70 -2.36
N GLN A 448 0.91 -20.15 -1.93
CA GLN A 448 0.37 -21.39 -2.46
C GLN A 448 -0.05 -21.27 -3.92
N ALA A 449 -0.51 -20.09 -4.34
CA ALA A 449 -0.80 -19.89 -5.77
C ALA A 449 0.48 -19.91 -6.60
N ILE A 450 1.56 -19.37 -6.05
CA ILE A 450 2.85 -19.41 -6.74
C ILE A 450 3.37 -20.85 -6.83
N LEU A 451 3.25 -21.60 -5.74
CA LEU A 451 3.68 -23.00 -5.73
C LEU A 451 2.84 -23.87 -6.65
N SER A 452 1.53 -23.57 -6.77
CA SER A 452 0.69 -24.33 -7.69
C SER A 452 1.01 -24.01 -9.14
N ARG A 453 1.28 -22.72 -9.43
CA ARG A 453 1.69 -22.34 -10.78
C ARG A 453 3.05 -22.92 -11.14
N LEU A 454 3.92 -23.11 -10.16
CA LEU A 454 5.20 -23.76 -10.44
C LEU A 454 5.03 -25.25 -10.64
N ALA A 455 4.16 -25.90 -9.86
CA ALA A 455 3.94 -27.33 -10.01
C ALA A 455 3.14 -27.67 -11.27
N ARG A 456 2.47 -26.68 -11.86
CA ARG A 456 1.77 -26.90 -13.13
C ARG A 456 2.74 -27.21 -14.28
N ILE A 457 3.98 -26.74 -14.19
CA ILE A 457 4.96 -26.84 -15.28
C ILE A 457 5.33 -28.31 -15.50
N PRO A 458 5.32 -28.80 -16.75
CA PRO A 458 5.74 -30.19 -17.01
C PRO A 458 7.16 -30.51 -16.59
N ASN A 459 8.09 -29.55 -16.68
CA ASN A 459 9.46 -29.82 -16.29
C ASN A 459 9.61 -29.95 -14.78
N ILE A 460 8.93 -29.11 -14.02
CA ILE A 460 9.10 -29.09 -12.57
C ILE A 460 8.23 -30.17 -11.94
N HIS A 461 8.86 -31.06 -11.18
CA HIS A 461 8.19 -32.05 -10.36
C HIS A 461 8.28 -31.64 -8.90
N LEU A 462 7.30 -32.02 -8.10
CA LEU A 462 7.17 -31.53 -6.75
C LEU A 462 6.91 -32.67 -5.77
N LEU A 463 7.70 -32.72 -4.71
CA LEU A 463 7.41 -33.52 -3.54
C LEU A 463 7.19 -32.58 -2.37
N ALA A 464 6.22 -32.90 -1.51
CA ALA A 464 5.94 -31.96 -0.42
C ALA A 464 5.41 -32.70 0.79
N SER A 465 5.62 -32.09 1.96
CA SER A 465 5.10 -32.61 3.23
C SER A 465 3.98 -31.72 3.74
N ILE A 466 3.08 -32.32 4.52
CA ILE A 466 1.92 -31.64 5.10
C ILE A 466 1.84 -32.06 6.56
N ASP A 467 1.64 -31.09 7.45
CA ASP A 467 1.57 -31.43 8.87
C ASP A 467 0.34 -30.87 9.56
N HIS A 468 -0.05 -29.64 9.23
CA HIS A 468 -1.18 -28.97 9.89
C HIS A 468 -2.50 -29.63 9.50
N ILE A 469 -3.42 -29.69 10.45
CA ILE A 469 -4.73 -30.32 10.22
C ILE A 469 -5.60 -29.47 9.30
N ASN A 470 -5.38 -28.16 9.25
CA ASN A 470 -6.24 -27.25 8.52
C ASN A 470 -5.62 -26.80 7.21
N THR A 471 -4.64 -27.56 6.69
CA THR A 471 -3.95 -27.18 5.46
C THR A 471 -4.83 -27.01 4.21
N PRO A 472 -5.76 -27.91 3.85
CA PRO A 472 -6.48 -27.71 2.59
C PRO A 472 -7.54 -26.61 2.60
N LEU A 473 -7.63 -25.81 3.66
CA LEU A 473 -8.51 -24.64 3.65
C LEU A 473 -8.02 -23.55 2.70
N LEU A 474 -6.72 -23.51 2.39
CA LEU A 474 -6.19 -22.54 1.45
C LEU A 474 -6.05 -23.05 0.02
N TRP A 475 -6.29 -24.33 -0.23
CA TRP A 475 -6.27 -24.88 -1.58
C TRP A 475 -7.69 -24.89 -2.12
N ASP A 476 -8.01 -23.98 -3.02
CA ASP A 476 -9.25 -24.09 -3.77
C ASP A 476 -9.06 -25.08 -4.91
N GLN A 477 -10.13 -25.32 -5.68
CA GLN A 477 -10.09 -26.32 -6.74
C GLN A 477 -9.13 -25.95 -7.87
N GLY A 478 -8.86 -24.67 -8.07
CA GLY A 478 -7.87 -24.30 -9.06
C GLY A 478 -6.45 -24.63 -8.64
N LYS A 479 -6.12 -24.37 -7.38
CA LYS A 479 -4.80 -24.76 -6.88
C LYS A 479 -4.70 -26.27 -6.74
N LEU A 480 -5.78 -26.92 -6.32
CA LEU A 480 -5.77 -28.36 -6.14
C LEU A 480 -5.78 -29.09 -7.48
N CYS A 481 -6.17 -28.41 -8.56
CA CYS A 481 -6.00 -28.94 -9.90
C CYS A 481 -4.62 -28.64 -10.46
N SER A 482 -4.02 -27.51 -10.09
CA SER A 482 -2.62 -27.26 -10.49
C SER A 482 -1.67 -28.15 -9.73
N PHE A 483 -1.89 -28.31 -8.42
CA PHE A 483 -1.21 -29.31 -7.63
C PHE A 483 -1.76 -30.68 -7.96
N ASN A 484 -1.18 -31.38 -8.94
CA ASN A 484 -1.72 -32.67 -9.36
C ASN A 484 -1.26 -33.75 -8.38
N PHE A 485 -1.77 -33.66 -7.15
CA PHE A 485 -1.22 -34.43 -6.04
C PHE A 485 -1.55 -35.92 -6.12
N SER A 486 -0.58 -36.72 -5.73
CA SER A 486 -0.76 -38.14 -5.44
C SER A 486 -0.50 -38.29 -3.95
N TRP A 487 -1.57 -38.37 -3.17
CA TRP A 487 -1.45 -38.41 -1.72
C TRP A 487 -0.86 -39.74 -1.27
N TRP A 488 0.03 -39.68 -0.28
CA TRP A 488 0.72 -40.87 0.20
C TRP A 488 0.84 -40.79 1.71
N ASP A 489 0.34 -41.80 2.41
CA ASP A 489 0.34 -41.80 3.88
C ASP A 489 1.68 -42.32 4.35
N CYS A 490 2.63 -41.39 4.52
CA CYS A 490 3.95 -41.71 5.04
C CYS A 490 3.99 -41.34 6.51
N THR A 491 3.37 -42.20 7.32
CA THR A 491 3.28 -41.98 8.77
C THR A 491 4.48 -42.62 9.45
N THR A 492 5.58 -41.86 9.46
CA THR A 492 6.67 -42.12 10.38
C THR A 492 6.26 -41.66 11.77
N MET A 493 6.89 -42.22 12.79
CA MET A 493 6.58 -41.84 14.16
C MET A 493 7.67 -40.97 14.79
N LEU A 494 8.52 -40.38 13.96
CA LEU A 494 9.65 -39.60 14.46
C LEU A 494 9.18 -38.30 15.09
N PRO A 495 9.84 -37.85 16.15
CA PRO A 495 9.50 -36.55 16.75
C PRO A 495 9.81 -35.38 15.85
N TYR A 496 9.04 -34.31 16.01
CA TYR A 496 9.25 -33.07 15.26
C TYR A 496 10.37 -32.27 15.91
N THR A 497 11.61 -32.68 15.62
CA THR A 497 12.76 -31.95 16.16
C THR A 497 13.00 -30.67 15.37
N ASN A 498 13.38 -30.82 14.10
CA ASN A 498 13.80 -29.70 13.28
C ASN A 498 12.67 -28.74 12.97
N GLU A 499 11.45 -29.27 12.83
CA GLU A 499 10.31 -28.43 12.47
C GLU A 499 9.93 -27.48 13.60
N THR A 500 10.13 -27.90 14.85
CA THR A 500 9.79 -27.07 16.00
C THR A 500 11.01 -26.46 16.67
N ALA A 501 12.21 -26.72 16.16
CA ALA A 501 13.42 -26.14 16.72
C ALA A 501 13.51 -24.63 16.50
N PHE A 502 12.82 -24.10 15.49
CA PHE A 502 12.94 -22.70 15.13
C PHE A 502 12.02 -21.83 16.00
N GLU A 503 12.13 -20.51 15.78
CA GLU A 503 11.57 -19.52 16.70
C GLU A 503 10.05 -19.46 16.70
N ASN A 504 9.40 -20.03 15.68
CA ASN A 504 7.95 -19.98 15.59
C ASN A 504 7.24 -20.81 16.67
N SER A 505 7.91 -21.80 17.24
CA SER A 505 7.33 -22.58 18.32
C SER A 505 8.38 -23.05 19.31
N ALA A 515 10.47 -14.27 35.52
CA ALA A 515 11.54 -15.15 35.94
C ALA A 515 12.45 -14.45 36.94
N LEU A 516 12.43 -14.92 38.19
CA LEU A 516 13.27 -14.35 39.24
C LEU A 516 14.76 -14.55 38.96
N SER A 517 15.13 -15.66 38.31
CA SER A 517 16.54 -15.93 38.04
C SER A 517 17.10 -14.97 36.97
N SER A 518 16.32 -14.72 35.90
CA SER A 518 16.75 -13.75 34.91
C SER A 518 16.76 -12.34 35.47
N MET A 519 15.84 -12.03 36.39
CA MET A 519 15.84 -10.74 37.05
C MET A 519 17.07 -10.54 37.93
N ARG A 520 17.52 -11.61 38.61
CA ARG A 520 18.75 -11.51 39.37
C ARG A 520 19.97 -11.38 38.45
N SER A 521 19.96 -12.10 37.32
CA SER A 521 21.09 -12.04 36.40
C SER A 521 21.23 -10.68 35.72
N VAL A 522 20.11 -9.97 35.50
CA VAL A 522 20.22 -8.63 34.96
C VAL A 522 20.43 -7.59 36.07
N PHE A 523 19.95 -7.87 37.29
CA PHE A 523 20.16 -6.98 38.41
C PHE A 523 21.61 -6.96 38.85
N SER A 524 22.34 -8.06 38.64
CA SER A 524 23.76 -8.09 38.99
C SER A 524 24.59 -7.15 38.12
N SER A 525 24.17 -6.91 36.88
CA SER A 525 24.95 -6.09 35.97
C SER A 525 24.71 -4.60 36.16
N LEU A 526 23.67 -4.21 36.90
CA LEU A 526 23.35 -2.81 37.08
C LEU A 526 24.32 -2.14 38.04
N THR A 527 24.45 -0.82 37.88
CA THR A 527 25.23 0.01 38.80
C THR A 527 24.44 0.25 40.08
N THR A 528 25.07 0.95 41.03
CA THR A 528 24.49 1.13 42.37
C THR A 528 23.22 1.97 42.33
N ASN A 529 23.22 3.05 41.54
CA ASN A 529 22.03 3.90 41.47
C ASN A 529 20.86 3.21 40.77
N SER A 530 21.14 2.37 39.77
CA SER A 530 20.08 1.58 39.15
C SER A 530 19.52 0.55 40.13
N ARG A 531 20.39 0.01 40.98
CA ARG A 531 19.93 -0.90 42.04
C ARG A 531 19.04 -0.16 43.03
N GLY A 532 19.35 1.10 43.30
CA GLY A 532 18.52 1.88 44.22
C GLY A 532 17.18 2.24 43.62
N ILE A 533 17.15 2.53 42.31
CA ILE A 533 15.89 2.86 41.65
C ILE A 533 14.98 1.63 41.58
N TYR A 534 15.53 0.49 41.19
CA TYR A 534 14.72 -0.72 41.17
C TYR A 534 14.31 -1.17 42.57
N MET A 535 15.15 -0.94 43.59
CA MET A 535 14.74 -1.25 44.94
C MET A 535 13.65 -0.29 45.44
N LEU A 536 13.63 0.95 44.94
CA LEU A 536 12.53 1.85 45.27
C LEU A 536 11.21 1.36 44.67
N ILE A 537 11.25 0.93 43.41
CA ILE A 537 10.02 0.38 42.81
C ILE A 537 9.60 -0.92 43.49
N VAL A 538 10.56 -1.74 43.93
CA VAL A 538 10.25 -2.99 44.61
C VAL A 538 9.63 -2.71 45.98
N LYS A 539 10.18 -1.74 46.71
CA LYS A 539 9.62 -1.37 48.01
C LYS A 539 8.23 -0.79 47.88
N TYR A 540 7.99 0.04 46.86
CA TYR A 540 6.64 0.58 46.66
C TYR A 540 5.66 -0.51 46.24
N GLN A 541 6.11 -1.50 45.46
CA GLN A 541 5.20 -2.56 45.02
C GLN A 541 4.84 -3.48 46.18
N LEU A 542 5.82 -3.85 47.01
CA LEU A 542 5.53 -4.67 48.18
C LEU A 542 4.75 -3.89 49.24
N LYS A 543 4.97 -2.58 49.33
CA LYS A 543 4.20 -1.77 50.27
C LYS A 543 2.76 -1.57 49.83
N ASN A 544 2.50 -1.52 48.53
CA ASN A 544 1.17 -1.23 48.03
C ASN A 544 0.45 -2.42 47.43
N LYS A 545 1.06 -3.61 47.45
CA LYS A 545 0.50 -4.87 46.94
C LYS A 545 0.02 -4.83 45.49
N GLY A 552 1.18 -0.61 40.48
CA GLY A 552 2.20 0.16 39.78
C GLY A 552 2.32 1.58 40.28
N MET A 553 3.54 2.02 40.57
CA MET A 553 3.71 3.35 41.15
C MET A 553 3.57 4.42 40.07
N PRO A 554 2.97 5.56 40.41
CA PRO A 554 3.05 6.73 39.52
C PRO A 554 4.48 7.23 39.42
N PHE A 555 4.79 7.81 38.26
CA PHE A 555 6.16 8.24 37.96
C PHE A 555 6.64 9.35 38.90
N ARG A 556 5.74 10.23 39.34
CA ARG A 556 6.14 11.37 40.16
C ARG A 556 6.66 10.95 41.53
N ASP A 557 6.13 9.87 42.11
CA ASP A 557 6.63 9.39 43.39
C ASP A 557 8.03 8.82 43.26
N LEU A 558 8.30 8.08 42.17
CA LEU A 558 9.65 7.59 41.92
C LEU A 558 10.61 8.73 41.67
N TYR A 559 10.15 9.80 41.01
CA TYR A 559 11.02 10.93 40.73
C TYR A 559 11.36 11.70 42.00
N SER A 560 10.38 11.93 42.87
CA SER A 560 10.65 12.60 44.13
C SER A 560 11.49 11.74 45.07
N SER A 561 11.27 10.42 45.07
CA SER A 561 12.09 9.55 45.91
C SER A 561 13.53 9.47 45.43
N CYS A 562 13.75 9.51 44.12
CA CYS A 562 15.11 9.48 43.60
C CYS A 562 15.82 10.81 43.84
N ARG A 563 15.10 11.94 43.70
CA ARG A 563 15.72 13.23 43.99
C ARG A 563 15.97 13.42 45.48
N GLU A 564 15.19 12.76 46.34
CA GLU A 564 15.48 12.81 47.77
C GLU A 564 16.67 11.92 48.14
N ALA A 565 16.76 10.74 47.51
CA ALA A 565 17.84 9.80 47.79
C ALA A 565 19.08 10.06 46.95
N PHE A 566 19.08 11.11 46.12
CA PHE A 566 20.18 11.51 45.23
C PHE A 566 20.57 10.40 44.26
N LEU A 567 19.60 9.60 43.82
CA LEU A 567 19.87 8.54 42.87
C LEU A 567 19.83 8.99 41.42
N VAL A 568 19.48 10.26 41.16
CA VAL A 568 19.36 10.73 39.78
C VAL A 568 19.66 12.23 39.77
N SER A 569 20.13 12.72 38.63
CA SER A 569 20.48 14.13 38.47
C SER A 569 19.30 14.98 38.03
N SER A 570 18.48 14.47 37.12
CA SER A 570 17.32 15.19 36.60
C SER A 570 16.32 14.17 36.11
N ASP A 571 15.24 14.64 35.50
CA ASP A 571 14.18 13.74 35.05
C ASP A 571 14.63 12.85 33.89
N LEU A 572 15.44 13.38 32.97
CA LEU A 572 15.76 12.66 31.75
C LEU A 572 16.67 11.46 32.00
N ALA A 573 17.55 11.54 33.00
CA ALA A 573 18.33 10.36 33.36
C ALA A 573 17.47 9.27 33.98
N LEU A 574 16.43 9.65 34.74
CA LEU A 574 15.50 8.66 35.27
C LEU A 574 14.67 8.02 34.17
N ARG A 575 14.31 8.81 33.15
CA ARG A 575 13.62 8.25 32.00
C ARG A 575 14.53 7.31 31.20
N ALA A 576 15.82 7.61 31.15
CA ALA A 576 16.77 6.70 30.50
C ALA A 576 16.93 5.40 31.29
N GLN A 577 16.92 5.48 32.63
CA GLN A 577 17.01 4.26 33.43
C GLN A 577 15.77 3.40 33.29
N LEU A 578 14.58 4.03 33.26
CA LEU A 578 13.37 3.25 33.05
C LEU A 578 13.27 2.72 31.63
N THR A 579 13.87 3.42 30.65
CA THR A 579 13.95 2.88 29.30
C THR A 579 14.84 1.64 29.26
N GLU A 580 15.93 1.66 30.04
CA GLU A 580 16.78 0.47 30.17
C GLU A 580 16.03 -0.67 30.86
N PHE A 581 15.21 -0.35 31.85
CA PHE A 581 14.43 -1.39 32.53
C PHE A 581 13.35 -1.96 31.61
N LEU A 582 12.77 -1.12 30.75
CA LEU A 582 11.84 -1.63 29.73
C LEU A 582 12.56 -2.49 28.71
N ASP A 583 13.81 -2.17 28.41
CA ASP A 583 14.60 -2.98 27.48
C ASP A 583 14.90 -4.34 28.09
N HIS A 584 15.18 -4.38 29.39
CA HIS A 584 15.48 -5.62 30.08
C HIS A 584 14.28 -6.20 30.83
N LYS A 585 13.07 -5.67 30.55
CA LYS A 585 11.75 -6.22 30.93
C LYS A 585 11.56 -6.40 32.44
N LEU A 586 12.33 -5.66 33.25
CA LEU A 586 12.05 -5.67 34.69
C LEU A 586 10.80 -4.89 35.06
N VAL A 587 10.41 -3.92 34.23
CA VAL A 587 9.35 -2.97 34.56
C VAL A 587 8.44 -2.83 33.34
N LYS A 588 7.12 -2.91 33.57
CA LYS A 588 6.14 -2.61 32.54
C LYS A 588 5.57 -1.21 32.80
N SER A 589 5.50 -0.40 31.75
CA SER A 589 5.00 0.96 31.85
C SER A 589 3.58 1.00 31.29
N LYS A 590 2.62 1.32 32.15
CA LYS A 590 1.21 1.42 31.76
C LYS A 590 0.75 2.85 32.00
N ARG A 591 0.50 3.57 30.90
CA ARG A 591 0.06 4.95 30.99
C ARG A 591 -1.40 5.03 31.47
N SER A 592 -1.68 6.05 32.27
CA SER A 592 -3.01 6.32 32.78
C SER A 592 -3.73 7.33 31.90
N VAL A 593 -5.05 7.44 32.07
CA VAL A 593 -5.86 8.40 31.33
C VAL A 593 -5.56 9.83 31.75
N ASP A 594 -5.02 10.03 32.95
CA ASP A 594 -4.65 11.35 33.45
C ASP A 594 -3.29 11.81 32.92
N GLY A 595 -2.56 10.94 32.21
CA GLY A 595 -1.26 11.28 31.69
C GLY A 595 -0.09 10.83 32.53
N SER A 596 -0.33 10.39 33.77
CA SER A 596 0.74 9.85 34.59
C SER A 596 1.14 8.46 34.11
N GLU A 597 2.41 8.13 34.28
CA GLU A 597 2.97 6.86 33.84
C GLU A 597 3.04 5.91 35.05
N GLN A 598 2.43 4.74 34.90
CA GLN A 598 2.44 3.73 35.96
C GLN A 598 3.55 2.72 35.71
N LEU A 599 4.17 2.24 36.78
CA LEU A 599 5.38 1.40 36.71
C LEU A 599 5.14 0.07 37.44
N THR A 600 4.47 -0.86 36.78
CA THR A 600 4.23 -2.17 37.35
C THR A 600 5.50 -3.01 37.25
N ILE A 601 5.70 -3.89 38.23
CA ILE A 601 6.69 -4.95 38.16
C ILE A 601 5.96 -6.26 37.89
N PRO A 602 6.19 -6.93 36.74
CA PRO A 602 5.39 -8.08 36.32
C PRO A 602 5.80 -9.41 36.96
N ILE A 603 5.84 -9.44 38.29
CA ILE A 603 6.24 -10.62 39.06
C ILE A 603 5.37 -10.67 40.31
N ASP A 604 4.95 -11.88 40.69
CA ASP A 604 4.11 -12.08 41.87
C ASP A 604 4.82 -11.65 43.14
N GLY A 605 4.03 -11.23 44.13
CA GLY A 605 4.58 -10.55 45.30
C GLY A 605 5.28 -11.44 46.29
N ALA A 606 5.06 -12.76 46.24
CA ALA A 606 5.82 -13.67 47.10
C ALA A 606 7.27 -13.75 46.63
N LEU A 607 7.47 -13.93 45.33
CA LEU A 607 8.82 -13.91 44.79
C LEU A 607 9.47 -12.53 44.89
N LEU A 608 8.66 -11.46 44.81
CA LEU A 608 9.21 -10.12 45.01
C LEU A 608 9.63 -9.90 46.46
N GLN A 609 8.88 -10.45 47.41
CA GLN A 609 9.27 -10.36 48.81
C GLN A 609 10.53 -11.18 49.08
N GLN A 610 10.65 -12.33 48.42
CA GLN A 610 11.89 -13.11 48.51
C GLN A 610 13.05 -12.37 47.87
N PHE A 611 12.81 -11.62 46.80
CA PHE A 611 13.86 -10.84 46.15
C PHE A 611 14.32 -9.69 47.03
N LEU A 612 13.38 -9.01 47.69
CA LEU A 612 13.74 -7.96 48.65
C LEU A 612 14.49 -8.53 49.84
N GLU A 613 14.15 -9.75 50.28
CA GLU A 613 14.93 -10.40 51.32
C GLU A 613 16.31 -10.82 50.81
N GLU A 614 16.43 -11.14 49.51
CA GLU A 614 17.73 -11.42 48.92
C GLU A 614 18.61 -10.20 48.87
N GLN A 615 18.02 -9.01 48.70
CA GLN A 615 18.84 -7.80 48.65
C GLN A 615 19.26 -7.30 50.03
N GLU A 616 18.75 -7.89 51.10
CA GLU A 616 19.19 -7.55 52.44
C GLU A 616 20.16 -8.59 52.99
N MET B 1 23.73 -30.43 13.00
CA MET B 1 22.80 -31.38 12.42
C MET B 1 23.10 -31.62 10.94
N ASP B 2 22.03 -31.85 10.18
CA ASP B 2 22.16 -32.08 8.74
C ASP B 2 22.58 -30.78 8.06
N PRO B 3 23.43 -30.85 7.03
CA PRO B 3 23.80 -29.64 6.26
C PRO B 3 22.63 -28.91 5.63
N THR B 4 21.56 -29.63 5.26
CA THR B 4 20.36 -28.96 4.74
C THR B 4 19.68 -28.12 5.81
N ILE B 5 19.83 -28.47 7.09
CA ILE B 5 19.18 -27.73 8.16
C ILE B 5 20.10 -26.57 8.56
N SER B 6 19.90 -25.41 7.95
CA SER B 6 20.72 -24.24 8.24
C SER B 6 19.90 -23.17 8.94
N VAL B 7 20.57 -22.39 9.78
CA VAL B 7 19.92 -21.32 10.53
C VAL B 7 19.70 -20.08 9.65
N SER B 8 20.40 -19.97 8.52
CA SER B 8 20.36 -18.77 7.70
C SER B 8 19.57 -18.97 6.40
N LYS B 9 19.96 -19.92 5.56
CA LYS B 9 19.30 -20.14 4.29
C LYS B 9 17.98 -20.89 4.45
N GLY B 10 17.07 -20.68 3.51
CA GLY B 10 15.83 -21.42 3.46
C GLY B 10 15.68 -22.31 2.25
N CYS B 11 16.47 -22.06 1.20
CA CYS B 11 16.42 -22.83 -0.03
C CYS B 11 17.83 -23.27 -0.40
N PHE B 12 17.95 -24.48 -0.95
CA PHE B 12 19.23 -25.13 -1.13
C PHE B 12 19.32 -25.75 -2.52
N VAL B 13 19.98 -25.05 -3.43
CA VAL B 13 20.17 -25.52 -4.79
C VAL B 13 21.12 -26.70 -4.80
N TYR B 14 20.80 -27.70 -5.63
CA TYR B 14 21.73 -28.77 -5.94
C TYR B 14 21.87 -28.87 -7.46
N LYS B 15 22.33 -27.78 -8.07
CA LYS B 15 22.39 -27.67 -9.52
C LYS B 15 23.37 -28.66 -10.12
N ASN B 16 22.98 -29.25 -11.25
CA ASN B 16 23.80 -30.23 -11.95
C ASN B 16 23.78 -29.90 -13.44
N GLY B 17 24.30 -28.72 -13.78
CA GLY B 17 24.46 -28.34 -15.17
C GLY B 17 23.20 -27.84 -15.86
N ALA B 18 22.25 -27.29 -15.13
CA ALA B 18 21.08 -26.67 -15.76
C ALA B 18 21.49 -25.42 -16.52
N THR B 19 20.93 -25.23 -17.70
CA THR B 19 21.34 -24.16 -18.62
C THR B 19 20.26 -23.08 -18.64
N ARG B 20 19.83 -22.59 -19.80
CA ARG B 20 18.87 -21.51 -19.88
C ARG B 20 18.13 -21.55 -21.21
N SER B 38 10.18 -38.43 -19.31
CA SER B 38 11.50 -38.90 -19.70
C SER B 38 12.44 -39.01 -18.50
N LEU B 39 11.88 -38.93 -17.30
CA LEU B 39 12.66 -39.09 -16.08
C LEU B 39 13.22 -40.50 -15.94
N LEU B 40 12.49 -41.49 -16.43
CA LEU B 40 12.86 -42.89 -16.23
C LEU B 40 14.01 -43.29 -17.15
N GLY B 41 14.71 -44.33 -16.75
CA GLY B 41 15.76 -44.90 -17.56
C GLY B 41 15.20 -45.76 -18.67
N LYS B 42 16.11 -46.25 -19.52
CA LYS B 42 15.71 -47.00 -20.71
C LYS B 42 15.15 -48.38 -20.37
N GLU B 43 15.39 -48.89 -19.16
CA GLU B 43 14.82 -50.18 -18.80
C GLU B 43 13.29 -50.10 -18.69
N VAL B 44 12.76 -48.98 -18.20
CA VAL B 44 11.33 -48.89 -17.98
C VAL B 44 10.59 -48.55 -19.27
N VAL B 45 11.14 -47.61 -20.05
CA VAL B 45 10.49 -47.15 -21.27
C VAL B 45 10.44 -48.27 -22.32
N GLN B 46 11.46 -49.13 -22.35
CA GLN B 46 11.46 -50.25 -23.28
C GLN B 46 10.69 -51.45 -22.77
N GLN B 47 10.20 -51.42 -21.54
CA GLN B 47 9.31 -52.46 -21.07
C GLN B 47 7.98 -52.37 -21.81
N PRO B 48 7.39 -53.51 -22.21
CA PRO B 48 6.10 -53.48 -22.92
C PRO B 48 4.94 -52.87 -22.15
N PHE B 49 4.90 -52.97 -20.83
CA PHE B 49 3.75 -52.42 -20.09
C PHE B 49 3.74 -50.90 -20.14
N TYR B 50 4.91 -50.26 -20.15
CA TYR B 50 4.96 -48.82 -20.35
C TYR B 50 4.51 -48.44 -21.76
N GLU B 51 4.80 -49.29 -22.75
CA GLU B 51 4.36 -49.02 -24.10
C GLU B 51 2.84 -49.10 -24.23
N GLU B 52 2.24 -50.15 -23.70
CA GLU B 52 0.78 -50.27 -23.76
C GLU B 52 0.08 -49.23 -22.91
N TYR B 53 0.68 -48.84 -21.78
CA TYR B 53 0.08 -47.78 -20.97
C TYR B 53 0.13 -46.44 -21.68
N ARG B 54 1.26 -46.11 -22.31
CA ARG B 54 1.36 -44.86 -23.07
C ARG B 54 0.43 -44.87 -24.27
N LYS B 55 0.24 -46.02 -24.91
CA LYS B 55 -0.65 -46.10 -26.08
C LYS B 55 -2.11 -45.89 -25.68
N ALA B 56 -2.55 -46.61 -24.64
CA ALA B 56 -3.93 -46.48 -24.18
C ALA B 56 -4.20 -45.08 -23.62
N TRP B 57 -3.19 -44.48 -22.97
CA TRP B 57 -3.42 -43.16 -22.41
C TRP B 57 -3.47 -42.09 -23.50
N ASN B 58 -2.62 -42.20 -24.53
CA ASN B 58 -2.68 -41.25 -25.62
C ASN B 58 -3.98 -41.35 -26.39
N GLN B 59 -4.49 -42.58 -26.57
CA GLN B 59 -5.77 -42.75 -27.26
C GLN B 59 -6.92 -42.16 -26.45
N ILE B 60 -6.95 -42.42 -25.14
CA ILE B 60 -8.04 -41.95 -24.31
C ILE B 60 -8.01 -40.43 -24.16
N ASN B 61 -6.82 -39.86 -23.98
CA ASN B 61 -6.69 -38.42 -23.81
C ASN B 61 -7.03 -37.66 -25.10
N ASP B 62 -6.61 -38.19 -26.26
CA ASP B 62 -6.96 -37.53 -27.52
C ASP B 62 -8.44 -37.64 -27.82
N HIS B 63 -9.09 -38.75 -27.45
CA HIS B 63 -10.54 -38.85 -27.66
C HIS B 63 -11.30 -37.90 -26.75
N ILE B 64 -10.84 -37.72 -25.51
CA ILE B 64 -11.53 -36.81 -24.60
C ILE B 64 -11.34 -35.35 -25.05
N ALA B 65 -10.12 -35.02 -25.51
CA ALA B 65 -9.90 -33.66 -26.04
C ALA B 65 -10.71 -33.40 -27.30
N ASP B 66 -10.89 -34.43 -28.14
CA ASP B 66 -11.74 -34.26 -29.32
C ASP B 66 -13.20 -34.06 -28.95
N LEU B 67 -13.68 -34.75 -27.90
CA LEU B 67 -15.05 -34.55 -27.44
C LEU B 67 -15.25 -33.15 -26.86
N GLN B 68 -14.25 -32.65 -26.12
CA GLN B 68 -14.36 -31.32 -25.54
C GLN B 68 -14.34 -30.23 -26.61
N HIS B 69 -13.52 -30.42 -27.65
CA HIS B 69 -13.51 -29.44 -28.74
C HIS B 69 -14.80 -29.48 -29.55
N ARG B 70 -15.34 -30.67 -29.81
CA ARG B 70 -16.59 -30.76 -30.54
C ARG B 70 -17.78 -30.28 -29.74
N SER B 71 -17.69 -30.28 -28.40
CA SER B 71 -18.77 -29.65 -27.63
C SER B 71 -18.61 -28.13 -27.56
N TYR B 72 -17.37 -27.61 -27.56
CA TYR B 72 -17.19 -26.16 -27.47
C TYR B 72 -17.36 -25.44 -28.80
N ALA B 73 -17.33 -26.17 -29.93
CA ALA B 73 -17.19 -25.56 -31.26
C ALA B 73 -18.35 -24.63 -31.64
N ARG B 74 -19.57 -24.90 -31.16
CA ARG B 74 -20.70 -24.04 -31.52
C ARG B 74 -20.59 -22.66 -30.86
N THR B 75 -20.31 -22.63 -29.56
CA THR B 75 -20.10 -21.37 -28.86
C THR B 75 -18.85 -20.65 -29.36
N LEU B 76 -17.86 -21.41 -29.81
CA LEU B 76 -16.68 -20.80 -30.42
C LEU B 76 -17.03 -20.08 -31.72
N GLU B 77 -17.84 -20.71 -32.58
CA GLU B 77 -18.25 -20.05 -33.82
C GLU B 77 -19.13 -18.83 -33.54
N GLN B 78 -19.95 -18.88 -32.50
CA GLN B 78 -20.78 -17.72 -32.17
C GLN B 78 -19.94 -16.55 -31.64
N LEU B 79 -18.92 -16.85 -30.82
CA LEU B 79 -18.05 -15.78 -30.32
C LEU B 79 -17.19 -15.18 -31.43
N VAL B 80 -16.68 -16.02 -32.34
CA VAL B 80 -15.89 -15.52 -33.45
C VAL B 80 -16.75 -14.68 -34.39
N ASP B 81 -18.01 -15.08 -34.61
CA ASP B 81 -18.93 -14.28 -35.40
C ASP B 81 -19.26 -12.96 -34.73
N PHE B 82 -19.33 -12.94 -33.39
CA PHE B 82 -19.55 -11.69 -32.67
C PHE B 82 -18.37 -10.73 -32.82
N VAL B 83 -17.14 -11.25 -32.75
CA VAL B 83 -15.96 -10.39 -32.88
C VAL B 83 -15.82 -9.87 -34.31
N VAL B 84 -16.05 -10.73 -35.31
CA VAL B 84 -16.00 -10.29 -36.70
C VAL B 84 -17.14 -9.32 -37.02
N GLY B 85 -18.30 -9.48 -36.37
CA GLY B 85 -19.38 -8.52 -36.57
C GLY B 85 -19.10 -7.17 -35.96
N GLN B 86 -18.40 -7.13 -34.82
CA GLN B 86 -17.90 -5.85 -34.34
C GLN B 86 -16.83 -5.28 -35.25
N ALA B 87 -16.03 -6.14 -35.88
CA ALA B 87 -14.99 -5.66 -36.80
C ALA B 87 -15.58 -5.07 -38.07
N GLU B 88 -16.77 -5.53 -38.47
CA GLU B 88 -17.44 -4.97 -39.64
C GLU B 88 -17.87 -3.52 -39.39
N ARG B 89 -18.17 -3.18 -38.15
CA ARG B 89 -18.64 -1.84 -37.81
C ARG B 89 -17.49 -0.84 -37.77
N GLU B 94 -18.46 6.10 -26.87
CA GLU B 94 -19.29 5.00 -27.37
C GLU B 94 -19.15 3.79 -26.44
N VAL B 95 -20.19 2.97 -26.40
CA VAL B 95 -20.16 1.74 -25.60
C VAL B 95 -19.16 0.76 -26.19
N LEU B 96 -18.49 0.01 -25.31
CA LEU B 96 -17.67 -1.09 -25.83
C LEU B 96 -18.52 -2.33 -25.99
N PRO B 97 -18.52 -2.98 -27.16
CA PRO B 97 -19.19 -4.27 -27.27
C PRO B 97 -18.51 -5.29 -26.36
N THR B 98 -19.32 -6.16 -25.77
CA THR B 98 -18.82 -7.06 -24.74
C THR B 98 -19.74 -8.26 -24.66
N ALA B 99 -19.15 -9.42 -24.39
CA ALA B 99 -19.82 -10.72 -24.51
C ALA B 99 -19.61 -11.53 -23.24
N ALA B 100 -20.60 -11.54 -22.37
CA ALA B 100 -20.56 -12.43 -21.22
C ALA B 100 -20.69 -13.87 -21.68
N LEU B 101 -19.90 -14.75 -21.09
CA LEU B 101 -19.87 -16.17 -21.45
C LEU B 101 -20.15 -16.94 -20.17
N LEU B 102 -21.40 -17.38 -20.01
CA LEU B 102 -21.86 -18.05 -18.80
C LEU B 102 -21.27 -19.46 -18.75
N THR B 103 -20.02 -19.52 -18.35
CA THR B 103 -19.31 -20.78 -18.24
C THR B 103 -19.50 -21.38 -16.86
N GLY B 104 -19.08 -22.63 -16.70
CA GLY B 104 -19.39 -23.38 -15.50
C GLY B 104 -18.50 -23.04 -14.31
N ILE B 105 -18.78 -23.72 -13.19
CA ILE B 105 -18.03 -23.55 -11.96
C ILE B 105 -16.58 -24.02 -12.12
N ASN B 106 -16.34 -24.99 -13.00
CA ASN B 106 -15.01 -25.59 -13.18
C ASN B 106 -14.13 -24.64 -14.00
N GLN B 107 -13.64 -23.62 -13.31
CA GLN B 107 -12.82 -22.57 -13.94
C GLN B 107 -11.53 -23.01 -14.65
N PRO B 108 -10.67 -23.90 -14.11
CA PRO B 108 -9.43 -24.25 -14.85
C PRO B 108 -9.64 -24.86 -16.23
N ASP B 109 -10.75 -25.56 -16.45
CA ASP B 109 -11.00 -26.24 -17.72
C ASP B 109 -11.17 -25.29 -18.89
N HIS B 110 -11.57 -24.04 -18.64
CA HIS B 110 -11.95 -23.10 -19.70
C HIS B 110 -10.78 -22.36 -20.33
N LEU B 111 -9.56 -22.54 -19.81
CA LEU B 111 -8.40 -21.95 -20.45
C LEU B 111 -8.16 -22.53 -21.83
N SER B 112 -8.48 -23.81 -22.04
CA SER B 112 -8.43 -24.39 -23.38
C SER B 112 -9.47 -23.79 -24.30
N GLN B 113 -10.63 -23.40 -23.74
CA GLN B 113 -11.66 -22.75 -24.54
C GLN B 113 -11.21 -21.37 -25.01
N PHE B 114 -10.69 -20.57 -24.09
CA PHE B 114 -10.19 -19.25 -24.45
C PHE B 114 -8.96 -19.33 -25.35
N THR B 115 -8.14 -20.37 -25.20
CA THR B 115 -6.99 -20.58 -26.08
C THR B 115 -7.45 -20.93 -27.50
N ALA B 116 -8.52 -21.73 -27.62
CA ALA B 116 -9.07 -22.02 -28.93
C ALA B 116 -9.69 -20.78 -29.56
N LEU B 117 -10.26 -19.89 -28.73
CA LEU B 117 -10.77 -18.62 -29.25
C LEU B 117 -9.64 -17.74 -29.78
N THR B 118 -8.51 -17.67 -29.06
CA THR B 118 -7.36 -16.92 -29.59
C THR B 118 -6.79 -17.55 -30.85
N GLN B 119 -6.81 -18.88 -30.95
CA GLN B 119 -6.32 -19.54 -32.14
C GLN B 119 -7.20 -19.24 -33.36
N ARG B 120 -8.52 -19.21 -33.15
CA ARG B 120 -9.41 -18.90 -34.27
C ARG B 120 -9.31 -17.43 -34.69
N LEU B 121 -9.25 -16.53 -33.71
CA LEU B 121 -9.14 -15.10 -34.02
C LEU B 121 -7.81 -14.76 -34.67
N HIS B 122 -6.72 -15.46 -34.32
CA HIS B 122 -5.46 -15.23 -35.01
C HIS B 122 -5.44 -15.88 -36.39
N ALA B 123 -6.07 -17.05 -36.54
CA ALA B 123 -6.10 -17.71 -37.84
C ALA B 123 -6.92 -16.92 -38.86
N GLN B 124 -7.98 -16.23 -38.42
CA GLN B 124 -8.74 -15.42 -39.35
C GLN B 124 -8.11 -14.05 -39.60
N ARG B 125 -7.09 -13.68 -38.83
CA ARG B 125 -6.50 -12.33 -38.80
C ARG B 125 -7.56 -11.26 -38.53
N ALA B 126 -8.54 -11.59 -37.68
CA ALA B 126 -9.62 -10.67 -37.38
C ALA B 126 -9.39 -9.84 -36.13
N ALA B 127 -8.50 -10.27 -35.24
CA ALA B 127 -8.33 -9.61 -33.95
C ALA B 127 -6.99 -10.00 -33.34
N MET B 128 -6.60 -9.24 -32.32
CA MET B 128 -5.50 -9.60 -31.45
C MET B 128 -6.00 -9.59 -30.03
N VAL B 129 -5.53 -10.56 -29.25
CA VAL B 129 -6.14 -10.93 -27.99
C VAL B 129 -5.15 -10.72 -26.86
N CYS B 130 -5.60 -10.02 -25.81
CA CYS B 130 -4.96 -10.03 -24.51
C CYS B 130 -5.81 -10.87 -23.57
N VAL B 131 -5.18 -11.47 -22.57
CA VAL B 131 -5.88 -12.26 -21.56
C VAL B 131 -5.50 -11.70 -20.19
N LEU B 132 -6.49 -11.24 -19.44
CA LEU B 132 -6.25 -10.56 -18.17
C LEU B 132 -6.60 -11.50 -17.02
N GLN B 133 -5.58 -12.13 -16.46
CA GLN B 133 -5.78 -12.91 -15.25
C GLN B 133 -5.94 -12.00 -14.04
N SER B 134 -6.68 -12.48 -13.04
CA SER B 134 -6.89 -11.71 -11.82
C SER B 134 -5.63 -11.56 -10.99
N ARG B 135 -4.69 -12.50 -11.12
CA ARG B 135 -3.42 -12.39 -10.40
C ARG B 135 -2.57 -11.23 -10.91
N ASP B 136 -2.73 -10.87 -12.19
CA ASP B 136 -1.94 -9.80 -12.79
C ASP B 136 -2.52 -8.40 -12.55
N CYS B 137 -3.73 -8.29 -12.00
CA CYS B 137 -4.40 -7.00 -11.96
C CYS B 137 -4.90 -6.63 -10.56
N ALA B 138 -3.99 -6.54 -9.59
CA ALA B 138 -4.38 -6.08 -8.25
C ALA B 138 -4.77 -4.62 -8.24
N THR B 139 -4.21 -3.81 -9.13
CA THR B 139 -4.45 -2.37 -9.19
C THR B 139 -4.72 -1.96 -10.63
N LEU B 140 -5.27 -0.75 -10.79
CA LEU B 140 -5.58 -0.23 -12.13
C LEU B 140 -4.32 -0.01 -12.96
N LYS B 141 -3.22 0.37 -12.32
CA LYS B 141 -1.96 0.54 -13.03
C LYS B 141 -1.45 -0.79 -13.56
N ALA B 142 -1.43 -1.82 -12.72
CA ALA B 142 -0.98 -3.14 -13.15
C ALA B 142 -1.91 -3.74 -14.20
N ALA B 143 -3.21 -3.45 -14.11
CA ALA B 143 -4.15 -3.93 -15.13
C ALA B 143 -3.89 -3.29 -16.48
N VAL B 144 -3.66 -1.98 -16.50
CA VAL B 144 -3.38 -1.29 -17.76
C VAL B 144 -2.04 -1.75 -18.34
N GLU B 145 -1.05 -1.98 -17.48
CA GLU B 145 0.27 -2.40 -17.95
C GLU B 145 0.23 -3.81 -18.53
N THR B 146 -0.41 -4.76 -17.83
CA THR B 146 -0.54 -6.10 -18.39
C THR B 146 -1.43 -6.15 -19.63
N LEU B 147 -2.43 -5.26 -19.72
CA LEU B 147 -3.30 -5.23 -20.91
C LEU B 147 -2.53 -4.76 -22.14
N VAL B 148 -1.81 -3.64 -22.01
CA VAL B 148 -1.06 -3.10 -23.15
C VAL B 148 0.11 -4.02 -23.50
N PHE B 149 0.77 -4.58 -22.49
CA PHE B 149 1.88 -5.50 -22.73
C PHE B 149 1.40 -6.78 -23.40
N GLY B 150 0.20 -7.25 -23.04
CA GLY B 150 -0.33 -8.45 -23.66
C GLY B 150 -0.74 -8.21 -25.10
N LEU B 151 -1.30 -7.03 -25.39
CA LEU B 151 -1.68 -6.74 -26.77
C LEU B 151 -0.46 -6.58 -27.68
N VAL B 152 0.56 -5.85 -27.21
CA VAL B 152 1.75 -5.62 -28.04
C VAL B 152 2.55 -6.90 -28.20
N GLU B 153 2.78 -7.66 -27.12
CA GLU B 153 3.52 -8.91 -27.28
C GLU B 153 2.71 -9.99 -27.98
N ASP B 154 1.39 -9.94 -27.94
CA ASP B 154 0.60 -10.88 -28.73
C ASP B 154 0.72 -10.59 -30.21
N ASN B 155 0.70 -9.30 -30.59
CA ASN B 155 0.94 -8.96 -31.99
C ASN B 155 2.36 -9.30 -32.42
N ALA B 156 3.33 -9.16 -31.52
CA ALA B 156 4.70 -9.56 -31.82
C ALA B 156 4.82 -11.07 -31.99
N GLU B 157 4.04 -11.84 -31.24
CA GLU B 157 4.06 -13.29 -31.35
C GLU B 157 3.25 -13.80 -32.55
N VAL B 158 2.35 -12.99 -33.10
CA VAL B 158 1.61 -13.41 -34.29
C VAL B 158 2.52 -13.42 -35.52
N GLU B 159 3.29 -12.36 -35.71
CA GLU B 159 4.14 -12.27 -36.90
C GLU B 159 5.53 -12.84 -36.62
N ARG B 177 11.27 -6.32 -26.92
CA ARG B 177 10.38 -6.33 -25.76
C ARG B 177 10.46 -5.03 -24.98
N LEU B 178 9.39 -4.25 -25.02
CA LEU B 178 9.31 -3.05 -24.20
C LEU B 178 9.14 -3.42 -22.73
N ARG B 179 9.69 -2.58 -21.87
CA ARG B 179 9.55 -2.78 -20.43
C ARG B 179 8.13 -2.49 -20.00
N ARG B 180 7.71 -3.14 -18.91
CA ARG B 180 6.34 -2.97 -18.42
C ARG B 180 6.10 -1.62 -17.75
N SER B 181 7.16 -0.87 -17.42
CA SER B 181 6.96 0.46 -16.87
C SER B 181 6.42 1.45 -17.89
N GLN B 182 6.64 1.22 -19.18
CA GLN B 182 6.37 2.22 -20.21
C GLN B 182 5.25 1.84 -21.16
N CYS B 183 4.51 0.77 -20.89
CA CYS B 183 3.40 0.37 -21.76
C CYS B 183 2.12 1.10 -21.35
N THR B 184 2.12 2.40 -21.62
CA THR B 184 0.98 3.28 -21.41
C THR B 184 -0.04 3.06 -22.52
N MET B 185 -1.30 3.41 -22.23
CA MET B 185 -2.38 3.34 -23.23
C MET B 185 -2.10 4.26 -24.41
N LYS B 186 -1.38 5.37 -24.18
CA LYS B 186 -0.95 6.23 -25.28
C LYS B 186 0.01 5.50 -26.21
N GLN B 187 0.89 4.66 -25.66
CA GLN B 187 1.74 3.83 -26.51
C GLN B 187 0.95 2.77 -27.26
N LEU B 188 -0.15 2.28 -26.67
CA LEU B 188 -1.00 1.35 -27.40
C LEU B 188 -1.69 2.03 -28.57
N LYS B 189 -2.12 3.28 -28.38
CA LYS B 189 -2.74 4.01 -29.48
C LYS B 189 -1.72 4.34 -30.57
N SER B 190 -0.49 4.70 -30.18
CA SER B 190 0.55 4.99 -31.17
C SER B 190 0.96 3.73 -31.92
N TRP B 191 1.01 2.59 -31.24
CA TRP B 191 1.35 1.33 -31.89
C TRP B 191 0.26 0.89 -32.85
N TYR B 192 -1.01 1.04 -32.45
CA TYR B 192 -2.12 0.69 -33.34
C TYR B 192 -2.18 1.60 -34.55
N THR B 193 -1.80 2.88 -34.38
CA THR B 193 -1.80 3.78 -35.54
C THR B 193 -0.62 3.48 -36.46
N ASN B 194 0.54 3.12 -35.89
CA ASN B 194 1.69 2.75 -36.71
C ASN B 194 1.46 1.45 -37.46
N ASN B 195 0.64 0.55 -36.92
CA ASN B 195 0.43 -0.73 -37.59
C ASN B 195 -0.86 -0.79 -38.40
N PHE B 196 -2.01 -0.84 -37.73
CA PHE B 196 -3.24 -1.28 -38.36
C PHE B 196 -4.17 -0.16 -38.78
N ASP B 197 -3.75 1.10 -38.67
CA ASP B 197 -4.58 2.19 -39.20
C ASP B 197 -4.64 2.15 -40.73
N SER B 198 -3.61 1.61 -41.38
CA SER B 198 -3.59 1.58 -42.84
C SER B 198 -4.50 0.50 -43.42
N GLU B 199 -4.98 -0.43 -42.60
CA GLU B 199 -5.81 -1.52 -43.09
C GLU B 199 -7.29 -1.28 -42.79
N ARG B 202 -10.08 -3.35 -39.88
CA ARG B 202 -9.62 -3.02 -38.54
C ARG B 202 -9.54 -4.25 -37.65
N ARG B 203 -8.34 -4.55 -37.15
CA ARG B 203 -8.22 -5.60 -36.15
C ARG B 203 -8.91 -5.19 -34.85
N GLN B 204 -9.67 -6.10 -34.29
CA GLN B 204 -10.25 -5.89 -32.97
C GLN B 204 -9.20 -6.14 -31.89
N LEU B 205 -9.41 -5.51 -30.75
CA LEU B 205 -8.50 -5.65 -29.61
C LEU B 205 -9.27 -6.40 -28.52
N VAL B 206 -9.40 -7.72 -28.70
CA VAL B 206 -10.16 -8.53 -27.76
C VAL B 206 -9.40 -8.63 -26.44
N VAL B 207 -10.12 -8.50 -25.33
CA VAL B 207 -9.54 -8.49 -23.99
C VAL B 207 -10.30 -9.53 -23.19
N ILE B 208 -9.82 -10.78 -23.20
CA ILE B 208 -10.44 -11.84 -22.41
C ILE B 208 -10.18 -11.59 -20.93
N LEU B 209 -11.21 -11.80 -20.12
CA LEU B 209 -11.16 -11.65 -18.66
C LEU B 209 -11.72 -12.94 -18.09
N PRO B 210 -10.93 -14.02 -18.13
CA PRO B 210 -11.47 -15.38 -17.82
C PRO B 210 -12.05 -15.56 -16.44
N ASP B 211 -11.52 -14.88 -15.43
CA ASP B 211 -11.97 -15.05 -14.06
C ASP B 211 -12.59 -13.75 -13.57
N PHE B 212 -13.80 -13.49 -14.06
CA PHE B 212 -14.51 -12.26 -13.77
C PHE B 212 -14.88 -12.16 -12.30
N GLU B 213 -15.14 -13.29 -11.64
CA GLU B 213 -15.56 -13.27 -10.25
C GLU B 213 -14.39 -12.93 -9.31
N CYS B 214 -13.16 -13.19 -9.74
CA CYS B 214 -11.99 -13.03 -8.88
C CYS B 214 -11.44 -11.61 -8.85
N PHE B 215 -11.94 -10.72 -9.72
CA PHE B 215 -11.42 -9.37 -9.85
C PHE B 215 -11.78 -8.50 -8.66
N ASN B 216 -10.91 -7.53 -8.38
CA ASN B 216 -11.32 -6.40 -7.56
C ASN B 216 -12.37 -5.61 -8.31
N ALA B 217 -13.37 -5.11 -7.57
CA ALA B 217 -14.51 -4.47 -8.24
C ALA B 217 -14.14 -3.08 -8.76
N SER B 218 -13.41 -2.30 -7.96
CA SER B 218 -13.06 -0.94 -8.36
C SER B 218 -12.08 -0.93 -9.53
N VAL B 219 -11.14 -1.88 -9.56
CA VAL B 219 -10.19 -1.99 -10.66
C VAL B 219 -10.91 -2.38 -11.95
N LEU B 220 -11.91 -3.26 -11.83
CA LEU B 220 -12.65 -3.71 -13.01
C LEU B 220 -13.55 -2.61 -13.55
N GLN B 221 -14.21 -1.85 -12.67
CA GLN B 221 -15.05 -0.75 -13.14
C GLN B 221 -14.23 0.38 -13.73
N ASP B 222 -13.08 0.70 -13.13
CA ASP B 222 -12.19 1.70 -13.71
C ASP B 222 -11.62 1.26 -15.04
N LEU B 223 -11.34 -0.05 -15.19
CA LEU B 223 -10.85 -0.55 -16.46
C LEU B 223 -11.93 -0.52 -17.54
N ILE B 224 -13.18 -0.80 -17.17
CA ILE B 224 -14.27 -0.72 -18.15
C ILE B 224 -14.51 0.73 -18.57
N LEU B 225 -14.40 1.67 -17.64
CA LEU B 225 -14.51 3.09 -18.01
C LEU B 225 -13.32 3.54 -18.86
N ILE B 226 -12.13 2.99 -18.66
CA ILE B 226 -10.97 3.35 -19.47
C ILE B 226 -11.13 2.81 -20.89
N LEU B 227 -11.55 1.55 -21.02
CA LEU B 227 -11.77 0.98 -22.35
C LEU B 227 -12.96 1.63 -23.06
N SER B 228 -13.96 2.09 -22.31
CA SER B 228 -15.07 2.81 -22.93
C SER B 228 -14.66 4.22 -23.35
N ALA B 229 -13.66 4.80 -22.69
CA ALA B 229 -13.19 6.13 -23.10
C ALA B 229 -12.47 6.10 -24.44
N HIS B 230 -11.89 4.96 -24.81
CA HIS B 230 -11.08 4.86 -26.02
C HIS B 230 -11.83 4.24 -27.19
N CYS B 231 -13.13 4.02 -27.06
CA CYS B 231 -13.91 3.48 -28.16
C CYS B 231 -14.02 4.50 -29.30
N GLY B 232 -13.98 3.99 -30.53
CA GLY B 232 -13.89 4.85 -31.68
C GLY B 232 -12.46 4.98 -32.16
N SER B 233 -11.58 5.41 -31.25
CA SER B 233 -10.16 5.44 -31.57
C SER B 233 -9.57 4.03 -31.59
N LEU B 234 -9.88 3.23 -30.57
CA LEU B 234 -9.38 1.87 -30.46
C LEU B 234 -10.54 0.90 -30.40
N PRO B 235 -10.68 -0.02 -31.33
CA PRO B 235 -11.81 -0.98 -31.28
C PRO B 235 -11.61 -2.07 -30.25
N PHE B 236 -12.29 -1.95 -29.10
CA PHE B 236 -12.18 -2.94 -28.05
C PHE B 236 -13.38 -3.88 -28.06
N VAL B 237 -13.13 -5.14 -27.72
CA VAL B 237 -14.15 -6.14 -27.45
C VAL B 237 -13.79 -6.79 -26.13
N LEU B 238 -14.77 -6.96 -25.24
CA LEU B 238 -14.51 -7.39 -23.87
C LEU B 238 -15.31 -8.66 -23.58
N VAL B 239 -14.79 -9.81 -23.97
CA VAL B 239 -15.42 -11.06 -23.58
C VAL B 239 -15.07 -11.35 -22.13
N LEU B 240 -15.94 -12.07 -21.43
CA LEU B 240 -15.80 -12.29 -20.00
C LEU B 240 -15.97 -13.77 -19.70
N GLY B 241 -15.61 -14.18 -18.49
CA GLY B 241 -15.78 -15.56 -18.07
C GLY B 241 -16.50 -15.67 -16.75
N VAL B 242 -17.83 -15.62 -16.78
CA VAL B 242 -18.63 -15.60 -15.56
C VAL B 242 -18.99 -17.02 -15.14
N ALA B 243 -18.35 -17.50 -14.07
CA ALA B 243 -18.57 -18.83 -13.56
C ALA B 243 -19.93 -19.01 -12.87
N THR B 244 -20.56 -17.93 -12.42
CA THR B 244 -21.78 -18.06 -11.64
C THR B 244 -22.97 -17.73 -12.53
N ALA B 245 -23.52 -16.52 -12.49
CA ALA B 245 -24.71 -16.18 -13.24
C ALA B 245 -24.65 -14.70 -13.61
N MET B 246 -25.62 -14.27 -14.43
CA MET B 246 -25.65 -12.90 -14.89
C MET B 246 -26.03 -11.91 -13.79
N THR B 247 -26.62 -12.39 -12.69
CA THR B 247 -26.90 -11.52 -11.56
C THR B 247 -25.62 -11.00 -10.93
N ALA B 248 -24.53 -11.77 -10.99
CA ALA B 248 -23.23 -11.26 -10.55
C ALA B 248 -22.74 -10.13 -11.45
N VAL B 249 -23.01 -10.22 -12.75
CA VAL B 249 -22.60 -9.16 -13.67
C VAL B 249 -23.42 -7.91 -13.42
N HIS B 250 -24.72 -8.06 -13.18
CA HIS B 250 -25.56 -6.91 -12.87
C HIS B 250 -25.30 -6.35 -11.47
N GLY B 251 -24.75 -7.15 -10.57
CA GLY B 251 -24.39 -6.65 -9.26
C GLY B 251 -23.08 -5.90 -9.21
N THR B 252 -22.04 -6.43 -9.87
CA THR B 252 -20.75 -5.77 -9.78
C THR B 252 -20.61 -4.58 -10.73
N LEU B 253 -21.53 -4.41 -11.68
CA LEU B 253 -21.48 -3.26 -12.56
C LEU B 253 -22.54 -2.27 -12.13
N PRO B 254 -22.12 -1.07 -11.67
CA PRO B 254 -23.01 -0.01 -11.18
C PRO B 254 -23.70 0.70 -12.35
N TYR B 255 -24.59 1.64 -12.02
CA TYR B 255 -25.41 2.37 -13.02
C TYR B 255 -24.51 3.11 -14.01
N HIS B 256 -23.44 3.76 -13.54
CA HIS B 256 -22.51 4.50 -14.43
C HIS B 256 -21.73 3.57 -15.38
N VAL B 257 -21.28 2.42 -14.87
CA VAL B 257 -20.47 1.45 -15.61
C VAL B 257 -21.33 0.68 -16.62
N SER B 258 -22.54 0.29 -16.21
CA SER B 258 -23.43 -0.41 -17.13
C SER B 258 -24.09 0.52 -18.13
N SER B 259 -23.96 1.84 -17.96
CA SER B 259 -24.38 2.76 -19.02
C SER B 259 -23.53 2.63 -20.27
N LYS B 260 -22.31 2.11 -20.16
CA LYS B 260 -21.37 2.02 -21.28
C LYS B 260 -21.08 0.57 -21.67
N ILE B 261 -22.09 -0.30 -21.56
CA ILE B 261 -21.92 -1.73 -21.77
C ILE B 261 -23.03 -2.20 -22.70
N ARG B 262 -22.66 -2.97 -23.73
CA ARG B 262 -23.63 -3.51 -24.69
C ARG B 262 -23.46 -5.03 -24.79
N LEU B 263 -23.62 -5.71 -23.66
CA LEU B 263 -23.20 -7.09 -23.55
C LEU B 263 -24.19 -8.07 -24.16
N ARG B 264 -23.65 -9.20 -24.62
CA ARG B 264 -24.41 -10.30 -25.19
C ARG B 264 -24.02 -11.58 -24.47
N VAL B 265 -24.99 -12.45 -24.22
CA VAL B 265 -24.79 -13.61 -23.36
C VAL B 265 -24.67 -14.87 -24.23
N PHE B 266 -23.57 -15.60 -24.05
CA PHE B 266 -23.39 -16.92 -24.62
C PHE B 266 -23.37 -17.93 -23.47
N GLN B 267 -23.74 -19.17 -23.75
CA GLN B 267 -23.84 -20.19 -22.70
C GLN B 267 -23.06 -21.44 -23.11
N THR B 268 -22.04 -21.76 -22.32
CA THR B 268 -21.32 -23.02 -22.44
C THR B 268 -22.19 -24.14 -21.86
N GLN B 269 -22.00 -25.35 -22.38
CA GLN B 269 -22.79 -26.49 -21.93
C GLN B 269 -22.44 -26.89 -20.50
N ALA B 270 -23.40 -27.50 -19.82
CA ALA B 270 -23.26 -27.87 -18.41
C ALA B 270 -22.20 -28.95 -18.22
N ALA B 271 -21.50 -28.86 -17.09
CA ALA B 271 -20.48 -29.85 -16.74
C ALA B 271 -20.99 -31.29 -16.59
N PRO B 272 -22.12 -31.59 -15.91
CA PRO B 272 -22.62 -32.98 -15.94
C PRO B 272 -22.96 -33.50 -17.32
N THR B 273 -23.42 -32.66 -18.24
CA THR B 273 -23.65 -33.11 -19.62
C THR B 273 -22.33 -33.49 -20.30
N GLY B 274 -21.27 -32.74 -20.00
CA GLY B 274 -19.96 -33.10 -20.52
C GLY B 274 -19.41 -34.36 -19.92
N LEU B 275 -19.66 -34.59 -18.62
CA LEU B 275 -19.26 -35.84 -17.98
C LEU B 275 -19.99 -37.02 -18.57
N ASN B 276 -21.30 -36.88 -18.80
CA ASN B 276 -22.08 -37.97 -19.38
C ASN B 276 -21.63 -38.27 -20.80
N GLU B 277 -21.27 -37.23 -21.56
CA GLU B 277 -20.78 -37.44 -22.93
C GLU B 277 -19.45 -38.16 -22.93
N VAL B 278 -18.54 -37.78 -22.02
CA VAL B 278 -17.23 -38.44 -21.94
C VAL B 278 -17.38 -39.89 -21.46
N LEU B 279 -18.23 -40.12 -20.46
CA LEU B 279 -18.43 -41.46 -19.94
C LEU B 279 -19.10 -42.39 -20.94
N ASP B 280 -19.99 -41.88 -21.79
CA ASP B 280 -20.62 -42.76 -22.75
C ASP B 280 -19.76 -42.97 -23.98
N LYS B 281 -19.07 -41.94 -24.46
CA LYS B 281 -18.33 -42.08 -25.71
C LYS B 281 -16.88 -42.52 -25.53
N VAL B 282 -16.35 -42.55 -24.31
CA VAL B 282 -14.94 -42.87 -24.13
C VAL B 282 -14.76 -44.07 -23.21
N LEU B 283 -15.23 -43.96 -21.97
CA LEU B 283 -15.01 -45.02 -21.00
C LEU B 283 -15.86 -46.25 -21.24
N LEU B 284 -16.92 -46.14 -22.05
CA LEU B 284 -17.74 -47.28 -22.43
C LEU B 284 -17.56 -47.67 -23.89
N SER B 285 -16.54 -47.15 -24.56
CA SER B 285 -16.33 -47.48 -25.97
C SER B 285 -15.87 -48.92 -26.11
N PRO B 286 -16.39 -49.65 -27.12
CA PRO B 286 -15.89 -51.01 -27.39
C PRO B 286 -14.41 -51.09 -27.73
N LYS B 287 -13.85 -50.05 -28.36
CA LYS B 287 -12.53 -50.16 -28.97
C LYS B 287 -11.38 -50.14 -27.96
N TYR B 288 -11.61 -49.73 -26.73
CA TYR B 288 -10.56 -49.78 -25.71
C TYR B 288 -10.63 -51.09 -24.95
N ALA B 289 -9.48 -51.73 -24.76
CA ALA B 289 -9.42 -53.00 -24.06
C ALA B 289 -9.39 -52.86 -22.54
N PHE B 290 -9.18 -51.65 -22.02
CA PHE B 290 -9.11 -51.41 -20.58
C PHE B 290 -10.47 -50.93 -20.10
N HIS B 291 -11.03 -51.63 -19.11
CA HIS B 291 -12.31 -51.27 -18.54
C HIS B 291 -12.15 -51.04 -17.04
N LEU B 292 -12.86 -50.06 -16.52
CA LEU B 292 -12.99 -49.93 -15.08
C LEU B 292 -14.02 -50.91 -14.56
N SER B 293 -13.85 -51.30 -13.29
CA SER B 293 -14.90 -52.04 -12.61
C SER B 293 -16.01 -51.07 -12.19
N GLY B 294 -17.13 -51.65 -11.75
CA GLY B 294 -18.26 -50.81 -11.37
C GLY B 294 -18.02 -49.99 -10.11
N LYS B 295 -17.19 -50.50 -9.20
CA LYS B 295 -16.85 -49.74 -8.01
C LYS B 295 -15.99 -48.53 -8.33
N THR B 296 -14.98 -48.73 -9.19
CA THR B 296 -14.11 -47.62 -9.59
C THR B 296 -14.87 -46.59 -10.44
N PHE B 297 -15.79 -47.07 -11.27
CA PHE B 297 -16.64 -46.20 -12.08
C PHE B 297 -17.52 -45.33 -11.19
N LYS B 298 -18.20 -45.96 -10.23
CA LYS B 298 -19.04 -45.23 -9.30
C LYS B 298 -18.23 -44.29 -8.41
N PHE B 299 -16.99 -44.66 -8.10
CA PHE B 299 -16.15 -43.82 -7.24
C PHE B 299 -15.69 -42.55 -7.96
N LEU B 300 -15.29 -42.68 -9.23
CA LEU B 300 -14.88 -41.50 -9.98
C LEU B 300 -16.06 -40.58 -10.29
N THR B 301 -17.22 -41.16 -10.65
CA THR B 301 -18.39 -40.31 -10.81
C THR B 301 -18.89 -39.73 -9.50
N HIS B 302 -18.64 -40.41 -8.37
CA HIS B 302 -18.99 -39.84 -7.08
C HIS B 302 -18.12 -38.64 -6.74
N ILE B 303 -16.83 -38.70 -7.09
CA ILE B 303 -15.96 -37.54 -6.92
C ILE B 303 -16.40 -36.39 -7.81
N PHE B 304 -16.89 -36.70 -9.02
CA PHE B 304 -17.31 -35.61 -9.89
C PHE B 304 -18.62 -34.99 -9.41
N LEU B 305 -19.64 -35.81 -9.16
CA LEU B 305 -20.95 -35.28 -8.85
C LEU B 305 -21.09 -34.81 -7.41
N TYR B 306 -20.22 -35.23 -6.50
CA TYR B 306 -20.40 -34.91 -5.10
C TYR B 306 -19.33 -33.97 -4.56
N TYR B 307 -18.33 -33.59 -5.36
CA TYR B 307 -17.27 -32.75 -4.83
C TYR B 307 -16.91 -31.63 -5.78
N ASP B 308 -16.35 -31.96 -6.95
CA ASP B 308 -15.88 -30.96 -7.88
C ASP B 308 -16.32 -31.29 -9.29
N PHE B 309 -16.75 -30.27 -10.03
CA PHE B 309 -17.19 -30.45 -11.41
C PHE B 309 -16.04 -30.32 -12.41
N SER B 310 -14.79 -30.37 -11.95
CA SER B 310 -13.66 -30.35 -12.87
C SER B 310 -13.60 -31.65 -13.65
N ILE B 311 -13.66 -31.55 -14.99
CA ILE B 311 -13.40 -32.71 -15.83
C ILE B 311 -11.94 -33.14 -15.70
N HIS B 312 -11.03 -32.18 -15.50
CA HIS B 312 -9.60 -32.47 -15.46
C HIS B 312 -9.21 -33.34 -14.27
N GLY B 313 -9.90 -33.18 -13.13
CA GLY B 313 -9.60 -34.03 -11.99
C GLY B 313 -10.08 -35.45 -12.19
N PHE B 314 -11.23 -35.61 -12.88
CA PHE B 314 -11.71 -36.93 -13.26
C PHE B 314 -10.78 -37.59 -14.26
N ILE B 315 -10.20 -36.81 -15.17
CA ILE B 315 -9.28 -37.37 -16.16
C ILE B 315 -7.97 -37.80 -15.49
N GLN B 316 -7.45 -36.99 -14.56
CA GLN B 316 -6.25 -37.39 -13.82
C GLN B 316 -6.50 -38.58 -12.90
N GLY B 317 -7.71 -38.71 -12.35
CA GLY B 317 -8.01 -39.89 -11.55
C GLY B 317 -8.14 -41.14 -12.40
N PHE B 318 -8.73 -41.01 -13.60
CA PHE B 318 -8.74 -42.15 -14.52
C PHE B 318 -7.35 -42.49 -15.02
N LYS B 319 -6.49 -41.49 -15.16
CA LYS B 319 -5.09 -41.73 -15.55
C LYS B 319 -4.34 -42.48 -14.45
N TYR B 320 -4.60 -42.12 -13.19
CA TYR B 320 -4.01 -42.88 -12.09
C TYR B 320 -4.55 -44.30 -12.01
N CYS B 321 -5.82 -44.50 -12.36
CA CYS B 321 -6.37 -45.85 -12.40
C CYS B 321 -5.72 -46.67 -13.51
N LEU B 322 -5.53 -46.05 -14.67
CA LEU B 322 -4.87 -46.70 -15.81
C LEU B 322 -3.42 -47.05 -15.49
N MET B 323 -2.74 -46.16 -14.76
CA MET B 323 -1.34 -46.40 -14.42
C MET B 323 -1.20 -47.47 -13.36
N GLU B 324 -2.07 -47.45 -12.34
CA GLU B 324 -2.08 -48.47 -11.30
C GLU B 324 -2.44 -49.84 -11.87
N HIS B 325 -3.25 -49.86 -12.94
CA HIS B 325 -3.55 -51.13 -13.59
C HIS B 325 -2.37 -51.62 -14.42
N PHE B 326 -1.81 -50.76 -15.27
CA PHE B 326 -0.83 -51.23 -16.26
C PHE B 326 0.57 -51.37 -15.70
N PHE B 327 0.84 -50.87 -14.49
CA PHE B 327 2.19 -51.01 -13.94
C PHE B 327 2.37 -52.29 -13.13
N GLY B 328 1.44 -53.25 -13.24
CA GLY B 328 1.57 -54.52 -12.56
C GLY B 328 2.41 -55.55 -13.27
N GLY B 329 2.86 -55.28 -14.49
CA GLY B 329 3.69 -56.22 -15.22
C GLY B 329 3.34 -56.37 -16.68
N ASN B 330 4.12 -57.18 -17.41
CA ASN B 330 3.87 -57.40 -18.84
C ASN B 330 2.65 -58.27 -19.08
N ALA B 331 2.23 -59.00 -18.05
CA ALA B 331 0.95 -59.70 -18.10
C ALA B 331 -0.20 -58.73 -18.28
N PHE B 332 -0.09 -57.53 -17.72
CA PHE B 332 -1.05 -56.49 -18.00
C PHE B 332 -0.74 -55.73 -19.29
N ALA B 333 0.43 -55.94 -19.89
CA ALA B 333 0.66 -55.48 -21.25
C ALA B 333 0.03 -56.39 -22.29
N LEU B 334 -0.41 -57.58 -21.89
CA LEU B 334 -1.32 -58.34 -22.75
C LEU B 334 -2.65 -57.62 -22.99
N CYS B 335 -3.07 -56.74 -22.08
CA CYS B 335 -4.35 -56.03 -22.20
C CYS B 335 -4.23 -54.98 -23.30
N THR B 336 -4.56 -55.41 -24.52
CA THR B 336 -4.45 -54.59 -25.73
C THR B 336 -5.30 -55.24 -26.82
N ASP B 337 -5.21 -54.71 -28.03
CA ASP B 337 -5.88 -55.30 -29.18
C ASP B 337 -5.23 -56.64 -29.54
N TYR B 338 -6.02 -57.48 -30.21
CA TYR B 338 -5.80 -58.92 -30.22
C TYR B 338 -4.49 -59.33 -30.90
N SER B 339 -4.07 -58.61 -31.94
CA SER B 339 -2.85 -59.01 -32.65
C SER B 339 -1.60 -58.68 -31.84
N LYS B 340 -1.55 -57.47 -31.28
CA LYS B 340 -0.46 -57.12 -30.37
C LYS B 340 -0.52 -57.97 -29.10
N ALA B 341 -1.71 -58.43 -28.71
CA ALA B 341 -1.81 -59.35 -27.58
C ALA B 341 -1.17 -60.69 -27.90
N LEU B 342 -1.35 -61.20 -29.12
CA LEU B 342 -0.69 -62.46 -29.51
C LEU B 342 0.82 -62.29 -29.57
N GLY B 343 1.28 -61.12 -30.02
CA GLY B 343 2.71 -60.84 -29.99
C GLY B 343 3.26 -60.75 -28.58
N ARG B 344 2.47 -60.18 -27.66
CA ARG B 344 2.87 -60.14 -26.26
C ARG B 344 2.90 -61.52 -25.63
N ILE B 345 2.00 -62.43 -26.02
CA ILE B 345 2.06 -63.80 -25.51
C ILE B 345 3.32 -64.49 -26.00
N LYS B 346 3.70 -64.26 -27.26
CA LYS B 346 4.93 -64.86 -27.73
C LYS B 346 6.18 -64.15 -27.20
N GLN B 347 6.05 -62.98 -26.59
CA GLN B 347 7.17 -62.31 -25.94
C GLN B 347 7.45 -62.80 -24.52
N LEU B 348 6.48 -63.43 -23.84
CA LEU B 348 6.46 -63.47 -22.37
C LEU B 348 7.60 -64.28 -21.75
N THR B 349 7.93 -63.91 -20.52
CA THR B 349 8.99 -64.53 -19.74
C THR B 349 8.35 -65.49 -18.73
N HIS B 350 8.73 -65.48 -17.44
CA HIS B 350 8.18 -66.39 -16.46
C HIS B 350 7.47 -65.70 -15.31
N GLU B 351 7.93 -64.52 -14.89
CA GLU B 351 7.23 -63.78 -13.85
C GLU B 351 5.84 -63.35 -14.30
N ASP B 352 5.69 -63.05 -15.59
CA ASP B 352 4.37 -62.78 -16.15
C ASP B 352 3.48 -64.01 -16.13
N MET B 353 4.06 -65.20 -16.34
CA MET B 353 3.27 -66.43 -16.19
C MET B 353 2.86 -66.66 -14.75
N GLU B 354 3.73 -66.31 -13.80
CA GLU B 354 3.36 -66.44 -12.40
C GLU B 354 2.27 -65.47 -12.02
N THR B 355 2.31 -64.24 -12.53
CA THR B 355 1.26 -63.31 -12.14
C THR B 355 -0.02 -63.45 -12.97
N ILE B 356 -0.01 -64.20 -14.07
CA ILE B 356 -1.31 -64.62 -14.62
C ILE B 356 -1.83 -65.88 -13.94
N ARG B 357 -0.97 -66.65 -13.25
CA ARG B 357 -1.50 -67.76 -12.46
C ARG B 357 -2.04 -67.30 -11.11
N ARG B 358 -1.41 -66.29 -10.48
CA ARG B 358 -1.78 -65.92 -9.11
C ARG B 358 -3.13 -65.24 -9.01
N LEU B 359 -3.63 -64.66 -10.10
CA LEU B 359 -4.82 -63.82 -10.02
C LEU B 359 -6.07 -64.66 -9.74
N PRO B 360 -7.02 -64.13 -8.93
CA PRO B 360 -8.05 -64.98 -8.30
C PRO B 360 -8.95 -65.78 -9.23
N SER B 361 -9.24 -65.28 -10.43
CA SER B 361 -10.18 -65.96 -11.31
C SER B 361 -9.61 -67.24 -11.92
N PHE B 362 -8.29 -67.41 -11.90
CA PHE B 362 -7.68 -68.63 -12.40
C PHE B 362 -8.02 -69.85 -11.55
N ARG B 363 -8.18 -69.66 -10.23
CA ARG B 363 -8.48 -70.78 -9.35
C ARG B 363 -9.82 -71.46 -9.65
N PRO B 364 -10.96 -70.75 -9.85
CA PRO B 364 -12.13 -71.44 -10.40
C PRO B 364 -11.91 -72.06 -11.76
N TYR B 365 -11.10 -71.44 -12.61
CA TYR B 365 -10.79 -72.01 -13.92
C TYR B 365 -10.04 -73.33 -13.81
N VAL B 366 -9.21 -73.47 -12.79
CA VAL B 366 -8.48 -74.72 -12.59
C VAL B 366 -9.39 -75.77 -11.95
N GLU B 367 -10.15 -75.40 -10.91
CA GLU B 367 -10.96 -76.42 -10.24
C GLU B 367 -12.18 -76.84 -11.05
N GLN B 368 -12.57 -76.06 -12.06
CA GLN B 368 -13.65 -76.45 -12.96
C GLN B 368 -13.14 -77.15 -14.22
N ILE B 369 -11.90 -77.64 -14.22
CA ILE B 369 -11.39 -78.42 -15.34
C ILE B 369 -12.08 -79.77 -15.39
N CYS B 372 -6.38 -84.28 -15.58
CA CYS B 372 -5.34 -84.11 -14.57
C CYS B 372 -4.03 -83.69 -15.22
N LYS B 373 -3.66 -84.39 -16.29
CA LYS B 373 -2.44 -84.06 -17.02
C LYS B 373 -2.51 -82.67 -17.64
N ARG B 374 -3.71 -82.24 -18.03
CA ARG B 374 -3.89 -80.87 -18.52
C ARG B 374 -3.60 -79.84 -17.44
N ILE B 375 -3.95 -80.13 -16.18
CA ILE B 375 -3.65 -79.12 -15.16
C ILE B 375 -2.23 -79.24 -14.65
N ILE B 376 -1.57 -80.39 -14.81
CA ILE B 376 -0.12 -80.43 -14.59
C ILE B 376 0.60 -79.62 -15.66
N ALA B 377 0.14 -79.72 -16.91
CA ALA B 377 0.76 -78.92 -17.98
C ALA B 377 0.42 -77.44 -17.85
N VAL B 378 -0.70 -77.10 -17.21
CA VAL B 378 -1.02 -75.69 -16.99
C VAL B 378 -0.24 -75.13 -15.81
N LEU B 379 -0.16 -75.88 -14.71
CA LEU B 379 0.48 -75.38 -13.50
C LEU B 379 2.00 -75.54 -13.48
N THR B 380 2.60 -76.16 -14.49
CA THR B 380 4.04 -76.37 -14.43
C THR B 380 4.73 -76.13 -15.77
N ASP B 381 4.16 -76.67 -16.86
CA ASP B 381 4.87 -76.77 -18.13
C ASP B 381 5.08 -75.43 -18.83
N ASP B 382 4.32 -74.39 -18.46
CA ASP B 382 4.45 -73.01 -18.93
C ASP B 382 4.18 -72.81 -20.42
N ASP B 383 4.84 -73.60 -21.28
CA ASP B 383 4.61 -73.48 -22.73
C ASP B 383 3.19 -73.85 -23.12
N TYR B 384 2.55 -74.78 -22.38
CA TYR B 384 1.15 -75.09 -22.64
C TYR B 384 0.25 -73.92 -22.29
N LEU B 385 0.57 -73.20 -21.21
CA LEU B 385 -0.18 -71.99 -20.89
C LEU B 385 0.06 -70.88 -21.91
N LYS B 386 1.27 -70.80 -22.46
CA LYS B 386 1.54 -69.87 -23.55
C LYS B 386 0.74 -70.21 -24.81
N LYS B 387 0.53 -71.51 -25.05
CA LYS B 387 -0.27 -71.89 -26.21
C LYS B 387 -1.76 -71.77 -25.96
N LYS B 388 -2.17 -71.72 -24.68
CA LYS B 388 -3.59 -71.67 -24.37
C LYS B 388 -4.09 -70.26 -24.03
N LEU B 389 -3.18 -69.31 -23.86
CA LEU B 389 -3.57 -67.92 -23.65
C LEU B 389 -4.44 -67.25 -24.72
N PRO B 390 -4.21 -67.41 -26.05
CA PRO B 390 -5.07 -66.70 -27.03
C PRO B 390 -6.55 -67.02 -26.96
N GLN B 391 -6.92 -68.25 -26.60
CA GLN B 391 -8.34 -68.58 -26.46
C GLN B 391 -8.97 -67.84 -25.29
N LEU B 392 -8.25 -67.73 -24.17
CA LEU B 392 -8.77 -66.99 -23.02
C LEU B 392 -8.84 -65.49 -23.29
N LEU B 393 -7.86 -64.95 -24.03
CA LEU B 393 -7.90 -63.52 -24.34
C LEU B 393 -9.04 -63.19 -25.31
N ARG B 394 -9.23 -64.03 -26.33
CA ARG B 394 -10.35 -63.84 -27.24
C ARG B 394 -11.69 -64.01 -26.54
N ASP B 395 -11.75 -64.93 -25.56
CA ASP B 395 -12.95 -65.13 -24.77
C ASP B 395 -13.28 -63.88 -23.95
N CYS B 396 -12.26 -63.27 -23.35
CA CYS B 396 -12.51 -62.09 -22.51
C CYS B 396 -12.89 -60.88 -23.35
N LEU B 397 -12.16 -60.62 -24.44
CA LEU B 397 -12.47 -59.48 -25.29
C LEU B 397 -13.84 -59.64 -25.96
N LEU B 398 -14.19 -60.87 -26.35
CA LEU B 398 -15.51 -61.11 -26.92
C LEU B 398 -16.61 -60.93 -25.88
N HIS B 399 -16.35 -61.31 -24.62
CA HIS B 399 -17.34 -61.11 -23.58
C HIS B 399 -17.57 -59.64 -23.29
N PHE B 400 -16.52 -58.82 -23.33
CA PHE B 400 -16.73 -57.40 -23.07
C PHE B 400 -17.38 -56.69 -24.27
N LEU B 401 -17.11 -57.14 -25.50
CA LEU B 401 -17.85 -56.62 -26.64
C LEU B 401 -19.32 -56.97 -26.58
N LEU B 402 -19.65 -58.22 -26.20
CA LEU B 402 -21.05 -58.59 -26.05
C LEU B 402 -21.71 -57.89 -24.86
N PHE B 403 -20.93 -57.54 -23.83
CA PHE B 403 -21.45 -56.75 -22.73
C PHE B 403 -21.86 -55.36 -23.20
N ARG B 404 -21.01 -54.71 -23.99
CA ARG B 404 -21.35 -53.37 -24.47
C ARG B 404 -22.53 -53.40 -25.43
N CYS B 405 -22.63 -54.43 -26.28
CA CYS B 405 -23.75 -54.50 -27.21
C CYS B 405 -25.07 -54.80 -26.50
N SER B 406 -25.06 -55.74 -25.55
CA SER B 406 -26.26 -56.03 -24.79
C SER B 406 -26.67 -54.87 -23.88
N LEU B 407 -25.70 -54.07 -23.44
CA LEU B 407 -26.04 -52.85 -22.69
C LEU B 407 -26.69 -51.81 -23.60
N GLU B 408 -26.17 -51.65 -24.82
CA GLU B 408 -26.77 -50.71 -25.78
C GLU B 408 -28.18 -51.14 -26.17
N PHE B 409 -28.45 -52.45 -26.14
CA PHE B 409 -29.82 -52.93 -26.20
C PHE B 409 -30.62 -52.48 -24.96
N LEU B 410 -30.20 -52.95 -23.79
CA LEU B 410 -31.06 -52.94 -22.60
C LEU B 410 -31.34 -51.54 -22.06
N THR B 411 -30.42 -50.59 -22.24
CA THR B 411 -30.57 -49.30 -21.55
C THR B 411 -31.74 -48.47 -22.07
N GLU B 412 -32.07 -48.55 -23.36
CA GLU B 412 -33.23 -47.83 -23.87
C GLU B 412 -34.52 -48.44 -23.33
N LEU B 413 -34.61 -49.77 -23.38
CA LEU B 413 -35.79 -50.51 -22.95
C LEU B 413 -36.03 -50.38 -21.45
N VAL B 414 -34.98 -50.15 -20.65
CA VAL B 414 -35.16 -49.97 -19.22
C VAL B 414 -35.35 -48.50 -18.85
N GLY B 415 -34.55 -47.59 -19.42
CA GLY B 415 -34.62 -46.21 -19.02
C GLY B 415 -35.74 -45.40 -19.64
N ASP B 416 -36.43 -45.94 -20.66
CA ASP B 416 -37.65 -45.27 -21.13
C ASP B 416 -38.78 -45.38 -20.11
N LEU B 417 -38.71 -46.34 -19.21
CA LEU B 417 -39.76 -46.63 -18.24
C LEU B 417 -39.89 -45.52 -17.19
N PRO B 418 -41.10 -45.26 -16.71
CA PRO B 418 -41.26 -44.41 -15.52
C PRO B 418 -40.64 -45.04 -14.28
N ARG B 419 -40.18 -44.16 -13.38
CA ARG B 419 -39.57 -44.42 -12.07
C ARG B 419 -38.15 -44.97 -12.13
N CYS B 420 -37.73 -45.53 -13.29
CA CYS B 420 -36.43 -46.07 -13.69
C CYS B 420 -35.73 -46.86 -12.58
N PRO B 421 -36.11 -48.12 -12.37
CA PRO B 421 -35.44 -48.94 -11.33
C PRO B 421 -33.95 -49.12 -11.53
N LEU B 422 -33.46 -49.17 -12.77
CA LEU B 422 -32.05 -49.35 -13.04
C LEU B 422 -31.37 -48.11 -13.60
N GLY B 423 -32.05 -46.97 -13.63
CA GLY B 423 -31.45 -45.74 -14.09
C GLY B 423 -31.63 -45.51 -15.57
N LYS B 424 -31.38 -44.26 -15.97
CA LYS B 424 -31.62 -43.83 -17.35
C LYS B 424 -30.46 -44.16 -18.28
N LEU B 425 -29.31 -43.52 -18.05
CA LEU B 425 -28.19 -43.60 -18.98
C LEU B 425 -27.49 -44.95 -18.90
N ARG B 426 -26.58 -45.18 -19.85
CA ARG B 426 -25.85 -46.44 -19.93
C ARG B 426 -24.89 -46.65 -18.76
N ARG B 427 -24.43 -45.58 -18.12
CA ARG B 427 -23.41 -45.72 -17.07
C ARG B 427 -23.98 -46.35 -15.80
N GLU B 428 -25.23 -46.02 -15.44
CA GLU B 428 -25.82 -46.58 -14.23
C GLU B 428 -26.12 -48.07 -14.41
N LEU B 429 -26.61 -48.46 -15.59
CA LEU B 429 -26.77 -49.88 -15.87
C LEU B 429 -25.45 -50.60 -16.01
N TYR B 430 -24.38 -49.89 -16.42
CA TYR B 430 -23.06 -50.50 -16.43
C TYR B 430 -22.58 -50.84 -15.03
N VAL B 431 -22.72 -49.88 -14.11
CA VAL B 431 -22.35 -50.09 -12.71
C VAL B 431 -23.23 -51.15 -12.06
N ASN B 432 -24.51 -51.20 -12.43
CA ASN B 432 -25.44 -52.14 -11.82
C ASN B 432 -25.19 -53.57 -12.30
N CYS B 433 -25.01 -53.76 -13.60
CA CYS B 433 -24.72 -55.10 -14.12
C CYS B 433 -23.32 -55.59 -13.77
N LEU B 434 -22.37 -54.69 -13.50
CA LEU B 434 -21.08 -55.19 -13.06
C LEU B 434 -21.00 -55.46 -11.56
N ASN B 435 -21.65 -54.63 -10.73
CA ASN B 435 -21.50 -54.74 -9.28
C ASN B 435 -22.11 -56.01 -8.71
N ARG B 436 -23.18 -56.50 -9.32
CA ARG B 436 -23.88 -57.69 -8.80
C ARG B 436 -24.70 -58.29 -9.93
N ALA B 437 -25.10 -59.55 -9.75
CA ALA B 437 -25.93 -60.23 -10.72
C ALA B 437 -27.28 -59.53 -10.86
N ILE B 438 -27.70 -59.31 -12.11
CA ILE B 438 -28.77 -58.37 -12.36
C ILE B 438 -30.15 -59.02 -12.15
N ILE B 439 -30.31 -60.29 -12.54
CA ILE B 439 -31.60 -60.97 -12.49
C ILE B 439 -32.06 -61.17 -11.05
N SER B 440 -31.13 -61.37 -10.12
CA SER B 440 -31.49 -61.58 -8.72
C SER B 440 -31.86 -60.29 -8.01
N THR B 441 -31.61 -59.13 -8.61
CA THR B 441 -31.95 -57.87 -7.98
C THR B 441 -33.47 -57.66 -7.97
N PRO B 442 -34.01 -57.05 -6.91
CA PRO B 442 -35.43 -56.64 -6.94
C PRO B 442 -35.77 -55.66 -8.06
N GLU B 443 -34.84 -54.78 -8.44
CA GLU B 443 -35.13 -53.78 -9.45
C GLU B 443 -35.36 -54.39 -10.82
N TYR B 444 -34.71 -55.51 -11.14
CA TYR B 444 -35.03 -56.22 -12.38
C TYR B 444 -36.43 -56.82 -12.33
N LYS B 445 -36.88 -57.26 -11.15
CA LYS B 445 -38.25 -57.73 -11.01
C LYS B 445 -39.24 -56.59 -11.20
N GLU B 446 -38.90 -55.40 -10.70
CA GLU B 446 -39.74 -54.23 -10.92
C GLU B 446 -39.78 -53.82 -12.38
N CYS B 447 -38.65 -53.95 -13.09
CA CYS B 447 -38.62 -53.65 -14.52
C CYS B 447 -39.45 -54.64 -15.31
N LEU B 448 -39.39 -55.93 -14.94
CA LEU B 448 -40.19 -56.94 -15.61
C LEU B 448 -41.69 -56.73 -15.35
N GLN B 449 -42.04 -56.29 -14.14
CA GLN B 449 -43.45 -56.04 -13.81
C GLN B 449 -43.99 -54.83 -14.56
N MET B 450 -43.25 -53.70 -14.50
CA MET B 450 -43.70 -52.49 -15.17
C MET B 450 -43.65 -52.58 -16.68
N LEU B 451 -42.81 -53.47 -17.23
CA LEU B 451 -42.87 -53.75 -18.66
C LEU B 451 -43.96 -54.75 -19.01
N SER B 452 -44.33 -55.64 -18.08
CA SER B 452 -45.47 -56.51 -18.29
C SER B 452 -46.79 -55.76 -18.27
N PHE B 453 -46.87 -54.64 -17.57
CA PHE B 453 -48.11 -53.89 -17.46
C PHE B 453 -48.40 -53.01 -18.67
N LEU B 454 -47.51 -52.96 -19.66
CA LEU B 454 -47.67 -52.11 -20.83
C LEU B 454 -48.77 -52.62 -21.76
N SER B 455 -49.35 -51.68 -22.51
CA SER B 455 -50.17 -52.02 -23.65
C SER B 455 -49.30 -52.53 -24.79
N LYS B 456 -49.94 -53.26 -25.71
CA LYS B 456 -49.22 -53.98 -26.76
C LYS B 456 -48.49 -53.03 -27.72
N ASP B 457 -49.09 -51.87 -28.01
CA ASP B 457 -48.52 -50.99 -29.04
C ASP B 457 -47.24 -50.33 -28.55
N GLU B 458 -47.27 -49.74 -27.35
CA GLU B 458 -46.05 -49.13 -26.80
C GLU B 458 -44.98 -50.18 -26.48
N PHE B 459 -45.39 -51.41 -26.15
CA PHE B 459 -44.42 -52.46 -25.87
C PHE B 459 -43.69 -52.89 -27.14
N VAL B 460 -44.45 -53.13 -28.21
CA VAL B 460 -43.85 -53.53 -29.48
C VAL B 460 -43.02 -52.40 -30.08
N ALA B 461 -43.47 -51.14 -29.91
CA ALA B 461 -42.69 -50.00 -30.36
C ALA B 461 -41.40 -49.85 -29.55
N LYS B 462 -41.44 -50.18 -28.26
CA LYS B 462 -40.25 -50.07 -27.42
C LYS B 462 -39.22 -51.13 -27.77
N VAL B 463 -39.67 -52.38 -27.94
CA VAL B 463 -38.73 -53.44 -28.28
C VAL B 463 -38.19 -53.26 -29.70
N ASN B 464 -39.02 -52.75 -30.62
CA ASN B 464 -38.52 -52.47 -31.97
C ASN B 464 -37.55 -51.29 -31.98
N ARG B 465 -37.73 -50.31 -31.09
CA ARG B 465 -36.75 -49.23 -30.97
C ARG B 465 -35.43 -49.76 -30.42
N ALA B 466 -35.50 -50.70 -29.46
CA ALA B 466 -34.29 -51.32 -28.94
C ALA B 466 -33.58 -52.15 -30.00
N LEU B 467 -34.35 -52.84 -30.85
CA LEU B 467 -33.76 -53.64 -31.94
C LEU B 467 -33.09 -52.77 -32.99
N GLU B 468 -33.75 -51.67 -33.38
CA GLU B 468 -33.17 -50.78 -34.39
C GLU B 468 -31.93 -50.07 -33.85
N ARG B 469 -31.96 -49.68 -32.56
CA ARG B 469 -30.80 -49.04 -31.95
C ARG B 469 -29.62 -49.99 -31.82
N THR B 470 -29.90 -51.25 -31.42
CA THR B 470 -28.83 -52.24 -31.29
C THR B 470 -28.25 -52.61 -32.66
N GLU B 471 -29.09 -52.69 -33.69
CA GLU B 471 -28.59 -53.00 -35.02
C GLU B 471 -27.76 -51.85 -35.59
N GLN B 472 -28.19 -50.61 -35.34
CA GLN B 472 -27.40 -49.45 -35.76
C GLN B 472 -26.07 -49.40 -35.04
N PHE B 473 -26.04 -49.80 -33.77
CA PHE B 473 -24.78 -49.84 -33.04
C PHE B 473 -23.86 -50.96 -33.53
N LEU B 474 -24.44 -52.12 -33.86
CA LEU B 474 -23.66 -53.23 -34.41
C LEU B 474 -23.09 -52.92 -35.78
N VAL B 475 -23.81 -52.12 -36.59
CA VAL B 475 -23.27 -51.75 -37.88
C VAL B 475 -22.22 -50.64 -37.75
N GLU B 476 -22.48 -49.66 -36.89
CA GLU B 476 -21.62 -48.48 -36.83
C GLU B 476 -20.31 -48.74 -36.08
N GLU B 477 -20.39 -49.39 -34.92
CA GLU B 477 -19.25 -49.36 -34.00
C GLU B 477 -18.54 -50.70 -33.82
N ILE B 478 -19.20 -51.81 -34.07
CA ILE B 478 -18.56 -53.12 -33.85
C ILE B 478 -17.93 -53.67 -35.14
N ALA B 479 -18.52 -53.37 -36.29
CA ALA B 479 -17.96 -53.84 -37.56
C ALA B 479 -16.55 -53.35 -37.89
N PRO B 480 -16.18 -52.05 -37.76
CA PRO B 480 -14.76 -51.69 -37.95
C PRO B 480 -13.79 -52.35 -36.98
N LEU B 481 -14.23 -52.63 -35.75
CA LEU B 481 -13.34 -53.11 -34.70
C LEU B 481 -12.86 -54.53 -34.98
N GLU B 482 -11.61 -54.80 -34.63
CA GLU B 482 -11.09 -56.17 -34.63
C GLU B 482 -11.82 -56.99 -33.58
N LEU B 483 -12.03 -58.27 -33.89
CA LEU B 483 -12.90 -59.20 -33.15
C LEU B 483 -14.33 -58.67 -33.04
N GLY B 484 -14.79 -57.93 -34.05
CA GLY B 484 -16.15 -57.46 -34.08
C GLY B 484 -17.02 -58.27 -35.03
N GLU B 485 -16.38 -58.95 -35.98
CA GLU B 485 -17.12 -59.84 -36.87
C GLU B 485 -17.67 -61.03 -36.11
N ALA B 486 -16.85 -61.63 -35.25
CA ALA B 486 -17.33 -62.74 -34.41
C ALA B 486 -18.37 -62.26 -33.40
N CYS B 487 -18.25 -61.03 -32.90
CA CYS B 487 -19.24 -60.51 -31.97
C CYS B 487 -20.58 -60.28 -32.64
N THR B 488 -20.56 -59.77 -33.87
CA THR B 488 -21.79 -59.62 -34.63
C THR B 488 -22.38 -60.97 -35.00
N ALA B 489 -21.53 -61.96 -35.28
CA ALA B 489 -22.00 -63.31 -35.57
C ALA B 489 -22.64 -63.98 -34.35
N VAL B 490 -22.17 -63.65 -33.15
CA VAL B 490 -22.82 -64.18 -31.95
C VAL B 490 -24.14 -63.45 -31.69
N LEU B 491 -24.15 -62.12 -31.83
CA LEU B 491 -25.31 -61.37 -31.35
C LEU B 491 -26.48 -61.37 -32.33
N ARG B 492 -26.21 -61.28 -33.64
CA ARG B 492 -27.26 -61.04 -34.63
C ARG B 492 -28.36 -62.10 -34.72
N PRO B 493 -28.10 -63.42 -34.72
CA PRO B 493 -29.24 -64.38 -34.66
C PRO B 493 -30.11 -64.24 -33.42
N LYS B 494 -29.55 -63.84 -32.27
CA LYS B 494 -30.39 -63.62 -31.08
C LYS B 494 -31.33 -62.45 -31.29
N LEU B 495 -30.87 -61.39 -31.95
CA LEU B 495 -31.74 -60.27 -32.27
C LEU B 495 -32.79 -60.66 -33.30
N GLU B 496 -32.44 -61.53 -34.24
CA GLU B 496 -33.44 -62.04 -35.17
C GLU B 496 -34.49 -62.89 -34.47
N ALA B 497 -34.09 -63.65 -33.44
CA ALA B 497 -35.06 -64.43 -32.69
C ALA B 497 -35.98 -63.54 -31.86
N ILE B 498 -35.45 -62.45 -31.28
CA ILE B 498 -36.30 -61.51 -30.57
C ILE B 498 -37.25 -60.79 -31.53
N ARG B 499 -36.79 -60.47 -32.74
CA ARG B 499 -37.68 -59.86 -33.73
C ARG B 499 -38.76 -60.83 -34.20
N LEU B 500 -38.44 -62.13 -34.30
CA LEU B 500 -39.48 -63.11 -34.61
C LEU B 500 -40.47 -63.26 -33.46
N ALA B 501 -40.02 -63.12 -32.21
CA ALA B 501 -40.98 -63.10 -31.11
C ALA B 501 -41.86 -61.85 -31.13
N VAL B 502 -41.30 -60.73 -31.60
CA VAL B 502 -42.10 -59.52 -31.76
C VAL B 502 -43.14 -59.70 -32.87
N ASP B 503 -42.77 -60.37 -33.96
CA ASP B 503 -43.75 -60.67 -35.02
C ASP B 503 -44.80 -61.65 -34.53
N GLU B 504 -44.42 -62.58 -33.65
CA GLU B 504 -45.38 -63.51 -33.07
C GLU B 504 -46.36 -62.79 -32.13
N VAL B 505 -45.90 -61.76 -31.41
CA VAL B 505 -46.84 -61.03 -30.58
C VAL B 505 -47.63 -59.99 -31.37
N VAL B 506 -47.16 -59.60 -32.56
CA VAL B 506 -47.94 -58.70 -33.40
C VAL B 506 -49.08 -59.44 -34.10
N LYS B 507 -48.76 -60.58 -34.72
CA LYS B 507 -49.79 -61.30 -35.48
C LYS B 507 -50.78 -62.04 -34.59
N ALA B 508 -50.49 -62.19 -33.31
CA ALA B 508 -51.41 -62.83 -32.37
C ALA B 508 -51.78 -61.87 -31.24
N GLY B 562 -51.52 -61.53 -25.52
CA GLY B 562 -51.58 -61.28 -24.09
C GLY B 562 -50.47 -61.97 -23.31
N ARG B 563 -50.49 -63.31 -23.34
CA ARG B 563 -49.46 -64.10 -22.68
C ARG B 563 -48.20 -64.27 -23.52
N ALA B 564 -48.22 -63.87 -24.78
CA ALA B 564 -47.01 -63.92 -25.60
C ALA B 564 -46.01 -62.83 -25.22
N LEU B 565 -46.47 -61.78 -24.55
CA LEU B 565 -45.57 -60.76 -24.05
C LEU B 565 -44.62 -61.31 -22.98
N GLN B 566 -45.10 -62.26 -22.18
CA GLN B 566 -44.23 -62.93 -21.21
C GLN B 566 -43.18 -63.79 -21.90
N LYS B 567 -43.54 -64.44 -23.02
CA LYS B 567 -42.55 -65.19 -23.78
C LYS B 567 -41.53 -64.28 -24.42
N THR B 568 -41.95 -63.09 -24.86
CA THR B 568 -41.01 -62.11 -25.42
C THR B 568 -40.06 -61.60 -24.35
N LEU B 569 -40.57 -61.36 -23.13
CA LEU B 569 -39.71 -60.99 -22.01
C LEU B 569 -38.76 -62.13 -21.64
N GLN B 570 -39.21 -63.37 -21.78
CA GLN B 570 -38.32 -64.50 -21.49
C GLN B 570 -37.21 -64.62 -22.54
N LEU B 571 -37.53 -64.36 -23.81
CA LEU B 571 -36.50 -64.38 -24.85
C LEU B 571 -35.49 -63.25 -24.66
N ILE B 572 -35.97 -62.05 -24.31
CA ILE B 572 -35.08 -60.92 -24.03
C ILE B 572 -34.22 -61.20 -22.80
N GLU B 573 -34.76 -61.92 -21.81
CA GLU B 573 -33.99 -62.21 -20.61
C GLU B 573 -32.91 -63.26 -20.88
N THR B 574 -33.26 -64.35 -21.56
CA THR B 574 -32.31 -65.45 -21.62
C THR B 574 -31.46 -65.48 -22.89
N GLN B 575 -31.65 -64.55 -23.83
CA GLN B 575 -30.64 -64.40 -24.87
C GLN B 575 -29.82 -63.12 -24.77
N ILE B 576 -30.13 -62.22 -23.84
CA ILE B 576 -29.39 -60.97 -23.76
C ILE B 576 -28.93 -60.69 -22.32
N VAL B 577 -29.88 -60.69 -21.37
CA VAL B 577 -29.52 -60.34 -20.00
C VAL B 577 -28.78 -61.48 -19.31
N GLN B 578 -29.19 -62.72 -19.56
CA GLN B 578 -28.59 -63.84 -18.84
C GLN B 578 -27.23 -64.22 -19.40
N ASP B 579 -27.08 -64.26 -20.72
CA ASP B 579 -25.87 -64.78 -21.33
C ASP B 579 -24.79 -63.73 -21.52
N HIS B 580 -25.16 -62.51 -21.91
CA HIS B 580 -24.20 -61.49 -22.32
C HIS B 580 -24.16 -60.30 -21.38
N LEU B 581 -24.51 -60.49 -20.12
CA LEU B 581 -24.54 -59.40 -19.16
C LEU B 581 -24.26 -59.96 -17.75
N ARG B 582 -23.21 -60.77 -17.63
CA ARG B 582 -22.87 -61.41 -16.39
C ARG B 582 -22.24 -60.43 -15.40
N ALA B 583 -22.36 -60.76 -14.12
CA ALA B 583 -21.67 -60.04 -13.06
C ALA B 583 -20.17 -60.26 -13.17
N LEU B 584 -19.40 -59.31 -12.64
CA LEU B 584 -17.95 -59.29 -12.83
C LEU B 584 -17.26 -60.47 -12.17
N GLN B 585 -17.84 -61.02 -11.10
CA GLN B 585 -17.29 -62.25 -10.53
C GLN B 585 -17.54 -63.45 -11.43
N ASP B 586 -18.59 -63.39 -12.27
CA ASP B 586 -18.93 -64.46 -13.19
C ASP B 586 -18.39 -64.21 -14.59
N ALA B 587 -17.44 -63.29 -14.73
CA ALA B 587 -16.79 -63.02 -15.99
C ALA B 587 -15.90 -64.20 -16.39
N PRO B 588 -15.60 -64.35 -17.68
CA PRO B 588 -14.72 -65.43 -18.11
C PRO B 588 -13.33 -65.27 -17.51
N PRO B 589 -12.63 -66.38 -17.27
CA PRO B 589 -11.37 -66.33 -16.50
C PRO B 589 -10.27 -65.56 -17.20
N ILE B 590 -9.32 -65.09 -16.37
CA ILE B 590 -8.30 -64.07 -16.59
C ILE B 590 -8.91 -62.81 -17.21
N HIS B 591 -10.07 -62.41 -16.69
CA HIS B 591 -10.60 -61.07 -16.92
C HIS B 591 -9.94 -60.02 -16.05
N GLU B 592 -9.12 -60.44 -15.07
CA GLU B 592 -8.39 -59.50 -14.23
C GLU B 592 -7.36 -58.70 -15.01
N LEU B 593 -6.89 -59.21 -16.15
CA LEU B 593 -6.01 -58.45 -17.02
C LEU B 593 -6.70 -57.24 -17.63
N PHE B 594 -8.03 -57.25 -17.74
CA PHE B 594 -8.75 -56.22 -18.48
C PHE B 594 -9.53 -55.27 -17.60
N VAL B 595 -10.09 -55.72 -16.50
CA VAL B 595 -10.78 -54.83 -15.57
C VAL B 595 -9.80 -54.32 -14.53
N PHE B 596 -10.18 -53.24 -13.87
CA PHE B 596 -9.42 -52.70 -12.75
C PHE B 596 -10.35 -52.59 -11.56
N SER B 597 -10.19 -53.49 -10.59
CA SER B 597 -11.10 -53.55 -9.44
C SER B 597 -10.45 -53.12 -8.13
N ASP B 598 -9.16 -52.76 -8.12
CA ASP B 598 -8.45 -52.43 -6.89
C ASP B 598 -8.78 -50.99 -6.52
N ILE B 599 -9.85 -50.81 -5.75
CA ILE B 599 -10.36 -49.49 -5.44
C ILE B 599 -9.73 -48.89 -4.17
N ALA B 600 -9.16 -49.71 -3.29
CA ALA B 600 -8.74 -49.22 -1.98
C ALA B 600 -7.50 -48.34 -2.09
N THR B 601 -6.45 -48.84 -2.75
CA THR B 601 -5.21 -48.08 -2.88
C THR B 601 -5.39 -46.83 -3.73
N VAL B 602 -6.26 -46.88 -4.73
CA VAL B 602 -6.48 -45.73 -5.59
C VAL B 602 -7.34 -44.69 -4.90
N ARG B 603 -8.31 -45.13 -4.09
CA ARG B 603 -9.07 -44.21 -3.27
C ARG B 603 -8.19 -43.54 -2.22
N ARG B 604 -7.20 -44.28 -1.70
CA ARG B 604 -6.22 -43.72 -0.78
C ARG B 604 -5.36 -42.66 -1.46
N ASN B 605 -4.85 -42.97 -2.66
CA ASN B 605 -3.92 -42.06 -3.32
C ASN B 605 -4.59 -40.94 -4.08
N ILE B 606 -5.91 -40.96 -4.25
CA ILE B 606 -6.58 -39.83 -4.88
C ILE B 606 -7.29 -38.99 -3.83
N ILE B 607 -8.17 -39.60 -3.05
CA ILE B 607 -8.84 -38.87 -1.98
C ILE B 607 -7.87 -38.71 -0.82
N GLY B 608 -7.58 -37.46 -0.46
CA GLY B 608 -6.65 -37.17 0.60
C GLY B 608 -7.37 -36.85 1.88
N ALA B 609 -7.06 -37.61 2.93
CA ALA B 609 -7.66 -37.42 4.25
C ALA B 609 -6.55 -37.40 5.28
N PRO B 610 -5.82 -36.27 5.38
CA PRO B 610 -4.80 -36.15 6.44
C PRO B 610 -5.34 -36.27 7.85
N ARG B 611 -6.55 -35.78 8.09
CA ARG B 611 -7.13 -35.79 9.43
C ARG B 611 -7.42 -37.20 9.91
N ALA B 612 -7.79 -38.11 9.01
CA ALA B 612 -8.03 -39.49 9.41
C ALA B 612 -6.73 -40.18 9.81
N ALA B 613 -5.64 -39.90 9.09
CA ALA B 613 -4.36 -40.49 9.43
C ALA B 613 -3.82 -39.93 10.74
N LEU B 614 -3.95 -38.61 10.95
CA LEU B 614 -3.56 -38.01 12.21
C LEU B 614 -4.42 -38.49 13.37
N HIS B 615 -5.70 -38.77 13.11
CA HIS B 615 -6.60 -39.23 14.17
C HIS B 615 -6.27 -40.66 14.59
N THR B 616 -6.15 -41.57 13.62
CA THR B 616 -5.81 -42.94 13.96
C THR B 616 -4.35 -43.13 14.36
N ALA B 617 -3.49 -42.14 14.10
CA ALA B 617 -2.13 -42.20 14.63
C ALA B 617 -2.04 -41.63 16.04
N LEU B 618 -2.83 -40.61 16.38
CA LEU B 618 -2.84 -40.07 17.73
C LEU B 618 -3.75 -40.82 18.68
N ASN B 619 -4.61 -41.71 18.17
CA ASN B 619 -5.46 -42.49 19.06
C ASN B 619 -4.86 -43.87 19.36
N ASN B 620 -4.64 -44.67 18.33
CA ASN B 620 -3.96 -45.96 18.49
C ASN B 620 -2.70 -45.99 17.64
N PRO B 621 -1.53 -45.74 18.24
CA PRO B 621 -0.27 -45.93 17.51
C PRO B 621 -0.02 -47.35 17.04
N HIS B 622 -0.61 -48.35 17.71
CA HIS B 622 -0.43 -49.76 17.36
C HIS B 622 -0.90 -50.08 15.94
N PHE B 623 -1.81 -49.29 15.37
CA PHE B 623 -2.20 -49.47 13.98
C PHE B 623 -1.04 -49.23 13.03
N TYR B 624 -0.13 -48.31 13.37
CA TYR B 624 1.00 -48.03 12.51
C TYR B 624 2.28 -48.70 12.99
N MET B 625 2.63 -48.52 14.26
CA MET B 625 3.87 -49.06 14.80
C MET B 625 3.88 -50.58 14.85
N GLN B 626 2.72 -51.19 15.08
CA GLN B 626 2.55 -52.65 15.26
C GLN B 626 3.44 -53.22 16.35
N CYS B 627 3.45 -52.54 17.50
CA CYS B 627 4.18 -53.03 18.66
C CYS B 627 3.48 -54.25 19.25
N LYS B 628 4.26 -55.07 19.95
CA LYS B 628 3.72 -56.22 20.67
C LYS B 628 3.12 -55.85 22.01
N CYS B 629 3.24 -54.59 22.44
CA CYS B 629 2.75 -54.16 23.74
C CYS B 629 1.78 -53.00 23.70
N CYS B 630 1.72 -52.23 22.63
CA CYS B 630 1.00 -50.97 22.59
C CYS B 630 -0.44 -51.08 22.11
N GLU B 631 -0.96 -52.29 21.91
CA GLU B 631 -2.34 -52.45 21.45
C GLU B 631 -3.32 -52.04 22.55
N LEU B 632 -4.39 -51.34 22.13
CA LEU B 632 -5.48 -50.97 23.03
C LEU B 632 -6.73 -51.76 22.65
N GLN B 633 -7.38 -52.35 23.66
CA GLN B 633 -8.64 -53.03 23.41
C GLN B 633 -9.77 -52.05 23.09
N ASP B 634 -9.65 -50.80 23.55
CA ASP B 634 -10.56 -49.73 23.16
C ASP B 634 -9.77 -48.42 23.12
N GLN B 635 -10.28 -47.48 22.33
CA GLN B 635 -9.48 -46.32 21.94
C GLN B 635 -9.34 -45.28 23.04
N SER B 636 -10.14 -45.38 24.11
CA SER B 636 -10.10 -44.41 25.19
C SER B 636 -9.40 -44.94 26.45
N LEU B 637 -8.63 -46.03 26.32
CA LEU B 637 -8.07 -46.70 27.49
C LEU B 637 -6.98 -45.86 28.15
N LEU B 638 -6.12 -45.23 27.35
CA LEU B 638 -4.86 -44.59 27.76
C LEU B 638 -4.00 -45.57 28.56
N VAL B 639 -3.23 -46.39 27.87
CA VAL B 639 -2.27 -47.28 28.52
C VAL B 639 -0.96 -46.53 28.70
N GLY B 640 -0.14 -46.95 29.66
CA GLY B 640 1.07 -46.23 30.00
C GLY B 640 2.27 -46.48 29.10
N THR B 641 2.20 -47.46 28.19
CA THR B 641 3.30 -47.75 27.28
C THR B 641 3.17 -47.02 25.96
N LEU B 642 2.24 -46.09 25.85
CA LEU B 642 1.99 -45.38 24.60
C LEU B 642 3.12 -44.42 24.26
N PRO B 643 3.28 -44.07 22.98
CA PRO B 643 4.16 -42.97 22.60
C PRO B 643 3.67 -41.66 23.18
N ASP B 644 4.64 -40.77 23.46
CA ASP B 644 4.44 -39.63 24.35
C ASP B 644 3.44 -38.61 23.80
N LEU B 645 3.32 -38.49 22.48
CA LEU B 645 2.32 -37.58 21.92
C LEU B 645 0.90 -38.07 22.17
N SER B 646 0.71 -39.39 22.24
CA SER B 646 -0.63 -39.94 22.38
C SER B 646 -1.19 -39.74 23.78
N VAL B 647 -0.34 -39.83 24.80
CA VAL B 647 -0.80 -39.66 26.18
C VAL B 647 -1.21 -38.21 26.42
N VAL B 648 -0.40 -37.27 25.95
CA VAL B 648 -0.72 -35.85 26.04
C VAL B 648 -1.95 -35.52 25.23
N TYR B 649 -2.10 -36.16 24.06
CA TYR B 649 -3.28 -35.94 23.23
C TYR B 649 -4.55 -36.48 23.88
N LYS B 650 -4.44 -37.58 24.63
CA LYS B 650 -5.65 -38.14 25.24
C LYS B 650 -6.05 -37.36 26.49
N LEU B 651 -5.07 -36.94 27.29
CA LEU B 651 -5.37 -36.08 28.45
C LEU B 651 -5.89 -34.71 28.01
N HIS B 652 -5.46 -34.26 26.83
CA HIS B 652 -6.07 -33.14 26.13
C HIS B 652 -7.50 -33.41 25.69
N LEU B 653 -7.75 -34.56 25.06
CA LEU B 653 -9.05 -34.85 24.47
C LEU B 653 -10.13 -35.05 25.52
N GLU B 654 -9.75 -35.51 26.71
CA GLU B 654 -10.78 -35.94 27.65
C GLU B 654 -11.31 -34.84 28.55
N CYS B 655 -11.05 -33.57 28.25
CA CYS B 655 -11.53 -32.49 29.09
C CYS B 655 -12.14 -31.37 28.26
N GLY B 656 -12.17 -30.16 28.84
CA GLY B 656 -12.85 -29.02 28.25
C GLY B 656 -11.95 -28.20 27.36
N ARG B 657 -12.43 -26.99 27.05
CA ARG B 657 -11.78 -26.13 26.06
C ARG B 657 -10.50 -25.51 26.60
N MET B 658 -10.62 -24.50 27.45
CA MET B 658 -9.45 -23.90 28.08
C MET B 658 -8.79 -24.92 29.01
N ILE B 659 -7.47 -25.02 28.91
CA ILE B 659 -6.70 -26.07 29.59
C ILE B 659 -5.54 -25.38 30.28
N ASN B 660 -5.49 -25.47 31.60
CA ASN B 660 -4.28 -25.07 32.31
C ASN B 660 -3.17 -26.08 32.05
N LEU B 661 -1.95 -25.59 31.86
CA LEU B 661 -0.83 -26.47 31.59
C LEU B 661 -0.42 -27.29 32.82
N PHE B 662 -0.67 -26.76 34.02
CA PHE B 662 -0.06 -27.34 35.21
C PHE B 662 -0.72 -28.66 35.63
N ASP B 663 -2.04 -28.69 35.72
CA ASP B 663 -2.72 -29.95 36.06
C ASP B 663 -2.61 -30.96 34.94
N TRP B 664 -2.46 -30.48 33.70
CA TRP B 664 -2.13 -31.34 32.57
C TRP B 664 -0.77 -32.01 32.79
N LEU B 665 0.21 -31.25 33.29
CA LEU B 665 1.52 -31.81 33.58
C LEU B 665 1.46 -32.78 34.75
N GLN B 666 0.63 -32.50 35.76
CA GLN B 666 0.49 -33.43 36.88
C GLN B 666 -0.19 -34.73 36.45
N ALA B 667 -1.16 -34.65 35.54
CA ALA B 667 -1.80 -35.87 35.05
C ALA B 667 -0.84 -36.70 34.20
N PHE B 668 -0.06 -36.04 33.34
CA PHE B 668 0.91 -36.76 32.54
C PHE B 668 2.05 -37.33 33.39
N ARG B 669 2.45 -36.62 34.44
CA ARG B 669 3.45 -37.17 35.37
C ARG B 669 2.88 -38.33 36.17
N SER B 670 1.57 -38.30 36.46
CA SER B 670 0.94 -39.45 37.10
C SER B 670 0.85 -40.64 36.16
N VAL B 671 0.77 -40.41 34.86
CA VAL B 671 0.71 -41.53 33.92
C VAL B 671 2.07 -42.22 33.83
N VAL B 672 3.13 -41.44 33.68
CA VAL B 672 4.47 -42.00 33.54
C VAL B 672 5.32 -41.70 34.78
N PRO B 687 13.20 -32.54 35.81
CA PRO B 687 13.61 -33.80 35.19
C PRO B 687 13.43 -33.79 33.67
N GLN B 688 13.70 -34.92 33.03
CA GLN B 688 13.47 -35.05 31.60
C GLN B 688 11.99 -35.21 31.26
N ILE B 689 11.15 -35.57 32.24
CA ILE B 689 9.73 -35.73 31.98
C ILE B 689 9.07 -34.38 31.66
N GLN B 690 9.55 -33.30 32.27
CA GLN B 690 9.02 -31.98 31.94
C GLN B 690 9.44 -31.55 30.54
N ALA B 691 10.68 -31.90 30.13
CA ALA B 691 11.10 -31.62 28.76
C ALA B 691 10.34 -32.46 27.74
N ARG B 692 9.98 -33.69 28.10
CA ARG B 692 9.17 -34.52 27.21
C ARG B 692 7.75 -33.97 27.09
N PHE B 693 7.20 -33.44 28.19
CA PHE B 693 5.90 -32.81 28.13
C PHE B 693 5.94 -31.52 27.31
N THR B 694 7.02 -30.75 27.42
CA THR B 694 7.15 -29.54 26.62
C THR B 694 7.31 -29.85 25.15
N ARG B 695 8.04 -30.93 24.84
CA ARG B 695 8.20 -31.37 23.45
C ARG B 695 6.88 -31.86 22.87
N ALA B 696 6.07 -32.55 23.68
CA ALA B 696 4.78 -33.03 23.19
C ALA B 696 3.79 -31.89 23.00
N VAL B 697 3.78 -30.92 23.92
CA VAL B 697 2.91 -29.75 23.76
C VAL B 697 3.35 -28.91 22.56
N ALA B 698 4.65 -28.84 22.29
CA ALA B 698 5.12 -28.09 21.13
C ALA B 698 4.78 -28.79 19.81
N GLU B 699 4.87 -30.13 19.78
CA GLU B 699 4.46 -30.85 18.57
C GLU B 699 2.95 -30.77 18.36
N LEU B 700 2.18 -30.85 19.45
CA LEU B 700 0.73 -30.78 19.35
C LEU B 700 0.26 -29.38 18.98
N GLN B 701 1.05 -28.34 19.31
CA GLN B 701 0.77 -27.01 18.80
C GLN B 701 1.16 -26.89 17.34
N PHE B 702 2.26 -27.55 16.95
CA PHE B 702 2.72 -27.53 15.57
C PHE B 702 1.73 -28.19 14.61
N LEU B 703 0.97 -29.18 15.10
CA LEU B 703 -0.09 -29.77 14.29
C LEU B 703 -1.36 -28.94 14.26
N GLY B 704 -1.44 -27.88 15.06
CA GLY B 704 -2.62 -27.05 15.10
C GLY B 704 -3.72 -27.52 16.02
N TYR B 705 -3.48 -28.54 16.84
CA TYR B 705 -4.52 -29.07 17.72
C TYR B 705 -4.80 -28.14 18.90
N ILE B 706 -3.77 -27.48 19.43
CA ILE B 706 -3.91 -26.50 20.50
C ILE B 706 -3.33 -25.18 20.02
N LYS B 707 -3.51 -24.14 20.83
CA LYS B 707 -2.73 -22.93 20.68
C LYS B 707 -2.56 -22.28 22.05
N MET B 708 -1.42 -21.62 22.23
CA MET B 708 -1.16 -20.90 23.46
C MET B 708 -2.07 -19.68 23.55
N SER B 709 -2.59 -19.43 24.75
CA SER B 709 -3.33 -18.21 24.99
C SER B 709 -2.38 -17.02 25.10
N LYS B 710 -2.85 -15.86 24.67
CA LYS B 710 -2.10 -14.62 24.79
C LYS B 710 -2.55 -13.77 25.97
N ARG B 711 -3.88 -13.63 26.16
CA ARG B 711 -4.41 -12.86 27.27
C ARG B 711 -4.18 -13.53 28.62
N LYS B 712 -4.03 -14.86 28.65
CA LYS B 712 -3.82 -15.59 29.89
C LYS B 712 -2.57 -16.45 29.75
N THR B 713 -1.59 -16.23 30.62
CA THR B 713 -0.36 -17.01 30.56
C THR B 713 -0.59 -18.41 31.11
N ASP B 714 0.26 -19.34 30.66
CA ASP B 714 0.29 -20.75 31.09
C ASP B 714 -1.04 -21.46 30.85
N HIS B 715 -1.66 -21.19 29.72
CA HIS B 715 -2.93 -21.80 29.35
C HIS B 715 -2.93 -22.10 27.86
N ALA B 716 -3.83 -22.99 27.45
CA ALA B 716 -3.93 -23.39 26.06
C ALA B 716 -5.38 -23.65 25.70
N THR B 717 -5.76 -23.25 24.48
CA THR B 717 -7.11 -23.49 23.97
C THR B 717 -7.04 -24.52 22.85
N ARG B 718 -7.99 -25.45 22.85
CA ARG B 718 -8.03 -26.44 21.80
C ARG B 718 -8.79 -25.92 20.58
N LEU B 719 -8.18 -26.07 19.42
CA LEU B 719 -8.79 -25.63 18.17
C LEU B 719 -9.73 -26.66 17.57
N THR B 720 -9.75 -27.89 18.09
CA THR B 720 -10.62 -28.94 17.58
C THR B 720 -11.86 -29.09 18.44
N TRP B 721 -12.85 -29.78 17.89
CA TRP B 721 -14.10 -30.02 18.58
C TRP B 721 -14.53 -31.47 18.44
N PRO C 5 -21.25 46.83 -41.59
CA PRO C 5 -21.75 47.57 -40.42
C PRO C 5 -20.62 48.01 -39.50
N GLU C 6 -20.56 49.30 -39.19
CA GLU C 6 -19.55 49.79 -38.26
C GLU C 6 -19.93 49.57 -36.81
N ALA C 7 -21.23 49.70 -36.49
CA ALA C 7 -21.69 49.53 -35.11
C ALA C 7 -21.56 48.09 -34.63
N ASP C 8 -21.60 47.13 -35.55
CA ASP C 8 -21.39 45.73 -35.17
C ASP C 8 -19.95 45.47 -34.75
N ARG C 9 -18.99 46.23 -35.27
CA ARG C 9 -17.58 45.97 -35.03
C ARG C 9 -17.01 46.76 -33.86
N GLU C 10 -17.56 47.94 -33.57
CA GLU C 10 -17.13 48.67 -32.38
C GLU C 10 -17.47 47.93 -31.11
N LEU C 11 -18.61 47.22 -31.09
CA LEU C 11 -18.95 46.41 -29.92
C LEU C 11 -18.01 45.22 -29.80
N VAL C 12 -17.58 44.63 -30.92
CA VAL C 12 -16.61 43.54 -30.85
C VAL C 12 -15.28 44.03 -30.33
N SER C 13 -14.88 45.25 -30.72
CA SER C 13 -13.65 45.82 -30.17
C SER C 13 -13.77 46.12 -28.69
N ILE C 14 -14.94 46.61 -28.25
CA ILE C 14 -15.18 46.89 -26.84
C ILE C 14 -15.19 45.60 -26.02
N ARG C 15 -15.77 44.53 -26.59
CA ARG C 15 -15.87 43.28 -25.86
C ARG C 15 -14.52 42.59 -25.75
N ARG C 16 -13.74 42.59 -26.83
CA ARG C 16 -12.39 42.03 -26.78
C ARG C 16 -11.48 42.85 -25.87
N PHE C 17 -11.69 44.17 -25.82
CA PHE C 17 -10.91 45.02 -24.92
C PHE C 17 -11.22 44.71 -23.46
N LEU C 18 -12.51 44.66 -23.12
CA LEU C 18 -12.90 44.42 -21.73
C LEU C 18 -12.53 43.02 -21.27
N LYS C 19 -12.62 42.02 -22.17
CA LYS C 19 -12.23 40.67 -21.79
C LYS C 19 -10.72 40.58 -21.61
N GLU C 20 -9.95 41.21 -22.50
CA GLU C 20 -8.50 41.20 -22.36
C GLU C 20 -8.03 41.97 -21.14
N ARG C 21 -8.78 43.00 -20.71
CA ARG C 21 -8.42 43.70 -19.49
C ARG C 21 -8.76 42.88 -18.25
N LEU C 22 -9.90 42.19 -18.26
CA LEU C 22 -10.26 41.37 -17.11
C LEU C 22 -9.37 40.13 -16.99
N GLN C 23 -8.79 39.66 -18.09
CA GLN C 23 -7.99 38.44 -18.00
C GLN C 23 -6.49 38.72 -17.98
N ARG C 24 -5.99 39.58 -18.86
CA ARG C 24 -4.56 39.80 -19.00
C ARG C 24 -4.12 41.22 -18.65
N ASP C 25 -4.23 41.63 -17.39
CA ASP C 25 -3.68 42.92 -16.96
C ASP C 25 -2.77 42.63 -15.76
N TYR C 26 -1.59 42.08 -16.08
CA TYR C 26 -0.78 41.46 -15.05
C TYR C 26 -0.02 42.46 -14.18
N THR C 27 0.11 43.71 -14.62
CA THR C 27 0.90 44.68 -13.88
C THR C 27 0.12 45.84 -13.29
N THR C 28 -1.09 46.12 -13.78
CA THR C 28 -1.88 47.21 -13.20
C THR C 28 -2.31 46.85 -11.78
N LEU C 29 -2.14 47.80 -10.87
CA LEU C 29 -2.39 47.57 -9.45
C LEU C 29 -3.19 48.74 -8.92
N ARG C 30 -4.43 48.47 -8.53
CA ARG C 30 -5.24 49.46 -7.84
C ARG C 30 -5.03 49.32 -6.34
N GLY C 31 -4.81 50.45 -5.66
CA GLY C 31 -4.61 50.42 -4.24
C GLY C 31 -3.21 50.00 -3.85
N TYR C 32 -3.04 49.81 -2.54
CA TYR C 32 -1.78 49.46 -1.88
C TYR C 32 -0.65 50.43 -2.26
N ALA C 33 -0.67 51.59 -1.61
CA ALA C 33 0.38 52.55 -1.87
C ALA C 33 1.60 52.28 -1.01
N LYS C 34 1.42 52.29 0.31
CA LYS C 34 2.54 52.10 1.24
C LYS C 34 3.13 50.69 1.16
N GLU C 35 2.32 49.67 0.87
CA GLU C 35 2.83 48.31 0.80
C GLU C 35 3.68 48.11 -0.45
N ARG C 36 3.20 48.61 -1.60
CA ARG C 36 3.98 48.59 -2.81
C ARG C 36 5.24 49.43 -2.69
N SER C 37 5.17 50.55 -1.95
CA SER C 37 6.36 51.36 -1.72
C SER C 37 7.37 50.62 -0.85
N ASN C 38 6.91 49.83 0.12
CA ASN C 38 7.83 49.03 0.93
C ASN C 38 8.54 47.97 0.09
N VAL C 39 7.77 47.24 -0.74
CA VAL C 39 8.36 46.20 -1.58
C VAL C 39 9.32 46.81 -2.60
N ARG C 40 8.97 47.98 -3.13
CA ARG C 40 9.79 48.61 -4.16
C ARG C 40 11.09 49.16 -3.60
N LEU C 41 11.03 49.86 -2.45
CA LEU C 41 12.25 50.34 -1.82
C LEU C 41 13.12 49.20 -1.31
N LEU C 42 12.53 48.08 -0.92
CA LEU C 42 13.33 46.95 -0.46
C LEU C 42 14.08 46.29 -1.62
N LEU C 43 13.41 46.04 -2.74
CA LEU C 43 14.11 45.51 -3.91
C LEU C 43 15.11 46.51 -4.48
N GLN C 44 14.81 47.81 -4.38
CA GLN C 44 15.73 48.82 -4.89
C GLN C 44 16.99 48.91 -4.04
N ARG C 45 16.86 48.81 -2.72
CA ARG C 45 18.03 48.76 -1.85
C ARG C 45 18.84 47.50 -2.05
N THR C 46 18.19 46.37 -2.33
CA THR C 46 18.93 45.14 -2.61
C THR C 46 19.71 45.25 -3.92
N ALA C 47 19.12 45.89 -4.93
CA ALA C 47 19.81 45.99 -6.21
C ALA C 47 20.93 47.02 -6.19
N GLU C 48 20.74 48.13 -5.48
CA GLU C 48 21.73 49.20 -5.49
C GLU C 48 22.75 49.04 -4.38
N MET C 49 22.30 49.06 -3.12
CA MET C 49 23.24 49.12 -2.01
C MET C 49 23.85 47.77 -1.66
N GLY C 50 23.36 46.69 -2.23
CA GLY C 50 23.90 45.39 -1.90
C GLY C 50 23.45 44.83 -0.58
N GLU C 51 22.38 45.38 0.00
CA GLU C 51 21.84 44.81 1.22
C GLU C 51 21.14 43.48 0.93
N SER C 52 21.28 42.55 1.87
CA SER C 52 20.63 41.24 1.77
C SER C 52 19.37 41.27 2.63
N ASN C 53 18.22 41.31 2.00
CA ASN C 53 16.94 41.46 2.68
C ASN C 53 16.13 40.18 2.56
N SER C 54 14.96 40.19 3.19
CA SER C 54 13.97 39.13 3.04
C SER C 54 12.61 39.73 3.35
N LEU C 55 11.57 39.18 2.74
CA LEU C 55 10.25 39.76 2.84
C LEU C 55 9.24 38.64 2.70
N LEU C 56 8.02 38.87 3.19
CA LEU C 56 6.99 37.84 3.20
C LEU C 56 5.64 38.49 2.96
N LEU C 57 5.19 38.49 1.69
CA LEU C 57 3.85 38.95 1.37
C LEU C 57 2.79 38.00 1.91
N LEU C 58 1.74 38.58 2.47
CA LEU C 58 0.71 37.83 3.18
C LEU C 58 -0.65 38.44 2.85
N GLY C 59 -1.69 37.64 2.95
CA GLY C 59 -3.02 38.12 2.70
C GLY C 59 -3.95 37.04 2.19
N PRO C 60 -5.24 37.35 2.11
CA PRO C 60 -6.20 36.38 1.56
C PRO C 60 -5.97 36.13 0.08
N ARG C 61 -6.34 34.93 -0.35
CA ARG C 61 -6.34 34.59 -1.76
C ARG C 61 -7.33 35.46 -2.52
N GLY C 62 -6.92 35.92 -3.70
CA GLY C 62 -7.70 36.84 -4.49
C GLY C 62 -7.30 38.29 -4.33
N SER C 63 -6.55 38.63 -3.29
CA SER C 63 -5.91 39.94 -3.20
C SER C 63 -4.68 39.97 -4.10
N GLY C 64 -4.35 41.16 -4.57
CA GLY C 64 -3.25 41.28 -5.50
C GLY C 64 -1.88 41.18 -4.87
N LYS C 65 -1.39 39.96 -4.67
CA LYS C 65 -0.01 39.76 -4.23
C LYS C 65 0.91 39.54 -5.42
N THR C 66 0.54 38.59 -6.29
CA THR C 66 1.27 38.37 -7.54
C THR C 66 1.22 39.59 -8.43
N THR C 67 0.09 40.29 -8.45
CA THR C 67 -0.02 41.51 -9.23
C THR C 67 0.83 42.63 -8.64
N LEU C 68 0.99 42.66 -7.32
CA LEU C 68 1.86 43.65 -6.70
C LEU C 68 3.32 43.38 -7.02
N ILE C 69 3.71 42.10 -7.01
CA ILE C 69 5.09 41.74 -7.34
C ILE C 69 5.38 42.01 -8.81
N ASN C 70 4.42 41.73 -9.69
CA ASN C 70 4.60 42.04 -11.10
C ASN C 70 4.64 43.53 -11.36
N SER C 71 3.90 44.32 -10.58
CA SER C 71 3.95 45.77 -10.73
C SER C 71 5.29 46.34 -10.30
N VAL C 72 5.83 45.84 -9.18
CA VAL C 72 7.12 46.31 -8.70
C VAL C 72 8.24 45.91 -9.65
N LEU C 73 8.20 44.67 -10.16
CA LEU C 73 9.21 44.25 -11.12
C LEU C 73 9.08 44.98 -12.45
N ALA C 74 7.86 45.24 -12.90
CA ALA C 74 7.66 45.97 -14.15
C ALA C 74 8.09 47.42 -14.06
N ASP C 75 8.00 48.04 -12.89
CA ASP C 75 8.52 49.39 -12.77
C ASP C 75 10.00 49.46 -12.40
N LEU C 76 10.60 48.35 -11.94
CA LEU C 76 12.02 48.40 -11.62
C LEU C 76 12.91 47.89 -12.77
N LEU C 77 12.45 46.91 -13.52
CA LEU C 77 13.28 46.26 -14.54
C LEU C 77 13.80 47.16 -15.66
N PRO C 78 12.99 48.07 -16.31
CA PRO C 78 13.59 48.88 -17.39
C PRO C 78 14.45 50.06 -16.94
N ASN C 79 14.97 50.05 -15.70
CA ASN C 79 15.80 51.15 -15.24
C ASN C 79 17.22 51.11 -15.76
N LYS C 80 17.64 49.99 -16.38
CA LYS C 80 19.00 49.75 -16.87
C LYS C 80 20.03 49.88 -15.74
N SER C 81 19.63 49.47 -14.54
CA SER C 81 20.52 49.36 -13.39
C SER C 81 20.06 48.17 -12.57
N PHE C 82 18.76 48.16 -12.25
CA PHE C 82 18.12 46.96 -11.71
C PHE C 82 18.13 45.83 -12.73
N GLY C 83 18.04 46.14 -14.02
CA GLY C 83 18.07 45.09 -15.01
C GLY C 83 19.43 44.53 -15.33
N GLU C 84 20.49 45.29 -15.05
CA GLU C 84 21.84 44.86 -15.32
C GLU C 84 22.60 44.37 -14.10
N ASN C 85 22.16 44.74 -12.89
CA ASN C 85 22.85 44.39 -11.67
C ASN C 85 22.09 43.39 -10.82
N THR C 86 21.05 42.76 -11.37
CA THR C 86 20.18 41.89 -10.59
C THR C 86 19.55 40.83 -11.48
N LEU C 87 19.75 39.57 -11.11
CA LEU C 87 19.08 38.44 -11.77
C LEU C 87 17.96 37.92 -10.87
N ILE C 88 16.84 37.54 -11.48
CA ILE C 88 15.61 37.23 -10.77
C ILE C 88 15.31 35.74 -10.92
N VAL C 89 15.05 35.08 -9.79
CA VAL C 89 14.79 33.65 -9.75
C VAL C 89 13.39 33.46 -9.18
N HIS C 90 12.41 33.23 -10.05
CA HIS C 90 11.09 32.80 -9.60
C HIS C 90 11.12 31.35 -9.17
N LEU C 91 10.33 31.04 -8.15
CA LEU C 91 10.08 29.68 -7.71
C LEU C 91 8.63 29.61 -7.25
N ASP C 92 8.01 28.45 -7.46
CA ASP C 92 6.60 28.27 -7.13
C ASP C 92 6.44 26.98 -6.35
N GLY C 93 5.61 27.01 -5.32
CA GLY C 93 5.46 25.86 -4.46
C GLY C 93 4.59 24.75 -5.01
N ASN C 94 3.81 25.03 -6.04
CA ASN C 94 3.00 23.99 -6.68
C ASN C 94 3.76 23.24 -7.74
N LEU C 95 4.70 23.89 -8.43
CA LEU C 95 5.49 23.24 -9.46
C LEU C 95 6.76 22.60 -8.90
N HIS C 96 7.41 23.25 -7.93
CA HIS C 96 8.64 22.75 -7.33
C HIS C 96 8.26 21.99 -6.07
N THR C 97 7.74 20.78 -6.25
CA THR C 97 7.21 19.99 -5.16
C THR C 97 8.28 19.34 -4.29
N ASP C 98 9.54 19.33 -4.73
CA ASP C 98 10.63 18.76 -3.96
C ASP C 98 11.79 19.75 -3.97
N ASP C 99 12.72 19.57 -3.04
CA ASP C 99 13.86 20.47 -2.95
C ASP C 99 14.79 20.35 -4.15
N ARG C 100 14.93 19.15 -4.73
CA ARG C 100 15.83 18.98 -5.86
C ARG C 100 15.29 19.59 -7.14
N VAL C 101 13.96 19.62 -7.31
CA VAL C 101 13.37 20.27 -8.47
C VAL C 101 13.56 21.77 -8.40
N ALA C 102 13.34 22.36 -7.21
CA ALA C 102 13.58 23.77 -6.99
C ALA C 102 15.06 24.11 -7.11
N LEU C 103 15.93 23.17 -6.75
CA LEU C 103 17.35 23.44 -6.82
C LEU C 103 17.88 23.39 -8.26
N LYS C 104 17.37 22.46 -9.06
CA LYS C 104 17.70 22.46 -10.48
C LYS C 104 17.14 23.69 -11.17
N SER C 105 15.95 24.16 -10.75
CA SER C 105 15.42 25.40 -11.31
C SER C 105 16.24 26.61 -10.91
N ILE C 106 16.79 26.62 -9.70
CA ILE C 106 17.67 27.70 -9.27
C ILE C 106 18.96 27.68 -10.09
N THR C 107 19.52 26.49 -10.31
CA THR C 107 20.75 26.35 -11.08
C THR C 107 20.56 26.75 -12.54
N VAL C 108 19.37 26.50 -13.11
CA VAL C 108 19.10 26.93 -14.47
C VAL C 108 18.91 28.44 -14.53
N GLN C 109 18.06 28.98 -13.64
CA GLN C 109 17.67 30.39 -13.73
C GLN C 109 18.81 31.34 -13.37
N MET C 110 19.78 30.89 -12.56
CA MET C 110 20.95 31.71 -12.28
C MET C 110 22.04 31.57 -13.34
N GLN C 111 21.86 30.65 -14.30
CA GLN C 111 22.81 30.38 -15.38
C GLN C 111 24.19 30.01 -14.85
N LEU C 112 24.20 29.08 -13.90
CA LEU C 112 25.45 28.58 -13.32
C LEU C 112 26.19 27.72 -14.34
N GLU C 113 27.49 27.53 -14.09
CA GLU C 113 28.37 26.86 -15.03
C GLU C 113 27.99 25.40 -15.27
N ASN C 114 27.40 24.75 -14.28
CA ASN C 114 26.99 23.35 -14.42
C ASN C 114 25.59 23.20 -15.01
N ALA C 115 24.92 24.28 -15.37
CA ALA C 115 23.59 24.18 -15.96
C ALA C 115 23.65 23.64 -17.37
N ALA C 116 24.23 24.42 -18.29
CA ALA C 116 24.42 24.09 -19.71
C ALA C 116 23.13 23.70 -20.43
N ASP C 117 22.40 24.72 -20.90
CA ASP C 117 21.22 24.57 -21.75
C ASP C 117 20.10 23.76 -21.09
N GLY C 118 19.85 24.04 -19.81
CA GLY C 118 18.64 23.61 -19.15
C GLY C 118 18.65 22.20 -18.60
N LYS C 119 19.75 21.48 -18.70
CA LYS C 119 19.85 20.10 -18.19
C LYS C 119 20.98 20.08 -17.16
N VAL C 120 20.64 20.30 -15.89
CA VAL C 120 21.64 20.33 -14.83
C VAL C 120 22.26 18.95 -14.64
N PHE C 121 23.57 18.92 -14.47
CA PHE C 121 24.32 17.70 -14.21
C PHE C 121 24.62 17.57 -12.72
N GLY C 122 24.86 16.34 -12.29
CA GLY C 122 25.21 16.07 -10.92
C GLY C 122 24.01 15.80 -10.04
N SER C 123 24.31 15.34 -8.83
CA SER C 123 23.31 14.94 -7.87
C SER C 123 22.71 16.15 -7.17
N PHE C 124 21.70 15.88 -6.34
CA PHE C 124 21.10 16.91 -5.49
C PHE C 124 22.13 17.47 -4.50
N ALA C 125 23.03 16.61 -4.01
CA ALA C 125 24.05 17.09 -3.10
C ALA C 125 25.11 17.91 -3.82
N GLU C 126 25.52 17.47 -5.02
CA GLU C 126 26.46 18.27 -5.80
C GLU C 126 25.85 19.58 -6.28
N ASN C 127 24.54 19.59 -6.56
CA ASN C 127 23.89 20.83 -6.95
C ASN C 127 23.82 21.81 -5.78
N LEU C 128 23.51 21.30 -4.58
CA LEU C 128 23.48 22.17 -3.41
C LEU C 128 24.87 22.68 -3.07
N ALA C 129 25.89 21.84 -3.21
CA ALA C 129 27.25 22.27 -2.90
C ALA C 129 27.75 23.30 -3.90
N PHE C 130 27.46 23.10 -5.19
CA PHE C 130 27.87 24.07 -6.20
C PHE C 130 27.11 25.39 -6.07
N LEU C 131 25.84 25.35 -5.69
CA LEU C 131 25.09 26.59 -5.51
C LEU C 131 25.59 27.37 -4.30
N LEU C 132 25.80 26.68 -3.17
CA LEU C 132 26.31 27.37 -1.98
C LEU C 132 27.73 27.85 -2.18
N GLN C 133 28.54 27.15 -3.00
CA GLN C 133 29.89 27.62 -3.25
C GLN C 133 29.91 28.81 -4.19
N CYS C 134 29.00 28.84 -5.18
CA CYS C 134 28.84 30.03 -6.01
C CYS C 134 28.34 31.23 -5.22
N LEU C 135 27.48 31.01 -4.23
CA LEU C 135 26.99 32.14 -3.45
C LEU C 135 28.03 32.63 -2.45
N LYS C 136 28.77 31.71 -1.83
CA LYS C 136 29.86 32.10 -0.94
C LYS C 136 31.01 32.76 -1.69
N ALA C 137 31.20 32.42 -2.96
CA ALA C 137 32.31 32.99 -3.73
C ALA C 137 32.06 34.44 -4.14
N GLY C 138 30.83 34.92 -4.02
CA GLY C 138 30.49 36.27 -4.44
C GLY C 138 30.70 37.28 -3.33
N GLY C 139 30.18 38.47 -3.57
CA GLY C 139 30.31 39.56 -2.63
C GLY C 139 29.50 40.75 -3.10
N LYS C 140 29.87 41.93 -2.60
CA LYS C 140 29.19 43.15 -3.04
C LYS C 140 29.46 43.47 -4.51
N HIS C 141 30.58 43.01 -5.07
CA HIS C 141 30.84 43.18 -6.48
C HIS C 141 29.98 42.28 -7.36
N SER C 142 29.41 41.21 -6.81
CA SER C 142 28.61 40.28 -7.58
C SER C 142 27.18 40.78 -7.77
N LYS C 143 26.51 40.23 -8.78
CA LYS C 143 25.12 40.59 -9.07
C LYS C 143 24.19 40.14 -7.95
N SER C 144 23.18 40.95 -7.67
CA SER C 144 22.17 40.61 -6.68
C SER C 144 21.17 39.62 -7.27
N VAL C 145 20.89 38.56 -6.53
CA VAL C 145 19.81 37.65 -6.89
C VAL C 145 18.56 38.12 -6.18
N ILE C 146 17.40 37.97 -6.80
CA ILE C 146 16.13 38.21 -6.13
C ILE C 146 15.32 36.94 -6.28
N PHE C 147 15.25 36.14 -5.22
CA PHE C 147 14.38 34.98 -5.19
C PHE C 147 12.96 35.43 -4.91
N ILE C 148 12.00 34.82 -5.59
CA ILE C 148 10.58 35.10 -5.39
C ILE C 148 9.87 33.78 -5.23
N LEU C 149 9.51 33.43 -3.99
CA LEU C 149 8.96 32.11 -3.67
C LEU C 149 7.46 32.23 -3.51
N GLU C 150 6.74 32.06 -4.62
CA GLU C 150 5.28 31.99 -4.53
C GLU C 150 4.86 30.64 -3.98
N GLU C 151 3.74 30.64 -3.26
CA GLU C 151 3.30 29.53 -2.40
C GLU C 151 4.40 29.09 -1.45
N PHE C 152 4.79 30.03 -0.59
CA PHE C 152 5.87 29.82 0.36
C PHE C 152 5.51 28.77 1.41
N ASP C 153 4.23 28.64 1.74
CA ASP C 153 3.79 27.68 2.75
C ASP C 153 4.00 26.23 2.30
N LEU C 154 4.00 25.98 0.99
CA LEU C 154 4.37 24.66 0.50
C LEU C 154 5.88 24.44 0.53
N PHE C 155 6.68 25.51 0.39
CA PHE C 155 8.12 25.42 0.58
C PHE C 155 8.48 25.14 2.03
N CYS C 156 7.62 25.54 2.97
CA CYS C 156 7.85 25.20 4.38
C CYS C 156 7.70 23.71 4.66
N ALA C 157 7.00 22.97 3.79
CA ALA C 157 6.70 21.56 4.01
C ALA C 157 7.81 20.62 3.56
N HIS C 158 8.87 21.13 2.94
CA HIS C 158 9.94 20.29 2.42
C HIS C 158 10.79 19.72 3.55
N HIS C 159 11.58 18.70 3.22
CA HIS C 159 12.39 18.01 4.21
C HIS C 159 13.42 18.94 4.84
N ASN C 160 13.50 18.90 6.18
CA ASN C 160 14.33 19.75 7.02
C ASN C 160 14.16 21.27 6.83
N GLN C 161 13.20 21.67 5.99
CA GLN C 161 13.11 23.00 5.39
C GLN C 161 14.44 23.46 4.79
N THR C 162 15.17 22.50 4.20
CA THR C 162 16.62 22.68 4.03
C THR C 162 16.96 23.79 3.03
N LEU C 163 16.21 23.88 1.93
CA LEU C 163 16.43 24.93 0.95
C LEU C 163 16.13 26.30 1.56
N LEU C 164 15.09 26.38 2.40
CA LEU C 164 14.77 27.62 3.07
C LEU C 164 15.90 28.04 4.01
N TYR C 165 16.51 27.05 4.70
CA TYR C 165 17.60 27.37 5.60
C TYR C 165 18.81 27.86 4.84
N ASN C 166 18.97 27.43 3.59
CA ASN C 166 20.07 28.00 2.84
C ASN C 166 19.73 29.39 2.37
N LEU C 167 18.49 29.58 1.87
CA LEU C 167 18.14 30.85 1.24
C LEU C 167 18.11 31.98 2.25
N PHE C 168 17.73 31.70 3.48
CA PHE C 168 17.80 32.73 4.50
C PHE C 168 19.23 32.97 4.95
N ASP C 169 20.07 31.92 5.02
CA ASP C 169 21.39 32.05 5.63
C ASP C 169 22.32 32.91 4.81
N VAL C 170 22.21 32.86 3.48
CA VAL C 170 22.99 33.75 2.63
C VAL C 170 22.58 35.20 2.87
N SER C 171 21.29 35.42 3.14
CA SER C 171 20.81 36.74 3.50
C SER C 171 21.32 37.17 4.87
N GLN C 172 21.73 36.23 5.71
CA GLN C 172 22.31 36.52 7.00
C GLN C 172 23.83 36.55 6.95
N SER C 173 24.42 36.39 5.77
CA SER C 173 25.86 36.23 5.67
C SER C 173 26.45 37.23 4.68
N ALA C 174 27.77 37.46 4.81
CA ALA C 174 28.49 38.38 3.95
C ALA C 174 28.90 37.66 2.67
N GLN C 175 27.89 37.35 1.85
CA GLN C 175 28.09 36.64 0.61
C GLN C 175 27.45 37.43 -0.53
N ALA C 176 26.80 36.74 -1.45
CA ALA C 176 26.08 37.43 -2.50
C ALA C 176 24.83 38.11 -1.93
N PRO C 177 24.55 39.34 -2.33
CA PRO C 177 23.37 40.03 -1.79
C PRO C 177 22.06 39.54 -2.40
N ILE C 178 21.48 38.49 -1.83
CA ILE C 178 20.23 37.95 -2.32
C ILE C 178 19.09 38.54 -1.51
N CYS C 179 17.86 38.40 -2.03
CA CYS C 179 16.66 38.92 -1.39
C CYS C 179 15.57 37.86 -1.52
N VAL C 180 15.43 37.04 -0.48
CA VAL C 180 14.33 36.09 -0.42
C VAL C 180 13.03 36.85 -0.24
N LEU C 181 12.00 36.45 -0.98
CA LEU C 181 10.71 37.13 -0.95
C LEU C 181 9.62 36.07 -1.06
N GLY C 182 9.15 35.58 0.08
CA GLY C 182 8.04 34.66 0.07
C GLY C 182 6.74 35.39 -0.22
N VAL C 183 5.80 34.67 -0.83
CA VAL C 183 4.45 35.16 -1.09
C VAL C 183 3.51 34.02 -0.74
N THR C 184 2.67 34.20 0.28
CA THR C 184 1.80 33.10 0.66
C THR C 184 0.50 33.62 1.28
N CYS C 185 -0.52 32.78 1.23
CA CYS C 185 -1.86 33.16 1.66
C CYS C 185 -2.13 32.90 3.14
N ARG C 186 -1.42 31.96 3.76
CA ARG C 186 -1.64 31.67 5.16
C ARG C 186 -1.16 32.82 6.03
N LEU C 187 -1.97 33.18 7.04
CA LEU C 187 -1.59 34.24 7.95
C LEU C 187 -0.65 33.77 9.05
N ASP C 188 -0.48 32.47 9.22
CA ASP C 188 0.42 31.92 10.22
C ASP C 188 1.46 31.03 9.57
N VAL C 189 2.06 31.50 8.49
CA VAL C 189 3.11 30.74 7.83
C VAL C 189 4.39 30.73 8.66
N ILE C 190 4.58 31.74 9.52
CA ILE C 190 5.87 31.88 10.21
C ILE C 190 6.02 30.88 11.35
N GLU C 191 4.93 30.30 11.86
CA GLU C 191 5.06 29.26 12.87
C GLU C 191 5.28 27.89 12.27
N LEU C 192 5.14 27.74 10.94
CA LEU C 192 5.55 26.52 10.27
C LEU C 192 7.07 26.38 10.23
N LEU C 193 7.80 27.49 10.31
CA LEU C 193 9.25 27.47 10.17
C LEU C 193 9.91 26.83 11.39
N GLU C 194 11.03 26.16 11.15
CA GLU C 194 11.89 25.69 12.22
C GLU C 194 12.54 26.89 12.89
N LYS C 195 12.91 26.73 14.17
CA LYS C 195 13.38 27.85 14.98
C LYS C 195 14.69 28.43 14.46
N ARG C 196 15.53 27.62 13.83
CA ARG C 196 16.72 28.15 13.17
C ARG C 196 16.33 28.95 11.93
N VAL C 197 15.43 28.39 11.12
CA VAL C 197 14.96 29.08 9.92
C VAL C 197 14.14 30.31 10.30
N LYS C 198 13.39 30.23 11.40
CA LYS C 198 12.65 31.39 11.88
C LYS C 198 13.58 32.47 12.43
N SER C 199 14.75 32.08 12.96
CA SER C 199 15.67 33.07 13.49
C SER C 199 16.33 33.86 12.36
N ARG C 200 16.72 33.17 11.28
CA ARG C 200 17.35 33.81 10.14
C ARG C 200 16.38 34.60 9.28
N PHE C 201 15.07 34.36 9.40
CA PHE C 201 14.10 35.21 8.75
C PHE C 201 14.11 36.59 9.39
N SER C 202 14.08 37.64 8.58
CA SER C 202 13.83 38.98 9.06
C SER C 202 12.32 39.17 9.11
N HIS C 203 11.80 39.51 10.29
CA HIS C 203 10.38 39.34 10.55
C HIS C 203 9.51 40.43 9.96
N ARG C 204 10.02 41.27 9.05
CA ARG C 204 9.14 42.19 8.35
C ARG C 204 8.16 41.44 7.47
N GLN C 205 6.90 41.86 7.52
CA GLN C 205 5.79 41.17 6.89
C GLN C 205 4.84 42.21 6.32
N VAL C 206 4.30 41.94 5.15
CA VAL C 206 3.45 42.88 4.45
C VAL C 206 2.11 42.19 4.23
N PHE C 207 1.08 42.65 4.94
CA PHE C 207 -0.26 42.11 4.81
C PHE C 207 -1.02 42.88 3.73
N LEU C 208 -1.65 42.15 2.81
CA LEU C 208 -2.40 42.76 1.71
C LEU C 208 -3.88 42.41 1.84
N PHE C 209 -4.50 42.98 2.83
CA PHE C 209 -5.95 42.91 2.90
C PHE C 209 -6.56 43.88 1.89
N PRO C 210 -7.58 43.46 1.14
CA PRO C 210 -8.21 44.35 0.15
C PRO C 210 -8.85 45.58 0.79
N SER C 211 -8.77 46.69 0.07
CA SER C 211 -9.15 48.01 0.57
C SER C 211 -10.59 48.38 0.25
N LEU C 212 -11.40 47.40 -0.14
CA LEU C 212 -12.76 47.61 -0.61
C LEU C 212 -13.76 46.82 0.22
N ARG C 213 -13.58 46.83 1.54
CA ARG C 213 -14.63 46.35 2.44
C ARG C 213 -15.85 47.27 2.42
N ARG C 214 -15.66 48.56 2.19
CA ARG C 214 -16.78 49.47 1.98
C ARG C 214 -17.45 49.15 0.65
N PHE C 215 -18.78 49.23 0.63
CA PHE C 215 -19.50 48.92 -0.60
C PHE C 215 -19.26 49.96 -1.69
N GLU C 216 -19.06 51.22 -1.32
CA GLU C 216 -18.85 52.25 -2.33
C GLU C 216 -17.53 52.06 -3.06
N ASP C 217 -16.51 51.54 -2.37
CA ASP C 217 -15.28 51.17 -3.07
C ASP C 217 -15.49 50.01 -4.03
N TYR C 218 -16.38 49.06 -3.68
CA TYR C 218 -16.71 47.96 -4.57
C TYR C 218 -17.45 48.45 -5.81
N VAL C 219 -18.34 49.43 -5.65
CA VAL C 219 -19.07 49.98 -6.79
C VAL C 219 -18.13 50.80 -7.67
N ASP C 220 -17.21 51.56 -7.06
CA ASP C 220 -16.21 52.28 -7.83
C ASP C 220 -15.27 51.35 -8.57
N LEU C 221 -14.95 50.19 -7.98
CA LEU C 221 -14.10 49.23 -8.66
C LEU C 221 -14.82 48.59 -9.84
N CYS C 222 -16.10 48.23 -9.66
CA CYS C 222 -16.88 47.67 -10.76
C CYS C 222 -17.12 48.69 -11.86
N ARG C 223 -17.15 49.98 -11.51
CA ARG C 223 -17.29 51.01 -12.53
C ARG C 223 -15.99 51.22 -13.29
N ASP C 224 -14.85 51.24 -12.58
CA ASP C 224 -13.57 51.41 -13.25
C ASP C 224 -13.18 50.20 -14.07
N LEU C 225 -13.68 49.01 -13.73
CA LEU C 225 -13.37 47.82 -14.50
C LEU C 225 -14.15 47.72 -15.80
N LEU C 226 -15.27 48.42 -15.93
CA LEU C 226 -16.07 48.36 -17.15
C LEU C 226 -15.93 49.58 -18.05
N SER C 227 -15.44 50.70 -17.53
CA SER C 227 -15.34 51.92 -18.31
C SER C 227 -14.18 51.85 -19.31
N LEU C 228 -14.37 52.51 -20.44
CA LEU C 228 -13.31 52.61 -21.43
C LEU C 228 -12.37 53.76 -21.08
N PRO C 229 -11.07 53.52 -20.94
CA PRO C 229 -10.14 54.58 -20.57
C PRO C 229 -9.95 55.59 -21.70
N THR C 230 -9.54 56.79 -21.29
CA THR C 230 -9.23 57.86 -22.23
C THR C 230 -8.01 57.46 -23.08
N GLY C 231 -7.97 57.92 -24.33
CA GLY C 231 -6.98 57.44 -25.28
C GLY C 231 -5.55 57.81 -24.95
N ASN C 232 -5.34 58.96 -24.28
CA ASN C 232 -3.99 59.30 -23.84
C ASN C 232 -3.51 58.35 -22.74
N SER C 233 -4.43 57.83 -21.91
CA SER C 233 -4.06 56.77 -20.99
C SER C 233 -3.71 55.49 -21.73
N LEU C 234 -4.35 55.22 -22.87
CA LEU C 234 -3.96 54.08 -23.69
C LEU C 234 -2.57 54.28 -24.27
N LEU C 235 -2.21 55.52 -24.62
CA LEU C 235 -0.86 55.79 -25.09
C LEU C 235 0.18 55.61 -23.99
N LEU C 236 -0.09 56.11 -22.78
CA LEU C 236 0.87 55.95 -21.70
C LEU C 236 0.97 54.49 -21.23
N ALA C 237 -0.14 53.75 -21.26
CA ALA C 237 -0.10 52.34 -20.88
C ALA C 237 0.63 51.51 -21.93
N ALA C 238 0.40 51.79 -23.21
CA ALA C 238 1.12 51.09 -24.26
C ALA C 238 2.61 51.46 -24.26
N GLU C 239 2.93 52.70 -23.84
CA GLU C 239 4.33 53.08 -23.70
C GLU C 239 5.02 52.30 -22.59
N LYS C 240 4.36 52.16 -21.43
CA LYS C 240 4.95 51.41 -20.33
C LYS C 240 5.07 49.93 -20.67
N ILE C 241 4.08 49.38 -21.40
CA ILE C 241 4.13 47.97 -21.76
C ILE C 241 5.20 47.71 -22.81
N TYR C 242 5.38 48.65 -23.75
CA TYR C 242 6.49 48.55 -24.70
C TYR C 242 7.84 48.66 -24.02
N ASN C 243 7.94 49.47 -22.96
CA ASN C 243 9.18 49.55 -22.19
C ASN C 243 9.46 48.24 -21.45
N LEU C 244 8.43 47.58 -20.95
CA LEU C 244 8.68 46.30 -20.27
C LEU C 244 8.79 45.14 -21.26
N GLN C 245 8.40 45.33 -22.52
CA GLN C 245 8.55 44.28 -23.52
C GLN C 245 9.84 44.38 -24.33
N ASN C 246 10.51 45.54 -24.34
CA ASN C 246 11.79 45.62 -25.02
C ASN C 246 12.87 44.78 -24.33
N ILE C 247 12.77 44.59 -23.03
CA ILE C 247 13.80 43.86 -22.30
C ILE C 247 13.64 42.35 -22.52
N TYR C 253 7.93 34.70 -18.23
CA TYR C 253 7.58 36.09 -17.97
C TYR C 253 6.38 36.49 -18.82
N PHE C 254 5.55 37.38 -18.29
CA PHE C 254 4.22 37.63 -18.83
C PHE C 254 4.20 38.53 -20.06
N SER C 255 5.31 39.19 -20.39
CA SER C 255 5.33 40.24 -21.41
C SER C 255 5.03 39.74 -22.82
N ARG C 256 5.22 38.45 -23.09
CA ARG C 256 4.87 37.91 -24.39
C ARG C 256 3.37 37.93 -24.64
N ASN C 257 2.55 37.88 -23.57
CA ASN C 257 1.09 37.84 -23.73
C ASN C 257 0.51 38.72 -22.62
N HIS C 258 0.61 40.03 -22.80
CA HIS C 258 0.10 40.98 -21.85
C HIS C 258 -1.13 41.65 -22.43
N PHE C 259 -1.52 42.79 -21.89
CA PHE C 259 -2.70 43.51 -22.36
C PHE C 259 -2.48 44.06 -23.76
N ASP C 260 -1.42 44.84 -23.94
CA ASP C 260 -1.11 45.63 -25.14
C ASP C 260 -2.33 46.46 -25.56
N PRO C 261 -2.62 47.56 -24.88
CA PRO C 261 -3.85 48.29 -25.13
C PRO C 261 -3.80 49.21 -26.34
N GLY C 262 -2.69 49.27 -27.06
CA GLY C 262 -2.63 50.08 -28.26
C GLY C 262 -3.27 49.47 -29.47
N GLU C 263 -3.67 48.19 -29.40
CA GLU C 263 -4.38 47.55 -30.50
C GLU C 263 -5.78 48.12 -30.68
N TYR C 264 -6.36 48.69 -29.63
CA TYR C 264 -7.74 49.14 -29.64
C TYR C 264 -7.79 50.64 -29.44
N GLY C 265 -8.46 51.34 -30.36
CA GLY C 265 -8.55 52.78 -30.28
C GLY C 265 -9.95 53.31 -30.55
N PHE C 266 -10.72 53.51 -29.49
CA PHE C 266 -12.11 53.91 -29.61
C PHE C 266 -12.26 55.38 -29.92
N SER C 267 -13.33 55.72 -30.65
CA SER C 267 -13.67 57.09 -30.93
C SER C 267 -14.21 57.76 -29.66
N PRO C 268 -14.04 59.08 -29.52
CA PRO C 268 -14.58 59.79 -28.33
C PRO C 268 -16.08 59.67 -28.14
N ARG C 269 -16.87 59.64 -29.21
CA ARG C 269 -18.31 59.47 -29.04
C ARG C 269 -18.66 58.09 -28.51
N LEU C 270 -17.90 57.07 -28.90
CA LEU C 270 -18.16 55.72 -28.44
C LEU C 270 -17.77 55.54 -26.99
N ARG C 271 -16.62 56.09 -26.60
CA ARG C 271 -16.21 56.05 -25.20
C ARG C 271 -17.15 56.87 -24.32
N ASP C 272 -17.66 57.99 -24.83
CA ASP C 272 -18.59 58.79 -24.05
C ASP C 272 -19.93 58.10 -23.86
N ALA C 273 -20.46 57.49 -24.93
CA ALA C 273 -21.72 56.76 -24.82
C ALA C 273 -21.59 55.52 -23.93
N TRP C 274 -20.43 54.87 -23.98
CA TRP C 274 -20.23 53.68 -23.14
C TRP C 274 -20.10 54.04 -21.67
N ASN C 275 -19.31 55.08 -21.35
CA ASN C 275 -19.20 55.47 -19.96
C ASN C 275 -20.49 56.07 -19.41
N LYS C 276 -21.29 56.72 -20.28
CA LYS C 276 -22.60 57.19 -19.85
C LYS C 276 -23.53 56.02 -19.52
N GLN C 277 -23.53 54.98 -20.37
CA GLN C 277 -24.37 53.83 -20.09
C GLN C 277 -23.90 53.06 -18.86
N ILE C 278 -22.60 53.00 -18.61
CA ILE C 278 -22.10 52.30 -17.43
C ILE C 278 -22.46 53.06 -16.16
N CYS C 279 -22.32 54.39 -16.16
CA CYS C 279 -22.73 55.15 -14.98
C CYS C 279 -24.24 55.12 -14.76
N LYS C 280 -25.04 55.09 -15.84
CA LYS C 280 -26.48 55.01 -15.70
C LYS C 280 -26.93 53.64 -15.19
N VAL C 281 -26.23 52.57 -15.59
CA VAL C 281 -26.56 51.23 -15.09
C VAL C 281 -26.15 51.08 -13.64
N LEU C 282 -24.98 51.57 -13.28
CA LEU C 282 -24.54 51.43 -11.90
C LEU C 282 -25.17 52.43 -10.94
N ALA C 283 -25.90 53.43 -11.45
CA ALA C 283 -26.73 54.24 -10.59
C ALA C 283 -28.06 53.59 -10.21
N THR C 284 -28.47 52.53 -10.91
CA THR C 284 -29.77 51.93 -10.66
C THR C 284 -29.76 51.13 -9.36
N GLN C 285 -30.94 51.01 -8.75
CA GLN C 285 -31.06 50.23 -7.52
C GLN C 285 -30.93 48.73 -7.77
N GLN C 286 -31.27 48.26 -8.97
CA GLN C 286 -31.22 46.82 -9.23
C GLN C 286 -29.79 46.32 -9.38
N ALA C 287 -28.97 47.05 -10.15
CA ALA C 287 -27.57 46.71 -10.27
C ALA C 287 -26.83 46.88 -8.95
N ARG C 288 -27.20 47.89 -8.17
CA ARG C 288 -26.61 48.05 -6.85
C ARG C 288 -27.04 46.94 -5.89
N SER C 289 -28.24 46.40 -6.05
CA SER C 289 -28.65 45.28 -5.19
C SER C 289 -27.92 44.00 -5.58
N THR C 290 -27.68 43.80 -6.88
CA THR C 290 -26.90 42.65 -7.32
C THR C 290 -25.45 42.75 -6.83
N LEU C 291 -24.84 43.93 -6.97
CA LEU C 291 -23.50 44.12 -6.43
C LEU C 291 -23.48 44.06 -4.91
N GLN C 292 -24.58 44.41 -4.25
CA GLN C 292 -24.65 44.31 -2.80
C GLN C 292 -24.65 42.86 -2.34
N ALA C 293 -25.42 42.00 -3.01
CA ALA C 293 -25.38 40.57 -2.68
C ALA C 293 -24.03 39.96 -3.01
N LEU C 294 -23.43 40.41 -4.12
CA LEU C 294 -22.13 39.89 -4.54
C LEU C 294 -21.03 40.31 -3.57
N HIS C 295 -21.08 41.56 -3.08
CA HIS C 295 -20.16 42.04 -2.08
C HIS C 295 -20.41 41.39 -0.72
N ASP C 296 -21.67 41.06 -0.42
CA ASP C 296 -21.98 40.38 0.83
C ASP C 296 -21.40 38.98 0.87
N PHE C 297 -21.33 38.30 -0.28
CA PHE C 297 -20.74 36.97 -0.26
C PHE C 297 -19.22 37.02 -0.15
N ASP C 298 -18.53 37.49 -1.19
CA ASP C 298 -17.09 37.54 -1.19
C ASP C 298 -16.62 38.85 -1.81
N ILE C 299 -15.79 39.59 -1.08
CA ILE C 299 -15.37 40.92 -1.54
C ILE C 299 -14.19 40.90 -2.49
N SER C 300 -13.51 39.76 -2.65
CA SER C 300 -12.26 39.70 -3.40
C SER C 300 -12.46 40.00 -4.88
N GLU C 301 -11.46 40.64 -5.48
CA GLU C 301 -11.55 41.14 -6.84
C GLU C 301 -11.63 40.05 -7.89
N ALA C 302 -11.13 38.85 -7.61
CA ALA C 302 -11.26 37.75 -8.55
C ALA C 302 -12.71 37.32 -8.74
N TYR C 303 -13.52 37.42 -7.67
CA TYR C 303 -14.93 37.11 -7.75
C TYR C 303 -15.67 38.13 -8.62
N LEU C 304 -15.36 39.41 -8.43
CA LEU C 304 -15.98 40.45 -9.25
C LEU C 304 -15.53 40.36 -10.70
N LYS C 305 -14.26 40.01 -10.94
CA LYS C 305 -13.80 39.85 -12.32
C LYS C 305 -14.43 38.62 -12.99
N ASN C 306 -14.73 37.57 -12.21
CA ASN C 306 -15.44 36.42 -12.78
C ASN C 306 -16.88 36.80 -13.15
N PHE C 307 -17.55 37.54 -12.27
CA PHE C 307 -18.91 38.01 -12.57
C PHE C 307 -18.92 38.95 -13.76
N LEU C 308 -17.93 39.85 -13.85
CA LEU C 308 -17.87 40.77 -14.97
C LEU C 308 -17.47 40.08 -16.26
N PHE C 309 -16.71 38.98 -16.19
CA PHE C 309 -16.42 38.25 -17.42
C PHE C 309 -17.65 37.53 -17.93
N ARG C 310 -18.45 36.95 -17.03
CA ARG C 310 -19.71 36.36 -17.44
C ARG C 310 -20.69 37.42 -17.95
N LEU C 311 -20.57 38.66 -17.47
CA LEU C 311 -21.43 39.75 -17.95
C LEU C 311 -21.00 40.26 -19.31
N VAL C 312 -19.70 40.52 -19.50
CA VAL C 312 -19.17 41.06 -20.75
C VAL C 312 -19.22 40.02 -21.87
N ALA C 313 -19.20 38.73 -21.53
CA ALA C 313 -19.26 37.69 -22.56
C ALA C 313 -20.61 37.64 -23.28
N HIS C 314 -21.66 38.22 -22.70
CA HIS C 314 -23.01 38.18 -23.26
C HIS C 314 -23.36 39.36 -24.16
N LEU C 315 -22.38 40.17 -24.57
CA LEU C 315 -22.66 41.33 -25.41
C LEU C 315 -22.71 40.89 -26.87
N ARG C 316 -23.88 40.42 -27.28
CA ARG C 316 -24.13 40.12 -28.68
C ARG C 316 -24.34 41.42 -29.47
N PRO C 317 -24.05 41.41 -30.78
CA PRO C 317 -24.29 42.61 -31.60
C PRO C 317 -25.72 43.11 -31.61
N GLN C 318 -26.70 42.22 -31.48
CA GLN C 318 -28.10 42.64 -31.40
C GLN C 318 -28.39 43.43 -30.12
N SER C 319 -27.63 43.21 -29.04
CA SER C 319 -27.85 43.88 -27.76
C SER C 319 -26.52 44.44 -27.25
N PRO C 320 -26.07 45.57 -27.82
CA PRO C 320 -24.77 46.14 -27.42
C PRO C 320 -24.63 46.54 -25.95
N HIS C 321 -25.71 46.98 -25.31
CA HIS C 321 -25.59 47.65 -24.02
C HIS C 321 -25.65 46.68 -22.85
N ILE C 322 -24.84 46.96 -21.83
CA ILE C 322 -25.08 46.39 -20.51
C ILE C 322 -26.32 47.04 -19.91
N THR C 323 -27.14 46.25 -19.24
CA THR C 323 -28.32 46.75 -18.56
C THR C 323 -28.41 46.09 -17.19
N ALA C 324 -29.24 46.67 -16.32
CA ALA C 324 -29.37 46.16 -14.96
C ALA C 324 -30.00 44.78 -14.91
N GLU C 325 -30.88 44.45 -15.88
CA GLU C 325 -31.45 43.12 -15.92
C GLU C 325 -30.42 42.06 -16.31
N LYS C 326 -29.40 42.43 -17.08
CA LYS C 326 -28.33 41.48 -17.40
C LYS C 326 -27.49 41.17 -16.17
N MET C 327 -27.15 42.19 -15.39
CA MET C 327 -26.42 41.97 -14.14
C MET C 327 -27.27 41.19 -13.15
N ALA C 328 -28.59 41.45 -13.13
CA ALA C 328 -29.47 40.66 -12.28
C ALA C 328 -29.56 39.21 -12.73
N ALA C 329 -29.46 38.96 -14.04
CA ALA C 329 -29.51 37.59 -14.53
C ALA C 329 -28.24 36.82 -14.19
N VAL C 330 -27.08 37.44 -14.37
CA VAL C 330 -25.83 36.78 -13.96
C VAL C 330 -25.75 36.62 -12.44
N GLY C 331 -26.32 37.56 -11.68
CA GLY C 331 -26.34 37.41 -10.24
C GLY C 331 -27.29 36.33 -9.76
N SER C 332 -28.42 36.16 -10.47
CA SER C 332 -29.28 35.02 -10.19
C SER C 332 -28.62 33.71 -10.57
N GLN C 333 -27.77 33.72 -11.60
CA GLN C 333 -26.96 32.55 -11.91
C GLN C 333 -25.95 32.24 -10.80
N PHE C 334 -25.41 33.27 -10.15
CA PHE C 334 -24.39 33.03 -9.13
C PHE C 334 -24.96 32.47 -7.83
N GLU C 335 -26.12 32.96 -7.41
CA GLU C 335 -26.62 32.68 -6.07
C GLU C 335 -27.38 31.38 -5.93
N GLY C 336 -27.71 30.70 -7.03
CA GLY C 336 -28.55 29.52 -6.95
C GLY C 336 -27.81 28.31 -6.41
N ASP C 337 -28.53 27.52 -5.59
CA ASP C 337 -27.98 26.26 -5.11
C ASP C 337 -27.88 25.26 -6.25
N ASP C 338 -26.76 24.55 -6.29
CA ASP C 338 -26.46 23.62 -7.37
C ASP C 338 -26.71 22.17 -7.00
N LYS C 339 -27.10 21.87 -5.77
CA LYS C 339 -27.57 20.54 -5.43
C LYS C 339 -29.06 20.38 -5.62
N ILE C 340 -29.83 21.45 -5.44
CA ILE C 340 -31.26 21.41 -5.76
C ILE C 340 -31.45 21.24 -7.27
N GLU C 341 -30.55 21.82 -8.06
CA GLU C 341 -30.62 21.67 -9.52
C GLU C 341 -30.24 20.25 -9.95
N LEU C 342 -29.48 19.53 -9.12
CA LEU C 342 -29.27 18.11 -9.39
C LEU C 342 -30.41 17.25 -8.89
N LEU C 343 -31.04 17.63 -7.77
CA LEU C 343 -32.17 16.87 -7.27
C LEU C 343 -33.37 16.97 -8.19
N CYS C 344 -33.55 18.11 -8.85
CA CYS C 344 -34.65 18.26 -9.80
C CYS C 344 -34.44 17.44 -11.06
N GLY C 345 -33.20 17.06 -11.38
CA GLY C 345 -32.96 16.24 -12.55
C GLY C 345 -33.16 14.76 -12.33
N LEU C 346 -33.37 14.32 -11.09
CA LEU C 346 -33.58 12.91 -10.82
C LEU C 346 -34.97 12.48 -11.28
N SER C 347 -35.08 11.22 -11.68
CA SER C 347 -36.37 10.64 -11.98
C SER C 347 -37.15 10.40 -10.69
N VAL C 348 -38.44 10.10 -10.84
CA VAL C 348 -39.37 10.03 -9.72
C VAL C 348 -39.03 8.88 -8.76
N LEU C 349 -38.39 7.82 -9.25
CA LEU C 349 -37.99 6.72 -8.38
C LEU C 349 -36.89 7.12 -7.42
N GLU C 350 -35.85 7.80 -7.92
CA GLU C 350 -34.80 8.29 -7.03
C GLU C 350 -35.31 9.39 -6.10
N LEU C 351 -36.29 10.18 -6.55
CA LEU C 351 -36.87 11.17 -5.66
C LEU C 351 -37.68 10.52 -4.54
N CYS C 352 -38.37 9.42 -4.85
CA CYS C 352 -39.05 8.64 -3.80
C CYS C 352 -38.06 7.99 -2.86
N LEU C 353 -36.90 7.58 -3.37
CA LEU C 353 -35.86 7.03 -2.49
C LEU C 353 -35.32 8.09 -1.55
N ILE C 354 -35.10 9.31 -2.06
CA ILE C 354 -34.63 10.41 -1.20
C ILE C 354 -35.71 10.83 -0.20
N ILE C 355 -36.98 10.73 -0.56
CA ILE C 355 -38.04 11.02 0.40
C ILE C 355 -38.10 9.96 1.49
N ALA C 356 -37.88 8.68 1.14
CA ALA C 356 -37.78 7.64 2.15
C ALA C 356 -36.56 7.82 3.05
N ILE C 357 -35.46 8.32 2.49
CA ILE C 357 -34.26 8.59 3.28
C ILE C 357 -34.50 9.76 4.24
N LYS C 358 -35.22 10.78 3.78
CA LYS C 358 -35.57 11.92 4.63
C LYS C 358 -36.52 11.51 5.74
N HIS C 359 -37.42 10.57 5.47
CA HIS C 359 -38.30 10.08 6.52
C HIS C 359 -37.53 9.25 7.56
N HIS C 360 -36.62 8.40 7.10
CA HIS C 360 -35.79 7.64 8.03
C HIS C 360 -34.85 8.53 8.84
N SER C 361 -34.41 9.65 8.27
CA SER C 361 -33.55 10.55 9.00
C SER C 361 -34.33 11.39 10.01
N GLN C 362 -35.52 11.85 9.63
CA GLN C 362 -36.36 12.62 10.54
C GLN C 362 -36.88 11.77 11.70
N ILE C 363 -37.11 10.47 11.47
CA ILE C 363 -37.65 9.64 12.54
C ILE C 363 -36.56 9.21 13.52
N TYR C 364 -35.43 8.75 13.00
CA TYR C 364 -34.37 8.17 13.82
C TYR C 364 -33.28 9.16 14.19
N ASP C 365 -33.48 10.45 13.90
CA ASP C 365 -32.60 11.57 14.27
C ASP C 365 -31.20 11.37 13.70
N ARG C 366 -31.16 11.39 12.36
CA ARG C 366 -29.93 11.34 11.55
C ARG C 366 -29.09 10.09 11.82
N ASP C 367 -29.72 8.97 12.12
CA ASP C 367 -28.99 7.72 12.17
C ASP C 367 -28.64 7.26 10.77
N SER C 368 -27.54 6.51 10.68
CA SER C 368 -27.09 5.96 9.41
C SER C 368 -28.09 4.92 8.90
N PHE C 369 -28.34 4.94 7.60
CA PHE C 369 -29.32 4.04 7.03
C PHE C 369 -28.62 2.95 6.22
N ASN C 370 -29.36 2.33 5.32
CA ASN C 370 -28.96 1.09 4.64
C ASN C 370 -29.86 0.98 3.43
N PHE C 371 -29.44 0.19 2.43
CA PHE C 371 -30.32 0.00 1.29
C PHE C 371 -31.57 -0.78 1.67
N GLU C 372 -31.45 -1.73 2.61
CA GLU C 372 -32.59 -2.58 2.95
C GLU C 372 -33.67 -1.80 3.68
N ILE C 373 -33.27 -0.91 4.60
CA ILE C 373 -34.22 -0.10 5.35
C ILE C 373 -34.94 0.87 4.44
N ILE C 374 -34.21 1.47 3.50
CA ILE C 374 -34.79 2.46 2.61
C ILE C 374 -35.68 1.79 1.58
N TYR C 375 -35.29 0.60 1.10
CA TYR C 375 -36.16 -0.15 0.20
C TYR C 375 -37.42 -0.64 0.89
N ALA C 376 -37.34 -0.97 2.18
CA ALA C 376 -38.55 -1.37 2.90
C ALA C 376 -39.48 -0.18 3.11
N ARG C 377 -38.93 0.97 3.49
CA ARG C 377 -39.73 2.18 3.66
C ARG C 377 -40.30 2.66 2.33
N PHE C 378 -39.61 2.40 1.22
CA PHE C 378 -40.16 2.74 -0.09
C PHE C 378 -41.25 1.78 -0.51
N SER C 379 -41.06 0.47 -0.26
CA SER C 379 -42.06 -0.52 -0.65
C SER C 379 -43.35 -0.40 0.14
N LYS C 380 -43.26 0.09 1.39
CA LYS C 380 -44.48 0.34 2.16
C LYS C 380 -45.33 1.44 1.54
N PHE C 381 -44.70 2.38 0.84
CA PHE C 381 -45.45 3.36 0.06
C PHE C 381 -45.85 2.80 -1.31
N ALA C 382 -44.96 2.02 -1.93
CA ALA C 382 -45.18 1.51 -3.28
C ALA C 382 -46.31 0.51 -3.35
N LYS C 383 -46.63 -0.18 -2.26
CA LYS C 383 -47.74 -1.12 -2.28
C LYS C 383 -49.09 -0.42 -2.41
N VAL C 384 -49.20 0.84 -2.00
CA VAL C 384 -50.43 1.60 -2.13
C VAL C 384 -50.27 2.84 -3.02
N SER C 385 -49.13 2.99 -3.69
CA SER C 385 -48.85 4.19 -4.47
C SER C 385 -49.73 4.29 -5.70
N THR C 386 -50.16 3.15 -6.24
CA THR C 386 -50.93 3.03 -7.49
C THR C 386 -50.23 3.69 -8.69
N THR C 387 -48.89 3.67 -8.70
CA THR C 387 -48.10 4.00 -9.88
C THR C 387 -46.70 3.39 -9.78
N MET C 388 -46.31 2.96 -8.59
CA MET C 388 -44.98 2.42 -8.33
C MET C 388 -45.01 0.94 -8.01
N GLN C 389 -46.12 0.28 -8.34
CA GLN C 389 -46.26 -1.14 -8.04
C GLN C 389 -45.34 -2.01 -8.90
N ALA C 390 -44.98 -1.54 -10.08
CA ALA C 390 -44.34 -2.37 -11.09
C ALA C 390 -42.82 -2.47 -10.96
N VAL C 391 -42.19 -1.68 -10.08
CA VAL C 391 -40.74 -1.64 -10.02
C VAL C 391 -40.18 -2.93 -9.42
N GLU C 392 -39.08 -3.40 -9.98
CA GLU C 392 -38.30 -4.50 -9.43
C GLU C 392 -37.40 -3.96 -8.32
N ARG C 393 -36.97 -4.87 -7.43
CA ARG C 393 -35.96 -4.52 -6.44
C ARG C 393 -34.64 -4.10 -7.09
N SER C 394 -34.30 -4.69 -8.25
CA SER C 394 -33.06 -4.34 -8.94
C SER C 394 -33.09 -2.91 -9.49
N ILE C 395 -34.26 -2.42 -9.90
CA ILE C 395 -34.34 -1.04 -10.38
C ILE C 395 -34.18 -0.06 -9.24
N VAL C 396 -34.74 -0.37 -8.07
CA VAL C 396 -34.54 0.45 -6.89
C VAL C 396 -33.09 0.40 -6.42
N LEU C 397 -32.43 -0.73 -6.61
CA LEU C 397 -31.03 -0.84 -6.24
C LEU C 397 -30.14 -0.01 -7.17
N LYS C 398 -30.41 -0.05 -8.47
CA LYS C 398 -29.67 0.80 -9.39
C LYS C 398 -29.97 2.27 -9.18
N ALA C 399 -31.19 2.62 -8.75
CA ALA C 399 -31.48 3.99 -8.36
C ALA C 399 -30.72 4.41 -7.11
N PHE C 400 -30.54 3.49 -6.16
CA PHE C 400 -29.75 3.79 -4.97
C PHE C 400 -28.27 4.00 -5.33
N GLU C 401 -27.75 3.21 -6.26
CA GLU C 401 -26.39 3.45 -6.74
C GLU C 401 -26.27 4.75 -7.51
N HIS C 402 -27.33 5.14 -8.24
CA HIS C 402 -27.33 6.43 -8.92
C HIS C 402 -27.35 7.58 -7.93
N LEU C 403 -28.01 7.40 -6.78
CA LEU C 403 -27.90 8.38 -5.71
C LEU C 403 -26.49 8.41 -5.13
N ARG C 404 -25.86 7.24 -5.04
CA ARG C 404 -24.54 7.17 -4.41
C ARG C 404 -23.45 7.79 -5.28
N ILE C 405 -23.54 7.69 -6.60
CA ILE C 405 -22.48 8.24 -7.45
C ILE C 405 -22.57 9.74 -7.63
N ALA C 406 -23.70 10.36 -7.28
CA ALA C 406 -23.83 11.81 -7.29
C ALA C 406 -23.35 12.44 -5.99
N GLU C 407 -22.94 11.61 -5.03
CA GLU C 407 -22.58 12.00 -3.67
C GLU C 407 -23.71 12.75 -2.96
N LEU C 408 -24.95 12.37 -3.24
CA LEU C 408 -26.08 12.68 -2.39
C LEU C 408 -26.18 11.74 -1.21
N ILE C 409 -25.41 10.65 -1.23
CA ILE C 409 -25.35 9.65 -0.18
C ILE C 409 -23.88 9.27 -0.02
N MET C 410 -23.37 9.34 1.21
CA MET C 410 -21.96 9.07 1.36
C MET C 410 -21.71 7.94 2.34
N PRO C 411 -20.78 7.03 2.04
CA PRO C 411 -20.48 5.94 2.97
C PRO C 411 -19.83 6.42 4.26
N LEU C 412 -20.04 5.64 5.32
CA LEU C 412 -19.41 5.89 6.62
C LEU C 412 -17.96 5.44 6.55
N THR C 413 -17.05 6.39 6.31
CA THR C 413 -15.63 6.10 6.32
C THR C 413 -14.89 7.16 7.14
N VAL C 423 -18.25 -5.70 3.69
CA VAL C 423 -19.69 -5.45 3.80
C VAL C 423 -20.28 -5.42 2.40
N GLN C 424 -21.44 -6.05 2.23
CA GLN C 424 -22.10 -6.12 0.94
C GLN C 424 -22.61 -4.76 0.51
N LYS C 425 -22.75 -4.58 -0.82
CA LYS C 425 -23.20 -3.30 -1.36
C LYS C 425 -24.65 -3.01 -0.99
N GLU C 426 -25.45 -4.05 -0.74
CA GLU C 426 -26.83 -3.86 -0.31
C GLU C 426 -26.96 -3.63 1.19
N PHE C 427 -25.90 -3.83 1.97
CA PHE C 427 -25.95 -3.67 3.41
C PHE C 427 -25.00 -2.62 3.96
N GLU C 428 -24.28 -1.89 3.11
CA GLU C 428 -23.37 -0.87 3.59
C GLU C 428 -24.13 0.31 4.18
N MET C 429 -23.64 0.80 5.33
CA MET C 429 -24.25 1.95 5.97
C MET C 429 -23.86 3.24 5.27
N HIS C 430 -24.71 4.25 5.41
CA HIS C 430 -24.65 5.44 4.58
C HIS C 430 -25.11 6.65 5.38
N LYS C 431 -24.87 7.84 4.81
CA LYS C 431 -25.34 9.09 5.39
C LYS C 431 -25.94 9.95 4.29
N LEU C 432 -27.06 10.60 4.60
CA LEU C 432 -27.60 11.62 3.71
C LEU C 432 -26.69 12.83 3.70
N ALA C 433 -26.44 13.38 2.51
CA ALA C 433 -25.57 14.53 2.33
C ALA C 433 -26.34 15.83 2.15
N LEU C 434 -27.62 15.86 2.53
CA LEU C 434 -28.50 16.98 2.27
C LEU C 434 -29.12 17.48 3.56
N THR C 435 -29.33 18.78 3.64
CA THR C 435 -30.24 19.33 4.62
C THR C 435 -31.67 19.05 4.19
N TYR C 436 -32.58 19.00 5.17
CA TYR C 436 -33.99 18.75 4.86
C TYR C 436 -34.61 19.90 4.06
N SER C 437 -34.11 21.12 4.24
CA SER C 437 -34.63 22.25 3.49
C SER C 437 -34.32 22.16 2.01
N GLN C 438 -33.19 21.53 1.64
CA GLN C 438 -32.89 21.34 0.22
C GLN C 438 -33.86 20.36 -0.43
N ILE C 439 -34.22 19.29 0.27
CA ILE C 439 -35.21 18.36 -0.25
C ILE C 439 -36.59 19.01 -0.29
N HIS C 440 -36.89 19.86 0.69
CA HIS C 440 -38.17 20.56 0.70
C HIS C 440 -38.27 21.57 -0.44
N HIS C 441 -37.16 22.19 -0.84
CA HIS C 441 -37.21 23.10 -1.99
C HIS C 441 -37.19 22.34 -3.30
N CYS C 442 -36.59 21.14 -3.32
CA CYS C 442 -36.74 20.25 -4.46
C CYS C 442 -38.18 19.82 -4.67
N MET C 443 -38.93 19.64 -3.57
CA MET C 443 -40.33 19.25 -3.68
C MET C 443 -41.17 20.31 -4.36
N GLN C 444 -40.79 21.59 -4.24
CA GLN C 444 -41.51 22.66 -4.92
C GLN C 444 -40.96 22.97 -6.30
N ARG C 445 -39.66 22.78 -6.53
CA ARG C 445 -39.07 23.07 -7.82
C ARG C 445 -39.21 21.94 -8.83
N TYR C 446 -39.67 20.77 -8.40
CA TYR C 446 -39.74 19.60 -9.30
C TYR C 446 -40.84 19.77 -10.34
N GLN C 447 -40.56 19.31 -11.56
CA GLN C 447 -41.49 19.40 -12.67
C GLN C 447 -42.27 18.10 -12.81
N ALA C 448 -43.59 18.22 -12.96
CA ALA C 448 -44.53 17.11 -13.19
C ALA C 448 -44.45 16.06 -12.08
N LEU C 449 -44.39 16.52 -10.84
CA LEU C 449 -44.39 15.61 -9.71
C LEU C 449 -45.78 14.99 -9.55
N PRO C 450 -45.89 13.66 -9.50
CA PRO C 450 -47.17 13.03 -9.20
C PRO C 450 -47.67 13.40 -7.81
N THR C 451 -48.98 13.54 -7.68
CA THR C 451 -49.59 14.02 -6.45
C THR C 451 -49.45 13.02 -5.30
N GLU C 452 -49.33 11.74 -5.61
CA GLU C 452 -49.16 10.73 -4.57
C GLU C 452 -47.82 10.88 -3.86
N VAL C 453 -46.77 11.18 -4.61
CA VAL C 453 -45.46 11.43 -4.01
C VAL C 453 -45.45 12.74 -3.23
N ALA C 454 -46.17 13.75 -3.74
CA ALA C 454 -46.27 15.03 -3.04
C ALA C 454 -47.06 14.92 -1.75
N GLN C 455 -48.01 13.98 -1.68
CA GLN C 455 -48.72 13.74 -0.43
C GLN C 455 -47.90 12.88 0.53
N TRP C 456 -47.16 11.89 0.00
CA TRP C 456 -46.32 11.05 0.84
C TRP C 456 -45.15 11.82 1.44
N ALA C 457 -44.66 12.85 0.74
CA ALA C 457 -43.56 13.67 1.27
C ALA C 457 -43.97 14.46 2.50
N GLN C 458 -45.22 14.90 2.58
CA GLN C 458 -45.68 15.66 3.73
C GLN C 458 -45.81 14.81 4.99
N SER C 459 -45.99 13.50 4.85
CA SER C 459 -46.17 12.63 6.00
C SER C 459 -45.51 11.27 5.77
N MET D 1 -17.58 32.37 -33.60
CA MET D 1 -18.35 31.77 -32.53
C MET D 1 -19.77 31.46 -32.97
N GLU D 2 -20.20 32.10 -34.06
CA GLU D 2 -21.53 31.82 -34.60
C GLU D 2 -21.55 30.53 -35.40
N ALA D 3 -20.49 30.27 -36.17
CA ALA D 3 -20.44 29.07 -37.01
C ALA D 3 -20.37 27.79 -36.18
N ILE D 4 -19.74 27.85 -35.00
CA ILE D 4 -19.61 26.65 -34.18
C ILE D 4 -20.96 26.28 -33.56
N CYS D 5 -21.67 27.27 -33.02
CA CYS D 5 -23.01 27.01 -32.49
C CYS D 5 -24.00 26.65 -33.59
N SER D 6 -23.83 27.22 -34.79
CA SER D 6 -24.67 26.82 -35.91
C SER D 6 -24.38 25.40 -36.37
N SER D 7 -23.13 24.94 -36.22
CA SER D 7 -22.77 23.59 -36.61
C SER D 7 -23.05 22.54 -35.54
N LEU D 8 -23.23 22.94 -34.29
CA LEU D 8 -23.49 21.98 -33.23
C LEU D 8 -24.96 21.80 -32.90
N GLU D 9 -25.78 22.83 -33.15
CA GLU D 9 -27.20 22.76 -32.84
C GLU D 9 -27.99 21.64 -33.55
N PRO D 10 -27.82 21.37 -34.86
CA PRO D 10 -28.49 20.16 -35.42
C PRO D 10 -28.09 18.85 -34.77
N LEU D 11 -26.83 18.71 -34.32
CA LEU D 11 -26.43 17.48 -33.67
C LEU D 11 -27.01 17.36 -32.26
N PHE D 12 -27.35 18.48 -31.63
CA PHE D 12 -27.74 18.52 -30.22
C PHE D 12 -29.03 19.30 -30.04
N PRO D 13 -30.18 18.67 -30.27
CA PRO D 13 -31.45 19.33 -29.93
C PRO D 13 -31.60 19.54 -28.43
N CYS D 14 -32.31 20.62 -28.07
CA CYS D 14 -32.56 21.07 -26.70
C CYS D 14 -31.29 21.35 -25.93
N ARG D 15 -30.24 21.83 -26.59
CA ARG D 15 -29.03 22.30 -25.93
C ARG D 15 -28.59 23.66 -26.48
N GLU D 16 -29.54 24.46 -26.95
CA GLU D 16 -29.19 25.76 -27.52
C GLU D 16 -28.64 26.72 -26.47
N ALA D 17 -29.07 26.61 -25.22
CA ALA D 17 -28.58 27.49 -24.17
C ALA D 17 -27.16 27.12 -23.76
N ALA D 18 -26.88 25.82 -23.59
CA ALA D 18 -25.54 25.39 -23.21
C ALA D 18 -24.54 25.62 -24.33
N ILE D 19 -24.95 25.35 -25.57
CA ILE D 19 -24.08 25.62 -26.72
C ILE D 19 -23.86 27.12 -26.88
N GLU D 20 -24.89 27.93 -26.57
CA GLU D 20 -24.72 29.38 -26.63
C GLU D 20 -23.75 29.88 -25.57
N THR D 21 -23.81 29.32 -24.36
CA THR D 21 -22.90 29.74 -23.31
C THR D 21 -21.47 29.28 -23.59
N LEU D 22 -21.30 28.06 -24.11
CA LEU D 22 -19.96 27.59 -24.48
C LEU D 22 -19.40 28.39 -25.65
N GLY D 23 -20.24 28.79 -26.60
CA GLY D 23 -19.76 29.58 -27.71
C GLY D 23 -19.55 31.04 -27.38
N GLU D 24 -20.12 31.50 -26.27
CA GLU D 24 -19.78 32.83 -25.79
C GLU D 24 -18.50 32.83 -24.98
N LEU D 25 -18.28 31.80 -24.16
CA LEU D 25 -17.08 31.78 -23.32
C LEU D 25 -15.83 31.39 -24.12
N ILE D 26 -15.90 30.32 -24.90
CA ILE D 26 -14.70 29.81 -25.57
C ILE D 26 -14.99 29.54 -27.04
N GLY D 27 -15.81 30.39 -27.66
CA GLY D 27 -16.10 30.23 -29.06
C GLY D 27 -14.99 30.76 -29.95
N ASP D 28 -14.90 32.08 -30.06
CA ASP D 28 -13.84 32.70 -30.85
C ASP D 28 -12.49 32.53 -30.17
N SER D 29 -11.47 32.22 -30.98
CA SER D 29 -10.12 32.06 -30.46
C SER D 29 -9.37 33.38 -30.33
N SER D 30 -9.75 34.40 -31.10
CA SER D 30 -9.12 35.71 -30.96
C SER D 30 -9.46 36.37 -29.62
N GLU D 31 -10.66 36.12 -29.10
CA GLU D 31 -11.03 36.62 -27.79
C GLU D 31 -10.36 35.78 -26.71
N THR D 32 -10.01 36.42 -25.60
CA THR D 32 -9.38 35.68 -24.52
C THR D 32 -10.37 34.78 -23.79
N TYR D 33 -9.90 33.67 -23.38
CA TYR D 33 -10.63 32.58 -22.74
C TYR D 33 -10.72 32.80 -21.23
N PRO D 34 -11.80 32.35 -20.60
CA PRO D 34 -11.80 32.22 -19.15
C PRO D 34 -10.80 31.17 -18.70
N SER D 35 -10.24 31.38 -17.50
CA SER D 35 -9.14 30.54 -17.04
C SER D 35 -9.55 29.08 -16.81
N ALA D 36 -10.82 28.83 -16.46
CA ALA D 36 -11.33 27.48 -16.30
C ALA D 36 -12.85 27.49 -16.38
N ILE D 37 -13.41 26.44 -16.97
CA ILE D 37 -14.85 26.22 -17.08
C ILE D 37 -15.16 24.84 -16.51
N TYR D 38 -16.24 24.74 -15.74
CA TYR D 38 -16.65 23.48 -15.13
C TYR D 38 -18.13 23.27 -15.43
N LEU D 39 -18.46 22.52 -16.47
CA LEU D 39 -19.85 22.15 -16.70
C LEU D 39 -20.12 20.77 -16.15
N PHE D 40 -21.32 20.58 -15.61
CA PHE D 40 -21.64 19.37 -14.88
C PHE D 40 -23.12 19.04 -15.04
N GLY D 41 -23.42 17.76 -14.80
CA GLY D 41 -24.77 17.26 -14.96
C GLY D 41 -24.79 15.78 -14.66
N HIS D 42 -25.95 15.17 -14.85
CA HIS D 42 -26.14 13.76 -14.51
C HIS D 42 -25.53 12.87 -15.58
N SER D 43 -25.67 11.56 -15.40
CA SER D 43 -25.36 10.63 -16.47
C SER D 43 -26.34 10.83 -17.62
N GLY D 44 -25.85 10.69 -18.85
CA GLY D 44 -26.71 10.79 -20.00
C GLY D 44 -27.05 12.20 -20.45
N THR D 45 -26.50 13.21 -19.79
CA THR D 45 -26.82 14.59 -20.09
C THR D 45 -26.14 15.08 -21.36
N GLY D 46 -25.14 14.36 -21.85
CA GLY D 46 -24.47 14.74 -23.07
C GLY D 46 -23.45 15.84 -22.87
N LYS D 47 -22.46 15.59 -22.01
CA LYS D 47 -21.36 16.52 -21.82
C LYS D 47 -20.06 16.05 -22.46
N THR D 48 -19.79 14.74 -22.48
CA THR D 48 -18.60 14.24 -23.16
C THR D 48 -18.74 14.41 -24.67
N ALA D 49 -19.90 14.04 -25.21
CA ALA D 49 -20.15 14.21 -26.64
C ALA D 49 -20.21 15.68 -27.02
N LEU D 50 -20.70 16.54 -26.13
CA LEU D 50 -20.78 17.96 -26.44
C LEU D 50 -19.40 18.61 -26.45
N THR D 51 -18.57 18.32 -25.45
CA THR D 51 -17.21 18.85 -25.48
C THR D 51 -16.36 18.23 -26.58
N ARG D 52 -16.61 16.98 -26.97
CA ARG D 52 -15.87 16.41 -28.08
C ARG D 52 -16.24 17.07 -29.40
N ALA D 53 -17.54 17.24 -29.65
CA ALA D 53 -17.97 17.90 -30.89
C ALA D 53 -17.58 19.37 -30.90
N PHE D 54 -17.56 20.02 -29.74
CA PHE D 54 -17.17 21.42 -29.67
C PHE D 54 -15.67 21.59 -29.90
N LEU D 55 -14.85 20.74 -29.27
CA LEU D 55 -13.41 20.80 -29.48
C LEU D 55 -13.03 20.42 -30.90
N LYS D 56 -13.76 19.47 -31.51
CA LYS D 56 -13.47 19.12 -32.89
C LYS D 56 -13.85 20.24 -33.85
N GLU D 57 -15.00 20.88 -33.64
CA GLU D 57 -15.39 21.98 -34.52
C GLU D 57 -14.50 23.20 -34.34
N CYS D 58 -14.07 23.49 -33.10
CA CYS D 58 -13.14 24.59 -32.88
C CYS D 58 -11.75 24.30 -33.46
N GLY D 59 -11.30 23.04 -33.41
CA GLY D 59 -10.01 22.72 -33.97
C GLY D 59 -9.99 22.65 -35.47
N LYS D 60 -11.11 22.29 -36.09
CA LYS D 60 -11.20 22.29 -37.54
C LYS D 60 -11.41 23.70 -38.08
N ARG D 61 -12.29 24.47 -37.44
CA ARG D 61 -12.62 25.79 -37.97
C ARG D 61 -11.56 26.84 -37.67
N GLN D 62 -10.83 26.69 -36.56
CA GLN D 62 -9.98 27.77 -36.06
C GLN D 62 -8.57 27.26 -35.78
N ASN D 63 -7.80 28.05 -35.05
CA ASN D 63 -6.40 27.82 -34.78
C ASN D 63 -6.14 27.05 -33.49
N VAL D 64 -7.18 26.61 -32.78
CA VAL D 64 -6.98 26.10 -31.44
C VAL D 64 -6.35 24.72 -31.47
N ARG D 65 -5.63 24.39 -30.40
CA ARG D 65 -5.10 23.06 -30.16
C ARG D 65 -5.89 22.43 -29.03
N THR D 66 -6.58 21.34 -29.32
CA THR D 66 -7.47 20.71 -28.35
C THR D 66 -6.82 19.49 -27.72
N ALA D 67 -7.24 19.19 -26.49
CA ALA D 67 -6.73 18.01 -25.79
C ALA D 67 -7.84 17.46 -24.90
N HIS D 68 -8.38 16.30 -25.26
CA HIS D 68 -9.39 15.65 -24.45
C HIS D 68 -8.74 14.57 -23.58
N LEU D 69 -9.22 14.44 -22.36
CA LEU D 69 -8.67 13.50 -21.40
C LEU D 69 -9.78 12.78 -20.66
N ASN D 70 -9.42 11.62 -20.12
CA ASN D 70 -10.23 10.93 -19.12
C ASN D 70 -9.35 10.77 -17.89
N ALA D 71 -9.76 11.35 -16.77
CA ALA D 71 -8.89 11.40 -15.61
C ALA D 71 -8.79 10.08 -14.86
N ILE D 72 -9.64 9.10 -15.17
CA ILE D 72 -9.46 7.75 -14.65
C ILE D 72 -8.20 7.12 -15.20
N GLU D 73 -7.82 7.49 -16.44
CA GLU D 73 -6.63 6.95 -17.08
C GLU D 73 -5.34 7.40 -16.40
N CYS D 74 -5.38 8.56 -15.74
CA CYS D 74 -4.18 9.18 -15.19
C CYS D 74 -4.02 8.73 -13.73
N TYR D 75 -3.55 7.50 -13.56
CA TYR D 75 -3.25 7.01 -12.21
C TYR D 75 -2.04 7.72 -11.62
N THR D 76 -1.09 8.15 -12.45
CA THR D 76 -0.03 9.06 -12.05
C THR D 76 -0.14 10.32 -12.89
N THR D 77 0.40 11.42 -12.35
CA THR D 77 0.31 12.70 -13.05
C THR D 77 1.13 12.73 -14.33
N LYS D 78 2.18 11.91 -14.42
CA LYS D 78 3.05 11.90 -15.60
C LYS D 78 2.31 11.41 -16.84
N ILE D 79 1.34 10.51 -16.68
CA ILE D 79 0.50 10.07 -17.79
C ILE D 79 -0.33 11.22 -18.32
N MET D 80 -0.90 12.02 -17.41
CA MET D 80 -1.74 13.15 -17.83
C MET D 80 -0.91 14.21 -18.53
N LEU D 81 0.28 14.51 -18.00
CA LEU D 81 1.12 15.52 -18.63
C LEU D 81 1.65 15.06 -19.99
N GLU D 82 1.95 13.76 -20.13
CA GLU D 82 2.43 13.27 -21.42
C GLU D 82 1.32 13.26 -22.47
N ILE D 83 0.09 12.89 -22.10
CA ILE D 83 -0.99 12.95 -23.09
C ILE D 83 -1.35 14.39 -23.43
N LEU D 84 -1.37 15.27 -22.42
CA LEU D 84 -1.71 16.68 -22.62
C LEU D 84 -0.69 17.37 -23.50
N LEU D 85 0.58 17.02 -23.38
CA LEU D 85 1.56 17.66 -24.23
C LEU D 85 1.74 16.93 -25.55
N ASP D 86 1.31 15.66 -25.65
CA ASP D 86 1.21 15.02 -26.96
C ASP D 86 0.13 15.67 -27.81
N SER D 87 -0.93 16.17 -27.19
CA SER D 87 -1.96 16.81 -27.99
C SER D 87 -1.72 18.30 -28.21
N LEU D 88 -1.21 19.01 -27.20
CA LEU D 88 -0.99 20.45 -27.32
C LEU D 88 0.33 20.83 -27.97
N ALA D 89 1.22 19.87 -28.20
CA ALA D 89 2.48 20.11 -28.91
C ALA D 89 2.59 19.03 -29.98
N PRO D 90 1.86 19.20 -31.10
CA PRO D 90 1.74 18.11 -32.08
C PRO D 90 3.04 17.78 -32.80
N ASP D 91 3.13 16.51 -33.21
CA ASP D 91 4.21 15.95 -34.03
C ASP D 91 5.57 16.08 -33.33
N GLN D 92 5.56 15.89 -32.01
CA GLN D 92 6.82 15.78 -31.29
C GLN D 92 7.38 14.37 -31.33
N GLY D 93 6.60 13.39 -31.79
CA GLY D 93 7.11 12.04 -31.93
C GLY D 93 7.33 11.34 -30.59
N ASP D 94 8.24 10.35 -30.62
CA ASP D 94 8.66 9.65 -29.43
C ASP D 94 9.72 10.42 -28.65
N ALA D 95 10.21 11.54 -29.19
CA ALA D 95 11.18 12.38 -28.50
C ALA D 95 10.56 13.18 -27.36
N LEU D 96 9.22 13.24 -27.27
CA LEU D 96 8.55 13.92 -26.18
C LEU D 96 8.84 13.25 -24.84
N LYS D 97 9.06 14.08 -23.81
CA LYS D 97 9.36 13.59 -22.47
C LYS D 97 8.99 14.66 -21.47
N VAL D 98 8.18 14.31 -20.49
CA VAL D 98 7.77 15.22 -19.41
C VAL D 98 8.07 14.57 -18.08
N ASP D 99 8.88 15.24 -17.26
CA ASP D 99 9.25 14.72 -15.95
C ASP D 99 8.19 14.97 -14.88
N ASN D 100 7.68 16.20 -14.80
CA ASN D 100 6.85 16.62 -13.69
C ASN D 100 5.99 17.80 -14.14
N MET D 101 5.31 18.44 -13.19
CA MET D 101 4.44 19.57 -13.51
C MET D 101 5.22 20.78 -14.02
N LEU D 102 6.47 20.94 -13.59
CA LEU D 102 7.25 22.09 -14.00
C LEU D 102 7.68 22.02 -15.45
N ASP D 103 8.07 20.83 -15.91
CA ASP D 103 8.46 20.63 -17.30
C ASP D 103 7.28 20.85 -18.24
N PHE D 104 6.08 20.49 -17.81
CA PHE D 104 4.88 20.74 -18.60
C PHE D 104 4.62 22.23 -18.75
N VAL D 105 4.78 22.99 -17.68
CA VAL D 105 4.57 24.44 -17.73
C VAL D 105 5.64 25.11 -18.59
N GLU D 106 6.87 24.62 -18.53
CA GLU D 106 7.94 25.24 -19.34
C GLU D 106 7.76 24.93 -20.82
N GLN D 107 7.44 23.67 -21.15
CA GLN D 107 7.24 23.32 -22.56
C GLN D 107 5.96 23.93 -23.12
N LEU D 108 4.97 24.22 -22.28
CA LEU D 108 3.82 24.98 -22.76
C LEU D 108 4.15 26.47 -22.88
N ARG D 109 5.05 26.98 -22.06
CA ARG D 109 5.51 28.36 -22.23
C ARG D 109 6.29 28.54 -23.52
N ARG D 110 6.96 27.50 -23.99
CA ARG D 110 7.66 27.58 -25.26
C ARG D 110 6.71 27.69 -26.46
N GLN D 111 5.46 27.26 -26.32
CA GLN D 111 4.51 27.22 -27.42
C GLN D 111 3.86 28.57 -27.73
N ALA D 112 4.13 29.61 -26.93
CA ALA D 112 3.55 30.91 -27.18
C ALA D 112 4.07 31.52 -28.47
N ALA D 113 3.19 32.20 -29.19
CA ALA D 113 3.52 32.77 -30.49
C ALA D 113 3.03 34.21 -30.54
N THR D 114 3.13 34.81 -31.72
CA THR D 114 2.73 36.20 -31.91
C THR D 114 1.21 36.35 -31.82
N ARG D 115 0.78 37.56 -31.47
CA ARG D 115 -0.65 37.83 -31.28
C ARG D 115 -1.40 37.97 -32.59
N VAL D 116 -0.70 38.10 -33.71
CA VAL D 116 -1.36 38.30 -35.01
C VAL D 116 -2.10 37.02 -35.43
N GLU D 117 -1.52 35.85 -35.13
CA GLU D 117 -2.11 34.60 -35.59
C GLU D 117 -3.30 34.16 -34.76
N ASP D 118 -3.46 34.71 -33.55
CA ASP D 118 -4.63 34.50 -32.68
C ASP D 118 -4.86 33.01 -32.35
N GLN D 119 -3.79 32.33 -31.96
CA GLN D 119 -3.91 30.93 -31.58
C GLN D 119 -4.55 30.79 -30.21
N GLY D 120 -5.14 29.62 -29.97
CA GLY D 120 -5.72 29.29 -28.69
C GLY D 120 -5.52 27.82 -28.38
N PHE D 121 -5.71 27.48 -27.11
CA PHE D 121 -5.59 26.10 -26.66
C PHE D 121 -6.82 25.76 -25.84
N LEU D 122 -7.17 24.48 -25.83
CA LEU D 122 -8.35 24.02 -25.10
C LEU D 122 -8.06 22.64 -24.52
N ILE D 123 -8.45 22.44 -23.27
CA ILE D 123 -8.22 21.19 -22.56
C ILE D 123 -9.53 20.78 -21.91
N ALA D 124 -10.06 19.63 -22.30
CA ALA D 124 -11.22 19.04 -21.65
C ALA D 124 -10.76 17.84 -20.85
N VAL D 125 -11.22 17.74 -19.60
CA VAL D 125 -10.85 16.63 -18.71
C VAL D 125 -12.15 15.99 -18.26
N ASP D 126 -12.58 14.94 -18.95
CA ASP D 126 -13.73 14.16 -18.51
C ASP D 126 -13.36 13.37 -17.27
N ASN D 127 -14.40 13.04 -16.48
CA ASN D 127 -14.29 12.38 -15.17
C ASN D 127 -13.37 13.16 -14.24
N ALA D 128 -13.63 14.46 -14.11
CA ALA D 128 -12.78 15.35 -13.34
C ALA D 128 -12.87 15.12 -11.84
N GLU D 129 -13.83 14.32 -11.39
CA GLU D 129 -13.94 13.94 -9.98
C GLU D 129 -12.72 13.18 -9.47
N ARG D 130 -11.99 12.51 -10.36
CA ARG D 130 -10.79 11.78 -9.98
C ARG D 130 -9.59 12.70 -9.76
N LEU D 131 -9.68 13.97 -10.18
CA LEU D 131 -8.56 14.90 -10.01
C LEU D 131 -8.29 15.23 -8.55
N ARG D 132 -9.30 15.11 -7.69
CA ARG D 132 -9.08 15.39 -6.28
C ARG D 132 -8.54 14.20 -5.52
N ASP D 133 -8.43 13.04 -6.15
CA ASP D 133 -7.91 11.83 -5.51
C ASP D 133 -6.43 11.59 -5.78
N MET D 134 -5.75 12.45 -6.53
CA MET D 134 -4.37 12.18 -6.95
C MET D 134 -3.43 13.13 -6.20
N ASP D 135 -2.53 13.85 -6.87
CA ASP D 135 -1.31 14.37 -6.26
C ASP D 135 -1.52 15.65 -5.46
N ALA D 136 -2.73 16.22 -5.48
CA ALA D 136 -3.13 17.44 -4.75
C ALA D 136 -2.31 18.66 -5.12
N ASN D 137 -1.68 18.64 -6.28
CA ASN D 137 -1.15 19.84 -6.92
C ASN D 137 -1.51 19.85 -8.40
N VAL D 138 -2.31 18.89 -8.85
CA VAL D 138 -2.75 18.85 -10.22
C VAL D 138 -3.94 19.78 -10.44
N LEU D 139 -4.96 19.66 -9.59
CA LEU D 139 -6.14 20.52 -9.69
C LEU D 139 -5.85 22.02 -9.50
N PRO D 140 -5.12 22.49 -8.46
CA PRO D 140 -4.82 23.94 -8.41
C PRO D 140 -4.02 24.47 -9.58
N VAL D 141 -3.11 23.67 -10.15
CA VAL D 141 -2.36 24.14 -11.32
C VAL D 141 -3.26 24.18 -12.55
N LEU D 142 -4.15 23.19 -12.68
CA LEU D 142 -5.07 23.17 -13.82
C LEU D 142 -6.08 24.31 -13.77
N LEU D 143 -6.41 24.81 -12.58
CA LEU D 143 -7.31 25.97 -12.55
C LEU D 143 -6.61 27.30 -12.81
N ARG D 144 -5.28 27.34 -12.88
CA ARG D 144 -4.59 28.57 -13.25
C ARG D 144 -3.47 28.27 -14.25
N LEU D 145 -3.73 27.36 -15.18
CA LEU D 145 -2.75 27.08 -16.22
C LEU D 145 -2.60 28.23 -17.20
N GLN D 146 -3.64 29.05 -17.37
CA GLN D 146 -3.53 30.19 -18.28
C GLN D 146 -2.59 31.25 -17.72
N GLU D 147 -2.70 31.56 -16.42
CA GLU D 147 -1.81 32.51 -15.80
C GLU D 147 -0.38 31.99 -15.73
N LEU D 148 -0.22 30.67 -15.55
CA LEU D 148 1.11 30.09 -15.40
C LEU D 148 1.84 30.02 -16.74
N THR D 149 1.15 29.56 -17.78
CA THR D 149 1.79 29.40 -19.08
C THR D 149 1.84 30.67 -19.91
N ASN D 150 1.18 31.75 -19.45
CA ASN D 150 1.04 33.02 -20.17
C ASN D 150 0.45 32.80 -21.56
N LEU D 151 -0.67 32.08 -21.60
CA LEU D 151 -1.08 31.50 -22.87
C LEU D 151 -2.60 31.39 -22.90
N ASN D 152 -3.17 31.58 -24.09
CA ASN D 152 -4.62 31.69 -24.25
C ASN D 152 -5.23 30.30 -24.24
N LEU D 153 -5.41 29.75 -23.05
CA LEU D 153 -5.95 28.41 -22.89
C LEU D 153 -6.99 28.38 -21.79
N CYS D 154 -8.03 27.58 -22.01
CA CYS D 154 -9.06 27.31 -21.03
C CYS D 154 -9.03 25.83 -20.70
N VAL D 155 -9.20 25.49 -19.43
CA VAL D 155 -9.18 24.12 -18.97
C VAL D 155 -10.61 23.74 -18.60
N ILE D 156 -11.31 23.10 -19.52
CA ILE D 156 -12.64 22.58 -19.24
C ILE D 156 -12.54 21.36 -18.33
N LEU D 157 -13.49 21.23 -17.40
CA LEU D 157 -13.58 20.07 -16.52
C LEU D 157 -15.00 19.52 -16.57
N LEU D 158 -15.12 18.20 -16.46
CA LEU D 158 -16.36 17.50 -16.70
C LEU D 158 -16.58 16.50 -15.57
N SER D 159 -17.70 16.61 -14.87
CA SER D 159 -17.96 15.68 -13.78
C SER D 159 -19.46 15.64 -13.51
N GLN D 160 -19.87 14.63 -12.74
CA GLN D 160 -21.25 14.47 -12.32
C GLN D 160 -21.54 15.17 -10.99
N LEU D 161 -20.59 15.92 -10.47
CA LEU D 161 -20.66 16.47 -9.12
C LEU D 161 -20.58 17.98 -9.17
N PRO D 162 -21.18 18.68 -8.21
CA PRO D 162 -20.98 20.13 -8.11
C PRO D 162 -19.56 20.46 -7.69
N PHE D 163 -19.16 21.70 -7.96
CA PHE D 163 -17.82 22.14 -7.62
C PHE D 163 -17.62 22.35 -6.13
N GLU D 164 -18.68 22.32 -5.32
CA GLU D 164 -18.54 22.38 -3.87
C GLU D 164 -17.82 21.16 -3.29
N LYS D 165 -17.80 20.05 -4.02
CA LYS D 165 -17.03 18.88 -3.61
C LYS D 165 -15.54 19.04 -3.85
N PHE D 166 -15.11 20.02 -4.63
CA PHE D 166 -13.76 20.08 -5.15
C PHE D 166 -12.81 20.96 -4.35
N TYR D 167 -13.30 21.72 -3.37
CA TYR D 167 -12.42 22.58 -2.61
C TYR D 167 -11.52 21.77 -1.70
N ASN D 168 -10.27 22.23 -1.57
CA ASN D 168 -9.29 21.58 -0.72
C ASN D 168 -8.90 22.53 0.40
N LYS D 169 -7.94 22.09 1.24
CA LYS D 169 -7.53 22.88 2.39
C LYS D 169 -6.84 24.17 2.00
N THR D 170 -6.15 24.18 0.85
CA THR D 170 -5.38 25.33 0.41
C THR D 170 -6.20 26.34 -0.40
N GLY D 171 -7.43 26.02 -0.76
CA GLY D 171 -8.24 26.89 -1.59
C GLY D 171 -7.99 26.67 -3.07
N LEU D 172 -8.82 27.33 -3.89
CA LEU D 172 -8.76 27.17 -5.33
C LEU D 172 -9.01 28.50 -6.01
N SER D 173 -8.55 28.60 -7.25
CA SER D 173 -8.79 29.76 -8.09
C SER D 173 -10.21 29.74 -8.65
N GLU D 174 -10.60 30.84 -9.27
CA GLU D 174 -11.96 30.99 -9.77
C GLU D 174 -12.23 30.10 -10.97
N ILE D 175 -13.49 29.70 -11.12
CA ILE D 175 -13.91 28.82 -12.20
C ILE D 175 -15.30 29.28 -12.65
N VAL D 176 -15.58 29.07 -13.94
CA VAL D 176 -16.88 29.43 -14.51
C VAL D 176 -17.74 28.17 -14.49
N CYS D 177 -18.61 28.07 -13.49
CA CYS D 177 -19.50 26.93 -13.39
C CYS D 177 -20.60 27.00 -14.45
N LEU D 178 -21.00 25.83 -14.93
CA LEU D 178 -22.04 25.71 -15.94
C LEU D 178 -22.79 24.41 -15.70
N HIS D 179 -24.11 24.46 -15.80
CA HIS D 179 -24.97 23.34 -15.43
C HIS D 179 -25.68 22.83 -16.67
N LEU D 180 -25.54 21.54 -16.95
CA LEU D 180 -26.30 20.87 -17.99
C LEU D 180 -27.50 20.21 -17.30
N ALA D 181 -28.65 20.86 -17.38
CA ALA D 181 -29.85 20.31 -16.78
C ALA D 181 -30.33 19.09 -17.57
N GLN D 182 -30.82 18.09 -16.86
CA GLN D 182 -31.43 16.96 -17.54
C GLN D 182 -32.81 17.35 -18.07
N TYR D 183 -33.20 16.71 -19.15
CA TYR D 183 -34.39 17.11 -19.89
C TYR D 183 -35.66 16.71 -19.15
N ASN D 184 -36.71 17.48 -19.37
CA ASN D 184 -38.06 17.08 -19.00
C ASN D 184 -38.61 16.15 -20.06
N LYS D 185 -39.86 15.70 -19.86
CA LYS D 185 -40.47 14.71 -20.74
C LYS D 185 -40.67 15.20 -22.17
N ALA D 186 -40.93 16.49 -22.35
CA ALA D 186 -41.18 17.00 -23.69
C ALA D 186 -39.89 17.10 -24.50
N GLU D 187 -38.83 17.63 -23.90
CA GLU D 187 -37.54 17.67 -24.57
C GLU D 187 -36.96 16.29 -24.79
N THR D 188 -37.22 15.35 -23.88
CA THR D 188 -36.79 13.98 -24.12
C THR D 188 -37.55 13.35 -25.27
N GLN D 189 -38.84 13.69 -25.42
CA GLN D 189 -39.60 13.21 -26.56
C GLN D 189 -39.09 13.82 -27.86
N ARG D 190 -38.70 15.09 -27.83
CA ARG D 190 -38.11 15.73 -29.00
C ARG D 190 -36.75 15.13 -29.35
N ILE D 191 -36.00 14.67 -28.35
CA ILE D 191 -34.69 14.09 -28.61
C ILE D 191 -34.83 12.67 -29.15
N LEU D 192 -35.72 11.87 -28.57
CA LEU D 192 -35.96 10.53 -29.09
C LEU D 192 -36.59 10.55 -30.47
N GLY D 193 -37.40 11.58 -30.75
CA GLY D 193 -38.02 11.74 -32.06
C GLY D 193 -37.17 12.44 -33.09
N SER D 194 -35.98 12.89 -32.72
CA SER D 194 -35.10 13.58 -33.66
C SER D 194 -34.35 12.63 -34.58
N ASP D 195 -34.36 11.33 -34.29
CA ASP D 195 -33.72 10.32 -35.12
C ASP D 195 -34.72 9.56 -35.98
N PHE D 196 -35.81 10.23 -36.38
CA PHE D 196 -36.92 9.54 -37.04
C PHE D 196 -36.54 9.04 -38.43
N GLN D 197 -35.75 9.83 -39.17
CA GLN D 197 -35.39 9.43 -40.53
C GLN D 197 -34.47 8.23 -40.55
N GLN D 198 -33.68 8.04 -39.49
CA GLN D 198 -32.80 6.88 -39.41
C GLN D 198 -33.59 5.60 -39.21
N VAL D 199 -34.55 5.59 -38.29
CA VAL D 199 -35.36 4.39 -38.10
C VAL D 199 -36.31 4.16 -39.28
N ARG D 200 -36.74 5.24 -39.96
CA ARG D 200 -37.58 5.08 -41.14
C ARG D 200 -36.78 4.47 -42.29
N ASN D 201 -35.54 4.89 -42.48
CA ASN D 201 -34.68 4.27 -43.49
C ASN D 201 -34.34 2.83 -43.11
N GLN D 202 -34.16 2.57 -41.80
CA GLN D 202 -33.84 1.22 -41.36
C GLN D 202 -35.01 0.27 -41.56
N LEU D 203 -36.25 0.78 -41.50
CA LEU D 203 -37.38 -0.06 -41.86
C LEU D 203 -37.55 -0.18 -43.37
N LEU D 204 -37.27 0.88 -44.12
CA LEU D 204 -37.45 0.84 -45.57
C LEU D 204 -36.41 -0.04 -46.26
N GLU D 205 -35.24 -0.25 -45.67
CA GLU D 205 -34.33 -1.25 -46.23
C GLU D 205 -34.70 -2.67 -45.81
N GLN D 206 -35.64 -2.83 -44.89
CA GLN D 206 -36.11 -4.14 -44.47
C GLN D 206 -37.61 -4.27 -44.75
N LYS D 211 -43.32 -8.33 -50.45
CA LYS D 211 -42.92 -6.97 -50.10
C LYS D 211 -44.12 -6.04 -49.97
N LYS D 212 -45.27 -6.62 -49.60
CA LYS D 212 -46.42 -5.80 -49.21
C LYS D 212 -46.16 -5.03 -47.92
N ARG D 213 -45.33 -5.60 -47.04
CA ARG D 213 -44.99 -4.95 -45.77
C ARG D 213 -44.25 -3.64 -45.98
N LEU D 214 -43.47 -3.53 -47.06
CA LEU D 214 -42.73 -2.30 -47.33
C LEU D 214 -43.66 -1.14 -47.68
N GLU D 215 -44.65 -1.37 -48.55
CA GLU D 215 -45.56 -0.28 -48.88
C GLU D 215 -46.52 -0.01 -47.72
N ILE D 216 -46.94 -1.05 -47.00
CA ILE D 216 -47.88 -0.83 -45.90
C ILE D 216 -47.17 -0.18 -44.71
N CYS D 217 -45.83 -0.28 -44.65
CA CYS D 217 -45.12 0.48 -43.63
C CYS D 217 -44.87 1.90 -44.09
N GLN D 218 -44.43 2.09 -45.34
CA GLN D 218 -44.03 3.43 -45.78
C GLN D 218 -45.24 4.34 -45.94
N GLU D 219 -46.44 3.77 -46.11
CA GLU D 219 -47.64 4.62 -46.16
C GLU D 219 -48.14 4.96 -44.76
N ALA D 220 -47.59 4.31 -43.74
CA ALA D 220 -48.06 4.49 -42.37
C ALA D 220 -46.94 4.39 -41.34
N VAL D 221 -45.89 5.19 -41.47
CA VAL D 221 -44.81 5.27 -40.50
C VAL D 221 -44.42 6.74 -40.36
N THR D 222 -45.34 7.63 -40.71
CA THR D 222 -45.12 9.07 -40.75
C THR D 222 -44.86 9.64 -39.35
N GLU D 223 -44.48 10.94 -39.32
CA GLU D 223 -43.92 11.56 -38.12
C GLU D 223 -44.86 11.54 -36.93
N ASP D 224 -46.17 11.64 -37.16
CA ASP D 224 -47.12 11.58 -36.04
C ASP D 224 -47.19 10.19 -35.42
N PHE D 225 -46.92 9.14 -36.21
CA PHE D 225 -46.96 7.78 -35.68
C PHE D 225 -45.82 7.53 -34.71
N TYR D 226 -44.60 7.96 -35.08
CA TYR D 226 -43.46 7.82 -34.19
C TYR D 226 -43.59 8.70 -32.95
N ASN D 227 -44.21 9.88 -33.08
CA ASN D 227 -44.42 10.74 -31.93
C ASN D 227 -45.45 10.16 -30.96
N ASN D 228 -46.54 9.60 -31.50
CA ASN D 228 -47.52 8.95 -30.64
C ASN D 228 -46.96 7.69 -29.98
N TYR D 229 -46.09 6.95 -30.69
CA TYR D 229 -45.45 5.79 -30.07
C TYR D 229 -44.50 6.22 -28.97
N LEU D 230 -43.75 7.30 -29.18
CA LEU D 230 -42.86 7.78 -28.14
C LEU D 230 -43.62 8.36 -26.95
N ASN D 231 -44.82 8.90 -27.19
CA ASN D 231 -45.66 9.29 -26.07
C ASN D 231 -46.13 8.09 -25.27
N LEU D 232 -46.52 7.00 -25.96
CA LEU D 232 -46.91 5.78 -25.26
C LEU D 232 -45.73 5.12 -24.55
N PHE D 233 -44.52 5.31 -25.06
CA PHE D 233 -43.34 4.74 -24.42
C PHE D 233 -42.91 5.55 -23.20
N LEU D 234 -42.92 6.87 -23.31
CA LEU D 234 -42.51 7.72 -22.20
C LEU D 234 -43.59 7.87 -21.14
N SER D 235 -44.85 7.48 -21.44
CA SER D 235 -45.86 7.48 -20.39
C SER D 235 -45.60 6.41 -19.34
N VAL D 236 -44.87 5.35 -19.66
CA VAL D 236 -44.54 4.30 -18.71
C VAL D 236 -43.06 4.32 -18.33
N PHE D 237 -42.17 4.67 -19.25
CA PHE D 237 -40.75 4.52 -18.97
C PHE D 237 -40.10 5.75 -18.34
N TYR D 238 -40.73 6.92 -18.35
CA TYR D 238 -40.09 8.10 -17.78
C TYR D 238 -40.06 8.06 -16.27
N LYS D 239 -40.93 7.28 -15.64
CA LYS D 239 -40.93 7.15 -14.19
C LYS D 239 -39.67 6.46 -13.68
N ALA D 240 -39.11 5.53 -14.46
CA ALA D 240 -37.95 4.78 -14.01
C ALA D 240 -36.63 5.45 -14.35
N CYS D 241 -36.55 6.15 -15.48
CA CYS D 241 -35.28 6.74 -15.89
C CYS D 241 -35.54 7.95 -16.78
N ARG D 242 -34.68 8.96 -16.65
CA ARG D 242 -34.60 10.07 -17.59
C ARG D 242 -33.38 9.95 -18.48
N ASP D 243 -32.69 8.81 -18.44
CA ASP D 243 -31.42 8.63 -19.12
C ASP D 243 -31.69 8.43 -20.61
N VAL D 244 -31.26 9.41 -21.42
CA VAL D 244 -31.60 9.41 -22.85
C VAL D 244 -31.04 8.21 -23.64
N PRO D 245 -29.75 7.82 -23.52
CA PRO D 245 -29.31 6.59 -24.23
C PRO D 245 -30.05 5.32 -23.84
N GLU D 246 -30.42 5.17 -22.58
CA GLU D 246 -31.18 3.99 -22.18
C GLU D 246 -32.58 4.01 -22.77
N LEU D 247 -33.19 5.20 -22.84
CA LEU D 247 -34.50 5.34 -23.47
C LEU D 247 -34.42 5.04 -24.97
N GLN D 248 -33.32 5.40 -25.62
CA GLN D 248 -33.15 5.08 -27.03
C GLN D 248 -33.02 3.57 -27.25
N LEU D 249 -32.13 2.93 -26.48
CA LEU D 249 -31.85 1.52 -26.67
C LEU D 249 -33.00 0.63 -26.21
N THR D 250 -33.89 1.14 -25.37
CA THR D 250 -35.10 0.37 -25.09
C THR D 250 -36.23 0.69 -26.07
N ALA D 251 -36.34 1.95 -26.50
CA ALA D 251 -37.41 2.37 -27.40
C ALA D 251 -37.28 1.74 -28.77
N ARG D 252 -36.07 1.43 -29.22
CA ARG D 252 -35.94 0.77 -30.52
C ARG D 252 -36.50 -0.66 -30.49
N LYS D 253 -36.16 -1.42 -29.44
CA LYS D 253 -36.69 -2.76 -29.29
C LYS D 253 -38.19 -2.75 -29.05
N CYS D 254 -38.67 -1.77 -28.29
CA CYS D 254 -40.12 -1.67 -28.06
C CYS D 254 -40.86 -1.26 -29.33
N LEU D 255 -40.25 -0.48 -30.22
CA LEU D 255 -40.86 -0.22 -31.52
C LEU D 255 -40.88 -1.47 -32.39
N SER D 256 -39.81 -2.28 -32.30
CA SER D 256 -39.75 -3.52 -33.06
C SER D 256 -40.83 -4.50 -32.60
N THR D 257 -41.22 -4.46 -31.33
CA THR D 257 -42.37 -5.24 -30.89
C THR D 257 -43.70 -4.55 -31.24
N TYR D 258 -43.75 -3.22 -31.13
CA TYR D 258 -44.96 -2.43 -31.32
C TYR D 258 -45.48 -2.45 -32.76
N LEU D 259 -44.59 -2.60 -33.74
CA LEU D 259 -44.96 -2.33 -35.12
C LEU D 259 -45.79 -3.44 -35.77
N GLU D 260 -45.88 -4.62 -35.15
CA GLU D 260 -46.45 -5.81 -35.79
C GLU D 260 -47.90 -5.72 -36.25
N PRO D 261 -48.90 -5.24 -35.45
CA PRO D 261 -50.27 -5.14 -35.99
C PRO D 261 -50.42 -4.23 -37.21
N VAL D 262 -49.61 -3.19 -37.32
CA VAL D 262 -49.67 -2.33 -38.50
C VAL D 262 -49.19 -3.08 -39.74
N LEU D 263 -48.11 -3.85 -39.60
CA LEU D 263 -47.59 -4.63 -40.72
C LEU D 263 -48.49 -5.82 -41.06
N ASP D 264 -49.24 -6.33 -40.09
CA ASP D 264 -50.10 -7.48 -40.30
C ASP D 264 -51.57 -7.12 -40.41
N GLY D 265 -51.89 -5.84 -40.58
CA GLY D 265 -53.28 -5.42 -40.70
C GLY D 265 -54.05 -5.46 -39.38
N SER D 273 -55.15 4.90 -31.42
CA SER D 273 -55.18 3.78 -30.48
C SER D 273 -55.01 2.46 -31.20
N ARG D 274 -55.80 1.45 -30.78
CA ARG D 274 -55.88 0.08 -31.32
C ARG D 274 -54.50 -0.59 -31.43
N LEU D 275 -53.57 -0.20 -30.55
CA LEU D 275 -52.19 -0.66 -30.56
C LEU D 275 -51.64 -0.69 -29.15
N TRP D 276 -52.23 0.11 -28.26
CA TRP D 276 -51.65 0.37 -26.95
C TRP D 276 -51.68 -0.86 -26.04
N ARG D 277 -52.70 -1.70 -26.12
CA ARG D 277 -52.75 -2.87 -25.24
C ARG D 277 -51.76 -3.94 -25.67
N HIS D 278 -51.64 -4.14 -26.99
CA HIS D 278 -50.74 -5.14 -27.54
C HIS D 278 -49.28 -4.82 -27.24
N ILE D 279 -48.92 -3.54 -27.17
CA ILE D 279 -47.58 -3.19 -26.76
C ILE D 279 -47.46 -3.09 -25.24
N ALA D 280 -48.55 -2.73 -24.55
CA ALA D 280 -48.50 -2.52 -23.10
C ALA D 280 -48.39 -3.84 -22.34
N GLY D 281 -48.68 -4.95 -23.00
CA GLY D 281 -48.21 -6.23 -22.52
C GLY D 281 -46.69 -6.26 -22.39
N PRO D 282 -45.99 -6.33 -23.53
CA PRO D 282 -44.52 -6.27 -23.51
C PRO D 282 -43.89 -5.02 -22.90
N LEU D 283 -44.52 -3.85 -22.98
CA LEU D 283 -43.90 -2.62 -22.46
C LEU D 283 -43.71 -2.66 -20.96
N ARG D 284 -44.61 -3.33 -20.22
CA ARG D 284 -44.40 -3.50 -18.80
C ARG D 284 -43.48 -4.68 -18.50
N SER D 285 -43.14 -5.49 -19.50
CA SER D 285 -42.10 -6.49 -19.33
C SER D 285 -40.72 -5.90 -19.57
N ALA D 286 -40.61 -4.96 -20.52
CA ALA D 286 -39.33 -4.28 -20.74
C ALA D 286 -38.98 -3.33 -19.60
N LEU D 287 -39.99 -2.86 -18.86
CA LEU D 287 -39.73 -1.98 -17.71
C LEU D 287 -39.02 -2.71 -16.59
N THR D 288 -39.24 -4.03 -16.47
CA THR D 288 -38.53 -4.80 -15.44
C THR D 288 -37.13 -5.18 -15.88
N GLN D 289 -36.78 -4.98 -17.14
CA GLN D 289 -35.47 -5.34 -17.65
C GLN D 289 -34.65 -4.09 -17.94
N ILE D 290 -35.07 -2.95 -17.37
CA ILE D 290 -34.34 -1.70 -17.53
C ILE D 290 -33.00 -1.79 -16.80
N TYR D 291 -32.00 -1.07 -17.33
CA TYR D 291 -30.58 -0.99 -16.93
C TYR D 291 -29.79 -2.26 -17.23
N MET D 292 -30.42 -3.43 -17.14
CA MET D 292 -29.81 -4.64 -17.64
C MET D 292 -29.67 -4.53 -19.15
N ARG D 293 -28.44 -4.62 -19.66
CA ARG D 293 -28.13 -4.24 -21.02
C ARG D 293 -28.09 -5.43 -21.97
N ILE D 294 -28.71 -6.55 -21.57
CA ILE D 294 -28.59 -7.82 -22.28
C ILE D 294 -29.22 -7.74 -23.66
N GLU D 295 -28.54 -8.30 -24.65
CA GLU D 295 -29.11 -8.51 -25.97
C GLU D 295 -29.28 -10.02 -26.21
N SER D 318 -29.85 -20.67 -11.44
CA SER D 318 -29.24 -21.29 -12.61
C SER D 318 -27.78 -21.64 -12.34
N LEU D 319 -27.36 -21.50 -11.08
CA LEU D 319 -26.00 -21.81 -10.68
C LEU D 319 -25.94 -23.29 -10.31
N GLU D 320 -25.47 -24.11 -11.24
CA GLU D 320 -25.27 -25.53 -10.96
C GLU D 320 -24.10 -25.73 -10.01
N LEU D 321 -24.25 -26.64 -9.07
CA LEU D 321 -23.29 -26.82 -7.99
C LEU D 321 -23.08 -28.31 -7.74
N PRO D 322 -21.93 -28.68 -7.19
CA PRO D 322 -21.78 -30.02 -6.60
C PRO D 322 -22.65 -30.18 -5.37
N TYR D 323 -22.94 -31.45 -5.05
CA TYR D 323 -23.87 -31.78 -3.97
C TYR D 323 -23.37 -31.30 -2.61
N TYR D 324 -22.13 -31.63 -2.27
CA TYR D 324 -21.59 -31.19 -0.99
C TYR D 324 -21.33 -29.69 -0.97
N ALA D 325 -21.08 -29.08 -2.13
CA ALA D 325 -21.03 -27.63 -2.18
C ALA D 325 -22.39 -27.01 -1.92
N LYS D 326 -23.48 -27.68 -2.34
CA LYS D 326 -24.81 -27.19 -2.02
C LYS D 326 -25.10 -27.26 -0.53
N PHE D 327 -24.71 -28.37 0.11
CA PHE D 327 -24.90 -28.47 1.56
C PHE D 327 -24.03 -27.48 2.32
N LEU D 328 -22.80 -27.25 1.85
CA LEU D 328 -21.94 -26.25 2.47
C LEU D 328 -22.52 -24.84 2.31
N LEU D 329 -23.16 -24.58 1.17
CA LEU D 329 -23.68 -23.23 0.94
C LEU D 329 -24.93 -22.97 1.76
N ILE D 330 -25.83 -23.96 1.88
CA ILE D 330 -26.99 -23.75 2.74
C ILE D 330 -26.60 -23.78 4.22
N ALA D 331 -25.53 -24.49 4.58
CA ALA D 331 -25.05 -24.43 5.97
C ALA D 331 -24.44 -23.07 6.28
N ALA D 332 -23.74 -22.47 5.31
CA ALA D 332 -23.24 -21.12 5.51
C ALA D 332 -24.38 -20.10 5.57
N PHE D 333 -25.46 -20.33 4.84
CA PHE D 333 -26.61 -19.44 4.94
C PHE D 333 -27.28 -19.55 6.30
N LEU D 334 -27.42 -20.76 6.84
CA LEU D 334 -27.96 -20.91 8.18
C LEU D 334 -27.03 -20.34 9.24
N ALA D 335 -25.71 -20.42 9.02
CA ALA D 335 -24.77 -19.84 9.97
C ALA D 335 -24.82 -18.32 9.97
N SER D 336 -25.04 -17.71 8.80
CA SER D 336 -25.15 -16.26 8.73
C SER D 336 -26.56 -15.74 9.01
N HIS D 337 -27.56 -16.61 9.06
CA HIS D 337 -28.93 -16.16 9.22
C HIS D 337 -29.59 -16.58 10.54
N ASN D 338 -28.99 -17.50 11.30
CA ASN D 338 -29.66 -18.08 12.45
C ASN D 338 -29.13 -17.62 13.80
N ALA D 339 -28.10 -16.78 13.83
CA ALA D 339 -27.37 -16.29 15.01
C ALA D 339 -26.69 -17.40 15.83
N ALA D 340 -25.74 -17.01 16.68
CA ALA D 340 -24.89 -17.99 17.35
C ALA D 340 -25.63 -18.78 18.42
N LYS D 341 -26.68 -18.20 19.02
CA LYS D 341 -27.30 -18.82 20.18
C LYS D 341 -28.28 -19.92 19.80
N GLN D 342 -28.86 -19.84 18.61
CA GLN D 342 -29.93 -20.77 18.25
C GLN D 342 -29.42 -22.11 17.73
N ASP D 343 -28.11 -22.25 17.48
CA ASP D 343 -27.57 -23.51 17.01
C ASP D 343 -27.69 -24.61 18.06
N LYS D 344 -27.57 -24.25 19.35
CA LYS D 344 -27.68 -25.22 20.43
C LYS D 344 -29.08 -25.81 20.54
N ARG D 345 -30.10 -25.03 20.17
CA ARG D 345 -31.47 -25.53 20.19
C ARG D 345 -31.89 -26.15 18.86
N LEU D 346 -31.24 -25.78 17.75
CA LEU D 346 -31.64 -26.31 16.45
C LEU D 346 -30.86 -27.55 16.02
N PHE D 347 -29.68 -27.82 16.58
CA PHE D 347 -28.78 -28.79 15.98
C PHE D 347 -28.25 -29.89 16.90
N VAL D 348 -28.46 -29.81 18.21
CA VAL D 348 -28.00 -30.91 19.07
C VAL D 348 -28.84 -32.17 18.87
N LYS D 349 -30.09 -32.01 18.42
CA LYS D 349 -31.08 -33.08 18.20
C LYS D 349 -31.27 -33.99 19.42
N LEU D 375 -28.31 -3.79 10.73
CA LEU D 375 -28.04 -5.21 10.85
C LEU D 375 -27.46 -5.75 9.54
N GLY D 376 -27.22 -7.06 9.50
CA GLY D 376 -26.71 -7.71 8.32
C GLY D 376 -26.58 -9.20 8.53
N PRO D 377 -26.02 -9.91 7.54
CA PRO D 377 -25.67 -11.31 7.78
C PRO D 377 -24.60 -11.43 8.86
N LYS D 378 -24.72 -12.48 9.66
CA LYS D 378 -23.81 -12.66 10.79
C LYS D 378 -22.47 -13.22 10.31
N SER D 379 -21.43 -12.91 11.07
CA SER D 379 -20.14 -13.57 10.89
C SER D 379 -20.21 -14.99 11.40
N PHE D 380 -19.40 -15.87 10.82
CA PHE D 380 -19.29 -17.22 11.34
C PHE D 380 -17.89 -17.74 11.09
N SER D 381 -17.35 -18.45 12.08
CA SER D 381 -16.08 -19.13 11.90
C SER D 381 -16.29 -20.42 11.12
N ILE D 382 -15.19 -20.91 10.52
CA ILE D 382 -15.24 -22.08 9.63
C ILE D 382 -15.64 -23.33 10.39
N ASP D 383 -15.24 -23.46 11.66
CA ASP D 383 -15.65 -24.63 12.44
C ASP D 383 -17.14 -24.60 12.77
N ARG D 384 -17.73 -23.41 12.91
CA ARG D 384 -19.18 -23.30 13.03
C ARG D 384 -19.88 -23.75 11.76
N LEU D 385 -19.27 -23.45 10.61
CA LEU D 385 -19.83 -23.90 9.33
C LEU D 385 -19.75 -25.41 9.20
N LEU D 386 -18.64 -26.01 9.60
CA LEU D 386 -18.51 -27.46 9.56
C LEU D 386 -19.45 -28.14 10.55
N ALA D 387 -19.71 -27.51 11.69
CA ALA D 387 -20.62 -28.09 12.67
C ALA D 387 -22.06 -28.06 12.18
N ILE D 388 -22.49 -26.93 11.61
CA ILE D 388 -23.83 -26.86 11.04
C ILE D 388 -23.97 -27.77 9.81
N PHE D 389 -22.89 -27.93 9.03
CA PHE D 389 -22.91 -28.82 7.87
C PHE D 389 -23.04 -30.28 8.29
N TYR D 390 -22.31 -30.69 9.32
CA TYR D 390 -22.47 -32.04 9.84
C TYR D 390 -23.80 -32.24 10.55
N ALA D 391 -24.38 -31.17 11.09
CA ALA D 391 -25.67 -31.32 11.74
C ALA D 391 -26.79 -31.48 10.72
N ILE D 392 -26.73 -30.74 9.60
CA ILE D 392 -27.76 -30.85 8.57
C ILE D 392 -27.50 -31.94 7.55
N LEU D 393 -26.32 -32.57 7.55
CA LEU D 393 -25.99 -33.51 6.48
C LEU D 393 -26.73 -34.82 6.64
N GLU D 394 -26.75 -35.37 7.87
CA GLU D 394 -27.42 -36.64 8.21
C GLU D 394 -26.92 -37.81 7.34
N GLU D 395 -25.61 -37.83 7.09
CA GLU D 395 -24.99 -38.83 6.24
C GLU D 395 -23.55 -39.07 6.70
N LYS D 396 -22.93 -38.00 7.20
CA LYS D 396 -21.58 -37.97 7.78
C LYS D 396 -20.52 -38.48 6.81
N VAL D 397 -20.11 -37.62 5.88
CA VAL D 397 -18.94 -37.89 5.07
C VAL D 397 -17.68 -37.50 5.85
N GLY D 398 -16.55 -38.11 5.49
CA GLY D 398 -15.31 -37.78 6.16
C GLY D 398 -14.77 -36.41 5.75
N LEU D 399 -13.87 -35.88 6.59
CA LEU D 399 -13.20 -34.62 6.29
C LEU D 399 -12.00 -34.88 5.39
N THR D 400 -12.28 -34.95 4.10
CA THR D 400 -11.23 -35.09 3.10
C THR D 400 -10.70 -33.71 2.70
N CYS D 401 -9.67 -33.71 1.86
CA CYS D 401 -9.17 -32.46 1.28
C CYS D 401 -10.22 -31.76 0.42
N ASN D 402 -11.07 -32.54 -0.26
CA ASN D 402 -12.00 -31.99 -1.24
C ASN D 402 -13.08 -31.13 -0.60
N LEU D 403 -13.44 -31.39 0.66
CA LEU D 403 -14.51 -30.64 1.29
C LEU D 403 -14.04 -29.24 1.70
N LEU D 404 -12.87 -29.14 2.33
CA LEU D 404 -12.32 -27.83 2.63
C LEU D 404 -11.88 -27.10 1.36
N SER D 405 -11.51 -27.84 0.32
CA SER D 405 -11.30 -27.22 -0.98
C SER D 405 -12.59 -26.64 -1.54
N GLN D 406 -13.72 -27.30 -1.29
CA GLN D 406 -15.01 -26.73 -1.67
C GLN D 406 -15.32 -25.47 -0.89
N ILE D 407 -14.89 -25.41 0.38
CA ILE D 407 -15.08 -24.19 1.17
C ILE D 407 -14.29 -23.03 0.55
N SER D 408 -13.02 -23.27 0.23
CA SER D 408 -12.19 -22.22 -0.36
C SER D 408 -12.66 -21.81 -1.76
N THR D 409 -13.16 -22.76 -2.56
CA THR D 409 -13.61 -22.36 -3.90
C THR D 409 -15.02 -21.78 -3.89
N LEU D 410 -15.81 -22.00 -2.84
CA LEU D 410 -17.01 -21.19 -2.67
C LEU D 410 -16.65 -19.78 -2.25
N VAL D 411 -15.55 -19.61 -1.51
CA VAL D 411 -15.08 -18.27 -1.17
C VAL D 411 -14.59 -17.55 -2.42
N HIS D 412 -13.92 -18.26 -3.33
CA HIS D 412 -13.35 -17.62 -4.52
C HIS D 412 -14.41 -17.18 -5.54
N LEU D 413 -15.61 -17.75 -5.51
CA LEU D 413 -16.66 -17.40 -6.45
C LEU D 413 -17.54 -16.26 -5.97
N ASN D 414 -17.18 -15.63 -4.85
CA ASN D 414 -17.98 -14.63 -4.14
C ASN D 414 -19.35 -15.16 -3.74
N LEU D 415 -19.44 -16.47 -3.46
CA LEU D 415 -20.62 -17.01 -2.82
C LEU D 415 -20.52 -16.90 -1.31
N LEU D 416 -19.31 -16.95 -0.78
CA LEU D 416 -18.98 -16.58 0.58
C LEU D 416 -18.02 -15.40 0.52
N SER D 417 -17.60 -14.91 1.68
CA SER D 417 -16.73 -13.75 1.70
C SER D 417 -15.85 -13.82 2.94
N PHE D 418 -14.81 -13.01 2.95
CA PHE D 418 -13.91 -12.88 4.09
C PHE D 418 -14.13 -11.51 4.71
N VAL D 419 -15.07 -11.44 5.66
CA VAL D 419 -15.33 -10.18 6.36
C VAL D 419 -14.17 -9.79 7.27
N SER D 420 -13.38 -10.76 7.73
CA SER D 420 -12.19 -10.50 8.53
C SER D 420 -11.21 -11.65 8.29
N GLY D 421 -10.29 -11.85 9.23
CA GLY D 421 -9.38 -12.97 9.16
C GLY D 421 -8.33 -12.87 8.07
N GLU D 422 -8.60 -13.53 6.94
CA GLU D 422 -7.81 -13.47 5.70
C GLU D 422 -6.37 -13.95 5.87
N GLN D 423 -5.58 -13.23 6.66
CA GLN D 423 -4.18 -13.56 6.88
C GLN D 423 -3.98 -14.86 7.64
N ASN D 424 -4.99 -15.33 8.39
CA ASN D 424 -4.87 -16.53 9.21
C ASN D 424 -6.13 -17.38 9.09
N ILE D 425 -6.34 -17.95 7.90
CA ILE D 425 -7.45 -18.86 7.66
C ILE D 425 -7.27 -20.14 8.47
N MET D 426 -6.03 -20.59 8.63
CA MET D 426 -5.75 -21.87 9.28
C MET D 426 -5.72 -21.78 10.80
N GLU D 427 -5.54 -20.59 11.36
CA GLU D 427 -5.40 -20.45 12.80
C GLU D 427 -6.75 -20.41 13.52
N GLY D 428 -7.86 -20.39 12.79
CA GLY D 428 -9.17 -20.36 13.40
C GLY D 428 -9.68 -18.97 13.75
N SER D 429 -8.90 -17.93 13.49
CA SER D 429 -9.33 -16.56 13.70
C SER D 429 -10.07 -15.97 12.52
N ALA D 430 -10.20 -16.71 11.41
CA ALA D 430 -10.90 -16.22 10.25
C ALA D 430 -12.40 -16.17 10.49
N ARG D 431 -13.03 -15.13 9.93
CA ARG D 431 -14.50 -14.95 10.01
C ARG D 431 -15.04 -14.84 8.58
N LEU D 432 -15.96 -15.73 8.20
CA LEU D 432 -16.62 -15.72 6.92
C LEU D 432 -18.02 -15.12 7.04
N GLN D 433 -18.58 -14.73 5.90
CA GLN D 433 -19.92 -14.17 5.85
C GLN D 433 -20.59 -14.62 4.55
N CYS D 434 -21.70 -15.33 4.67
CA CYS D 434 -22.45 -15.76 3.49
C CYS D 434 -23.10 -14.57 2.80
N THR D 435 -23.03 -14.54 1.47
CA THR D 435 -23.50 -13.40 0.66
C THR D 435 -24.41 -13.87 -0.47
N ILE D 436 -25.51 -14.55 -0.13
CA ILE D 436 -26.55 -14.91 -1.10
C ILE D 436 -27.92 -14.66 -0.49
N GLY D 437 -28.92 -14.55 -1.37
CA GLY D 437 -30.28 -14.36 -0.94
C GLY D 437 -30.98 -15.66 -0.55
N LEU D 438 -32.16 -15.50 0.07
CA LEU D 438 -32.91 -16.64 0.58
C LEU D 438 -33.49 -17.50 -0.54
N GLU D 439 -33.90 -16.89 -1.67
CA GLU D 439 -34.59 -17.64 -2.71
C GLU D 439 -33.67 -18.64 -3.42
N PHE D 440 -32.38 -18.30 -3.55
CA PHE D 440 -31.42 -19.26 -4.08
C PHE D 440 -31.22 -20.43 -3.11
N VAL D 441 -31.31 -20.17 -1.80
CA VAL D 441 -31.19 -21.23 -0.82
C VAL D 441 -32.41 -22.15 -0.87
N LEU D 442 -33.60 -21.58 -1.06
CA LEU D 442 -34.80 -22.40 -1.22
C LEU D 442 -34.77 -23.21 -2.52
N GLN D 443 -34.18 -22.66 -3.58
CA GLN D 443 -34.04 -23.43 -4.82
C GLN D 443 -33.06 -24.58 -4.65
N ILE D 444 -31.94 -24.33 -3.95
CA ILE D 444 -30.97 -25.39 -3.66
C ILE D 444 -31.59 -26.46 -2.76
N GLY D 445 -32.43 -26.04 -1.82
CA GLY D 445 -33.11 -27.00 -0.98
C GLY D 445 -34.20 -27.77 -1.69
N LYS D 446 -34.73 -27.22 -2.78
CA LYS D 446 -35.63 -27.99 -3.63
C LYS D 446 -34.88 -29.05 -4.42
N VAL D 447 -33.74 -28.69 -5.01
CA VAL D 447 -32.97 -29.66 -5.79
C VAL D 447 -32.38 -30.74 -4.89
N VAL D 448 -31.94 -30.36 -3.70
CA VAL D 448 -31.34 -31.31 -2.76
C VAL D 448 -32.41 -32.17 -2.08
N GLY D 449 -33.49 -31.55 -1.64
CA GLY D 449 -34.44 -32.20 -0.78
C GLY D 449 -34.29 -31.89 0.70
N PHE D 450 -33.48 -30.90 1.06
CA PHE D 450 -33.33 -30.44 2.43
C PHE D 450 -34.21 -29.21 2.62
N ASN D 451 -35.20 -29.31 3.50
CA ASN D 451 -36.12 -28.21 3.73
C ASN D 451 -35.50 -27.19 4.69
N VAL D 452 -35.02 -26.10 4.12
CA VAL D 452 -34.25 -25.09 4.86
C VAL D 452 -35.10 -24.37 5.90
N ARG D 453 -36.41 -24.20 5.62
CA ARG D 453 -37.26 -23.34 6.44
C ARG D 453 -37.55 -23.93 7.82
N GLN D 454 -37.31 -25.23 8.02
CA GLN D 454 -37.46 -25.82 9.34
C GLN D 454 -36.45 -25.27 10.33
N TYR D 455 -35.26 -24.89 9.86
CA TYR D 455 -34.18 -24.44 10.73
C TYR D 455 -34.07 -22.93 10.84
N LEU D 456 -34.96 -22.18 10.20
CA LEU D 456 -34.92 -20.72 10.27
C LEU D 456 -35.81 -20.20 11.40
N GLU E 223 -7.48 -68.15 1.28
CA GLU E 223 -6.51 -69.17 0.88
C GLU E 223 -5.37 -68.55 0.09
N ASP E 224 -4.15 -68.76 0.55
CA ASP E 224 -2.98 -68.26 -0.14
C ASP E 224 -2.78 -68.99 -1.45
N TYR E 225 -2.24 -68.27 -2.44
CA TYR E 225 -2.07 -68.82 -3.78
C TYR E 225 -1.08 -69.98 -3.82
N GLU E 226 -0.05 -69.95 -2.99
CA GLU E 226 0.99 -70.99 -3.05
C GLU E 226 0.46 -72.30 -2.50
N ILE E 227 -0.20 -72.27 -1.33
CA ILE E 227 -0.74 -73.50 -0.77
C ILE E 227 -1.95 -73.99 -1.57
N TRP E 228 -2.67 -73.08 -2.25
CA TRP E 228 -3.77 -73.52 -3.10
C TRP E 228 -3.24 -74.21 -4.35
N LYS E 229 -2.20 -73.63 -4.97
CA LYS E 229 -1.60 -74.24 -6.15
C LYS E 229 -0.94 -75.58 -5.81
N ALA E 230 -0.34 -75.68 -4.62
CA ALA E 230 0.26 -76.94 -4.20
C ALA E 230 -0.81 -77.99 -3.91
N ARG E 231 -1.90 -77.60 -3.25
CA ARG E 231 -2.97 -78.56 -2.99
C ARG E 231 -3.70 -78.99 -4.25
N MET E 232 -3.83 -78.08 -5.23
CA MET E 232 -4.44 -78.47 -6.50
C MET E 232 -3.54 -79.39 -7.30
N LEU E 233 -2.22 -79.15 -7.24
CA LEU E 233 -1.29 -80.07 -7.89
C LEU E 233 -1.28 -81.43 -7.19
N ALA E 234 -1.49 -81.45 -5.87
CA ALA E 234 -1.60 -82.72 -5.16
C ALA E 234 -2.89 -83.44 -5.51
N LYS E 235 -3.99 -82.69 -5.70
CA LYS E 235 -5.23 -83.31 -6.14
C LYS E 235 -5.15 -83.83 -7.57
N ALA E 236 -4.32 -83.20 -8.40
CA ALA E 236 -4.12 -83.71 -9.75
C ALA E 236 -3.24 -84.95 -9.75
N GLN E 237 -2.14 -84.91 -9.00
CA GLN E 237 -1.22 -86.05 -8.95
C GLN E 237 -1.79 -87.23 -8.19
N ALA E 238 -2.74 -87.01 -7.28
CA ALA E 238 -3.43 -88.10 -6.61
C ALA E 238 -4.60 -88.65 -7.42
N LYS E 239 -4.96 -88.01 -8.53
CA LYS E 239 -6.09 -88.44 -9.32
C LYS E 239 -5.69 -89.55 -10.28
N THR F 83 32.04 19.26 -24.73
CA THR F 83 31.20 18.25 -24.08
C THR F 83 31.05 18.53 -22.59
N PRO F 84 29.85 18.31 -22.06
CA PRO F 84 29.59 18.56 -20.63
C PRO F 84 30.44 17.74 -19.67
N SER F 85 30.84 16.53 -20.06
CA SER F 85 31.56 15.64 -19.15
C SER F 85 32.93 16.19 -18.75
N GLN F 86 33.59 16.95 -19.64
CA GLN F 86 34.81 17.61 -19.25
C GLN F 86 34.57 18.71 -18.22
N LYS F 87 33.43 19.40 -18.31
CA LYS F 87 33.07 20.40 -17.31
C LYS F 87 32.79 19.74 -15.95
N MET F 88 32.04 18.64 -15.96
CA MET F 88 31.76 17.95 -14.71
C MET F 88 33.01 17.32 -14.11
N LYS F 89 33.95 16.86 -14.95
CA LYS F 89 35.18 16.31 -14.41
C LYS F 89 36.07 17.40 -13.83
N LYS F 90 36.10 18.57 -14.46
CA LYS F 90 36.87 19.68 -13.88
C LYS F 90 36.19 20.25 -12.65
N ILE F 91 34.88 20.08 -12.51
CA ILE F 91 34.20 20.50 -11.28
C ILE F 91 34.47 19.51 -10.15
N ARG F 92 34.34 18.22 -10.44
CA ARG F 92 34.55 17.20 -9.41
C ARG F 92 36.01 17.07 -9.02
N ALA F 93 36.94 17.43 -9.90
CA ALA F 93 38.33 17.49 -9.52
C ALA F 93 38.70 18.80 -8.83
N GLY F 94 37.79 19.77 -8.83
CA GLY F 94 38.06 21.04 -8.16
C GLY F 94 38.90 22.01 -8.96
N GLU F 95 39.20 21.71 -10.21
CA GLU F 95 40.14 22.52 -10.97
C GLU F 95 39.52 23.76 -11.60
N LEU F 96 38.20 23.92 -11.56
CA LEU F 96 37.58 25.21 -11.89
C LEU F 96 36.84 25.72 -10.66
N SER F 97 37.17 26.93 -10.26
CA SER F 97 36.48 27.55 -9.13
C SER F 97 35.09 27.99 -9.56
N PRO F 98 34.08 27.79 -8.72
CA PRO F 98 32.72 28.22 -9.07
C PRO F 98 32.52 29.71 -8.97
N SER F 99 32.78 30.42 -10.07
CA SER F 99 32.61 31.88 -10.10
C SER F 99 31.14 32.26 -10.23
N MET F 100 30.82 33.45 -9.72
CA MET F 100 29.52 34.06 -9.85
C MET F 100 29.66 35.35 -10.67
N GLN F 101 28.61 35.70 -11.41
CA GLN F 101 28.64 36.84 -12.31
C GLN F 101 28.82 38.15 -11.54
N GLN F 102 29.63 39.04 -12.10
CA GLN F 102 29.91 40.33 -11.49
C GLN F 102 28.99 41.41 -12.06
N ARG F 103 28.82 42.48 -11.27
CA ARG F 103 27.95 43.58 -11.68
C ARG F 103 28.52 44.32 -12.87
N THR F 104 27.63 44.79 -13.74
CA THR F 104 28.05 45.66 -14.83
C THR F 104 28.52 47.01 -14.31
N ASP F 105 27.84 47.55 -13.31
CA ASP F 105 28.14 48.85 -12.74
C ASP F 105 28.89 48.70 -11.43
N LEU F 106 29.77 49.66 -11.14
CA LEU F 106 30.56 49.62 -9.92
C LEU F 106 29.68 49.92 -8.71
N PRO F 107 29.95 49.29 -7.56
CA PRO F 107 29.28 49.69 -6.31
C PRO F 107 29.63 51.12 -5.91
N ALA F 108 28.65 51.77 -5.29
CA ALA F 108 28.79 53.18 -4.92
C ALA F 108 29.85 53.38 -3.84
N LYS F 109 30.47 54.55 -3.86
CA LYS F 109 31.53 54.88 -2.91
C LYS F 109 30.97 55.13 -1.52
N ASP F 110 31.80 54.86 -0.50
CA ASP F 110 31.37 54.97 0.89
C ASP F 110 31.08 56.42 1.30
N SER F 111 31.77 57.40 0.70
CA SER F 111 31.63 58.77 1.15
C SER F 111 30.33 59.43 0.70
N SER F 112 29.64 58.85 -0.27
CA SER F 112 28.35 59.39 -0.70
C SER F 112 27.20 59.00 0.23
N LYS F 113 27.43 58.07 1.14
CA LYS F 113 26.38 57.57 2.02
C LYS F 113 25.99 58.59 3.07
N SER F 114 24.69 58.62 3.41
CA SER F 114 24.21 59.37 4.55
C SER F 114 24.60 58.66 5.83
N GLU F 115 24.60 59.42 6.93
CA GLU F 115 24.89 58.85 8.25
C GLU F 115 23.87 57.80 8.65
N LEU F 116 22.61 58.01 8.28
CA LEU F 116 21.57 57.04 8.58
C LEU F 116 21.75 55.77 7.77
N GLN F 117 22.22 55.90 6.52
CA GLN F 117 22.61 54.73 5.73
C GLN F 117 23.84 54.03 6.32
N LEU F 118 24.76 54.80 6.92
CA LEU F 118 25.92 54.19 7.56
C LEU F 118 25.50 53.38 8.79
N ALA F 119 24.51 53.87 9.54
CA ALA F 119 23.97 53.07 10.64
C ALA F 119 23.18 51.87 10.12
N ARG F 120 22.49 52.02 8.99
CA ARG F 120 21.73 50.92 8.41
C ARG F 120 22.64 49.79 7.92
N GLU F 121 23.84 50.13 7.47
CA GLU F 121 24.76 49.09 7.03
C GLU F 121 25.67 48.58 8.14
N GLN F 122 25.97 49.37 9.17
CA GLN F 122 26.60 48.82 10.36
C GLN F 122 25.68 47.92 11.16
N LEU F 123 24.37 48.12 11.05
CA LEU F 123 23.38 47.35 11.80
C LEU F 123 22.97 46.05 11.11
N HIS F 124 23.51 45.77 9.92
CA HIS F 124 23.21 44.51 9.25
C HIS F 124 23.76 43.33 10.05
N VAL F 125 22.99 42.24 10.06
CA VAL F 125 23.37 41.09 10.87
C VAL F 125 24.58 40.35 10.29
N SER F 126 24.84 40.48 8.99
CA SER F 126 25.98 39.84 8.36
C SER F 126 27.32 40.46 8.75
N VAL F 127 27.32 41.70 9.23
CA VAL F 127 28.55 42.37 9.62
C VAL F 127 28.93 41.92 11.03
N VAL F 128 29.67 40.83 11.13
CA VAL F 128 30.12 40.36 12.45
C VAL F 128 31.19 41.31 12.98
N PRO F 129 31.11 41.74 14.23
CA PRO F 129 32.21 42.53 14.82
C PRO F 129 33.47 41.70 14.97
N LYS F 130 34.61 42.40 14.93
CA LYS F 130 35.90 41.74 15.11
C LYS F 130 36.06 41.16 16.52
N SER F 131 35.42 41.77 17.51
CA SER F 131 35.41 41.26 18.88
C SER F 131 34.01 41.40 19.43
N LEU F 132 33.38 40.28 19.76
CA LEU F 132 31.97 40.28 20.12
C LEU F 132 31.78 40.86 21.52
N PRO F 133 30.90 41.85 21.68
CA PRO F 133 30.50 42.28 23.02
C PRO F 133 29.74 41.18 23.75
N CYS F 134 29.92 41.17 25.08
CA CYS F 134 29.13 40.39 26.04
C CYS F 134 29.27 38.87 25.86
N ARG F 135 30.31 38.41 25.16
CA ARG F 135 30.63 36.99 25.05
C ARG F 135 32.10 36.77 25.33
N GLU F 136 32.60 37.35 26.41
CA GLU F 136 34.01 37.21 26.74
C GLU F 136 34.29 35.92 27.50
N ARG F 137 33.36 35.52 28.38
CA ARG F 137 33.55 34.31 29.17
C ARG F 137 33.54 33.05 28.31
N GLU F 138 32.59 32.97 27.38
CA GLU F 138 32.55 31.85 26.45
C GLU F 138 33.74 31.86 25.50
N PHE F 139 34.26 33.06 25.17
CA PHE F 139 35.46 33.15 24.35
C PHE F 139 36.66 32.59 25.08
N GLU F 140 36.81 32.92 26.37
CA GLU F 140 37.89 32.35 27.17
C GLU F 140 37.74 30.85 27.33
N ASN F 141 36.51 30.36 27.44
CA ASN F 141 36.28 28.92 27.62
C ASN F 141 36.66 28.13 26.37
N ILE F 142 36.13 28.53 25.21
CA ILE F 142 36.44 27.83 23.96
C ILE F 142 37.91 28.03 23.59
N TYR F 143 38.48 29.19 23.91
CA TYR F 143 39.88 29.44 23.59
C TYR F 143 40.81 28.60 24.45
N ALA F 144 40.52 28.45 25.74
CA ALA F 144 41.34 27.60 26.60
C ALA F 144 41.24 26.14 26.21
N PHE F 145 40.04 25.69 25.83
CA PHE F 145 39.87 24.31 25.39
C PHE F 145 40.64 24.03 24.10
N LEU F 146 40.47 24.90 23.10
CA LEU F 146 41.10 24.65 21.81
C LEU F 146 42.61 24.84 21.87
N GLU F 147 43.10 25.82 22.65
CA GLU F 147 44.53 26.00 22.77
C GLU F 147 45.18 24.85 23.53
N GLY F 148 44.50 24.29 24.54
CA GLY F 148 45.05 23.13 25.22
C GLY F 148 45.02 21.88 24.37
N LYS F 149 43.96 21.71 23.58
CA LYS F 149 43.91 20.55 22.68
C LYS F 149 44.90 20.67 21.53
N ILE F 150 45.23 21.88 21.11
CA ILE F 150 46.20 22.04 20.03
C ILE F 150 47.63 21.87 20.55
N GLN F 151 47.95 22.51 21.68
CA GLN F 151 49.31 22.41 22.22
C GLN F 151 49.61 21.04 22.79
N ASP F 152 48.61 20.33 23.32
CA ASP F 152 48.89 19.00 23.84
C ASP F 152 48.92 17.92 22.75
N GLN F 153 48.45 18.24 21.55
CA GLN F 153 48.43 17.35 20.37
C GLN F 153 47.72 16.03 20.66
N CYS F 154 46.62 16.10 21.40
CA CYS F 154 45.91 14.90 21.85
C CYS F 154 44.60 14.66 21.14
N GLY F 155 43.82 15.69 20.88
CA GLY F 155 42.51 15.52 20.29
C GLY F 155 41.43 15.33 21.33
N GLY F 156 40.18 15.49 20.89
CA GLY F 156 39.07 15.41 21.81
C GLY F 156 37.83 16.01 21.20
N CYS F 157 36.87 16.34 22.06
CA CYS F 157 35.58 16.80 21.57
C CYS F 157 34.93 17.75 22.57
N MET F 158 34.07 18.62 22.05
CA MET F 158 33.33 19.59 22.85
C MET F 158 31.94 19.76 22.27
N TYR F 159 30.99 20.12 23.12
CA TYR F 159 29.60 20.33 22.72
C TYR F 159 29.11 21.66 23.27
N VAL F 160 28.98 22.65 22.40
CA VAL F 160 28.40 23.94 22.76
C VAL F 160 26.96 23.99 22.27
N SER F 161 26.10 24.66 23.02
CA SER F 161 24.67 24.61 22.76
C SER F 161 24.00 25.88 23.24
N GLY F 162 22.89 26.21 22.60
CA GLY F 162 22.09 27.35 23.01
C GLY F 162 21.05 27.78 21.99
N VAL F 163 20.11 28.62 22.42
CA VAL F 163 19.00 29.06 21.58
C VAL F 163 19.53 29.92 20.45
N PRO F 164 18.87 29.94 19.27
CA PRO F 164 19.45 30.63 18.11
C PRO F 164 19.61 32.13 18.29
N GLY F 165 20.66 32.66 17.67
CA GLY F 165 20.98 34.07 17.73
C GLY F 165 21.79 34.49 18.93
N THR F 166 22.33 33.55 19.71
CA THR F 166 23.02 33.87 20.95
C THR F 166 24.53 33.89 20.81
N GLY F 167 25.05 34.07 19.60
CA GLY F 167 26.48 34.21 19.43
C GLY F 167 27.29 32.94 19.56
N LYS F 168 26.77 31.81 19.11
CA LYS F 168 27.51 30.55 19.19
C LYS F 168 28.56 30.44 18.10
N THR F 169 28.10 30.35 16.84
CA THR F 169 28.99 30.14 15.70
C THR F 169 29.93 31.31 15.50
N ALA F 170 29.47 32.53 15.81
CA ALA F 170 30.35 33.70 15.70
C ALA F 170 31.49 33.64 16.72
N THR F 171 31.21 33.16 17.93
CA THR F 171 32.26 33.03 18.93
C THR F 171 33.22 31.90 18.59
N VAL F 172 32.71 30.79 18.05
CA VAL F 172 33.59 29.67 17.73
C VAL F 172 34.50 30.01 16.55
N THR F 173 33.94 30.65 15.51
CA THR F 173 34.79 31.10 14.41
C THR F 173 35.71 32.24 14.82
N GLY F 174 35.34 33.05 15.80
CA GLY F 174 36.26 34.07 16.28
C GLY F 174 37.42 33.50 17.06
N VAL F 175 37.16 32.44 17.84
CA VAL F 175 38.23 31.73 18.53
C VAL F 175 39.17 31.06 17.53
N ILE F 176 38.60 30.46 16.49
CA ILE F 176 39.42 29.78 15.49
C ILE F 176 40.22 30.78 14.64
N ARG F 177 39.64 31.96 14.35
CA ARG F 177 40.42 32.99 13.65
C ARG F 177 41.53 33.55 14.52
N THR F 178 41.29 33.67 15.84
CA THR F 178 42.36 34.10 16.73
C THR F 178 43.47 33.07 16.82
N LEU F 179 43.10 31.78 16.83
CA LEU F 179 44.12 30.73 16.85
C LEU F 179 44.89 30.67 15.55
N GLN F 180 44.24 30.97 14.42
CA GLN F 180 44.96 31.00 13.15
C GLN F 180 45.88 32.20 13.05
N ARG F 181 45.47 33.34 13.61
CA ARG F 181 46.36 34.51 13.67
C ARG F 181 47.54 34.25 14.59
N MET F 182 47.35 33.47 15.65
CA MET F 182 48.47 33.15 16.53
C MET F 182 49.39 32.10 15.93
N ALA F 183 48.83 31.12 15.22
CA ALA F 183 49.67 30.13 14.54
C ALA F 183 50.42 30.72 13.36
N LYS F 184 49.89 31.79 12.76
CA LYS F 184 50.61 32.48 11.69
C LYS F 184 51.88 33.15 12.18
N GLN F 185 51.91 33.57 13.44
CA GLN F 185 53.06 34.23 14.03
C GLN F 185 53.95 33.27 14.81
N ASN F 186 53.69 31.96 14.70
CA ASN F 186 54.46 30.89 15.35
C ASN F 186 54.46 30.99 16.86
N GLU F 187 53.42 31.56 17.45
CA GLU F 187 53.19 31.46 18.89
C GLU F 187 52.45 30.18 19.26
N LEU F 188 51.90 29.47 18.29
CA LEU F 188 51.12 28.26 18.48
C LEU F 188 51.52 27.28 17.39
N PRO F 189 51.40 25.97 17.63
CA PRO F 189 51.53 25.00 16.54
C PRO F 189 50.44 25.20 15.50
N ALA F 190 50.79 24.96 14.24
CA ALA F 190 49.86 25.12 13.13
C ALA F 190 48.81 24.02 13.16
N PHE F 191 47.65 24.30 12.59
CA PHE F 191 46.54 23.36 12.60
C PHE F 191 45.64 23.59 11.40
N GLU F 192 45.05 22.51 10.91
CA GLU F 192 44.03 22.57 9.87
C GLU F 192 42.66 22.86 10.49
N TYR F 193 41.81 23.54 9.73
CA TYR F 193 40.46 23.91 10.19
C TYR F 193 39.44 23.45 9.15
N LEU F 194 38.91 22.25 9.34
CA LEU F 194 37.74 21.80 8.61
C LEU F 194 36.48 22.36 9.25
N GLU F 195 35.44 22.52 8.45
CA GLU F 195 34.14 22.89 9.00
C GLU F 195 33.04 22.30 8.12
N ILE F 196 31.95 21.90 8.76
CA ILE F 196 30.74 21.46 8.07
C ILE F 196 29.53 22.08 8.78
N ASN F 197 28.36 21.82 8.23
CA ASN F 197 27.10 22.27 8.79
C ASN F 197 26.08 21.21 8.41
N GLY F 198 25.24 20.81 9.38
CA GLY F 198 24.37 19.68 9.13
C GLY F 198 23.17 19.98 8.27
N MET F 199 22.82 21.25 8.10
CA MET F 199 21.70 21.62 7.24
C MET F 199 22.10 21.97 5.82
N ARG F 200 23.40 22.05 5.52
CA ARG F 200 23.84 22.19 4.14
C ARG F 200 24.01 20.85 3.45
N LEU F 201 23.79 19.76 4.17
CA LEU F 201 23.90 18.41 3.63
C LEU F 201 22.51 17.84 3.39
N THR F 202 22.30 17.29 2.20
CA THR F 202 21.04 16.63 1.90
C THR F 202 20.87 15.33 2.68
N GLU F 203 21.97 14.67 3.01
CA GLU F 203 22.01 13.39 3.70
C GLU F 203 23.05 13.49 4.81
N PRO F 204 22.87 12.78 5.93
CA PRO F 204 23.92 12.74 6.95
C PRO F 204 25.26 12.20 6.47
N ARG F 205 25.27 11.26 5.52
CA ARG F 205 26.52 10.68 5.05
C ARG F 205 27.30 11.60 4.13
N GLN F 206 26.65 12.65 3.59
CA GLN F 206 27.31 13.59 2.70
C GLN F 206 28.36 14.44 3.40
N ALA F 207 28.36 14.45 4.74
CA ALA F 207 29.45 15.07 5.49
C ALA F 207 30.79 14.43 5.17
N TYR F 208 30.81 13.12 4.89
CA TYR F 208 32.03 12.49 4.44
C TYR F 208 32.51 13.05 3.10
N VAL F 209 31.56 13.42 2.23
CA VAL F 209 31.93 14.07 0.98
C VAL F 209 32.51 15.45 1.24
N GLN F 210 32.05 16.14 2.29
CA GLN F 210 32.44 17.54 2.43
C GLN F 210 33.74 17.73 3.17
N ILE F 211 33.97 16.93 4.23
CA ILE F 211 35.20 17.02 5.01
C ILE F 211 36.41 16.71 4.13
N TYR F 212 36.30 15.67 3.32
CA TYR F 212 37.33 15.35 2.33
C TYR F 212 37.46 16.47 1.30
N LYS F 213 36.36 17.15 0.98
CA LYS F 213 36.42 18.29 0.08
C LYS F 213 37.13 19.48 0.72
N GLN F 214 37.13 19.58 2.05
CA GLN F 214 37.99 20.60 2.66
C GLN F 214 39.44 20.14 2.79
N LEU F 215 39.74 18.88 2.51
CA LEU F 215 41.12 18.43 2.58
C LEU F 215 41.77 18.45 1.21
N THR F 216 41.41 17.50 0.34
CA THR F 216 42.01 17.44 -0.97
C THR F 216 41.35 18.37 -1.97
N GLY F 217 40.06 18.64 -1.81
CA GLY F 217 39.31 19.41 -2.77
C GLY F 217 38.62 18.60 -3.84
N LYS F 218 38.92 17.31 -3.94
CA LYS F 218 38.19 16.45 -4.85
C LYS F 218 36.80 16.15 -4.32
N THR F 219 35.84 16.03 -5.24
CA THR F 219 34.52 15.53 -4.91
C THR F 219 34.45 14.06 -5.31
N VAL F 220 34.12 13.21 -4.34
CA VAL F 220 34.05 11.76 -4.53
C VAL F 220 32.79 11.24 -3.86
N SER F 221 32.51 9.96 -4.08
CA SER F 221 31.37 9.33 -3.42
C SER F 221 31.62 9.19 -1.93
N TRP F 222 30.54 9.12 -1.16
CA TRP F 222 30.64 9.11 0.30
C TRP F 222 31.31 7.84 0.82
N GLU F 223 31.21 6.72 0.10
CA GLU F 223 31.88 5.51 0.55
C GLU F 223 33.38 5.60 0.40
N GLN F 224 33.85 6.06 -0.76
CA GLN F 224 35.28 6.27 -0.96
C GLN F 224 35.81 7.39 -0.07
N ALA F 225 35.00 8.40 0.20
CA ALA F 225 35.42 9.47 1.09
C ALA F 225 35.52 9.00 2.52
N HIS F 226 34.59 8.16 2.96
CA HIS F 226 34.67 7.59 4.31
C HIS F 226 35.86 6.66 4.45
N ALA F 227 36.17 5.89 3.40
CA ALA F 227 37.34 5.01 3.45
C ALA F 227 38.64 5.81 3.47
N LEU F 228 38.73 6.86 2.67
CA LEU F 228 39.92 7.71 2.68
C LEU F 228 40.07 8.48 3.99
N LEU F 229 38.95 8.89 4.61
CA LEU F 229 39.03 9.55 5.90
C LEU F 229 39.46 8.59 7.00
N GLU F 230 39.02 7.33 6.94
CA GLU F 230 39.51 6.34 7.90
C GLU F 230 40.98 6.03 7.67
N LYS F 231 41.43 6.00 6.41
CA LYS F 231 42.85 5.83 6.15
C LYS F 231 43.67 7.02 6.61
N ARG F 232 43.08 8.21 6.62
CA ARG F 232 43.80 9.38 7.10
C ARG F 232 43.88 9.39 8.63
N PHE F 233 42.78 9.06 9.29
CA PHE F 233 42.73 9.26 10.74
C PHE F 233 43.21 8.06 11.54
N THR F 234 42.86 6.83 11.13
CA THR F 234 43.28 5.66 11.88
C THR F 234 44.78 5.35 11.79
N THR F 235 45.44 5.79 10.71
CA THR F 235 46.83 5.41 10.46
C THR F 235 47.77 6.52 10.87
N PRO F 236 48.71 6.28 11.79
CA PRO F 236 49.66 7.33 12.18
C PRO F 236 50.65 7.67 11.07
N ALA F 237 50.60 8.89 10.58
CA ALA F 237 51.43 9.36 9.46
C ALA F 237 52.09 10.68 9.83
N PRO F 238 53.21 10.64 10.54
CA PRO F 238 53.98 11.87 10.78
C PRO F 238 54.51 12.45 9.47
N ARG F 239 54.55 13.79 9.37
CA ARG F 239 54.09 14.72 10.41
C ARG F 239 52.63 15.11 10.25
N ARG F 240 51.77 14.39 10.97
CA ARG F 240 50.36 14.72 11.06
C ARG F 240 50.18 16.03 11.80
N VAL F 241 49.34 16.89 11.26
CA VAL F 241 49.04 18.17 11.88
C VAL F 241 47.70 18.04 12.60
N THR F 242 47.51 18.86 13.62
CA THR F 242 46.25 18.87 14.35
C THR F 242 45.14 19.41 13.46
N THR F 243 43.95 18.84 13.56
CA THR F 243 42.82 19.25 12.74
C THR F 243 41.59 19.48 13.61
N VAL F 244 41.00 20.67 13.49
CA VAL F 244 39.83 21.06 14.26
C VAL F 244 38.62 21.01 13.34
N LEU F 245 37.69 20.10 13.64
CA LEU F 245 36.50 19.89 12.84
C LEU F 245 35.31 20.51 13.57
N LEU F 246 35.03 21.77 13.26
CA LEU F 246 33.78 22.38 13.71
C LEU F 246 32.59 21.71 13.02
N VAL F 247 31.56 21.39 13.79
CA VAL F 247 30.35 20.76 13.27
C VAL F 247 29.16 21.55 13.79
N ASP F 248 28.63 22.46 12.99
CA ASP F 248 27.34 23.06 13.31
C ASP F 248 26.22 22.08 13.01
N GLU F 249 25.08 22.31 13.65
CA GLU F 249 23.79 21.66 13.34
C GLU F 249 23.85 20.15 13.55
N LEU F 250 24.30 19.77 14.75
CA LEU F 250 24.59 18.37 15.04
C LEU F 250 23.33 17.49 15.04
N ASP F 251 22.16 18.06 15.37
CA ASP F 251 20.95 17.26 15.42
C ASP F 251 20.43 16.80 14.06
N ILE F 252 20.83 17.47 12.97
CA ILE F 252 20.43 17.01 11.64
C ILE F 252 21.23 15.78 11.21
N LEU F 253 22.44 15.60 11.74
CA LEU F 253 23.31 14.50 11.36
C LEU F 253 22.98 13.19 12.06
N CYS F 254 22.02 13.15 12.93
CA CYS F 254 21.75 12.02 13.80
C CYS F 254 21.26 10.77 13.05
N ASN F 255 20.01 10.80 12.58
CA ASN F 255 19.19 9.70 12.05
C ASN F 255 19.09 8.52 13.01
N ARG F 256 18.61 7.37 12.52
CA ARG F 256 18.31 6.27 13.42
C ARG F 256 19.54 5.42 13.72
N ARG F 257 20.30 5.11 12.66
CA ARG F 257 21.50 4.31 12.88
C ARG F 257 22.57 5.08 13.66
N GLN F 258 22.62 6.40 13.51
CA GLN F 258 23.65 7.28 14.10
C GLN F 258 25.06 6.82 13.79
N ASP F 259 25.30 6.44 12.54
CA ASP F 259 26.63 6.00 12.14
C ASP F 259 27.58 7.17 11.90
N VAL F 260 27.05 8.27 11.34
CA VAL F 260 27.91 9.40 10.96
C VAL F 260 28.42 10.12 12.20
N VAL F 261 27.54 10.39 13.16
CA VAL F 261 27.95 11.05 14.39
C VAL F 261 28.83 10.12 15.23
N TYR F 262 28.62 8.80 15.13
CA TYR F 262 29.51 7.87 15.83
C TYR F 262 30.90 7.88 15.24
N ASN F 263 31.02 7.99 13.92
CA ASN F 263 32.34 8.07 13.30
C ASN F 263 33.02 9.38 13.64
N LEU F 264 32.27 10.50 13.58
CA LEU F 264 32.86 11.80 13.87
C LEU F 264 33.28 11.94 15.33
N LEU F 265 32.60 11.28 16.26
CA LEU F 265 33.04 11.31 17.65
C LEU F 265 33.97 10.16 18.03
N ASP F 266 34.11 9.15 17.18
CA ASP F 266 35.00 8.02 17.45
C ASP F 266 36.40 8.23 16.89
N TRP F 267 36.52 8.99 15.80
CA TRP F 267 37.85 9.32 15.27
C TRP F 267 38.78 10.05 16.24
N PRO F 268 38.35 11.06 17.05
CA PRO F 268 39.29 11.62 18.04
C PRO F 268 39.84 10.64 19.07
N THR F 269 39.08 9.61 19.44
CA THR F 269 39.50 8.69 20.48
C THR F 269 40.72 7.87 20.08
N LYS F 270 40.92 7.66 18.78
CA LYS F 270 42.11 6.99 18.30
C LYS F 270 43.32 7.89 18.46
N SER F 271 44.45 7.30 18.89
CA SER F 271 45.65 8.08 19.14
C SER F 271 46.26 8.64 17.86
N ALA F 272 46.09 7.94 16.74
CA ALA F 272 46.70 8.37 15.48
C ALA F 272 46.07 9.66 14.94
N ALA F 273 44.80 9.89 15.24
CA ALA F 273 44.11 11.08 14.78
C ALA F 273 44.19 12.16 15.86
N LYS F 274 44.59 13.36 15.45
CA LYS F 274 44.71 14.50 16.37
C LYS F 274 43.49 15.38 16.29
N LEU F 275 42.37 14.82 15.85
CA LEU F 275 41.13 15.55 15.64
C LEU F 275 40.58 16.13 16.93
N VAL F 276 40.13 17.39 16.85
CA VAL F 276 39.49 18.10 17.96
C VAL F 276 38.16 18.59 17.41
N VAL F 277 37.10 17.83 17.62
CA VAL F 277 35.81 18.16 17.04
C VAL F 277 34.98 18.97 18.03
N VAL F 278 34.47 20.11 17.57
CA VAL F 278 33.55 20.96 18.30
C VAL F 278 32.18 20.83 17.63
N THR F 279 31.13 20.67 18.43
CA THR F 279 29.78 20.43 17.92
C THR F 279 28.84 21.49 18.48
N ILE F 280 28.24 22.27 17.58
CA ILE F 280 27.30 23.33 17.96
C ILE F 280 25.88 22.78 17.79
N ALA F 281 25.02 23.04 18.77
CA ALA F 281 23.62 22.65 18.65
C ALA F 281 22.76 23.56 19.51
N ASN F 282 21.44 23.39 19.37
CA ASN F 282 20.50 24.27 20.07
C ASN F 282 20.06 23.70 21.42
N THR F 283 19.53 22.49 21.42
CA THR F 283 19.02 21.90 22.66
C THR F 283 20.15 21.58 23.63
N MET F 284 19.92 21.90 24.91
CA MET F 284 20.89 21.61 25.95
C MET F 284 21.01 20.11 26.20
N ASP F 285 19.91 19.37 26.05
CA ASP F 285 19.83 17.98 26.48
C ASP F 285 19.97 16.99 25.34
N LEU F 286 20.55 17.42 24.21
CA LEU F 286 20.67 16.56 23.02
C LEU F 286 21.38 15.22 23.23
N PRO F 287 22.58 15.13 23.86
CA PRO F 287 23.19 13.79 24.05
C PRO F 287 22.37 12.81 24.86
N GLU F 288 21.60 13.30 25.82
CA GLU F 288 20.73 12.40 26.58
C GLU F 288 19.38 12.19 25.90
N ARG F 289 18.91 13.16 25.11
CA ARG F 289 17.57 13.04 24.53
C ARG F 289 17.56 12.12 23.32
N LEU F 290 18.51 12.28 22.38
CA LEU F 290 18.41 11.51 21.15
C LEU F 290 19.68 10.79 20.71
N LEU F 291 20.84 11.09 21.27
CA LEU F 291 22.02 10.31 20.98
C LEU F 291 22.00 8.99 21.74
N MET F 292 22.67 7.99 21.16
CA MET F 292 22.82 6.70 21.80
C MET F 292 23.76 6.79 23.00
N GLY F 293 23.76 5.73 23.82
CA GLY F 293 24.55 5.76 25.04
C GLY F 293 26.04 5.74 24.80
N LYS F 294 26.50 5.01 23.78
CA LYS F 294 27.92 5.05 23.46
C LYS F 294 28.31 6.35 22.78
N VAL F 295 27.40 6.94 21.98
CA VAL F 295 27.69 8.22 21.36
C VAL F 295 27.72 9.34 22.40
N THR F 296 26.83 9.27 23.39
CA THR F 296 26.86 10.21 24.50
C THR F 296 28.11 10.01 25.35
N SER F 297 28.55 8.76 25.51
CA SER F 297 29.78 8.48 26.25
C SER F 297 31.01 9.02 25.51
N ARG F 298 30.99 8.99 24.18
CA ARG F 298 32.10 9.56 23.42
C ARG F 298 32.05 11.08 23.37
N LEU F 299 30.85 11.66 23.46
CA LEU F 299 30.71 13.11 23.40
C LEU F 299 31.31 13.79 24.63
N GLY F 300 31.36 13.09 25.75
CA GLY F 300 32.06 13.59 26.91
C GLY F 300 31.22 14.50 27.77
N LEU F 301 31.86 14.99 28.83
CA LEU F 301 31.21 15.83 29.82
C LEU F 301 31.68 17.29 29.78
N THR F 302 32.58 17.64 28.87
CA THR F 302 32.95 19.04 28.67
C THR F 302 31.90 19.69 27.77
N ARG F 303 31.30 20.78 28.25
CA ARG F 303 30.12 21.37 27.63
C ARG F 303 30.06 22.85 27.96
N LEU F 304 29.36 23.60 27.12
CA LEU F 304 29.19 25.03 27.33
C LEU F 304 27.81 25.42 26.82
N THR F 305 27.14 26.30 27.55
CA THR F 305 25.79 26.73 27.21
C THR F 305 25.77 28.24 27.04
N PHE F 306 25.27 28.69 25.89
CA PHE F 306 25.13 30.11 25.60
C PHE F 306 23.75 30.56 26.06
N GLN F 307 23.71 31.30 27.16
CA GLN F 307 22.45 31.81 27.70
C GLN F 307 21.90 32.92 26.80
N PRO F 308 20.58 33.11 26.80
CA PRO F 308 19.99 34.21 26.01
C PRO F 308 20.45 35.57 26.49
N TYR F 309 20.56 36.49 25.54
CA TYR F 309 20.95 37.87 25.86
C TYR F 309 19.89 38.53 26.72
N SER F 310 20.34 39.32 27.69
CA SER F 310 19.44 39.92 28.65
C SER F 310 18.97 41.27 28.15
N HIS F 311 18.36 42.06 29.06
CA HIS F 311 17.95 43.42 28.74
C HIS F 311 19.13 44.31 28.40
N LYS F 312 20.26 44.12 29.07
CA LYS F 312 21.40 45.02 28.98
C LYS F 312 22.38 44.63 27.89
N GLN F 313 22.63 43.34 27.70
CA GLN F 313 23.58 42.88 26.69
C GLN F 313 23.09 43.17 25.27
N LEU F 314 21.78 43.11 25.04
CA LEU F 314 21.23 43.49 23.75
C LEU F 314 21.38 44.98 23.48
N GLN F 315 21.38 45.81 24.52
CA GLN F 315 21.66 47.23 24.33
C GLN F 315 23.14 47.46 24.05
N GLU F 316 24.02 46.71 24.73
CA GLU F 316 25.46 46.85 24.47
C GLU F 316 25.82 46.41 23.06
N ILE F 317 25.13 45.40 22.53
CA ILE F 317 25.41 44.92 21.17
C ILE F 317 25.05 45.99 20.14
N VAL F 318 23.85 46.57 20.25
CA VAL F 318 23.40 47.55 19.27
C VAL F 318 24.18 48.86 19.38
N THR F 319 24.50 49.30 20.61
CA THR F 319 25.33 50.50 20.73
C THR F 319 26.78 50.25 20.35
N ALA F 320 27.24 49.01 20.34
CA ALA F 320 28.54 48.75 19.74
C ALA F 320 28.46 48.76 18.22
N ARG F 321 27.35 48.27 17.66
CA ARG F 321 27.17 48.30 16.20
C ARG F 321 27.05 49.73 15.66
N LEU F 322 26.43 50.62 16.42
CA LEU F 322 26.22 51.98 15.94
C LEU F 322 27.47 52.85 16.01
N GLY F 323 28.48 52.42 16.74
CA GLY F 323 29.66 53.26 16.90
C GLY F 323 29.37 54.46 17.78
N GLY F 324 30.03 55.57 17.48
CA GLY F 324 29.82 56.82 18.16
C GLY F 324 28.68 57.65 17.63
N SER F 325 27.97 57.15 16.62
CA SER F 325 26.86 57.89 16.02
C SER F 325 25.71 58.06 17.00
N GLU F 326 25.06 59.22 16.92
CA GLU F 326 23.87 59.52 17.71
C GLU F 326 22.59 59.44 16.88
N THR F 327 22.63 58.68 15.76
CA THR F 327 21.45 58.53 14.92
C THR F 327 20.33 57.78 15.63
N PHE F 328 20.66 56.91 16.58
CA PHE F 328 19.66 56.27 17.41
C PHE F 328 19.57 56.97 18.75
N LYS F 329 18.36 57.26 19.19
CA LYS F 329 18.15 57.68 20.57
C LYS F 329 18.43 56.52 21.50
N GLY F 330 18.95 56.84 22.69
CA GLY F 330 19.29 55.79 23.65
C GLY F 330 18.06 55.10 24.22
N GLU F 331 16.96 55.85 24.39
CA GLU F 331 15.71 55.24 24.79
C GLU F 331 15.12 54.37 23.70
N ALA F 332 15.42 54.65 22.43
CA ALA F 332 14.93 53.82 21.34
C ALA F 332 15.62 52.46 21.33
N VAL F 333 16.95 52.45 21.50
CA VAL F 333 17.69 51.20 21.63
C VAL F 333 17.29 50.47 22.90
N GLN F 334 17.00 51.22 23.97
CA GLN F 334 16.56 50.60 25.21
C GLN F 334 15.20 49.93 25.06
N LEU F 335 14.31 50.52 24.27
CA LEU F 335 13.00 49.92 24.03
C LEU F 335 13.11 48.71 23.11
N VAL F 336 14.00 48.77 22.11
CA VAL F 336 14.23 47.62 21.24
C VAL F 336 14.77 46.44 22.04
N ALA F 337 15.77 46.69 22.90
CA ALA F 337 16.35 45.64 23.71
C ALA F 337 15.38 45.11 24.74
N ARG F 338 14.58 46.00 25.35
CA ARG F 338 13.63 45.59 26.38
C ARG F 338 12.50 44.75 25.80
N LYS F 339 12.06 45.04 24.57
CA LYS F 339 10.99 44.25 24.00
C LYS F 339 11.46 43.08 23.14
N VAL F 340 12.76 42.99 22.85
CA VAL F 340 13.27 41.80 22.19
C VAL F 340 13.74 40.76 23.20
N ALA F 341 14.40 41.20 24.27
CA ALA F 341 14.89 40.27 25.30
C ALA F 341 13.75 39.61 26.07
N ALA F 342 12.59 40.25 26.12
CA ALA F 342 11.44 39.67 26.79
C ALA F 342 10.82 38.53 25.99
N VAL F 343 11.13 38.41 24.72
CA VAL F 343 10.51 37.40 23.84
C VAL F 343 11.42 36.19 23.68
N SER F 344 12.68 36.41 23.31
CA SER F 344 13.52 35.31 22.86
C SER F 344 14.95 35.43 23.34
N GLY F 345 15.50 36.64 23.38
CA GLY F 345 16.91 36.83 23.60
C GLY F 345 17.76 36.72 22.35
N ASP F 346 17.13 36.58 21.18
CA ASP F 346 17.81 36.59 19.91
C ASP F 346 18.42 37.97 19.66
N ALA F 347 19.64 37.99 19.12
CA ALA F 347 20.28 39.23 18.73
C ALA F 347 19.92 39.65 17.31
N ARG F 348 19.59 38.68 16.46
CA ARG F 348 19.16 39.00 15.10
C ARG F 348 17.85 39.77 15.08
N ARG F 349 16.97 39.52 16.04
CA ARG F 349 15.72 40.26 16.11
C ARG F 349 15.97 41.73 16.45
N ALA F 350 16.92 42.00 17.34
CA ALA F 350 17.24 43.38 17.67
C ALA F 350 17.94 44.08 16.50
N LEU F 351 18.86 43.39 15.83
CA LEU F 351 19.54 44.00 14.70
C LEU F 351 18.66 44.11 13.46
N ASP F 352 17.55 43.39 13.39
CA ASP F 352 16.59 43.59 12.32
C ASP F 352 15.57 44.67 12.65
N ILE F 353 15.11 44.74 13.89
CA ILE F 353 14.18 45.79 14.31
C ILE F 353 14.84 47.16 14.26
N CYS F 354 16.14 47.24 14.59
CA CYS F 354 16.83 48.53 14.46
C CYS F 354 17.01 48.95 13.00
N ARG F 355 17.22 47.99 12.10
CA ARG F 355 17.29 48.32 10.68
C ARG F 355 15.95 48.79 10.14
N ARG F 356 14.87 48.13 10.56
CA ARG F 356 13.54 48.58 10.17
C ARG F 356 13.20 49.94 10.75
N ALA F 357 13.67 50.23 11.96
CA ALA F 357 13.48 51.56 12.54
C ALA F 357 14.28 52.61 11.78
N THR F 358 15.45 52.26 11.27
CA THR F 358 16.21 53.17 10.43
C THR F 358 15.50 53.44 9.10
N GLU F 359 14.93 52.39 8.50
CA GLU F 359 14.16 52.57 7.26
C GLU F 359 12.88 53.37 7.49
N ILE F 360 12.28 53.25 8.68
CA ILE F 360 11.09 54.05 9.00
C ILE F 360 11.46 55.51 9.22
N ALA F 361 12.59 55.76 9.90
CA ALA F 361 13.05 57.13 10.09
C ALA F 361 13.52 57.77 8.79
N ASP F 362 13.95 56.96 7.82
CA ASP F 362 14.39 57.51 6.54
C ASP F 362 13.23 58.09 5.74
N THR F 363 12.06 57.46 5.79
CA THR F 363 10.94 57.95 4.98
C THR F 363 10.21 59.12 5.63
N ALA F 364 10.48 59.40 6.91
CA ALA F 364 9.92 60.57 7.58
C ALA F 364 10.78 61.81 7.39
N ALA F 365 11.90 61.68 6.68
CA ALA F 365 12.89 62.74 6.43
C ALA F 365 13.48 63.31 7.72
N VAL F 366 13.54 62.50 8.77
CA VAL F 366 14.28 62.83 9.98
C VAL F 366 15.60 62.07 9.94
N LYS F 367 16.60 62.60 10.66
CA LYS F 367 17.92 61.99 10.70
C LYS F 367 18.25 61.38 12.05
N CYS F 368 17.29 61.29 12.96
CA CYS F 368 17.46 60.60 14.23
C CYS F 368 16.29 59.66 14.43
N VAL F 369 16.58 58.44 14.86
CA VAL F 369 15.54 57.43 15.02
C VAL F 369 14.86 57.62 16.37
N THR F 370 13.84 58.48 16.40
CA THR F 370 13.09 58.77 17.61
C THR F 370 12.20 57.58 17.98
N MET F 371 11.74 57.59 19.23
CA MET F 371 11.18 56.40 19.86
C MET F 371 9.89 55.92 19.21
N LEU F 372 9.10 56.82 18.62
CA LEU F 372 7.90 56.34 17.94
C LEU F 372 8.21 55.59 16.65
N HIS F 373 9.35 55.85 16.01
CA HIS F 373 9.76 55.02 14.87
C HIS F 373 10.10 53.61 15.32
N VAL F 374 10.72 53.49 16.50
CA VAL F 374 10.98 52.18 17.08
C VAL F 374 9.68 51.49 17.49
N GLN F 375 8.70 52.24 17.98
CA GLN F 375 7.41 51.64 18.33
C GLN F 375 6.67 51.16 17.09
N GLN F 376 6.77 51.90 15.98
CA GLN F 376 6.15 51.46 14.74
C GLN F 376 6.85 50.23 14.17
N ALA F 377 8.18 50.20 14.21
CA ALA F 377 8.91 49.03 13.73
C ALA F 377 8.68 47.80 14.61
N LEU F 378 8.49 48.00 15.92
CA LEU F 378 8.19 46.89 16.82
C LEU F 378 6.79 46.35 16.57
N ALA F 379 5.82 47.24 16.35
CA ALA F 379 4.47 46.79 16.02
C ALA F 379 4.41 46.12 14.66
N GLU F 380 5.29 46.48 13.74
CA GLU F 380 5.32 45.82 12.44
C GLU F 380 5.98 44.46 12.50
N MET F 381 7.11 44.35 13.21
CA MET F 381 7.86 43.10 13.17
C MET F 381 7.52 42.13 14.30
N ILE F 382 6.69 42.52 15.27
CA ILE F 382 6.07 41.54 16.14
C ILE F 382 4.58 41.64 15.84
N ALA F 383 4.21 41.24 14.62
CA ALA F 383 2.89 41.50 14.09
C ALA F 383 1.85 40.58 14.71
N SER F 384 0.62 41.08 14.79
CA SER F 384 -0.53 40.34 15.32
C SER F 384 -1.74 40.74 14.47
N ALA F 385 -1.70 40.38 13.19
CA ALA F 385 -2.75 40.82 12.27
C ALA F 385 -3.75 39.72 11.99
N LYS F 386 -4.52 39.32 13.01
CA LYS F 386 -5.68 38.47 12.83
C LYS F 386 -6.99 39.19 13.08
N VAL F 387 -7.01 40.16 14.00
CA VAL F 387 -8.19 41.00 14.19
C VAL F 387 -8.46 41.84 12.95
N GLN F 388 -7.39 42.28 12.27
CA GLN F 388 -7.55 42.96 10.99
C GLN F 388 -8.10 42.04 9.92
N ALA F 389 -7.75 40.75 9.97
CA ALA F 389 -8.28 39.80 9.00
C ALA F 389 -9.75 39.52 9.25
N ILE F 390 -10.16 39.40 10.52
CA ILE F 390 -11.58 39.19 10.81
C ILE F 390 -12.39 40.44 10.50
N ARG F 391 -11.84 41.63 10.75
CA ARG F 391 -12.54 42.86 10.38
C ARG F 391 -12.58 43.08 8.88
N ASN F 392 -11.66 42.50 8.12
CA ASN F 392 -11.63 42.68 6.67
C ASN F 392 -12.41 41.58 5.93
N CYS F 393 -12.96 40.61 6.64
CA CYS F 393 -13.73 39.55 6.01
C CYS F 393 -15.07 40.07 5.52
N SER F 394 -15.61 39.39 4.51
CA SER F 394 -16.95 39.68 4.02
C SER F 394 -17.99 39.29 5.06
N ARG F 395 -19.17 39.93 4.94
CA ARG F 395 -20.18 39.87 6.00
C ARG F 395 -20.71 38.46 6.25
N MET F 396 -20.84 37.65 5.18
CA MET F 396 -21.21 36.26 5.38
C MET F 396 -20.12 35.46 6.06
N GLU F 397 -18.85 35.77 5.79
CA GLU F 397 -17.77 35.13 6.52
C GLU F 397 -17.72 35.56 7.97
N GLN F 398 -18.13 36.79 8.27
CA GLN F 398 -18.21 37.20 9.67
C GLN F 398 -19.36 36.49 10.39
N ILE F 399 -20.48 36.26 9.70
CA ILE F 399 -21.57 35.48 10.28
C ILE F 399 -21.13 34.04 10.50
N PHE F 400 -20.30 33.51 9.59
CA PHE F 400 -19.77 32.16 9.76
C PHE F 400 -18.82 32.08 10.94
N LEU F 401 -17.96 33.10 11.11
CA LEU F 401 -17.03 33.12 12.23
C LEU F 401 -17.73 33.32 13.57
N GLN F 402 -18.87 34.02 13.58
CA GLN F 402 -19.66 34.09 14.80
C GLN F 402 -20.32 32.75 15.11
N ALA F 403 -20.86 32.08 14.09
CA ALA F 403 -21.61 30.85 14.33
C ALA F 403 -20.72 29.69 14.71
N ILE F 404 -19.45 29.67 14.28
CA ILE F 404 -18.55 28.60 14.72
C ILE F 404 -18.27 28.73 16.21
N ALA F 405 -17.98 29.94 16.68
CA ALA F 405 -17.79 30.15 18.12
C ALA F 405 -19.08 29.95 18.90
N ALA F 406 -20.23 30.23 18.29
CA ALA F 406 -21.50 29.96 18.95
C ALA F 406 -21.74 28.46 19.12
N GLU F 407 -21.42 27.66 18.11
CA GLU F 407 -21.53 26.21 18.26
C GLU F 407 -20.49 25.65 19.23
N VAL F 408 -19.30 26.27 19.31
CA VAL F 408 -18.31 25.83 20.29
C VAL F 408 -18.79 26.11 21.70
N THR F 409 -19.41 27.27 21.93
CA THR F 409 -19.98 27.57 23.24
C THR F 409 -21.19 26.68 23.54
N ARG F 410 -21.97 26.32 22.53
CA ARG F 410 -23.18 25.53 22.76
C ARG F 410 -22.86 24.07 23.05
N THR F 411 -22.07 23.42 22.21
CA THR F 411 -21.78 22.00 22.40
C THR F 411 -20.64 21.75 23.37
N GLY F 412 -19.89 22.76 23.75
CA GLY F 412 -18.76 22.56 24.66
C GLY F 412 -17.47 22.09 24.05
N VAL F 413 -17.51 21.07 23.19
CA VAL F 413 -16.31 20.55 22.56
C VAL F 413 -15.83 21.53 21.49
N GLU F 414 -14.51 21.54 21.25
CA GLU F 414 -13.90 22.52 20.37
C GLU F 414 -14.01 22.19 18.89
N GLU F 415 -14.38 20.96 18.54
CA GLU F 415 -14.44 20.53 17.15
C GLU F 415 -15.89 20.39 16.73
N THR F 416 -16.32 21.18 15.75
CA THR F 416 -17.70 21.23 15.31
C THR F 416 -17.83 20.73 13.88
N THR F 417 -18.88 19.96 13.62
CA THR F 417 -19.26 19.58 12.27
C THR F 417 -19.91 20.76 11.55
N PHE F 418 -19.87 20.71 10.22
CA PHE F 418 -20.40 21.80 9.40
C PHE F 418 -21.91 21.94 9.51
N MET F 419 -22.62 20.86 9.87
CA MET F 419 -24.08 20.88 9.88
C MET F 419 -24.64 21.76 10.99
N GLY F 420 -24.12 21.61 12.21
CA GLY F 420 -24.58 22.46 13.29
C GLY F 420 -24.08 23.89 13.16
N VAL F 421 -22.92 24.06 12.53
CA VAL F 421 -22.43 25.40 12.19
C VAL F 421 -23.37 26.07 11.21
N TYR F 422 -23.88 25.33 10.23
CA TYR F 422 -24.84 25.90 9.29
C TYR F 422 -26.19 26.20 9.94
N GLN F 423 -26.60 25.40 10.92
CA GLN F 423 -27.85 25.70 11.62
C GLN F 423 -27.72 26.97 12.49
N GLN F 424 -26.58 27.13 13.16
CA GLN F 424 -26.33 28.38 13.89
C GLN F 424 -26.17 29.56 12.94
N VAL F 425 -25.64 29.32 11.73
CA VAL F 425 -25.56 30.33 10.69
C VAL F 425 -26.95 30.79 10.29
N GLU F 426 -27.88 29.85 10.12
CA GLU F 426 -29.24 30.23 9.77
C GLU F 426 -29.94 30.98 10.90
N THR F 427 -29.62 30.64 12.15
CA THR F 427 -30.18 31.38 13.28
C THR F 427 -29.68 32.82 13.34
N ILE F 428 -28.36 33.00 13.22
CA ILE F 428 -27.77 34.35 13.27
C ILE F 428 -28.19 35.18 12.05
N ALA F 429 -28.29 34.55 10.88
CA ALA F 429 -28.75 35.27 9.70
C ALA F 429 -30.22 35.62 9.78
N ALA F 430 -31.04 34.78 10.43
CA ALA F 430 -32.42 35.16 10.67
C ALA F 430 -32.53 36.29 11.67
N PHE F 431 -31.57 36.40 12.59
CA PHE F 431 -31.58 37.53 13.51
C PHE F 431 -31.16 38.83 12.83
N MET F 432 -30.08 38.79 12.05
CA MET F 432 -29.57 40.00 11.42
C MET F 432 -30.39 40.45 10.22
N GLY F 433 -31.23 39.58 9.67
CA GLY F 433 -32.15 39.94 8.61
C GLY F 433 -31.66 39.68 7.20
N VAL F 434 -30.36 39.53 6.99
CA VAL F 434 -29.85 39.13 5.69
C VAL F 434 -30.11 37.65 5.47
N THR F 435 -30.36 37.26 4.23
CA THR F 435 -30.43 35.85 3.90
C THR F 435 -29.03 35.27 3.83
N PHE F 436 -28.94 33.96 4.02
CA PHE F 436 -27.62 33.38 3.89
C PHE F 436 -27.53 32.56 2.59
N PRO F 437 -26.33 32.44 2.04
CA PRO F 437 -26.14 31.58 0.88
C PRO F 437 -26.43 30.13 1.21
N PRO F 438 -26.91 29.36 0.23
CA PRO F 438 -27.16 27.92 0.41
C PRO F 438 -25.87 27.17 0.65
N PRO F 439 -25.92 25.96 1.26
CA PRO F 439 -24.71 25.32 1.82
C PRO F 439 -23.58 25.07 0.85
N GLY F 440 -23.86 24.89 -0.44
CA GLY F 440 -22.78 24.79 -1.41
C GLY F 440 -21.93 26.03 -1.55
N ARG F 441 -22.47 27.21 -1.23
CA ARG F 441 -21.69 28.42 -1.14
C ARG F 441 -21.10 28.63 0.25
N ALA F 442 -21.75 28.10 1.29
CA ALA F 442 -21.16 28.14 2.62
C ALA F 442 -19.91 27.27 2.71
N LEU F 443 -19.84 26.20 1.91
CA LEU F 443 -18.59 25.44 1.80
C LEU F 443 -17.49 26.24 1.13
N ARG F 444 -17.85 27.13 0.19
CA ARG F 444 -16.85 28.03 -0.38
C ARG F 444 -16.35 29.03 0.64
N LEU F 445 -17.24 29.51 1.51
CA LEU F 445 -16.82 30.40 2.60
C LEU F 445 -15.91 29.67 3.59
N CYS F 446 -16.26 28.43 3.93
CA CYS F 446 -15.42 27.65 4.83
C CYS F 446 -14.07 27.32 4.20
N SER F 447 -14.04 27.11 2.88
CA SER F 447 -12.77 26.86 2.19
C SER F 447 -11.91 28.12 2.14
N LYS F 448 -12.53 29.29 2.01
CA LYS F 448 -11.76 30.53 2.04
C LYS F 448 -11.17 30.80 3.42
N LEU F 449 -11.97 30.59 4.47
CA LEU F 449 -11.44 30.76 5.82
C LEU F 449 -10.39 29.70 6.16
N GLY F 450 -10.50 28.49 5.60
CA GLY F 450 -9.48 27.49 5.84
C GLY F 450 -8.23 27.65 5.01
N ALA F 451 -8.32 28.35 3.87
CA ALA F 451 -7.12 28.70 3.12
C ALA F 451 -6.41 29.89 3.74
N GLU F 452 -7.17 30.81 4.35
CA GLU F 452 -6.61 31.96 5.06
C GLU F 452 -6.10 31.56 6.44
N ARG F 453 -6.39 30.33 6.87
CA ARG F 453 -6.06 29.79 8.20
C ARG F 453 -6.67 30.59 9.33
N LEU F 454 -7.85 31.17 9.11
CA LEU F 454 -8.66 31.65 10.22
C LEU F 454 -9.37 30.51 10.93
N ILE F 455 -9.66 29.42 10.21
CA ILE F 455 -10.21 28.21 10.79
C ILE F 455 -9.43 27.03 10.19
N ILE F 456 -9.48 25.90 10.89
CA ILE F 456 -8.97 24.65 10.37
C ILE F 456 -10.16 23.84 9.88
N SER F 457 -10.06 23.31 8.66
CA SER F 457 -11.18 22.60 8.08
C SER F 457 -10.67 21.53 7.13
N GLU F 458 -11.49 20.51 6.92
CA GLU F 458 -11.12 19.38 6.09
C GLU F 458 -11.32 19.70 4.61
N HIS F 459 -10.96 18.75 3.76
CA HIS F 459 -11.31 18.80 2.35
C HIS F 459 -12.82 18.80 2.20
N SER F 460 -13.32 19.51 1.19
CA SER F 460 -14.74 19.80 1.07
C SER F 460 -15.56 18.64 0.52
N ARG F 461 -14.92 17.53 0.14
CA ARG F 461 -15.63 16.40 -0.47
C ARG F 461 -16.63 15.75 0.46
N ASN F 462 -16.44 15.84 1.78
CA ASN F 462 -17.38 15.31 2.75
C ASN F 462 -18.14 16.46 3.42
N ASP F 463 -19.02 17.09 2.63
CA ASP F 463 -19.81 18.22 3.09
C ASP F 463 -20.82 17.80 4.15
N LEU F 464 -21.16 18.76 5.02
CA LEU F 464 -22.06 18.68 6.18
C LEU F 464 -21.53 17.83 7.32
N PHE F 465 -20.55 16.97 7.07
CA PHE F 465 -19.92 16.18 8.11
C PHE F 465 -18.45 16.49 8.28
N GLN F 466 -17.92 17.47 7.55
CA GLN F 466 -16.54 17.87 7.77
C GLN F 466 -16.42 18.64 9.09
N LYS F 467 -15.27 18.49 9.71
CA LYS F 467 -15.03 19.07 11.03
C LYS F 467 -14.34 20.42 10.89
N ILE F 468 -14.75 21.38 11.71
CA ILE F 468 -14.31 22.77 11.58
C ILE F 468 -13.75 23.19 12.94
N LEU F 469 -12.44 23.11 13.11
CA LEU F 469 -11.80 23.75 14.25
C LEU F 469 -11.74 25.26 14.04
N LEU F 470 -11.87 25.99 15.13
CA LEU F 470 -11.64 27.43 15.12
C LEU F 470 -10.17 27.68 15.44
N ASN F 471 -9.46 28.34 14.52
CA ASN F 471 -8.04 28.62 14.73
C ASN F 471 -7.81 29.92 15.49
N VAL F 472 -8.59 30.94 15.21
CA VAL F 472 -8.52 32.18 15.98
C VAL F 472 -9.24 31.97 17.31
N SER F 473 -8.82 32.70 18.34
CA SER F 473 -9.46 32.63 19.64
C SER F 473 -10.87 33.23 19.58
N ALA F 474 -11.76 32.72 20.43
CA ALA F 474 -13.16 33.09 20.37
C ALA F 474 -13.40 34.55 20.77
N ASP F 475 -12.59 35.09 21.69
CA ASP F 475 -12.73 36.49 22.08
C ASP F 475 -12.21 37.47 21.03
N ASP F 476 -11.30 37.02 20.15
CA ASP F 476 -10.82 37.88 19.08
C ASP F 476 -11.91 38.17 18.05
N ILE F 477 -12.85 37.25 17.87
CA ILE F 477 -13.94 37.46 16.92
C ILE F 477 -14.89 38.53 17.43
N HIS F 478 -15.24 38.47 18.72
CA HIS F 478 -16.10 39.50 19.29
C HIS F 478 -15.37 40.84 19.40
N TYR F 479 -14.05 40.83 19.63
CA TYR F 479 -13.28 42.07 19.61
C TYR F 479 -13.22 42.68 18.21
N ALA F 480 -13.25 41.85 17.18
CA ALA F 480 -13.21 42.36 15.82
C ALA F 480 -14.58 42.87 15.37
N LEU F 481 -15.64 42.15 15.71
CA LEU F 481 -16.97 42.45 15.21
C LEU F 481 -17.81 43.30 16.16
N ARG F 482 -17.27 43.68 17.32
CA ARG F 482 -17.91 44.68 18.18
C ARG F 482 -17.12 45.98 18.16
N VAL F 483 -15.94 46.01 18.77
CA VAL F 483 -15.13 47.21 18.81
C VAL F 483 -14.35 47.35 17.51
N ARG G 11 54.05 21.39 29.19
CA ARG G 11 55.00 22.13 30.02
C ARG G 11 54.98 21.67 31.47
N ASN G 12 54.14 22.31 32.27
CA ASN G 12 54.09 22.03 33.70
C ASN G 12 53.28 20.77 33.99
N LYS G 13 53.16 20.45 35.27
CA LYS G 13 52.48 19.24 35.72
C LYS G 13 51.00 19.26 35.38
N TYR G 14 50.39 20.45 35.31
CA TYR G 14 48.97 20.56 34.96
C TYR G 14 48.72 20.10 33.53
N GLN G 15 49.47 20.64 32.57
CA GLN G 15 49.34 20.22 31.19
C GLN G 15 49.84 18.79 30.98
N ASN G 16 50.79 18.33 31.81
CA ASN G 16 51.24 16.95 31.72
C ASN G 16 50.15 15.97 32.14
N ALA G 17 49.47 16.24 33.26
CA ALA G 17 48.37 15.39 33.68
C ALA G 17 47.19 15.47 32.72
N ARG G 18 46.94 16.66 32.16
CA ARG G 18 45.85 16.82 31.20
C ARG G 18 46.13 16.08 29.91
N ARG G 19 47.40 15.99 29.51
CA ARG G 19 47.76 15.18 28.35
C ARG G 19 47.67 13.69 28.66
N VAL G 20 48.15 13.27 29.84
CA VAL G 20 48.25 11.85 30.11
C VAL G 20 46.91 11.21 30.48
N LEU G 21 45.90 12.00 30.89
CA LEU G 21 44.59 11.39 31.14
C LEU G 21 43.91 10.99 29.83
N ASN G 22 44.23 11.69 28.75
CA ASN G 22 44.22 11.17 27.38
C ASN G 22 42.87 10.69 26.86
N SER G 23 42.34 9.62 27.46
CA SER G 23 41.17 8.86 27.01
C SER G 23 41.33 8.32 25.59
N ALA G 24 42.53 7.86 25.25
CA ALA G 24 42.78 7.23 23.96
C ALA G 24 43.20 5.78 24.16
N GLU G 25 43.83 5.18 23.16
CA GLU G 25 44.29 3.80 23.27
C GLU G 25 45.43 3.69 24.28
N THR G 26 45.47 2.56 24.99
CA THR G 26 46.49 2.31 26.00
C THR G 26 46.99 0.88 25.87
N GLN G 27 48.18 0.66 26.42
CA GLN G 27 48.78 -0.67 26.48
C GLN G 27 48.47 -1.38 27.79
N ASN G 28 48.65 -0.70 28.92
CA ASN G 28 48.34 -1.29 30.21
C ASN G 28 46.88 -1.10 30.59
N LEU G 29 46.26 -2.16 31.10
CA LEU G 29 44.85 -2.17 31.50
C LEU G 29 44.74 -2.76 32.90
N PRO G 30 45.02 -1.97 33.94
CA PRO G 30 44.97 -2.49 35.32
C PRO G 30 43.62 -3.05 35.77
N GLY G 31 42.51 -2.50 35.28
CA GLY G 31 41.21 -2.94 35.77
C GLY G 31 40.75 -4.27 35.19
N ARG G 32 41.17 -4.60 33.98
CA ARG G 32 40.75 -5.80 33.29
C ARG G 32 41.90 -6.79 33.26
N GLU G 33 41.97 -7.64 34.28
CA GLU G 33 43.01 -8.66 34.37
C GLU G 33 42.43 -10.07 34.33
N SER G 34 41.40 -10.35 35.13
CA SER G 34 40.72 -11.64 35.01
C SER G 34 39.98 -11.78 33.69
N GLN G 35 39.46 -10.67 33.14
CA GLN G 35 38.83 -10.74 31.82
C GLN G 35 39.87 -11.02 30.74
N LEU G 36 41.06 -10.42 30.84
CA LEU G 36 42.10 -10.70 29.86
C LEU G 36 42.61 -12.13 29.99
N GLN G 37 42.71 -12.64 31.22
CA GLN G 37 43.14 -14.03 31.39
C GLN G 37 42.11 -15.01 30.87
N GLU G 38 40.82 -14.69 31.02
CA GLU G 38 39.77 -15.57 30.52
C GLU G 38 39.73 -15.55 28.99
N LEU G 39 39.92 -14.38 28.38
CA LEU G 39 39.96 -14.30 26.93
C LEU G 39 41.20 -15.00 26.35
N ARG G 40 42.34 -14.88 27.03
CA ARG G 40 43.54 -15.59 26.59
C ARG G 40 43.38 -17.09 26.74
N GLU G 41 42.72 -17.55 27.79
CA GLU G 41 42.47 -18.98 27.95
C GLU G 41 41.50 -19.50 26.89
N PHE G 42 40.52 -18.69 26.49
CA PHE G 42 39.60 -19.08 25.43
C PHE G 42 40.34 -19.22 24.09
N PHE G 43 41.15 -18.20 23.74
CA PHE G 43 41.92 -18.25 22.50
C PHE G 43 42.94 -19.39 22.51
N SER G 44 43.54 -19.66 23.68
CA SER G 44 44.57 -20.68 23.75
C SER G 44 44.01 -22.09 23.67
N ASN G 45 42.93 -22.36 24.41
CA ASN G 45 42.31 -23.69 24.32
C ASN G 45 41.67 -23.93 22.96
N HIS G 46 41.14 -22.89 22.30
CA HIS G 46 40.62 -23.13 20.97
C HIS G 46 41.70 -23.11 19.90
N LEU G 47 42.91 -22.69 20.23
CA LEU G 47 44.03 -22.93 19.32
C LEU G 47 44.58 -24.34 19.49
N GLU G 48 44.77 -24.78 20.74
CA GLU G 48 45.34 -26.10 20.99
C GLU G 48 44.40 -27.21 20.59
N SER G 49 43.08 -27.01 20.72
CA SER G 49 42.14 -28.02 20.26
C SER G 49 41.87 -27.93 18.77
N GLN G 50 42.28 -26.83 18.13
CA GLN G 50 42.07 -26.55 16.70
C GLN G 50 40.60 -26.66 16.31
N THR G 51 39.72 -26.21 17.18
CA THR G 51 38.29 -26.24 16.93
C THR G 51 37.74 -24.82 16.91
N SER G 52 36.63 -24.65 16.21
CA SER G 52 35.97 -23.36 16.09
C SER G 52 35.25 -22.99 17.38
N GLY G 53 35.09 -21.70 17.61
CA GLY G 53 34.41 -21.26 18.81
C GLY G 53 33.95 -19.81 18.80
N SER G 54 32.65 -19.60 18.72
CA SER G 54 32.08 -18.26 18.78
C SER G 54 32.10 -17.72 20.20
N LEU G 55 32.11 -16.39 20.31
CA LEU G 55 32.14 -15.70 21.58
C LEU G 55 31.44 -14.37 21.44
N TYR G 56 30.74 -13.97 22.51
CA TYR G 56 30.00 -12.72 22.54
C TYR G 56 30.38 -11.97 23.80
N VAL G 57 31.16 -10.90 23.66
CA VAL G 57 31.50 -10.03 24.79
C VAL G 57 30.56 -8.83 24.78
N SER G 58 30.17 -8.41 25.98
CA SER G 58 29.15 -7.38 26.09
C SER G 58 29.42 -6.55 27.32
N GLY G 59 28.73 -5.42 27.39
CA GLY G 59 28.76 -4.63 28.60
C GLY G 59 28.54 -3.16 28.30
N GLN G 60 28.41 -2.39 29.38
CA GLN G 60 28.08 -0.97 29.29
C GLN G 60 29.22 -0.21 28.59
N PRO G 61 28.89 0.87 27.85
CA PRO G 61 29.94 1.61 27.15
C PRO G 61 30.94 2.23 28.09
N GLY G 62 32.20 2.25 27.66
CA GLY G 62 33.28 2.77 28.47
C GLY G 62 33.93 1.77 29.40
N THR G 63 33.44 0.54 29.48
CA THR G 63 34.03 -0.43 30.41
C THR G 63 35.29 -1.08 29.89
N GLY G 64 35.63 -0.91 28.62
CA GLY G 64 36.91 -1.36 28.11
C GLY G 64 36.93 -2.66 27.37
N LYS G 65 35.90 -2.98 26.59
CA LYS G 65 35.91 -4.22 25.81
C LYS G 65 36.85 -4.11 24.61
N THR G 66 36.73 -3.02 23.85
CA THR G 66 37.58 -2.81 22.69
C THR G 66 39.04 -2.60 23.08
N ALA G 67 39.30 -2.06 24.27
CA ALA G 67 40.68 -1.94 24.74
C ALA G 67 41.28 -3.31 25.00
N CYS G 68 40.50 -4.24 25.55
CA CYS G 68 41.00 -5.60 25.80
C CYS G 68 41.24 -6.34 24.49
N LEU G 69 40.30 -6.23 23.54
CA LEU G 69 40.50 -6.96 22.30
C LEU G 69 41.53 -6.32 21.40
N SER G 70 41.69 -5.00 21.44
CA SER G 70 42.81 -4.36 20.77
C SER G 70 44.14 -4.71 21.42
N LEU G 71 44.15 -4.97 22.73
CA LEU G 71 45.36 -5.46 23.37
C LEU G 71 45.68 -6.89 22.95
N LEU G 72 44.65 -7.72 22.77
CA LEU G 72 44.87 -9.11 22.41
C LEU G 72 45.06 -9.35 20.91
N LEU G 73 44.75 -8.38 20.07
CA LEU G 73 45.08 -8.47 18.65
C LEU G 73 46.46 -7.93 18.33
N ARG G 74 47.24 -7.57 19.33
CA ARG G 74 48.63 -7.15 19.14
C ARG G 74 49.63 -8.07 19.83
N ASP G 75 49.19 -9.23 20.34
CA ASP G 75 50.11 -10.18 20.96
C ASP G 75 50.99 -10.85 19.91
N PRO G 76 52.32 -10.88 20.10
CA PRO G 76 53.19 -11.58 19.15
C PRO G 76 52.92 -13.07 18.99
N ASP G 77 52.53 -13.76 20.06
CA ASP G 77 52.31 -15.20 19.94
C ASP G 77 51.02 -15.52 19.20
N PHE G 78 49.97 -14.74 19.44
CA PHE G 78 48.76 -14.86 18.64
C PHE G 78 48.99 -14.34 17.22
N SER G 79 49.95 -13.43 17.03
CA SER G 79 50.35 -13.05 15.68
C SER G 79 51.01 -14.22 14.96
N LYS G 80 51.73 -15.07 15.71
CA LYS G 80 52.31 -16.26 15.08
C LYS G 80 51.26 -17.32 14.80
N ARG G 81 50.30 -17.51 15.72
CA ARG G 81 49.42 -18.68 15.64
C ARG G 81 48.14 -18.47 14.84
N LEU G 82 47.57 -17.27 14.82
CA LEU G 82 46.28 -17.08 14.18
C LEU G 82 46.22 -15.77 13.41
N GLN G 83 45.30 -15.73 12.44
CA GLN G 83 45.17 -14.60 11.51
C GLN G 83 44.12 -13.63 12.06
N ARG G 84 44.59 -12.54 12.68
CA ARG G 84 43.70 -11.57 13.28
C ARG G 84 42.99 -10.74 12.22
N VAL G 85 41.71 -10.45 12.44
CA VAL G 85 40.92 -9.52 11.63
C VAL G 85 40.07 -8.69 12.57
N TYR G 86 40.10 -7.37 12.42
CA TYR G 86 39.25 -6.48 13.20
C TYR G 86 38.37 -5.71 12.24
N ILE G 87 37.05 -5.81 12.43
CA ILE G 87 36.07 -5.09 11.62
C ILE G 87 35.18 -4.31 12.56
N ASN G 88 35.17 -2.99 12.41
CA ASN G 88 34.19 -2.16 13.10
C ASN G 88 32.93 -2.11 12.26
N CYS G 89 31.82 -2.59 12.80
CA CYS G 89 30.62 -2.82 12.04
C CYS G 89 29.82 -1.55 11.75
N THR G 90 30.16 -0.43 12.39
CA THR G 90 29.56 0.84 11.99
C THR G 90 30.11 1.32 10.65
N SER G 91 31.35 0.94 10.34
CA SER G 91 32.07 1.50 9.20
C SER G 91 31.54 1.00 7.85
N ILE G 92 30.78 -0.10 7.84
CA ILE G 92 30.28 -0.64 6.58
C ILE G 92 29.14 0.23 6.06
N ALA G 93 28.99 0.25 4.73
CA ALA G 93 27.92 1.03 4.11
C ALA G 93 26.54 0.45 4.39
N SER G 94 26.45 -0.87 4.56
CA SER G 94 25.18 -1.54 4.77
C SER G 94 25.44 -2.86 5.48
N VAL G 95 24.36 -3.42 6.03
CA VAL G 95 24.46 -4.67 6.80
C VAL G 95 24.88 -5.83 5.92
N GLY G 96 24.45 -5.85 4.66
CA GLY G 96 24.87 -6.90 3.77
C GLY G 96 26.23 -6.70 3.13
N ALA G 97 26.82 -5.53 3.29
CA ALA G 97 28.10 -5.22 2.65
C ALA G 97 29.30 -5.74 3.45
N VAL G 98 29.08 -6.24 4.67
CA VAL G 98 30.17 -6.57 5.57
C VAL G 98 31.03 -7.70 5.02
N TYR G 99 30.44 -8.62 4.25
CA TYR G 99 31.20 -9.70 3.61
C TYR G 99 32.23 -9.13 2.66
N LYS G 100 31.86 -8.08 1.92
CA LYS G 100 32.80 -7.44 1.01
C LYS G 100 33.97 -6.84 1.78
N LYS G 101 33.68 -6.22 2.94
CA LYS G 101 34.74 -5.66 3.75
C LYS G 101 35.63 -6.77 4.29
N LEU G 102 35.04 -7.92 4.63
CA LEU G 102 35.81 -9.04 5.12
C LEU G 102 36.73 -9.58 4.03
N CYS G 103 36.28 -9.50 2.77
CA CYS G 103 37.15 -9.94 1.68
C CYS G 103 38.35 -9.01 1.54
N THR G 104 38.13 -7.71 1.75
CA THR G 104 39.26 -6.79 1.73
C THR G 104 40.16 -6.96 2.94
N GLU G 105 39.66 -7.55 4.03
CA GLU G 105 40.55 -7.84 5.14
C GLU G 105 41.30 -9.15 4.95
N LEU G 106 40.94 -9.96 3.96
CA LEU G 106 41.61 -11.23 3.75
C LEU G 106 42.29 -11.33 2.40
N GLN G 107 42.15 -10.30 1.54
CA GLN G 107 42.69 -10.26 0.18
C GLN G 107 42.24 -11.46 -0.67
N LEU G 108 41.01 -11.90 -0.43
CA LEU G 108 40.42 -12.96 -1.25
C LEU G 108 40.11 -12.45 -2.65
N LYS G 109 40.36 -13.28 -3.65
CA LYS G 109 39.90 -12.97 -5.00
C LYS G 109 38.42 -13.29 -5.11
N VAL G 110 37.65 -12.39 -5.72
CA VAL G 110 36.21 -12.53 -5.86
C VAL G 110 35.87 -12.21 -7.30
N SER G 111 34.93 -12.97 -7.89
CA SER G 111 34.43 -12.64 -9.23
C SER G 111 33.67 -11.31 -9.22
N GLY G 112 33.07 -10.95 -8.09
CA GLY G 112 32.76 -9.58 -7.78
C GLY G 112 31.34 -9.13 -8.05
N ARG G 113 31.03 -7.98 -7.44
CA ARG G 113 29.86 -7.14 -7.73
C ARG G 113 28.54 -7.82 -7.42
N THR G 114 28.56 -8.74 -6.45
CA THR G 114 27.35 -9.22 -5.78
C THR G 114 27.78 -9.77 -4.42
N GLU G 115 26.94 -9.55 -3.40
CA GLU G 115 27.28 -9.98 -2.04
C GLU G 115 27.26 -11.51 -1.90
N ARG G 116 26.50 -12.20 -2.75
CA ARG G 116 26.44 -13.66 -2.68
C ARG G 116 27.77 -14.29 -3.07
N ASP G 117 28.42 -13.77 -4.12
CA ASP G 117 29.73 -14.32 -4.49
C ASP G 117 30.80 -13.96 -3.47
N HIS G 118 30.68 -12.83 -2.79
CA HIS G 118 31.60 -12.52 -1.69
C HIS G 118 31.40 -13.50 -0.54
N LEU G 119 30.15 -13.88 -0.25
CA LEU G 119 29.89 -14.86 0.78
C LEU G 119 30.42 -16.23 0.40
N GLU G 120 30.27 -16.62 -0.87
CA GLU G 120 30.84 -17.89 -1.33
C GLU G 120 32.37 -17.87 -1.31
N ALA G 121 32.99 -16.73 -1.58
CA ALA G 121 34.45 -16.64 -1.50
C ALA G 121 34.93 -16.74 -0.07
N ILE G 122 34.19 -16.16 0.88
CA ILE G 122 34.55 -16.27 2.29
C ILE G 122 34.38 -17.71 2.78
N GLN G 123 33.31 -18.39 2.35
CA GLN G 123 33.13 -19.78 2.75
C GLN G 123 34.18 -20.70 2.11
N ARG G 124 34.57 -20.41 0.87
CA ARG G 124 35.64 -21.18 0.23
C ARG G 124 36.99 -20.94 0.87
N HIS G 125 37.21 -19.74 1.42
CA HIS G 125 38.44 -19.52 2.19
C HIS G 125 38.39 -20.23 3.53
N LEU G 126 37.23 -20.23 4.18
CA LEU G 126 37.09 -20.86 5.50
C LEU G 126 37.20 -22.38 5.42
N LYS G 127 36.80 -22.97 4.29
CA LYS G 127 36.87 -24.43 4.17
C LYS G 127 38.30 -24.95 4.07
N THR G 128 39.25 -24.13 3.62
CA THR G 128 40.60 -24.62 3.37
C THR G 128 41.67 -23.64 3.87
N ALA G 129 41.36 -22.89 4.92
CA ALA G 129 42.32 -21.94 5.49
C ALA G 129 43.48 -22.66 6.15
N LYS G 130 44.68 -22.12 5.96
CA LYS G 130 45.89 -22.68 6.57
C LYS G 130 46.06 -22.28 8.03
N ARG G 131 45.54 -21.12 8.44
CA ARG G 131 45.69 -20.63 9.79
C ARG G 131 44.32 -20.37 10.40
N MET G 132 44.26 -20.42 11.73
CA MET G 132 43.04 -20.10 12.45
C MET G 132 42.72 -18.62 12.29
N LEU G 133 41.44 -18.29 12.17
CA LEU G 133 41.00 -16.93 11.94
C LEU G 133 40.29 -16.38 13.17
N LEU G 134 40.69 -15.20 13.60
CA LEU G 134 40.06 -14.49 14.71
C LEU G 134 39.36 -13.26 14.13
N LEU G 135 38.04 -13.34 14.00
CA LEU G 135 37.24 -12.26 13.41
C LEU G 135 36.55 -11.51 14.54
N VAL G 136 37.07 -10.34 14.89
CA VAL G 136 36.42 -9.48 15.87
C VAL G 136 35.49 -8.51 15.15
N LEU G 137 34.21 -8.57 15.47
CA LEU G 137 33.20 -7.67 14.91
C LEU G 137 32.79 -6.70 15.99
N ASP G 138 33.47 -5.56 16.07
CA ASP G 138 33.15 -4.56 17.07
C ASP G 138 31.82 -3.88 16.72
N GLU G 139 31.05 -3.57 17.76
CA GLU G 139 29.71 -2.97 17.66
C GLU G 139 28.79 -3.78 16.75
N ILE G 140 28.48 -5.00 17.20
CA ILE G 140 27.70 -5.95 16.40
C ILE G 140 26.21 -5.64 16.42
N ASP G 141 25.77 -4.70 17.27
CA ASP G 141 24.37 -4.30 17.29
C ASP G 141 23.94 -3.61 16.00
N GLN G 142 24.87 -3.05 15.24
CA GLN G 142 24.54 -2.44 13.95
C GLN G 142 24.19 -3.48 12.90
N LEU G 143 24.59 -4.74 13.09
CA LEU G 143 24.27 -5.81 12.15
C LEU G 143 22.87 -6.37 12.31
N CYS G 144 22.16 -6.01 13.37
CA CYS G 144 20.80 -6.50 13.53
C CYS G 144 19.85 -5.78 12.60
N THR G 145 18.99 -6.55 11.93
CA THR G 145 17.96 -5.99 11.06
C THR G 145 16.61 -6.53 11.51
N SER G 146 15.91 -7.20 10.58
CA SER G 146 14.66 -7.85 10.94
C SER G 146 14.73 -9.35 10.69
N ARG G 147 14.94 -9.74 9.43
CA ARG G 147 15.17 -11.15 9.12
C ARG G 147 16.49 -11.64 9.70
N GLN G 148 17.48 -10.74 9.79
CA GLN G 148 18.81 -10.99 10.36
C GLN G 148 19.54 -12.13 9.67
N GLU G 149 19.50 -12.11 8.33
CA GLU G 149 20.21 -13.13 7.56
C GLU G 149 21.71 -13.02 7.73
N VAL G 150 22.22 -11.79 7.90
CA VAL G 150 23.66 -11.57 7.95
C VAL G 150 24.25 -12.05 9.27
N LEU G 151 23.60 -11.73 10.39
CA LEU G 151 24.12 -12.14 11.69
C LEU G 151 24.07 -13.64 11.89
N TYR G 152 22.99 -14.29 11.43
CA TYR G 152 22.91 -15.73 11.51
C TYR G 152 23.90 -16.40 10.56
N THR G 153 24.12 -15.81 9.38
CA THR G 153 25.13 -16.33 8.46
C THR G 153 26.53 -16.21 9.03
N ILE G 154 26.80 -15.14 9.79
CA ILE G 154 28.12 -14.98 10.39
C ILE G 154 28.30 -15.96 11.55
N PHE G 155 27.30 -16.08 12.42
CA PHE G 155 27.44 -16.98 13.56
C PHE G 155 27.29 -18.45 13.20
N GLU G 156 26.82 -18.78 12.00
CA GLU G 156 26.81 -20.15 11.54
C GLU G 156 28.16 -20.64 11.03
N TRP G 157 29.10 -19.71 10.79
CA TRP G 157 30.44 -20.08 10.33
C TRP G 157 31.23 -21.01 11.25
N PRO G 158 31.26 -20.86 12.59
CA PRO G 158 31.94 -21.89 13.41
C PRO G 158 31.38 -23.30 13.26
N ALA G 159 30.09 -23.46 13.01
CA ALA G 159 29.50 -24.78 12.84
C ALA G 159 29.68 -25.34 11.44
N LEU G 160 30.27 -24.59 10.53
CA LEU G 160 30.51 -25.07 9.17
C LEU G 160 31.52 -26.20 9.19
N PRO G 161 31.36 -27.23 8.33
CA PRO G 161 32.29 -28.37 8.36
C PRO G 161 33.70 -28.03 7.89
N GLY G 162 34.65 -28.13 8.81
CA GLY G 162 36.04 -27.86 8.53
C GLY G 162 36.47 -26.42 8.66
N SER G 163 35.54 -25.50 8.91
CA SER G 163 35.90 -24.11 9.13
C SER G 163 36.60 -23.94 10.47
N ARG G 164 37.61 -23.07 10.49
CA ARG G 164 38.42 -22.87 11.69
C ARG G 164 38.30 -21.46 12.25
N ILE G 165 37.29 -20.71 11.82
CA ILE G 165 37.04 -19.37 12.35
C ILE G 165 36.66 -19.45 13.82
N LEU G 166 37.18 -18.52 14.61
CA LEU G 166 36.67 -18.27 15.96
C LEU G 166 36.43 -16.78 16.07
N LEU G 167 35.17 -16.40 16.26
CA LEU G 167 34.75 -15.02 16.11
C LEU G 167 34.27 -14.44 17.44
N VAL G 168 34.56 -13.16 17.64
CA VAL G 168 34.16 -12.44 18.85
C VAL G 168 33.25 -11.30 18.41
N GLY G 169 32.11 -11.15 19.08
CA GLY G 169 31.18 -10.06 18.82
C GLY G 169 31.03 -9.18 20.05
N ILE G 170 31.37 -7.90 19.88
CA ILE G 170 31.35 -6.92 20.96
C ILE G 170 30.03 -6.16 20.89
N ALA G 171 29.35 -6.04 22.03
CA ALA G 171 28.12 -5.26 22.03
C ALA G 171 27.82 -4.70 23.41
N ASN G 172 26.96 -3.67 23.41
CA ASN G 172 26.56 -3.03 24.65
C ASN G 172 25.40 -3.73 25.35
N SER G 173 24.71 -4.63 24.68
CA SER G 173 23.49 -5.23 25.21
C SER G 173 23.80 -6.52 25.95
N LEU G 174 23.23 -6.68 27.13
CA LEU G 174 23.42 -7.89 27.91
C LEU G 174 22.74 -9.09 27.27
N ASP G 175 21.65 -8.86 26.53
CA ASP G 175 20.84 -9.95 26.01
C ASP G 175 20.64 -9.86 24.51
N LEU G 176 21.58 -9.24 23.79
CA LEU G 176 21.48 -9.21 22.34
C LEU G 176 21.60 -10.59 21.74
N THR G 177 22.37 -11.48 22.37
CA THR G 177 22.54 -12.82 21.84
C THR G 177 21.25 -13.63 21.91
N ASP G 178 20.57 -13.64 23.07
CA ASP G 178 19.34 -14.42 23.19
C ASP G 178 18.21 -13.76 22.42
N ARG G 179 17.91 -12.49 22.70
CA ARG G 179 16.78 -11.80 22.11
C ARG G 179 16.94 -11.60 20.61
N ALA G 180 18.17 -11.41 20.12
CA ALA G 180 18.40 -11.22 18.70
C ALA G 180 18.80 -12.50 17.97
N LEU G 181 19.08 -13.59 18.68
CA LEU G 181 19.51 -14.83 18.05
C LEU G 181 18.96 -16.01 18.86
N MET G 182 17.64 -16.04 19.05
CA MET G 182 16.96 -17.19 19.65
C MET G 182 17.22 -18.49 18.90
N ARG G 183 17.42 -18.43 17.58
CA ARG G 183 17.56 -19.65 16.80
C ARG G 183 18.87 -20.38 17.06
N LEU G 184 19.89 -19.70 17.58
CA LEU G 184 21.13 -20.37 17.92
C LEU G 184 21.05 -21.18 19.20
N ASN G 185 20.03 -20.94 20.03
CA ASN G 185 19.88 -21.69 21.28
C ASN G 185 19.50 -23.15 21.04
N ALA G 186 18.90 -23.47 19.89
CA ALA G 186 18.46 -24.83 19.62
C ALA G 186 19.63 -25.79 19.42
N ARG G 187 20.79 -25.28 19.01
CA ARG G 187 21.96 -26.10 18.72
C ARG G 187 23.11 -25.60 19.56
N CYS G 188 23.56 -26.43 20.51
CA CYS G 188 24.57 -26.01 21.49
C CYS G 188 25.94 -25.79 20.88
N GLU G 189 26.22 -26.38 19.71
CA GLU G 189 27.46 -26.08 19.01
C GLU G 189 27.47 -24.68 18.41
N LEU G 190 26.30 -24.07 18.23
CA LEU G 190 26.18 -22.78 17.55
C LEU G 190 26.17 -21.57 18.47
N LYS G 191 25.66 -21.70 19.70
CA LYS G 191 25.45 -20.50 20.51
C LYS G 191 26.77 -19.99 21.08
N PRO G 192 26.99 -18.68 21.06
CA PRO G 192 28.24 -18.12 21.58
C PRO G 192 28.40 -18.29 23.07
N ARG G 193 29.64 -18.48 23.49
CA ARG G 193 30.00 -18.31 24.89
C ARG G 193 29.88 -16.84 25.27
N LEU G 194 29.29 -16.56 26.42
CA LEU G 194 28.99 -15.19 26.80
C LEU G 194 30.02 -14.67 27.79
N MET G 195 30.43 -13.40 27.62
CA MET G 195 31.32 -12.75 28.57
C MET G 195 30.84 -11.33 28.80
N HIS G 196 30.34 -11.06 30.00
CA HIS G 196 30.05 -9.71 30.42
C HIS G 196 31.31 -8.99 30.84
N PHE G 197 31.30 -7.67 30.71
CA PHE G 197 32.33 -6.80 31.28
C PHE G 197 31.62 -5.92 32.30
N PRO G 198 31.76 -6.22 33.59
CA PRO G 198 31.04 -5.46 34.61
C PRO G 198 31.53 -4.03 34.69
N PRO G 199 30.66 -3.08 35.06
CA PRO G 199 31.10 -1.69 35.25
C PRO G 199 32.13 -1.56 36.36
N TYR G 200 33.03 -0.60 36.18
CA TYR G 200 34.15 -0.42 37.09
C TYR G 200 33.68 -0.01 38.48
N SER G 201 34.35 -0.58 39.49
CA SER G 201 34.11 -0.21 40.87
C SER G 201 34.86 1.07 41.20
N LYS G 202 34.77 1.51 42.47
CA LYS G 202 35.46 2.71 42.88
C LYS G 202 36.97 2.52 42.89
N GLN G 203 37.43 1.42 43.49
CA GLN G 203 38.86 1.18 43.61
C GLN G 203 39.51 0.89 42.26
N GLN G 204 38.76 0.33 41.30
CA GLN G 204 39.31 0.12 39.97
C GLN G 204 39.54 1.44 39.24
N ILE G 205 38.63 2.40 39.42
CA ILE G 205 38.84 3.73 38.84
C ILE G 205 40.00 4.44 39.53
N VAL G 206 40.17 4.24 40.84
CA VAL G 206 41.32 4.81 41.55
C VAL G 206 42.63 4.19 41.03
N GLU G 207 42.62 2.88 40.75
CA GLU G 207 43.82 2.24 40.21
C GLU G 207 44.11 2.66 38.78
N ILE G 208 43.07 2.94 37.98
CA ILE G 208 43.30 3.45 36.63
C ILE G 208 43.88 4.85 36.68
N PHE G 209 43.39 5.70 37.60
CA PHE G 209 43.95 7.04 37.77
C PHE G 209 45.38 6.98 38.28
N LYS G 210 45.68 6.08 39.21
CA LYS G 210 47.02 5.95 39.75
C LYS G 210 47.97 5.27 38.79
N SER G 211 47.45 4.58 37.77
CA SER G 211 48.31 4.11 36.70
C SER G 211 48.63 5.24 35.72
N ARG G 212 47.60 5.97 35.29
CA ARG G 212 47.80 7.01 34.28
C ARG G 212 48.62 8.18 34.81
N LEU G 213 48.47 8.53 36.09
CA LEU G 213 49.24 9.64 36.63
C LEU G 213 50.66 9.22 37.02
N ALA G 214 50.92 7.92 37.13
CA ALA G 214 52.28 7.46 37.40
C ALA G 214 53.04 7.06 36.14
N GLU G 215 52.36 6.88 35.01
CA GLU G 215 53.09 6.71 33.75
C GLU G 215 53.83 7.98 33.36
N ALA G 216 53.32 9.14 33.74
CA ALA G 216 53.97 10.43 33.49
C ALA G 216 54.57 11.05 34.75
N GLU G 217 54.50 10.34 35.89
CA GLU G 217 54.96 10.80 37.20
C GLU G 217 54.32 12.13 37.61
N VAL G 218 53.02 12.27 37.36
CA VAL G 218 52.28 13.43 37.81
C VAL G 218 51.28 12.95 38.86
N LEU G 219 51.75 12.08 39.75
CA LEU G 219 50.87 11.55 40.79
C LEU G 219 50.51 12.60 41.84
N ASP G 220 51.36 13.61 42.03
CA ASP G 220 51.24 14.52 43.16
C ASP G 220 50.17 15.58 42.97
N VAL G 221 49.69 15.80 41.74
CA VAL G 221 48.68 16.83 41.50
C VAL G 221 47.31 16.36 42.04
N PHE G 222 47.12 15.06 42.22
CA PHE G 222 45.89 14.53 42.77
C PHE G 222 46.17 13.87 44.12
N PRO G 223 45.76 14.48 45.24
CA PRO G 223 45.78 13.77 46.51
C PRO G 223 44.79 12.61 46.48
N PRO G 224 45.08 11.53 47.21
CA PRO G 224 44.20 10.34 47.22
C PRO G 224 42.77 10.59 47.67
N VAL G 225 42.57 11.56 48.58
CA VAL G 225 41.22 11.85 49.09
C VAL G 225 40.31 12.36 47.98
N THR G 226 40.84 13.21 47.09
CA THR G 226 39.96 13.72 46.06
C THR G 226 39.78 12.74 44.91
N LEU G 227 40.76 11.84 44.70
CA LEU G 227 40.56 10.73 43.77
C LEU G 227 39.49 9.77 44.29
N GLN G 228 39.46 9.56 45.59
CA GLN G 228 38.44 8.69 46.17
C GLN G 228 37.11 9.40 46.35
N LEU G 229 37.06 10.71 46.18
CA LEU G 229 35.78 11.37 45.98
C LEU G 229 35.28 11.22 44.54
N LEU G 230 36.19 11.41 43.59
CA LEU G 230 35.82 11.38 42.17
C LEU G 230 35.38 9.99 41.73
N ALA G 231 36.14 8.96 42.10
CA ALA G 231 35.76 7.60 41.75
C ALA G 231 34.50 7.17 42.48
N ALA G 232 34.28 7.65 43.71
CA ALA G 232 33.05 7.33 44.43
C ALA G 232 31.83 7.95 43.77
N LYS G 233 32.00 9.10 43.12
CA LYS G 233 30.86 9.62 42.37
C LYS G 233 30.67 8.87 41.05
N VAL G 234 31.76 8.65 40.30
CA VAL G 234 31.62 8.15 38.93
C VAL G 234 31.20 6.68 38.91
N SER G 235 31.80 5.85 39.77
CA SER G 235 31.44 4.43 39.84
C SER G 235 30.03 4.24 40.37
N ALA G 236 29.53 5.16 41.19
CA ALA G 236 28.15 5.09 41.63
C ALA G 236 27.18 5.52 40.54
N ILE G 237 27.55 6.52 39.74
CA ILE G 237 26.63 7.00 38.70
C ILE G 237 26.57 6.03 37.52
N SER G 238 27.72 5.75 36.90
CA SER G 238 27.70 4.98 35.65
C SER G 238 28.76 3.89 35.62
N GLY G 239 29.95 4.20 36.12
CA GLY G 239 31.03 3.24 36.15
C GLY G 239 31.88 3.16 34.90
N ASP G 240 31.57 3.93 33.86
CA ASP G 240 32.46 4.00 32.71
C ASP G 240 33.70 4.81 33.06
N VAL G 241 34.83 4.41 32.48
CA VAL G 241 36.08 5.12 32.74
C VAL G 241 36.25 6.33 31.84
N ARG G 242 35.44 6.46 30.78
CA ARG G 242 35.53 7.64 29.94
C ARG G 242 35.07 8.90 30.66
N ARG G 243 33.92 8.83 31.36
CA ARG G 243 33.49 9.98 32.15
C ARG G 243 34.43 10.25 33.31
N ALA G 244 35.05 9.20 33.87
CA ALA G 244 35.98 9.38 34.96
C ALA G 244 37.22 10.13 34.51
N LEU G 245 37.81 9.70 33.38
CA LEU G 245 38.95 10.41 32.82
C LEU G 245 38.57 11.78 32.30
N ASP G 246 37.32 11.98 31.89
CA ASP G 246 36.89 13.29 31.42
C ASP G 246 36.80 14.28 32.57
N ILE G 247 36.19 13.88 33.69
CA ILE G 247 36.15 14.77 34.85
C ILE G 247 37.55 14.94 35.45
N GLY G 248 38.41 13.92 35.35
CA GLY G 248 39.77 14.08 35.83
C GLY G 248 40.60 15.03 34.99
N ARG G 249 40.36 15.05 33.68
CA ARG G 249 41.00 16.04 32.82
C ARG G 249 40.39 17.42 33.01
N ARG G 250 39.07 17.49 33.22
CA ARG G 250 38.38 18.76 33.38
C ARG G 250 38.76 19.47 34.67
N VAL G 251 39.08 18.70 35.72
CA VAL G 251 39.53 19.31 36.97
C VAL G 251 40.83 20.06 36.76
N VAL G 252 41.74 19.48 35.99
CA VAL G 252 43.04 20.12 35.75
C VAL G 252 42.90 21.25 34.74
N GLU G 253 42.03 21.11 33.73
CA GLU G 253 41.91 22.21 32.78
C GLU G 253 41.05 23.36 33.31
N ILE G 254 40.28 23.13 34.38
CA ILE G 254 39.64 24.25 35.06
C ILE G 254 40.60 24.87 36.08
N ALA G 255 41.41 24.05 36.75
CA ALA G 255 42.38 24.59 37.70
C ALA G 255 43.48 25.39 37.01
N GLU G 256 43.83 25.04 35.77
CA GLU G 256 44.79 25.85 35.03
C GLU G 256 44.19 27.21 34.65
N GLN G 257 42.91 27.23 34.26
CA GLN G 257 42.24 28.49 33.97
C GLN G 257 42.03 29.33 35.22
N GLN G 258 41.85 28.68 36.37
CA GLN G 258 41.52 29.37 37.61
C GLN G 258 42.76 29.90 38.34
N LYS G 259 43.81 29.10 38.42
CA LYS G 259 45.04 29.53 39.08
C LYS G 259 45.87 30.49 38.24
N ARG G 260 45.59 30.58 36.95
CA ARG G 260 46.33 31.48 36.07
C ARG G 260 45.37 32.30 35.21
N LEU G 288 53.85 23.60 42.91
CA LEU G 288 52.72 22.77 42.53
C LEU G 288 51.62 22.84 43.56
N LYS G 289 50.40 23.13 43.11
CA LYS G 289 49.23 23.09 43.96
C LYS G 289 48.46 21.82 43.66
N PRO G 290 48.37 20.87 44.60
CA PRO G 290 47.42 19.77 44.44
C PRO G 290 45.99 20.31 44.45
N VAL G 291 45.12 19.68 43.65
CA VAL G 291 43.73 20.09 43.62
C VAL G 291 43.08 19.73 44.95
N GLN G 292 42.25 20.63 45.47
CA GLN G 292 41.53 20.35 46.69
C GLN G 292 40.19 19.69 46.37
N VAL G 293 39.52 19.23 47.43
CA VAL G 293 38.22 18.60 47.29
C VAL G 293 37.14 19.61 46.85
N THR G 294 37.37 20.91 47.05
CA THR G 294 36.41 21.92 46.65
C THR G 294 36.25 22.00 45.13
N GLN G 295 37.35 21.82 44.39
CA GLN G 295 37.30 21.93 42.94
C GLN G 295 36.59 20.73 42.32
N VAL G 296 36.93 19.52 42.79
CA VAL G 296 36.29 18.31 42.28
C VAL G 296 34.82 18.26 42.72
N ALA G 297 34.51 18.73 43.93
CA ALA G 297 33.12 18.80 44.35
C ALA G 297 32.33 19.82 43.54
N ALA G 298 32.97 20.92 43.13
CA ALA G 298 32.28 21.92 42.32
C ALA G 298 32.01 21.42 40.91
N VAL G 299 33.01 20.78 40.29
CA VAL G 299 32.79 20.26 38.93
C VAL G 299 31.85 19.05 38.96
N LEU G 300 31.79 18.30 40.07
CA LEU G 300 30.88 17.18 40.13
C LEU G 300 29.45 17.63 40.36
N ASN G 301 29.24 18.64 41.23
CA ASN G 301 27.91 19.20 41.39
C ASN G 301 27.46 19.98 40.16
N LYS G 302 28.39 20.51 39.37
CA LYS G 302 28.01 21.13 38.11
C LYS G 302 27.62 20.09 37.06
N VAL G 303 28.39 19.00 36.96
CA VAL G 303 28.09 17.97 35.96
C VAL G 303 26.93 17.10 36.42
N TYR G 304 26.97 16.61 37.64
CA TYR G 304 25.98 15.66 38.12
C TYR G 304 24.97 16.32 39.05
N PHE G 318 15.33 34.26 32.52
CA PHE G 318 14.44 33.89 31.43
C PHE G 318 13.85 35.13 30.78
N PRO G 319 13.50 35.03 29.49
CA PRO G 319 12.63 36.03 28.89
C PRO G 319 11.28 36.03 29.59
N LEU G 320 10.68 37.23 29.70
CA LEU G 320 9.46 37.40 30.50
C LEU G 320 8.28 36.62 29.92
N GLN G 321 8.17 36.56 28.59
CA GLN G 321 7.08 35.79 27.98
C GLN G 321 7.24 34.29 28.21
N GLN G 322 8.49 33.80 28.25
CA GLN G 322 8.70 32.40 28.62
C GLN G 322 8.36 32.14 30.08
N LYS G 323 8.57 33.14 30.96
CA LYS G 323 8.16 33.02 32.35
C LYS G 323 6.65 32.94 32.48
N LEU G 324 5.93 33.80 31.74
CA LEU G 324 4.48 33.76 31.76
C LEU G 324 3.94 32.46 31.19
N MET G 325 4.60 31.92 30.16
CA MET G 325 4.17 30.64 29.60
C MET G 325 4.37 29.50 30.59
N LEU G 326 5.51 29.48 31.30
CA LEU G 326 5.75 28.43 32.27
C LEU G 326 4.81 28.55 33.47
N CYS G 327 4.48 29.78 33.89
CA CYS G 327 3.55 29.93 35.00
C CYS G 327 2.13 29.53 34.63
N THR G 328 1.66 29.88 33.42
CA THR G 328 0.35 29.41 33.00
C THR G 328 0.30 27.91 32.78
N LEU G 329 1.40 27.29 32.34
CA LEU G 329 1.40 25.84 32.19
C LEU G 329 1.38 25.14 33.55
N VAL G 330 2.10 25.69 34.53
CA VAL G 330 2.07 25.14 35.89
C VAL G 330 0.68 25.31 36.50
N LEU G 331 0.02 26.44 36.21
CA LEU G 331 -1.32 26.69 36.73
C LEU G 331 -2.35 25.74 36.13
N MET G 332 -2.31 25.54 34.80
CA MET G 332 -3.23 24.62 34.17
C MET G 332 -2.95 23.17 34.54
N LEU G 333 -1.69 22.81 34.80
CA LEU G 333 -1.41 21.45 35.24
C LEU G 333 -1.83 21.22 36.68
N ARG G 334 -1.78 22.25 37.52
CA ARG G 334 -2.18 22.09 38.90
C ARG G 334 -3.71 22.06 39.03
N ASN G 335 -4.40 22.96 38.34
CA ASN G 335 -5.84 23.10 38.55
C ASN G 335 -6.66 22.00 37.88
N GLU G 336 -6.11 21.25 36.94
CA GLU G 336 -6.89 20.36 36.09
C GLU G 336 -6.34 18.93 36.11
N ARG G 337 -7.26 17.97 36.31
CA ARG G 337 -6.91 16.55 36.30
C ARG G 337 -6.48 16.07 34.93
N ASN G 338 -6.94 16.71 33.85
CA ASN G 338 -6.58 16.31 32.49
C ASN G 338 -5.34 17.07 32.04
N LYS G 339 -4.23 16.34 31.90
CA LYS G 339 -2.95 16.92 31.54
C LYS G 339 -2.75 16.98 30.03
N ASP G 340 -3.80 16.74 29.25
CA ASP G 340 -3.78 16.88 27.79
C ASP G 340 -3.95 18.35 27.44
N ILE G 341 -2.85 19.10 27.53
CA ILE G 341 -2.84 20.52 27.24
C ILE G 341 -2.39 20.72 25.80
N SER G 342 -3.22 21.38 25.01
CA SER G 342 -2.86 21.78 23.66
C SER G 342 -2.20 23.16 23.68
N MET G 343 -1.57 23.53 22.57
CA MET G 343 -0.98 24.85 22.46
C MET G 343 -2.05 25.94 22.42
N GLY G 344 -3.20 25.66 21.83
CA GLY G 344 -4.26 26.64 21.81
C GLY G 344 -4.96 26.80 23.13
N ARG G 345 -5.15 25.67 23.82
CA ARG G 345 -5.75 25.69 25.16
C ARG G 345 -4.83 26.37 26.17
N LEU G 346 -3.52 26.31 25.95
CA LEU G 346 -2.59 27.03 26.81
C LEU G 346 -2.51 28.51 26.44
N HIS G 347 -2.54 28.82 25.14
CA HIS G 347 -2.47 30.21 24.70
C HIS G 347 -3.71 31.00 25.09
N GLU G 348 -4.88 30.37 25.12
CA GLU G 348 -6.09 31.07 25.52
C GLU G 348 -6.09 31.46 27.00
N VAL G 349 -5.41 30.68 27.83
CA VAL G 349 -5.25 31.05 29.23
C VAL G 349 -4.11 32.06 29.39
N TYR G 350 -3.05 31.92 28.59
CA TYR G 350 -1.92 32.83 28.65
C TYR G 350 -2.30 34.25 28.24
N ARG G 351 -3.24 34.38 27.29
CA ARG G 351 -3.72 35.71 26.91
C ARG G 351 -4.51 36.37 28.03
N ARG G 352 -5.32 35.59 28.76
CA ARG G 352 -6.08 36.14 29.88
C ARG G 352 -5.16 36.52 31.03
N VAL G 353 -4.10 35.74 31.24
CA VAL G 353 -3.13 36.05 32.28
C VAL G 353 -2.35 37.31 31.95
N CYS G 354 -1.95 37.47 30.67
CA CYS G 354 -1.30 38.71 30.24
C CYS G 354 -2.25 39.90 30.28
N ALA G 355 -3.55 39.68 30.06
CA ALA G 355 -4.50 40.77 30.15
C ALA G 355 -4.68 41.22 31.59
N LYS G 356 -4.72 40.28 32.53
CA LYS G 356 -4.83 40.66 33.93
C LYS G 356 -3.53 41.23 34.50
N ARG G 357 -2.38 40.90 33.90
CA ARG G 357 -1.13 41.53 34.32
C ARG G 357 -0.91 42.89 33.68
N ASN G 358 -1.79 43.30 32.76
CA ASN G 358 -1.73 44.58 32.04
C ASN G 358 -0.41 44.72 31.26
N ILE G 359 -0.05 43.66 30.55
CA ILE G 359 1.11 43.65 29.66
C ILE G 359 0.72 42.96 28.37
N LEU G 360 1.33 43.39 27.26
CA LEU G 360 0.93 42.93 25.94
C LEU G 360 1.27 41.46 25.73
N ALA G 361 0.34 40.72 25.14
CA ALA G 361 0.48 39.31 24.88
C ALA G 361 0.94 39.05 23.45
N LEU G 362 1.71 37.99 23.27
CA LEU G 362 2.13 37.57 21.94
C LEU G 362 0.97 36.90 21.20
N ASP G 363 1.01 37.01 19.87
CA ASP G 363 0.09 36.25 19.03
C ASP G 363 0.51 34.79 18.97
N GLN G 364 -0.39 33.96 18.44
CA GLN G 364 -0.18 32.50 18.41
C GLN G 364 1.03 32.12 17.56
N ALA G 365 1.28 32.85 16.48
CA ALA G 365 2.43 32.58 15.62
C ALA G 365 3.76 32.87 16.32
N GLU G 366 3.79 33.83 17.25
CA GLU G 366 4.98 34.06 18.06
C GLU G 366 5.00 33.19 19.31
N PHE G 367 3.82 32.86 19.83
CA PHE G 367 3.72 31.99 21.00
C PHE G 367 4.22 30.59 20.70
N THR G 368 4.02 30.10 19.47
CA THR G 368 4.53 28.79 19.10
C THR G 368 6.06 28.76 19.10
N GLY G 369 6.69 29.84 18.64
CA GLY G 369 8.14 29.92 18.71
C GLY G 369 8.65 30.11 20.13
N THR G 370 7.89 30.79 20.98
CA THR G 370 8.27 30.93 22.38
C THR G 370 8.25 29.58 23.09
N VAL G 371 7.19 28.79 22.88
CA VAL G 371 7.13 27.46 23.49
C VAL G 371 8.19 26.54 22.89
N ASP G 372 8.52 26.70 21.61
CA ASP G 372 9.63 25.93 21.03
C ASP G 372 10.98 26.31 21.62
N LEU G 373 11.17 27.59 21.99
CA LEU G 373 12.42 27.96 22.65
C LEU G 373 12.48 27.45 24.08
N VAL G 374 11.35 27.37 24.77
CA VAL G 374 11.34 26.77 26.11
C VAL G 374 11.60 25.26 26.00
N GLU G 375 11.20 24.64 24.89
CA GLU G 375 11.39 23.21 24.69
C GLU G 375 12.87 22.82 24.61
N THR G 376 13.75 23.73 24.15
CA THR G 376 15.17 23.40 24.02
C THR G 376 15.85 23.22 25.37
N ARG G 377 15.33 23.84 26.42
CA ARG G 377 15.93 23.70 27.74
C ARG G 377 15.63 22.35 28.38
N GLY G 378 14.69 21.59 27.82
CA GLY G 378 14.24 20.36 28.41
C GLY G 378 13.11 20.51 29.41
N ILE G 379 12.62 21.73 29.63
CA ILE G 379 11.49 21.95 30.54
C ILE G 379 10.22 21.33 29.97
N LEU G 380 10.07 21.28 28.66
CA LEU G 380 8.87 20.77 28.05
C LEU G 380 9.22 19.74 26.99
N ARG G 381 8.17 19.11 26.46
CA ARG G 381 8.26 18.28 25.27
C ARG G 381 6.98 18.46 24.50
N ILE G 382 7.09 18.77 23.22
CA ILE G 382 5.93 19.04 22.38
C ILE G 382 5.69 17.82 21.50
N MET G 383 4.57 17.16 21.70
CA MET G 383 4.15 16.10 20.78
C MET G 383 3.45 16.76 19.60
N ARG G 384 4.05 16.60 18.42
CA ARG G 384 3.54 17.24 17.21
C ARG G 384 2.25 16.59 16.74
N LYS G 385 1.39 17.40 16.13
CA LYS G 385 0.14 16.94 15.55
C LYS G 385 0.01 17.57 14.16
N LYS G 386 -1.17 17.42 13.55
CA LYS G 386 -1.39 17.87 12.18
C LYS G 386 -1.34 19.40 12.06
N GLU G 387 -1.74 20.12 13.10
CA GLU G 387 -1.83 21.57 13.04
C GLU G 387 -1.11 22.17 14.24
N PRO G 388 -0.53 23.38 14.10
CA PRO G 388 0.18 24.02 15.23
C PRO G 388 -0.66 24.26 16.46
N ARG G 389 -1.96 24.52 16.31
CA ARG G 389 -2.84 24.68 17.47
C ARG G 389 -3.00 23.36 18.23
N LEU G 390 -2.90 22.23 17.54
CA LEU G 390 -3.19 20.93 18.11
C LEU G 390 -1.97 20.26 18.77
N HIS G 391 -0.80 20.89 18.73
CA HIS G 391 0.39 20.31 19.36
C HIS G 391 0.21 20.22 20.87
N LYS G 392 0.70 19.13 21.46
CA LYS G 392 0.45 18.85 22.87
C LYS G 392 1.72 19.14 23.68
N VAL G 393 1.66 20.19 24.50
CA VAL G 393 2.72 20.46 25.47
C VAL G 393 2.68 19.40 26.57
N LEU G 394 3.86 18.98 27.02
CA LEU G 394 3.97 18.02 28.12
C LEU G 394 5.12 18.47 29.00
N LEU G 395 4.82 18.84 30.25
CA LEU G 395 5.86 19.27 31.17
C LEU G 395 6.74 18.10 31.56
N GLN G 396 8.06 18.35 31.59
CA GLN G 396 9.03 17.31 31.89
C GLN G 396 9.88 17.65 33.11
N TRP G 397 9.57 18.72 33.82
CA TRP G 397 10.12 18.98 35.13
C TRP G 397 8.99 18.99 36.15
N ASP G 398 9.31 18.66 37.39
CA ASP G 398 8.33 18.90 38.43
C ASP G 398 8.28 20.38 38.78
N GLU G 399 7.12 20.78 39.32
CA GLU G 399 6.88 22.19 39.62
C GLU G 399 7.81 22.73 40.70
N GLU G 400 8.30 21.87 41.58
CA GLU G 400 9.27 22.30 42.58
C GLU G 400 10.61 22.66 41.95
N GLU G 401 10.93 22.09 40.78
CA GLU G 401 12.09 22.54 40.01
C GLU G 401 11.77 23.76 39.16
N VAL G 402 10.56 23.83 38.61
CA VAL G 402 10.18 24.98 37.77
C VAL G 402 10.13 26.27 38.60
N HIS G 403 9.71 26.17 39.86
CA HIS G 403 9.65 27.33 40.74
C HIS G 403 11.04 27.85 41.08
N ALA G 404 12.00 26.94 41.28
CA ALA G 404 13.37 27.35 41.52
C ALA G 404 14.09 27.79 40.26
N ALA G 405 13.59 27.38 39.09
CA ALA G 405 14.23 27.80 37.84
C ALA G 405 13.76 29.18 37.40
N LEU G 406 12.49 29.51 37.63
CA LEU G 406 11.98 30.82 37.23
C LEU G 406 12.59 31.96 38.03
N SER G 407 12.90 31.73 39.31
CA SER G 407 13.56 32.68 40.23
C SER G 407 12.82 34.01 40.32
N ASP G 408 11.48 33.96 40.30
CA ASP G 408 10.66 35.17 40.41
C ASP G 408 9.39 34.79 41.19
N LYS G 409 9.58 34.52 42.49
CA LYS G 409 8.53 33.93 43.32
C LYS G 409 7.35 34.89 43.53
N GLN G 410 7.60 36.20 43.50
CA GLN G 410 6.51 37.17 43.62
C GLN G 410 5.57 37.13 42.42
N LEU G 411 6.07 36.72 41.25
CA LEU G 411 5.22 36.58 40.08
C LEU G 411 4.49 35.25 40.06
N ILE G 412 5.18 34.15 40.41
CA ILE G 412 4.55 32.83 40.41
C ILE G 412 3.49 32.74 41.49
N ALA G 413 3.68 33.45 42.61
CA ALA G 413 2.63 33.51 43.63
C ALA G 413 1.40 34.27 43.13
N SER G 414 1.58 35.19 42.19
CA SER G 414 0.44 35.88 41.61
C SER G 414 -0.26 35.04 40.54
N ILE G 415 0.51 34.32 39.73
CA ILE G 415 -0.12 33.53 38.66
C ILE G 415 -0.83 32.32 39.23
N LEU G 416 -0.21 31.63 40.21
CA LEU G 416 -0.81 30.41 40.72
C LEU G 416 -1.98 30.66 41.66
N SER G 417 -2.14 31.90 42.14
CA SER G 417 -3.31 32.30 42.89
C SER G 417 -4.38 32.92 42.00
N ASP G 418 -4.19 32.86 40.68
CA ASP G 418 -5.11 33.47 39.71
C ASP G 418 -5.97 32.40 39.05
N THR G 419 -6.80 31.71 39.84
CA THR G 419 -7.65 30.64 39.32
C THR G 419 -8.73 31.16 38.39
N ALA G 420 -9.18 32.40 38.58
CA ALA G 420 -10.32 32.92 37.85
C ALA G 420 -10.02 33.18 36.37
N CYS G 421 -8.76 33.33 36.00
CA CYS G 421 -8.40 33.54 34.60
C CYS G 421 -8.35 32.25 33.80
N LEU G 422 -8.49 31.09 34.43
CA LEU G 422 -8.58 29.85 33.69
C LEU G 422 -10.03 29.70 33.21
PG ATP J . -2.94 33.80 -4.70
O1G ATP J . -1.46 34.07 -4.76
O2G ATP J . -3.44 33.58 -3.29
O3G ATP J . -3.47 32.84 -5.72
PB ATP J . -2.86 36.12 -6.18
O1B ATP J . -2.01 37.08 -5.41
O2B ATP J . -2.25 35.25 -7.25
O3B ATP J . -3.62 35.20 -5.12
PA ATP J . -3.79 37.82 -8.15
O1A ATP J . -2.89 38.96 -7.82
O2A ATP J . -3.43 36.90 -9.29
O3A ATP J . -4.05 36.98 -6.82
O5' ATP J . -5.24 38.43 -8.47
C5' ATP J . -6.25 37.65 -9.08
C4' ATP J . -7.12 38.63 -9.84
O4' ATP J . -7.44 39.70 -8.96
C3' ATP J . -6.33 39.22 -10.98
O3' ATP J . -7.08 39.06 -12.18
C2' ATP J . -6.18 40.69 -10.68
O2' ATP J . -6.50 41.44 -11.84
C1' ATP J . -7.18 40.96 -9.58
N9 ATP J . -6.69 41.89 -8.53
C8 ATP J . -6.73 41.61 -7.21
N7 ATP J . -6.24 42.64 -6.49
C5 ATP J . -5.90 43.61 -7.34
C6 ATP J . -5.33 44.97 -7.23
N6 ATP J . -5.02 45.49 -6.03
N1 ATP J . -5.13 45.66 -8.36
C2 ATP J . -5.42 45.14 -9.56
N3 ATP J . -5.95 43.93 -9.74
C4 ATP J . -6.21 43.11 -8.69
MG MG K . -0.35 34.17 -7.28
PG ATP L . -21.35 10.11 -18.05
O1G ATP L . -21.38 11.36 -17.22
O2G ATP L . -21.97 8.91 -17.39
O3G ATP L . -20.03 9.83 -18.73
PB ATP L . -22.15 11.76 -20.17
O1B ATP L . -22.62 12.95 -19.37
O2B ATP L . -20.75 11.75 -20.73
O3B ATP L . -22.35 10.45 -19.26
PA ATP L . -22.64 11.24 -22.86
O1A ATP L . -21.77 10.01 -22.82
O2A ATP L . -22.10 12.51 -23.45
O3A ATP L . -23.18 11.52 -21.36
O5' ATP L . -23.97 10.85 -23.67
C5' ATP L . -23.85 9.83 -24.66
C4' ATP L . -24.98 9.92 -25.68
O4' ATP L . -26.03 10.79 -25.25
C3' ATP L . -24.46 10.49 -26.99
O3' ATP L . -24.39 9.46 -27.97
C2' ATP L . -25.47 11.54 -27.41
O2' ATP L . -25.95 11.27 -28.73
C1' ATP L . -26.61 11.39 -26.41
N9 ATP L . -27.19 12.71 -26.10
C8 ATP L . -27.12 13.34 -24.92
N7 ATP L . -27.75 14.53 -24.96
C5 ATP L . -28.26 14.68 -26.19
C6 ATP L . -29.06 15.70 -26.90
N6 ATP L . -29.43 16.84 -26.27
N1 ATP L . -29.38 15.46 -28.19
C2 ATP L . -29.01 14.34 -28.81
N3 ATP L . -28.29 13.36 -28.23
C4 ATP L . -27.90 13.47 -26.94
MG MG M . -18.76 10.91 -20.07
PG ATP N . 22.06 29.22 15.21
O1G ATP N . 22.18 28.58 16.57
O2G ATP N . 20.65 29.38 14.71
O3G ATP N . 23.01 28.69 14.17
PB ATP N . 23.94 31.13 16.09
O1B ATP N . 23.79 31.19 17.57
O2B ATP N . 25.00 30.26 15.46
O3B ATP N . 22.51 30.73 15.47
PA ATP N . 25.44 33.28 15.03
O1A ATP N . 26.02 32.45 13.91
O2A ATP N . 26.21 33.63 16.25
O3A ATP N . 24.06 32.62 15.53
O5' ATP N . 24.91 34.63 14.37
C5' ATP N . 24.32 35.62 15.19
C4' ATP N . 24.41 36.97 14.49
O4' ATP N . 24.02 37.96 15.42
C3' ATP N . 25.85 37.23 14.11
O3' ATP N . 25.95 37.40 12.69
C2' ATP N . 26.24 38.51 14.79
O2' ATP N . 26.43 39.53 13.82
C1' ATP N . 25.08 38.88 15.68
N9 ATP N . 25.50 38.70 17.09
C8 ATP N . 25.16 37.68 17.89
N7 ATP N . 25.71 37.79 19.12
C5 ATP N . 26.42 38.93 19.11
C6 ATP N . 27.26 39.64 20.09
N6 ATP N . 27.44 39.17 21.33
N1 ATP N . 27.83 40.79 19.68
C2 ATP N . 27.66 41.28 18.44
N3 ATP N . 26.91 40.68 17.51
C4 ATP N . 26.28 39.52 17.78
MG MG O . 25.17 28.61 14.02
PG ATP P . 31.98 1.39 23.71
O1G ATP P . 31.17 0.27 24.30
O2G ATP P . 31.32 2.74 23.74
O3G ATP P . 32.63 1.07 22.39
PB ATP P . 34.21 0.33 25.04
O1B ATP P . 33.49 -0.65 25.91
O2B ATP P . 34.83 -0.11 23.74
O3B ATP P . 33.20 1.55 24.75
PA ATP P . 36.83 1.25 25.32
O1A ATP P . 36.74 2.11 24.08
O2A ATP P . 37.56 -0.06 25.21
O3A ATP P . 35.36 1.03 25.91
O5' ATP P . 37.53 2.14 26.44
C5' ATP P . 37.61 3.55 26.25
C4' ATP P . 38.88 4.10 26.87
O4' ATP P . 38.92 3.81 28.27
C3' ATP P . 40.09 3.43 26.27
O3' ATP P . 40.67 4.29 25.29
C2' ATP P . 41.05 3.22 27.42
O2' ATP P . 42.11 4.17 27.34
C1' ATP P . 40.25 3.48 28.67
N9 ATP P . 40.20 2.24 29.49
C8 ATP P . 39.23 1.32 29.41
N7 ATP P . 39.45 0.30 30.27
C5 ATP P . 40.59 0.58 30.92
C6 ATP P . 41.39 -0.09 31.97
N6 ATP P . 40.98 -1.27 32.48
N1 ATP P . 42.51 0.52 32.37
C2 ATP P . 42.91 1.70 31.85
N3 ATP P . 42.22 2.36 30.91
C4 ATP P . 41.08 1.86 30.41
MG MG Q . 34.32 -0.08 21.68
#